data_8GWN
#
_entry.id   8GWN
#
_cell.length_a   1.00
_cell.length_b   1.00
_cell.length_c   1.00
_cell.angle_alpha   90.00
_cell.angle_beta   90.00
_cell.angle_gamma   90.00
#
_symmetry.space_group_name_H-M   'P 1'
#
loop_
_entity.id
_entity.type
_entity.pdbx_description
1 polymer 'RNA-directed RNA polymerase'
2 polymer 'Non-structural protein 8'
3 polymer 'Non-structural protein 7'
4 polymer primer
5 polymer template
6 polymer Helicase
7 polymer 'Non-structural protein 9'
8 non-polymer 'ZINC ION'
9 non-polymer 'PHOSPHOAMINOPHOSPHONIC ACID-GUANYLATE ESTER'
#
loop_
_entity_poly.entity_id
_entity_poly.type
_entity_poly.pdbx_seq_one_letter_code
_entity_poly.pdbx_strand_id
1 'polypeptide(L)'
;SADAQSFLNRVCGVSAARLTPCGTGTSTDVVYRAFDIYNDKVAGFAKFLKTNCCRFQEKDEDDNLIDSYFVVKRHTFSNY
QHEETIYNLLKDCPAVAKHDFFKFRIDGDMVPHISRQRLTKYTMADLVYALRHFDEGNCDTLKEILVTYNCCDDDYFNKK
DWYDFVENPDILRVYANLGERVRQALLKTVQFCDAMRNAGIVGVLTLDNQDLNGNWYDFGDFIQTTPGSGVPVVDSYYSL
LMPILTLTRALTAESHVDTDLTKPYIKWDLLKYDFTEERLKLFDRYFKYWDQTYHPNCVNCLDDRCILHCANFNVLFSTV
FPPTSFGPLVRKIFVDGVPFVVSTGYHFRELGVVHNQDVNLHSSRLSFKELLVYAADPAMHAASGNLLLDKRTTCFSVAA
LTNNVAFQTVKPGNFNKDFYDFAVSKGFFKEGSSVELKHFFFAQDGNAAISDYDYYRYNLPTMCDIRQLLFVVEVVDKYF
DCYDGGCINANQVIVNNLDKSAGFPFNKWGKARLYYDSMSYEDQDALFAYTKRNVIPTITQMNLKYAISAKNRARTVAGV
SICSTMTNRQFHQKLLKSIAATRGATVVIGTSKFYGGWHNMLKTVYSDVENPHLMGWDYPKCDRAMPNMLRIMASLVLAR
KHTTCCSLSHRFYRLANECAQVLSEMVMCGGSLYVKPGGTSSGDATTAYANSVFNICQAVTANVNALLSTDGNKIADKYV
RNLQHRLYECLYRNRDVDTDFVNEFYAYLRKHFSMMILSDDAVVCFNSTYASQGLVASIKNFKSVLYYQNNVFMSEAKCW
TETDLTKGPHEFCSQHTMLVKQGDDYVYLPYPDPSRILGAGCFVDDIVKTDGTLMIERFVSLAIDAYPLTKHPNQEYADV
FHLYLQYIRKLHDELTGHMLDMYSVMLTNDNTSRYWEPEFYEAMYTPHTVLQ
;
A
2 'polypeptide(L)'
;AIASEFSSLPSYAAFATAQEAYEQAVANGDSEVVLKKLKKSLNVAKSEFDRDAAMQRKLEKMADQAMTQMYKQARSEDKR
AKVTSAMQTMLFTMLRKLDNDALNNIINNARDGCVPLNIIPLTTAAKLMVVIPDYNTYKNTCDGTTFTYASALWEIQQVV
DADSKIVQLSEISMDNSPNLAWPLIVTALRANSAVKLQ
;
B,D
3 'polypeptide(L)'
;SKMSDVKCTSVVLLSVLQQLRVESSSKLWAQCVQLHNDILLAKDTTEAFEKMVSLLSVLLSMQGAVDINKLCEEMLDNRA
TLQ
;
C
4 'polyribonucleotide' GCGGUAGUAGCAUGCUAGGGAGCAG I
5 'polyribonucleotide' AAUGUCUGACUGCUCCCUAGCAUGCUACUACCG J
6 'polypeptide(L)'
;AVGACVLCNSQTSLRCGACIRRPFLCCKCCYDHVISTSHKLVLSVNPYVCNAPGCDVTDVTQLYLGGMSYYCKSHKPPIS
FPLCANGQVFGLYKNTCVGSDNVTDFNAIATCDWTNAGDYILANTCTERLKLFAAETLKATEETFKLSYGIATVREVLSD
RELHLSWEVGKPRPPLNRNYVFTGYRVTKNSKVQIGEYTFEKGDYGDAVVYRGTTTYKLNVGDYFVLTSHTVMPLSAPTL
VPQEHYVRITGLYPTLNISDEFSSNVANYQKVGMQKYSTLQGPPGTGKSHFAIGLALYYPSARIVYTACSHAAVDALCEK
ALKYLPIDKCSRIIPARARVECFDKFKVNSTLEQYVFCTVNALPETTADIVVFDEISMATNYDLSVVNARLRAKHYVYIG
DPAQLPAPRTLLTKGTLEPEYFNSVCRLMKTIGPDMFLGTCRRCPAEIVDTVSALVYDNKLKAHKDKSAQCFKMFYKGVI
THDVSSAINRPQIGVVREFLTRNPAWRKAVFISPYNSQNAVASKILGLPTQTVDSSQGSEYDYVIFTQTTETAHSCNVNR
FNVAITRAKVGILCIMSDRDLYDKLQFTSLEIPRRNVATLQ
;
F,E
7 'polypeptide(L)'
;NNELSPVALRQMSCAAGTTQTACTDDNALAYYNTTKGGRFVLALLSDLQDLKWARFPKSDGTGTIYTELEPPCRFVTDTP
KGPKVKYLYFIKGLNNLNRGMVLGSLAATVRLQ
;
G
#
# COMPACT_ATOMS: atom_id res chain seq x y z
N ALA A 4 -83.70 36.69 10.13
CA ALA A 4 -82.25 36.70 10.20
C ALA A 4 -81.74 35.51 10.98
N GLN A 5 -82.68 34.70 11.47
CA GLN A 5 -82.34 33.48 12.19
C GLN A 5 -82.83 32.23 11.51
N SER A 6 -84.01 32.27 10.92
CA SER A 6 -84.42 31.18 10.03
C SER A 6 -83.27 30.77 9.14
N PHE A 7 -82.53 31.75 8.61
CA PHE A 7 -81.36 31.49 7.80
C PHE A 7 -80.54 30.33 8.34
N LEU A 8 -80.37 30.26 9.65
CA LEU A 8 -79.59 29.15 10.18
C LEU A 8 -80.27 27.82 9.91
N ASN A 9 -81.59 27.78 10.07
CA ASN A 9 -82.31 26.56 9.70
C ASN A 9 -82.18 26.28 8.22
N ARG A 10 -82.54 27.23 7.38
CA ARG A 10 -82.48 27.04 5.94
C ARG A 10 -81.13 26.49 5.52
N VAL A 11 -80.06 26.90 6.18
CA VAL A 11 -78.77 26.31 5.87
C VAL A 11 -78.74 24.86 6.31
N CYS A 12 -79.16 24.58 7.54
CA CYS A 12 -79.26 23.17 7.93
C CYS A 12 -80.37 22.53 7.11
N GLY A 13 -80.04 22.15 5.89
CA GLY A 13 -81.01 21.69 4.93
C GLY A 13 -81.88 20.57 5.41
N VAL A 14 -81.29 19.39 5.55
CA VAL A 14 -82.02 18.21 6.01
C VAL A 14 -81.04 17.32 6.77
N SER A 15 -80.24 17.92 7.64
CA SER A 15 -79.13 17.18 8.23
C SER A 15 -78.49 17.92 9.39
N ALA A 16 -78.80 17.52 10.63
CA ALA A 16 -77.94 17.83 11.77
C ALA A 16 -77.71 19.33 11.97
N ALA A 17 -78.58 20.00 12.71
CA ALA A 17 -78.48 21.45 12.85
C ALA A 17 -77.50 21.88 13.93
N ARG A 18 -76.58 21.01 14.32
CA ARG A 18 -75.73 21.39 15.43
C ARG A 18 -74.81 22.53 15.03
N LEU A 19 -75.39 23.67 14.70
CA LEU A 19 -74.67 24.79 14.15
C LEU A 19 -74.43 25.86 15.20
N THR A 20 -73.26 26.47 15.13
CA THR A 20 -72.81 27.44 16.12
C THR A 20 -72.17 28.57 15.34
N PRO A 21 -72.96 29.44 14.73
CA PRO A 21 -72.45 30.28 13.65
C PRO A 21 -71.20 31.03 14.05
N CYS A 22 -70.06 30.56 13.53
CA CYS A 22 -68.81 31.29 13.64
C CYS A 22 -68.90 32.67 12.99
N GLY A 23 -69.88 32.87 12.12
CA GLY A 23 -70.16 34.21 11.65
C GLY A 23 -70.78 35.04 12.76
N THR A 24 -71.20 36.25 12.44
CA THR A 24 -71.82 37.14 13.40
C THR A 24 -73.13 37.69 12.85
N GLY A 25 -74.09 36.81 12.60
CA GLY A 25 -75.31 37.23 11.95
C GLY A 25 -75.25 37.03 10.45
N THR A 26 -76.19 37.64 9.73
CA THR A 26 -76.27 37.54 8.29
C THR A 26 -75.18 38.35 7.59
N SER A 27 -74.08 38.61 8.27
CA SER A 27 -72.92 39.26 7.68
C SER A 27 -71.85 38.23 7.42
N THR A 28 -70.91 38.57 6.56
CA THR A 28 -69.95 37.59 6.08
C THR A 28 -68.88 37.38 7.15
N ASP A 29 -67.69 37.03 6.68
CA ASP A 29 -66.56 36.77 7.57
C ASP A 29 -65.29 36.68 6.74
N VAL A 30 -64.27 37.45 7.13
CA VAL A 30 -63.04 37.60 6.36
C VAL A 30 -61.92 36.79 6.98
N VAL A 31 -60.93 36.43 6.17
CA VAL A 31 -59.95 35.42 6.53
C VAL A 31 -58.61 35.80 5.96
N TYR A 32 -57.62 34.96 6.19
CA TYR A 32 -56.28 35.16 5.66
C TYR A 32 -55.73 33.85 5.15
N ARG A 33 -55.98 33.55 3.88
CA ARG A 33 -55.61 32.26 3.35
C ARG A 33 -54.57 32.38 2.27
N ALA A 34 -53.85 31.30 1.98
CA ALA A 34 -52.92 31.24 0.85
C ALA A 34 -53.73 30.86 -0.36
N PHE A 35 -53.58 31.59 -1.45
CA PHE A 35 -54.35 31.27 -2.62
C PHE A 35 -53.45 30.74 -3.71
N ASP A 36 -53.82 30.95 -4.96
CA ASP A 36 -52.97 30.63 -6.10
C ASP A 36 -53.47 31.37 -7.33
N ILE A 37 -53.89 32.58 -7.14
CA ILE A 37 -54.66 33.32 -8.10
C ILE A 37 -53.84 33.49 -9.35
N TYR A 38 -54.50 33.78 -10.48
CA TYR A 38 -53.82 34.09 -11.74
C TYR A 38 -54.89 34.64 -12.69
N ASN A 39 -55.57 35.69 -12.27
CA ASN A 39 -56.69 36.14 -13.06
C ASN A 39 -56.19 37.11 -14.11
N ASP A 40 -55.11 36.73 -14.77
CA ASP A 40 -54.48 37.48 -15.84
C ASP A 40 -53.76 38.73 -15.33
N LYS A 41 -54.41 39.55 -14.49
CA LYS A 41 -53.76 40.72 -13.90
C LYS A 41 -52.63 40.35 -12.96
N VAL A 42 -52.93 39.57 -11.94
CA VAL A 42 -51.96 39.20 -10.94
C VAL A 42 -51.68 37.72 -11.08
N ALA A 43 -50.44 37.33 -10.91
CA ALA A 43 -50.12 35.94 -10.76
C ALA A 43 -49.65 35.72 -9.35
N GLY A 44 -49.19 34.53 -9.07
CA GLY A 44 -48.53 34.29 -7.81
C GLY A 44 -49.27 33.31 -6.92
N PHE A 45 -48.81 33.26 -5.68
CA PHE A 45 -49.14 32.24 -4.70
C PHE A 45 -49.00 32.82 -3.31
N ALA A 46 -49.85 33.73 -2.90
CA ALA A 46 -49.57 34.37 -1.63
C ALA A 46 -50.86 34.76 -0.95
N LYS A 47 -50.76 35.04 0.35
CA LYS A 47 -51.90 35.15 1.24
C LYS A 47 -52.75 36.35 0.87
N PHE A 48 -53.94 36.12 0.38
CA PHE A 48 -54.87 37.21 0.13
C PHE A 48 -55.87 37.32 1.26
N LEU A 49 -57.00 37.98 1.02
CA LEU A 49 -57.91 38.34 2.10
C LEU A 49 -59.34 38.19 1.60
N LYS A 50 -59.80 36.95 1.45
CA LYS A 50 -61.14 36.70 0.91
C LYS A 50 -62.17 37.01 1.96
N THR A 51 -63.32 37.52 1.54
CA THR A 51 -64.21 38.23 2.45
C THR A 51 -65.60 37.63 2.63
N ASN A 52 -66.19 36.98 1.64
CA ASN A 52 -67.61 36.61 1.70
C ASN A 52 -67.78 35.10 1.83
N CYS A 53 -68.01 34.63 3.06
CA CYS A 53 -68.03 33.21 3.34
C CYS A 53 -68.68 32.95 4.69
N CYS A 54 -69.99 33.02 4.77
CA CYS A 54 -70.65 33.07 6.07
C CYS A 54 -70.47 31.75 6.82
N ARG A 55 -69.25 31.31 7.02
CA ARG A 55 -68.97 29.99 7.53
C ARG A 55 -69.64 29.75 8.88
N PHE A 56 -70.25 28.57 9.04
CA PHE A 56 -70.77 28.09 10.31
C PHE A 56 -69.97 26.90 10.75
N GLN A 57 -70.38 26.27 11.82
CA GLN A 57 -69.68 25.11 12.33
C GLN A 57 -70.65 24.08 12.89
N GLU A 58 -70.96 23.08 12.09
CA GLU A 58 -71.58 21.89 12.62
C GLU A 58 -70.75 21.47 13.81
N LYS A 59 -71.39 21.24 14.94
CA LYS A 59 -70.68 20.85 16.13
C LYS A 59 -71.09 19.45 16.53
N ASP A 60 -70.17 18.78 17.21
CA ASP A 60 -70.37 17.39 17.59
C ASP A 60 -71.59 17.31 18.48
N GLU A 61 -72.22 16.13 18.53
CA GLU A 61 -73.14 15.88 19.61
C GLU A 61 -72.40 16.05 20.94
N ASP A 62 -73.19 16.16 22.01
CA ASP A 62 -72.67 16.55 23.32
C ASP A 62 -72.20 17.99 23.26
N ASP A 63 -72.43 18.63 22.12
CA ASP A 63 -72.37 20.09 21.98
C ASP A 63 -70.99 20.64 22.26
N ASN A 64 -69.97 19.80 22.14
CA ASN A 64 -68.61 20.26 21.98
C ASN A 64 -68.36 20.47 20.50
N LEU A 65 -67.47 21.41 20.19
CA LEU A 65 -67.25 21.75 18.81
C LEU A 65 -66.46 20.66 18.10
N ILE A 66 -66.86 20.37 16.87
CA ILE A 66 -66.21 19.37 16.04
C ILE A 66 -65.53 20.12 14.90
N ASP A 67 -65.06 19.36 13.91
CA ASP A 67 -64.23 19.92 12.83
C ASP A 67 -64.90 19.66 11.48
N SER A 68 -65.67 20.64 11.03
CA SER A 68 -66.50 20.54 9.86
C SER A 68 -67.16 21.88 9.69
N TYR A 69 -67.38 22.36 8.49
CA TYR A 69 -67.90 23.70 8.36
C TYR A 69 -68.92 23.74 7.26
N PHE A 70 -69.39 24.91 6.92
CA PHE A 70 -70.57 25.05 6.09
C PHE A 70 -70.42 26.30 5.25
N VAL A 71 -69.37 26.37 4.47
CA VAL A 71 -68.95 27.66 3.95
C VAL A 71 -69.96 28.22 2.99
N VAL A 72 -71.14 28.56 3.47
CA VAL A 72 -72.22 29.00 2.61
C VAL A 72 -71.87 30.36 2.02
N LYS A 73 -71.04 30.36 0.99
CA LYS A 73 -70.70 31.59 0.31
C LYS A 73 -71.92 32.14 -0.41
N ARG A 74 -71.85 33.39 -0.83
CA ARG A 74 -72.87 33.95 -1.69
C ARG A 74 -72.16 34.78 -2.75
N HIS A 75 -72.87 35.16 -3.79
CA HIS A 75 -72.21 35.80 -4.91
C HIS A 75 -73.26 36.34 -5.86
N THR A 76 -72.94 36.37 -7.14
CA THR A 76 -73.81 36.94 -8.13
C THR A 76 -74.79 35.91 -8.64
N PHE A 77 -75.57 36.29 -9.63
CA PHE A 77 -76.72 35.47 -9.96
C PHE A 77 -76.44 34.53 -11.12
N SER A 78 -75.44 34.79 -11.95
CA SER A 78 -75.27 34.00 -13.15
C SER A 78 -74.19 32.96 -12.99
N ASN A 79 -73.15 33.29 -12.24
CA ASN A 79 -72.25 32.26 -11.79
C ASN A 79 -73.06 31.21 -11.06
N TYR A 80 -74.18 31.64 -10.49
CA TYR A 80 -75.15 30.70 -9.94
C TYR A 80 -75.51 29.63 -10.96
N GLN A 81 -76.25 30.00 -12.01
CA GLN A 81 -76.69 29.02 -12.98
C GLN A 81 -75.55 28.17 -13.50
N HIS A 82 -74.43 28.80 -13.81
CA HIS A 82 -73.32 28.05 -14.38
C HIS A 82 -72.89 26.95 -13.42
N GLU A 83 -72.67 27.32 -12.17
CA GLU A 83 -72.22 26.32 -11.23
C GLU A 83 -73.28 25.31 -10.95
N GLU A 84 -74.53 25.71 -11.04
CA GLU A 84 -75.63 24.78 -10.90
C GLU A 84 -75.47 23.64 -11.88
N THR A 85 -75.56 23.96 -13.17
CA THR A 85 -75.55 22.94 -14.21
C THR A 85 -74.34 22.04 -14.10
N ILE A 86 -73.17 22.62 -13.85
CA ILE A 86 -72.01 21.75 -13.73
C ILE A 86 -72.12 20.87 -12.49
N TYR A 87 -72.75 21.36 -11.43
CA TYR A 87 -72.78 20.48 -10.28
C TYR A 87 -73.72 19.32 -10.53
N ASN A 88 -74.91 19.63 -11.01
CA ASN A 88 -75.81 18.55 -11.38
C ASN A 88 -75.09 17.51 -12.18
N LEU A 89 -74.35 17.93 -13.20
CA LEU A 89 -73.68 16.99 -14.08
C LEU A 89 -72.60 16.18 -13.37
N LEU A 90 -71.85 16.79 -12.47
CA LEU A 90 -70.72 16.13 -11.84
C LEU A 90 -71.10 15.42 -10.57
N LYS A 91 -72.38 15.36 -10.25
CA LYS A 91 -72.84 14.98 -8.92
C LYS A 91 -72.38 13.61 -8.50
N ASP A 92 -72.31 12.67 -9.43
CA ASP A 92 -72.24 11.26 -9.08
C ASP A 92 -70.88 10.88 -8.51
N CYS A 93 -69.91 11.77 -8.56
CA CYS A 93 -68.58 11.42 -8.11
C CYS A 93 -68.60 11.18 -6.60
N PRO A 94 -67.58 10.51 -6.07
CA PRO A 94 -67.43 10.43 -4.62
C PRO A 94 -66.66 11.59 -4.02
N ALA A 95 -65.73 12.20 -4.75
CA ALA A 95 -64.86 13.27 -4.27
C ALA A 95 -65.39 14.59 -4.79
N VAL A 96 -66.57 14.99 -4.32
CA VAL A 96 -67.16 16.29 -4.62
C VAL A 96 -68.04 16.69 -3.47
N ALA A 97 -67.54 17.53 -2.58
CA ALA A 97 -68.30 17.92 -1.40
C ALA A 97 -69.63 18.51 -1.78
N LYS A 98 -70.63 18.23 -0.98
CA LYS A 98 -72.02 18.26 -1.40
C LYS A 98 -72.67 19.63 -1.37
N HIS A 99 -72.66 20.33 -2.48
CA HIS A 99 -73.22 21.67 -2.55
C HIS A 99 -74.69 21.67 -2.24
N ASP A 100 -75.29 22.84 -2.26
CA ASP A 100 -76.73 22.93 -2.16
C ASP A 100 -77.22 24.34 -2.33
N PHE A 101 -77.53 24.73 -3.56
CA PHE A 101 -77.88 26.09 -3.87
C PHE A 101 -79.28 26.39 -3.38
N PHE A 102 -79.53 27.67 -3.12
CA PHE A 102 -80.84 28.12 -2.69
C PHE A 102 -80.84 29.65 -2.78
N LYS A 103 -81.99 30.23 -2.49
CA LYS A 103 -82.19 31.64 -2.75
C LYS A 103 -82.94 32.24 -1.59
N PHE A 104 -82.22 32.69 -0.59
CA PHE A 104 -82.80 33.33 0.57
C PHE A 104 -82.91 34.82 0.31
N ARG A 105 -83.56 35.51 1.22
CA ARG A 105 -83.77 36.94 1.08
C ARG A 105 -83.14 37.67 2.26
N ILE A 106 -82.31 38.66 1.95
CA ILE A 106 -81.52 39.37 2.95
C ILE A 106 -81.91 40.84 3.03
N ASP A 107 -82.25 41.44 1.90
CA ASP A 107 -82.90 42.74 1.92
C ASP A 107 -84.13 42.67 1.02
N GLY A 108 -84.34 43.72 0.23
CA GLY A 108 -85.34 43.64 -0.82
C GLY A 108 -84.76 42.97 -2.04
N ASP A 109 -84.07 41.85 -1.83
CA ASP A 109 -83.30 41.20 -2.88
C ASP A 109 -83.62 39.72 -2.97
N MET A 110 -82.70 38.95 -3.55
CA MET A 110 -82.87 37.51 -3.68
C MET A 110 -81.48 36.87 -3.75
N VAL A 111 -80.73 37.07 -2.69
CA VAL A 111 -79.31 36.78 -2.68
C VAL A 111 -79.03 35.31 -2.92
N PRO A 112 -78.70 34.90 -4.14
CA PRO A 112 -78.60 33.48 -4.44
C PRO A 112 -77.37 32.86 -3.83
N HIS A 113 -77.56 32.07 -2.79
CA HIS A 113 -76.45 31.56 -2.03
C HIS A 113 -75.85 30.34 -2.68
N ILE A 114 -75.14 29.57 -1.88
CA ILE A 114 -74.51 28.32 -2.26
C ILE A 114 -73.96 27.81 -0.97
N SER A 115 -74.14 26.54 -0.63
CA SER A 115 -73.83 26.15 0.74
C SER A 115 -73.11 24.84 0.88
N ARG A 116 -71.87 24.82 0.44
CA ARG A 116 -71.05 23.63 0.51
C ARG A 116 -71.08 23.05 1.91
N GLN A 117 -70.70 21.79 2.05
CA GLN A 117 -71.10 21.09 3.26
C GLN A 117 -70.03 20.23 3.88
N ARG A 118 -69.79 20.45 5.15
CA ARG A 118 -68.92 19.62 5.96
C ARG A 118 -67.52 19.51 5.39
N LEU A 119 -66.83 20.62 5.29
CA LEU A 119 -65.48 20.62 4.76
C LEU A 119 -64.47 20.43 5.89
N THR A 120 -63.58 21.39 6.01
CA THR A 120 -62.48 21.40 6.96
C THR A 120 -61.98 22.82 6.98
N LYS A 121 -61.46 23.26 8.12
CA LYS A 121 -61.09 24.67 8.19
C LYS A 121 -60.05 25.03 7.14
N TYR A 122 -59.06 24.16 6.95
CA TYR A 122 -57.88 24.46 6.18
C TYR A 122 -57.91 23.74 4.85
N THR A 123 -57.99 24.50 3.76
CA THR A 123 -57.82 23.95 2.43
C THR A 123 -56.46 23.33 2.31
N MET A 124 -56.13 22.81 1.16
CA MET A 124 -54.85 22.13 1.16
C MET A 124 -53.75 23.14 0.91
N ALA A 125 -54.09 24.24 0.26
CA ALA A 125 -53.12 25.31 0.08
C ALA A 125 -52.45 25.61 1.39
N ASP A 126 -53.21 25.97 2.42
CA ASP A 126 -52.63 26.42 3.68
C ASP A 126 -51.61 25.47 4.22
N LEU A 127 -51.85 24.18 4.17
CA LEU A 127 -50.77 23.27 4.50
C LEU A 127 -49.56 23.51 3.63
N VAL A 128 -49.77 23.59 2.31
CA VAL A 128 -48.61 23.66 1.43
C VAL A 128 -47.85 24.96 1.64
N TYR A 129 -48.52 26.07 1.52
CA TYR A 129 -47.91 27.36 1.81
C TYR A 129 -47.19 27.28 3.13
N ALA A 130 -47.90 27.20 4.21
CA ALA A 130 -47.24 27.27 5.50
C ALA A 130 -46.28 26.29 5.68
N LEU A 131 -46.02 25.33 4.82
CA LEU A 131 -44.84 24.51 5.01
C LEU A 131 -43.75 24.83 4.01
N ARG A 132 -44.05 25.58 2.98
CA ARG A 132 -43.06 25.97 1.99
C ARG A 132 -42.59 27.38 2.22
N HIS A 133 -43.03 28.00 3.29
CA HIS A 133 -42.66 29.36 3.63
C HIS A 133 -42.49 29.44 5.13
N PHE A 134 -41.67 28.55 5.66
CA PHE A 134 -41.57 28.40 7.09
C PHE A 134 -40.97 29.64 7.69
N ASP A 135 -41.35 29.93 8.93
CA ASP A 135 -40.84 31.11 9.63
C ASP A 135 -41.28 31.09 11.06
N GLU A 136 -40.52 30.45 11.94
CA GLU A 136 -41.01 30.16 13.27
C GLU A 136 -41.34 31.40 14.07
N GLY A 137 -40.93 32.57 13.62
CA GLY A 137 -41.48 33.78 14.18
C GLY A 137 -43.00 33.77 14.14
N ASN A 138 -43.57 33.18 13.10
CA ASN A 138 -45.02 33.05 13.00
C ASN A 138 -45.31 31.75 12.24
N CYS A 139 -45.61 30.71 12.98
CA CYS A 139 -45.99 29.44 12.38
C CYS A 139 -47.20 28.96 13.16
N ASP A 140 -48.28 29.72 13.08
CA ASP A 140 -49.49 29.38 13.81
C ASP A 140 -50.32 28.34 13.08
N THR A 141 -50.53 28.52 11.78
CA THR A 141 -51.33 27.53 11.08
C THR A 141 -50.65 26.18 11.04
N LEU A 142 -49.33 26.16 11.04
CA LEU A 142 -48.69 24.85 11.14
C LEU A 142 -48.97 24.23 12.49
N LYS A 143 -48.95 25.01 13.56
CA LYS A 143 -49.26 24.42 14.85
C LYS A 143 -50.68 23.88 14.86
N GLU A 144 -51.62 24.66 14.34
CA GLU A 144 -53.01 24.24 14.42
C GLU A 144 -53.25 23.00 13.60
N ILE A 145 -52.71 22.96 12.40
CA ILE A 145 -52.89 21.79 11.56
C ILE A 145 -52.22 20.59 12.20
N LEU A 146 -51.13 20.81 12.92
CA LEU A 146 -50.45 19.64 13.43
C LEU A 146 -51.15 19.06 14.65
N VAL A 147 -51.77 19.87 15.49
CA VAL A 147 -52.52 19.30 16.61
C VAL A 147 -53.89 18.80 16.21
N THR A 148 -54.59 19.49 15.32
CA THR A 148 -55.96 19.11 15.01
C THR A 148 -56.08 17.70 14.50
N TYR A 149 -55.11 17.23 13.74
CA TYR A 149 -55.14 15.87 13.19
C TYR A 149 -54.33 14.94 14.08
N ASN A 150 -53.96 15.45 15.24
CA ASN A 150 -53.31 14.68 16.29
C ASN A 150 -52.10 13.93 15.80
N CYS A 151 -51.10 14.66 15.32
CA CYS A 151 -49.81 14.05 15.06
C CYS A 151 -48.93 14.30 16.27
N CYS A 152 -49.19 15.41 16.97
CA CYS A 152 -48.43 15.76 18.16
C CYS A 152 -49.37 16.10 19.30
N ASP A 153 -48.84 16.70 20.35
CA ASP A 153 -49.73 17.25 21.37
C ASP A 153 -49.14 18.54 21.94
N ASP A 154 -50.02 19.52 22.10
CA ASP A 154 -49.62 20.91 22.20
C ASP A 154 -48.38 21.13 23.05
N ASP A 155 -48.25 20.44 24.17
CA ASP A 155 -47.08 20.68 25.00
C ASP A 155 -45.79 20.23 24.32
N TYR A 156 -45.90 19.48 23.22
CA TYR A 156 -44.72 19.22 22.41
C TYR A 156 -44.09 20.49 21.89
N PHE A 157 -44.86 21.57 21.81
CA PHE A 157 -44.40 22.81 21.23
C PHE A 157 -43.69 23.68 22.22
N ASN A 158 -43.19 23.10 23.29
CA ASN A 158 -42.46 23.87 24.29
C ASN A 158 -41.02 23.42 24.44
N LYS A 159 -40.76 22.12 24.40
CA LYS A 159 -39.41 21.63 24.21
C LYS A 159 -38.82 22.42 23.07
N LYS A 160 -37.74 23.14 23.31
CA LYS A 160 -37.37 24.15 22.33
C LYS A 160 -36.42 23.58 21.29
N ASP A 161 -36.60 24.08 20.05
CA ASP A 161 -36.16 23.43 18.82
C ASP A 161 -37.07 22.25 18.51
N TRP A 162 -38.34 22.56 18.39
CA TRP A 162 -39.25 21.56 17.92
C TRP A 162 -39.29 21.46 16.42
N TYR A 163 -38.52 22.28 15.70
CA TYR A 163 -38.52 22.26 14.24
C TYR A 163 -37.18 21.94 13.62
N ASP A 164 -36.08 22.18 14.30
CA ASP A 164 -34.79 21.96 13.68
C ASP A 164 -34.68 20.49 13.34
N PHE A 165 -33.90 20.16 12.31
CA PHE A 165 -33.68 18.78 11.92
C PHE A 165 -32.33 18.26 12.35
N VAL A 166 -31.35 19.12 12.52
CA VAL A 166 -30.00 18.64 12.80
C VAL A 166 -29.98 18.17 14.24
N GLU A 167 -30.72 18.87 15.09
CA GLU A 167 -31.10 18.40 16.41
C GLU A 167 -32.61 18.18 16.41
N ASN A 168 -33.10 17.38 17.34
CA ASN A 168 -34.50 17.02 17.42
C ASN A 168 -34.93 16.25 16.17
N PRO A 169 -34.25 15.15 15.84
CA PRO A 169 -34.58 14.43 14.61
C PRO A 169 -35.79 13.54 14.74
N ASP A 170 -36.73 13.97 15.57
CA ASP A 170 -38.02 13.33 15.72
C ASP A 170 -39.14 14.14 15.10
N ILE A 171 -38.89 15.41 14.80
CA ILE A 171 -39.90 16.17 14.10
C ILE A 171 -40.26 15.50 12.80
N LEU A 172 -39.37 14.67 12.27
CA LEU A 172 -39.73 13.89 11.10
C LEU A 172 -40.83 12.90 11.46
N ARG A 173 -40.67 12.20 12.58
CA ARG A 173 -41.73 11.28 12.99
C ARG A 173 -43.01 12.02 13.24
N VAL A 174 -42.93 13.31 13.57
CA VAL A 174 -44.17 14.06 13.78
C VAL A 174 -44.82 14.38 12.45
N TYR A 175 -44.01 14.75 11.45
CA TYR A 175 -44.57 15.09 10.16
C TYR A 175 -45.16 13.87 9.49
N ALA A 176 -44.51 12.75 9.60
CA ALA A 176 -44.93 11.56 8.89
C ALA A 176 -46.23 11.08 9.26
N ASN A 177 -47.05 11.75 10.06
CA ASN A 177 -48.43 11.34 10.27
C ASN A 177 -49.41 12.20 9.52
N LEU A 178 -48.95 13.03 8.60
CA LEU A 178 -49.83 13.57 7.59
C LEU A 178 -49.80 12.71 6.33
N GLY A 179 -49.04 11.64 6.37
CA GLY A 179 -48.90 10.75 5.23
C GLY A 179 -50.24 10.40 4.67
N GLU A 180 -51.18 10.06 5.53
CA GLU A 180 -52.39 9.49 4.99
C GLU A 180 -53.33 10.55 4.47
N ARG A 181 -53.47 11.67 5.16
CA ARG A 181 -54.35 12.69 4.62
C ARG A 181 -53.85 13.14 3.26
N VAL A 182 -52.53 13.21 3.07
CA VAL A 182 -52.02 13.53 1.74
C VAL A 182 -52.39 12.43 0.75
N ARG A 183 -51.84 11.24 0.93
CA ARG A 183 -52.03 10.21 -0.07
C ARG A 183 -53.49 10.03 -0.43
N GLN A 184 -54.38 10.22 0.53
CA GLN A 184 -55.80 10.16 0.20
C GLN A 184 -56.25 11.35 -0.62
N ALA A 185 -55.65 12.52 -0.42
CA ALA A 185 -56.00 13.62 -1.30
C ALA A 185 -55.56 13.35 -2.73
N LEU A 186 -54.37 12.77 -2.90
CA LEU A 186 -53.93 12.39 -4.25
C LEU A 186 -54.96 11.50 -4.94
N LEU A 187 -55.40 10.45 -4.25
CA LEU A 187 -56.30 9.50 -4.87
C LEU A 187 -57.66 10.10 -5.17
N LYS A 188 -58.23 10.85 -4.22
CA LYS A 188 -59.51 11.44 -4.55
C LYS A 188 -59.37 12.49 -5.64
N THR A 189 -58.18 13.05 -5.84
CA THR A 189 -57.98 13.86 -7.03
C THR A 189 -58.15 13.04 -8.29
N VAL A 190 -57.38 11.95 -8.42
CA VAL A 190 -57.49 11.13 -9.62
C VAL A 190 -58.95 10.82 -9.92
N GLN A 191 -59.73 10.51 -8.90
CA GLN A 191 -61.14 10.26 -9.17
C GLN A 191 -61.84 11.50 -9.68
N PHE A 192 -61.47 12.68 -9.16
CA PHE A 192 -62.08 13.88 -9.74
C PHE A 192 -61.75 14.00 -11.20
N CYS A 193 -60.47 13.86 -11.53
CA CYS A 193 -60.03 13.96 -12.91
C CYS A 193 -60.88 13.08 -13.81
N ASP A 194 -61.06 11.82 -13.43
CA ASP A 194 -61.75 10.91 -14.33
C ASP A 194 -63.23 11.24 -14.46
N ALA A 195 -63.82 11.78 -13.41
CA ALA A 195 -65.18 12.29 -13.59
C ALA A 195 -65.21 13.44 -14.57
N MET A 196 -64.25 14.35 -14.45
CA MET A 196 -64.26 15.57 -15.22
C MET A 196 -64.01 15.25 -16.66
N ARG A 197 -63.20 14.24 -16.89
CA ARG A 197 -63.06 13.75 -18.24
C ARG A 197 -64.38 13.21 -18.74
N ASN A 198 -64.76 12.02 -18.29
CA ASN A 198 -65.86 11.32 -18.95
C ASN A 198 -67.16 12.11 -18.88
N ALA A 199 -67.14 13.30 -18.29
CA ALA A 199 -68.35 14.08 -18.37
C ALA A 199 -68.22 15.21 -19.38
N GLY A 200 -67.01 15.46 -19.84
CA GLY A 200 -66.82 16.49 -20.85
C GLY A 200 -66.80 17.90 -20.29
N ILE A 201 -65.69 18.27 -19.64
CA ILE A 201 -65.60 19.48 -18.83
C ILE A 201 -64.16 19.94 -18.80
N VAL A 202 -63.97 21.24 -19.05
CA VAL A 202 -62.65 21.81 -19.26
C VAL A 202 -62.32 22.64 -18.04
N GLY A 203 -61.20 22.36 -17.40
CA GLY A 203 -60.93 23.15 -16.22
C GLY A 203 -59.59 22.85 -15.63
N VAL A 204 -59.23 23.66 -14.65
CA VAL A 204 -57.87 23.68 -14.12
C VAL A 204 -57.91 23.44 -12.62
N LEU A 205 -57.35 22.33 -12.18
CA LEU A 205 -57.40 22.04 -10.78
C LEU A 205 -56.35 22.84 -10.03
N THR A 206 -56.78 23.48 -8.94
CA THR A 206 -55.88 24.20 -8.04
C THR A 206 -55.97 23.60 -6.64
N LEU A 207 -54.90 23.71 -5.86
CA LEU A 207 -54.96 23.25 -4.48
C LEU A 207 -56.00 24.00 -3.70
N ASP A 208 -55.91 25.31 -3.61
CA ASP A 208 -56.80 26.10 -2.78
C ASP A 208 -58.26 25.86 -3.07
N ASN A 209 -58.61 24.75 -3.69
CA ASN A 209 -60.00 24.33 -3.83
C ASN A 209 -60.17 22.89 -3.44
N GLN A 210 -59.76 22.50 -2.25
CA GLN A 210 -59.70 21.11 -1.88
C GLN A 210 -59.52 21.03 -0.38
N ASP A 211 -60.57 20.78 0.37
CA ASP A 211 -60.34 20.67 1.80
C ASP A 211 -59.44 19.49 2.08
N LEU A 212 -58.95 19.42 3.31
CA LEU A 212 -57.83 18.54 3.55
C LEU A 212 -58.23 17.08 3.48
N ASN A 213 -59.52 16.78 3.68
CA ASN A 213 -60.00 15.40 3.57
C ASN A 213 -59.66 14.83 2.21
N GLY A 214 -60.17 15.45 1.16
CA GLY A 214 -60.03 14.98 -0.19
C GLY A 214 -60.91 15.73 -1.14
N ASN A 215 -61.99 16.34 -0.65
CA ASN A 215 -63.07 16.81 -1.51
C ASN A 215 -62.63 17.91 -2.45
N TRP A 216 -63.57 18.52 -3.14
CA TRP A 216 -63.27 19.47 -4.17
C TRP A 216 -64.49 20.33 -4.41
N TYR A 217 -64.37 21.64 -4.24
CA TYR A 217 -65.55 22.49 -4.28
C TYR A 217 -65.30 23.66 -5.22
N ASP A 218 -66.32 24.48 -5.42
CA ASP A 218 -66.24 25.68 -6.25
C ASP A 218 -65.80 25.37 -7.67
N PHE A 219 -66.76 25.09 -8.54
CA PHE A 219 -66.49 24.97 -9.97
C PHE A 219 -66.88 26.24 -10.70
N GLY A 220 -66.15 27.31 -10.51
CA GLY A 220 -66.59 28.56 -11.10
C GLY A 220 -66.09 28.75 -12.51
N ASP A 221 -64.80 28.54 -12.72
CA ASP A 221 -64.21 28.81 -14.01
C ASP A 221 -64.21 27.59 -14.94
N PHE A 222 -65.23 26.76 -14.90
CA PHE A 222 -65.27 25.62 -15.80
C PHE A 222 -66.15 25.93 -16.98
N ILE A 223 -65.89 25.25 -18.08
CA ILE A 223 -66.72 25.34 -19.28
C ILE A 223 -66.82 23.95 -19.87
N GLN A 224 -67.77 23.78 -20.77
CA GLN A 224 -68.11 22.43 -21.18
C GLN A 224 -67.97 22.24 -22.68
N THR A 225 -67.72 20.98 -23.05
CA THR A 225 -67.52 20.57 -24.42
C THR A 225 -68.59 19.55 -24.79
N THR A 226 -68.15 18.43 -25.33
CA THR A 226 -69.02 17.27 -25.49
C THR A 226 -68.42 16.08 -24.75
N PRO A 227 -69.25 15.15 -24.27
CA PRO A 227 -68.76 14.13 -23.34
C PRO A 227 -67.61 13.30 -23.89
N GLY A 228 -67.11 12.43 -23.04
CA GLY A 228 -65.96 11.63 -23.34
C GLY A 228 -64.72 12.42 -23.68
N SER A 229 -64.81 13.75 -23.68
CA SER A 229 -63.78 14.62 -24.22
C SER A 229 -63.54 15.84 -23.36
N GLY A 230 -63.34 15.67 -22.06
CA GLY A 230 -63.06 16.80 -21.23
C GLY A 230 -61.57 16.89 -21.00
N VAL A 231 -61.12 17.83 -20.19
CA VAL A 231 -59.70 18.00 -19.96
C VAL A 231 -59.49 18.56 -18.56
N PRO A 232 -58.51 18.10 -17.85
CA PRO A 232 -58.21 18.65 -16.55
C PRO A 232 -56.76 19.08 -16.40
N VAL A 233 -56.47 20.37 -16.24
CA VAL A 233 -55.11 20.81 -16.38
C VAL A 233 -54.39 20.78 -15.04
N VAL A 234 -53.33 19.98 -14.94
CA VAL A 234 -52.65 19.84 -13.65
C VAL A 234 -51.16 20.08 -13.70
N ASP A 235 -50.74 21.30 -13.98
CA ASP A 235 -49.34 21.66 -13.87
C ASP A 235 -49.02 22.20 -12.48
N SER A 236 -49.74 23.25 -12.08
CA SER A 236 -49.56 23.81 -10.76
C SER A 236 -49.72 22.75 -9.70
N TYR A 237 -50.95 22.31 -9.45
CA TYR A 237 -51.24 21.25 -8.48
C TYR A 237 -50.05 20.36 -8.17
N TYR A 238 -49.82 19.31 -8.93
CA TYR A 238 -48.74 18.41 -8.58
C TYR A 238 -47.42 19.14 -8.45
N SER A 239 -47.20 20.19 -9.25
CA SER A 239 -45.85 20.73 -9.24
C SER A 239 -45.54 21.51 -7.99
N LEU A 240 -46.50 22.27 -7.48
CA LEU A 240 -46.39 22.90 -6.18
C LEU A 240 -46.31 21.89 -5.07
N LEU A 241 -47.09 20.82 -5.17
CA LEU A 241 -47.22 19.87 -4.09
C LEU A 241 -46.05 18.92 -3.95
N MET A 242 -45.15 18.89 -4.91
CA MET A 242 -44.18 17.79 -4.92
C MET A 242 -43.15 17.81 -3.81
N PRO A 243 -42.79 18.90 -3.22
CA PRO A 243 -41.75 18.82 -2.20
C PRO A 243 -42.25 18.17 -0.92
N ILE A 244 -43.56 18.23 -0.71
CA ILE A 244 -44.20 17.64 0.45
C ILE A 244 -44.06 16.12 0.46
N LEU A 245 -44.49 15.45 -0.60
CA LEU A 245 -44.52 13.99 -0.61
C LEU A 245 -43.18 13.35 -0.32
N THR A 246 -42.25 14.01 0.31
CA THR A 246 -41.13 13.27 0.85
C THR A 246 -40.68 13.88 2.16
N LEU A 247 -41.22 15.04 2.50
CA LEU A 247 -41.28 15.44 3.89
C LEU A 247 -42.22 14.57 4.66
N THR A 248 -43.52 14.78 4.50
CA THR A 248 -44.53 13.94 5.08
C THR A 248 -44.62 12.61 4.38
N ARG A 249 -43.58 11.78 4.48
CA ARG A 249 -43.47 10.53 3.74
C ARG A 249 -44.81 9.94 3.33
N ALA A 250 -45.31 10.32 2.18
CA ALA A 250 -46.72 10.10 1.88
C ALA A 250 -46.98 8.84 1.10
N LEU A 251 -45.98 8.00 0.88
CA LEU A 251 -46.19 6.80 0.12
C LEU A 251 -45.74 5.55 0.85
N THR A 252 -45.34 5.66 2.12
CA THR A 252 -44.95 4.46 2.85
C THR A 252 -46.05 3.43 2.89
N ALA A 253 -47.31 3.84 2.73
CA ALA A 253 -48.40 2.88 2.75
C ALA A 253 -48.42 2.09 1.48
N GLU A 254 -47.25 1.82 0.91
CA GLU A 254 -47.15 1.02 -0.30
C GLU A 254 -46.12 -0.07 -0.18
N SER A 255 -45.48 -0.19 0.98
CA SER A 255 -44.66 -1.35 1.18
C SER A 255 -45.48 -2.38 1.94
N HIS A 256 -46.69 -2.00 2.33
CA HIS A 256 -47.50 -2.84 3.18
C HIS A 256 -48.34 -3.77 2.34
N VAL A 257 -48.46 -5.00 2.82
CA VAL A 257 -48.82 -6.15 1.99
C VAL A 257 -50.14 -5.97 1.27
N ASP A 258 -50.81 -4.87 1.48
CA ASP A 258 -51.92 -4.57 0.56
C ASP A 258 -52.15 -3.07 0.44
N THR A 259 -51.12 -2.24 0.64
CA THR A 259 -51.31 -0.80 0.77
C THR A 259 -52.36 -0.53 1.83
N ASP A 260 -52.39 -1.36 2.86
CA ASP A 260 -53.26 -1.17 3.99
C ASP A 260 -52.38 -1.06 5.22
N LEU A 261 -52.37 0.11 5.83
CA LEU A 261 -51.38 0.44 6.83
C LEU A 261 -51.61 -0.32 8.14
N THR A 262 -52.06 -1.57 8.07
CA THR A 262 -52.25 -2.35 9.29
C THR A 262 -51.75 -3.77 9.09
N LYS A 263 -50.88 -3.97 8.11
CA LYS A 263 -50.52 -5.31 7.68
C LYS A 263 -49.01 -5.38 7.59
N PRO A 264 -48.45 -6.58 7.52
CA PRO A 264 -47.00 -6.68 7.48
C PRO A 264 -46.48 -6.23 6.12
N TYR A 265 -45.17 -6.21 6.01
CA TYR A 265 -44.53 -5.69 4.82
C TYR A 265 -44.72 -6.63 3.64
N ILE A 266 -44.63 -6.10 2.43
CA ILE A 266 -44.39 -6.97 1.31
C ILE A 266 -42.97 -7.47 1.43
N LYS A 267 -42.74 -8.70 1.02
CA LYS A 267 -41.42 -9.29 1.10
C LYS A 267 -40.97 -9.55 -0.34
N TRP A 268 -40.34 -8.54 -0.93
CA TRP A 268 -39.84 -8.68 -2.28
C TRP A 268 -38.87 -9.83 -2.37
N ASP A 269 -38.82 -10.46 -3.53
CA ASP A 269 -37.86 -11.52 -3.73
C ASP A 269 -36.47 -11.00 -3.43
N LEU A 270 -35.55 -11.92 -3.13
CA LEU A 270 -34.19 -11.47 -2.87
C LEU A 270 -33.54 -10.91 -4.12
N LEU A 271 -33.17 -11.78 -5.05
CA LEU A 271 -32.41 -11.35 -6.21
C LEU A 271 -33.28 -10.71 -7.28
N LYS A 272 -34.02 -9.67 -6.97
CA LYS A 272 -34.83 -9.04 -7.98
C LYS A 272 -34.40 -7.59 -8.15
N TYR A 273 -33.54 -7.35 -9.12
CA TYR A 273 -33.02 -6.03 -9.34
C TYR A 273 -33.85 -5.21 -10.28
N ASP A 274 -34.99 -5.66 -10.72
CA ASP A 274 -35.61 -4.92 -11.79
C ASP A 274 -36.44 -3.75 -11.31
N PHE A 275 -37.74 -3.96 -11.16
CA PHE A 275 -38.68 -2.95 -10.66
C PHE A 275 -38.92 -1.85 -11.66
N THR A 276 -39.32 -2.15 -12.88
CA THR A 276 -39.69 -1.11 -13.81
C THR A 276 -41.07 -1.31 -14.39
N GLU A 277 -41.88 -2.11 -13.74
CA GLU A 277 -43.29 -2.19 -14.05
C GLU A 277 -44.16 -1.80 -12.87
N GLU A 278 -43.69 -2.01 -11.65
CA GLU A 278 -44.36 -1.37 -10.53
C GLU A 278 -44.11 0.13 -10.55
N ARG A 279 -42.94 0.57 -11.00
CA ARG A 279 -42.77 2.00 -11.19
C ARG A 279 -43.86 2.56 -12.06
N LEU A 280 -44.18 1.86 -13.14
CA LEU A 280 -45.20 2.40 -14.03
C LEU A 280 -46.59 2.22 -13.44
N LYS A 281 -46.79 1.15 -12.65
CA LYS A 281 -48.08 1.00 -11.99
C LYS A 281 -48.34 2.15 -11.03
N LEU A 282 -47.35 2.52 -10.22
CA LEU A 282 -47.50 3.67 -9.34
C LEU A 282 -47.75 4.93 -10.13
N PHE A 283 -46.84 5.25 -11.05
CA PHE A 283 -47.04 6.47 -11.80
C PHE A 283 -48.40 6.53 -12.41
N ASP A 284 -49.03 5.40 -12.67
CA ASP A 284 -50.34 5.46 -13.25
C ASP A 284 -51.47 5.41 -12.23
N ARG A 285 -51.17 5.04 -11.00
CA ARG A 285 -52.20 5.09 -9.98
C ARG A 285 -52.34 6.47 -9.38
N TYR A 286 -51.23 7.10 -8.99
CA TYR A 286 -51.31 8.41 -8.39
C TYR A 286 -51.36 9.53 -9.41
N PHE A 287 -50.28 9.75 -10.16
CA PHE A 287 -50.25 10.79 -11.17
C PHE A 287 -50.74 10.28 -12.50
N LYS A 288 -52.03 10.36 -12.79
CA LYS A 288 -52.45 9.84 -14.07
C LYS A 288 -52.26 10.85 -15.16
N TYR A 289 -52.69 12.07 -14.94
CA TYR A 289 -52.75 13.06 -15.99
C TYR A 289 -51.55 13.97 -16.05
N TRP A 290 -50.43 13.58 -15.47
CA TRP A 290 -49.19 14.27 -15.76
C TRP A 290 -49.01 14.27 -17.26
N ASP A 291 -49.17 15.42 -17.88
CA ASP A 291 -49.36 15.54 -19.32
C ASP A 291 -48.04 15.37 -20.08
N GLN A 292 -47.20 14.46 -19.61
CA GLN A 292 -45.87 14.40 -20.19
C GLN A 292 -45.20 13.10 -19.83
N THR A 293 -44.55 12.46 -20.79
CA THR A 293 -44.12 11.09 -20.62
C THR A 293 -43.16 10.95 -19.46
N TYR A 294 -43.02 9.72 -18.96
CA TYR A 294 -42.06 9.45 -17.92
C TYR A 294 -41.38 8.19 -18.37
N HIS A 295 -40.06 8.22 -18.49
CA HIS A 295 -39.31 7.08 -18.95
C HIS A 295 -38.67 6.49 -17.76
N PRO A 296 -39.15 5.36 -17.28
CA PRO A 296 -38.63 4.80 -16.03
C PRO A 296 -37.14 4.73 -15.98
N ASN A 297 -36.49 4.08 -16.94
CA ASN A 297 -35.05 4.09 -16.97
C ASN A 297 -34.70 5.30 -17.77
N CYS A 298 -33.70 6.08 -17.35
CA CYS A 298 -33.41 7.34 -18.02
C CYS A 298 -32.48 7.17 -19.19
N VAL A 299 -31.80 6.03 -19.32
CA VAL A 299 -31.06 5.71 -20.54
C VAL A 299 -31.90 5.97 -21.77
N ASN A 300 -33.21 6.00 -21.61
CA ASN A 300 -34.14 6.23 -22.71
C ASN A 300 -34.44 7.70 -22.94
N CYS A 301 -33.83 8.60 -22.17
CA CYS A 301 -34.26 9.98 -22.21
C CYS A 301 -33.76 10.68 -23.46
N LEU A 302 -34.29 11.88 -23.70
CA LEU A 302 -34.10 12.51 -25.01
C LEU A 302 -33.10 13.65 -24.96
N ASP A 303 -32.94 14.31 -23.82
CA ASP A 303 -31.84 15.24 -23.64
C ASP A 303 -31.46 15.25 -22.18
N ASP A 304 -31.34 16.44 -21.60
CA ASP A 304 -31.16 16.47 -20.16
C ASP A 304 -32.49 16.75 -19.48
N ARG A 305 -33.15 17.86 -19.83
CA ARG A 305 -34.43 18.19 -19.23
C ARG A 305 -35.31 16.98 -19.03
N CYS A 306 -35.27 16.03 -19.96
CA CYS A 306 -35.95 14.80 -19.63
C CYS A 306 -35.18 14.00 -18.59
N ILE A 307 -33.88 14.13 -18.48
CA ILE A 307 -33.21 13.39 -17.40
C ILE A 307 -33.58 13.96 -16.06
N LEU A 308 -33.72 15.27 -15.95
CA LEU A 308 -34.28 15.78 -14.72
C LEU A 308 -35.66 15.22 -14.53
N HIS A 309 -36.58 15.58 -15.39
CA HIS A 309 -37.96 15.22 -15.16
C HIS A 309 -38.18 13.71 -15.11
N CYS A 310 -37.15 12.90 -15.19
CA CYS A 310 -37.40 11.52 -14.84
C CYS A 310 -36.62 11.06 -13.64
N ALA A 311 -35.45 11.61 -13.37
CA ALA A 311 -34.79 11.22 -12.14
C ALA A 311 -35.49 11.81 -10.94
N ASN A 312 -36.16 12.93 -11.11
CA ASN A 312 -36.96 13.45 -10.01
C ASN A 312 -38.00 12.43 -9.56
N PHE A 313 -38.80 11.92 -10.50
CA PHE A 313 -39.79 10.92 -10.14
C PHE A 313 -39.16 9.70 -9.53
N ASN A 314 -38.15 9.14 -10.18
CA ASN A 314 -37.55 7.95 -9.61
C ASN A 314 -37.11 8.18 -8.18
N VAL A 315 -36.75 9.42 -7.84
CA VAL A 315 -36.29 9.68 -6.48
C VAL A 315 -37.39 9.40 -5.48
N LEU A 316 -38.63 9.57 -5.90
CA LEU A 316 -39.75 9.27 -5.03
C LEU A 316 -40.10 7.80 -5.09
N PHE A 317 -40.43 7.30 -6.28
CA PHE A 317 -40.83 5.90 -6.40
C PHE A 317 -39.73 4.95 -6.05
N SER A 318 -38.61 5.41 -5.54
CA SER A 318 -37.62 4.44 -5.14
C SER A 318 -37.39 4.39 -3.67
N THR A 319 -38.19 5.06 -2.87
CA THR A 319 -38.18 4.74 -1.46
C THR A 319 -38.93 3.44 -1.18
N VAL A 320 -40.04 3.25 -1.86
CA VAL A 320 -40.94 2.14 -1.62
C VAL A 320 -40.28 0.77 -1.78
N PHE A 321 -39.24 0.65 -2.53
CA PHE A 321 -38.66 -0.66 -2.77
C PHE A 321 -37.57 -0.93 -1.77
N PRO A 322 -37.05 -2.14 -1.70
CA PRO A 322 -36.11 -2.47 -0.65
C PRO A 322 -34.76 -1.85 -0.94
N PRO A 323 -33.90 -1.76 0.06
CA PRO A 323 -32.59 -1.17 -0.15
C PRO A 323 -31.45 -2.15 -0.15
N THR A 324 -31.74 -3.44 -0.19
CA THR A 324 -30.71 -4.43 -0.43
C THR A 324 -30.68 -4.82 -1.89
N SER A 325 -31.34 -4.05 -2.72
CA SER A 325 -31.34 -4.34 -4.14
C SER A 325 -30.93 -3.14 -4.95
N PHE A 326 -30.13 -2.23 -4.40
CA PHE A 326 -29.49 -1.16 -5.12
C PHE A 326 -27.99 -1.39 -5.09
N GLY A 327 -27.27 -0.69 -5.94
CA GLY A 327 -25.85 -0.90 -6.03
C GLY A 327 -25.46 -1.53 -7.34
N PRO A 328 -24.29 -2.15 -7.38
CA PRO A 328 -23.86 -2.80 -8.60
C PRO A 328 -24.77 -3.96 -8.94
N LEU A 329 -24.52 -4.54 -10.09
CA LEU A 329 -24.96 -5.89 -10.37
C LEU A 329 -23.69 -6.70 -10.38
N VAL A 330 -23.78 -7.97 -10.71
CA VAL A 330 -22.60 -8.75 -10.96
C VAL A 330 -22.98 -9.89 -11.88
N ARG A 331 -22.01 -10.73 -12.17
CA ARG A 331 -22.23 -11.95 -12.93
C ARG A 331 -20.91 -12.66 -13.05
N LYS A 332 -20.90 -13.95 -12.80
CA LYS A 332 -19.66 -14.70 -12.83
C LYS A 332 -19.19 -14.81 -14.26
N ILE A 333 -18.09 -14.15 -14.57
CA ILE A 333 -17.43 -14.33 -15.86
C ILE A 333 -16.25 -15.25 -15.66
N PHE A 334 -15.88 -15.91 -16.73
CA PHE A 334 -14.78 -16.86 -16.77
C PHE A 334 -13.65 -16.23 -17.54
N VAL A 335 -12.54 -15.96 -16.86
CA VAL A 335 -11.32 -15.56 -17.54
C VAL A 335 -10.36 -16.73 -17.46
N ASP A 336 -9.65 -16.96 -18.57
CA ASP A 336 -8.79 -18.13 -18.74
C ASP A 336 -9.35 -19.34 -18.02
N GLY A 337 -10.61 -19.69 -18.31
CA GLY A 337 -11.21 -20.80 -17.61
C GLY A 337 -11.21 -20.68 -16.10
N VAL A 338 -11.14 -19.47 -15.57
CA VAL A 338 -11.30 -19.27 -14.13
C VAL A 338 -12.43 -18.27 -13.93
N PRO A 339 -13.28 -18.47 -12.94
CA PRO A 339 -14.41 -17.56 -12.77
C PRO A 339 -14.11 -16.46 -11.76
N PHE A 340 -14.49 -15.25 -12.11
CA PHE A 340 -14.50 -14.15 -11.18
C PHE A 340 -15.92 -13.68 -11.02
N VAL A 341 -16.07 -12.59 -10.30
CA VAL A 341 -17.27 -11.79 -10.33
C VAL A 341 -16.84 -10.41 -10.74
N VAL A 342 -17.65 -9.74 -11.54
CA VAL A 342 -17.31 -8.40 -12.00
C VAL A 342 -18.60 -7.60 -12.12
N SER A 343 -18.51 -6.32 -11.85
CA SER A 343 -19.68 -5.47 -11.99
C SER A 343 -20.02 -5.43 -13.46
N THR A 344 -21.30 -5.30 -13.77
CA THR A 344 -21.72 -5.08 -15.14
C THR A 344 -22.95 -4.24 -15.20
N GLY A 345 -23.01 -3.21 -14.39
CA GLY A 345 -24.14 -2.31 -14.47
C GLY A 345 -24.28 -1.60 -13.17
N TYR A 346 -25.41 -0.96 -13.01
CA TYR A 346 -25.71 -0.32 -11.76
C TYR A 346 -27.21 -0.21 -11.66
N HIS A 347 -27.68 0.17 -10.50
CA HIS A 347 -29.07 0.37 -10.27
C HIS A 347 -29.12 1.59 -9.37
N PHE A 348 -29.35 2.76 -9.93
CA PHE A 348 -29.35 3.90 -9.03
C PHE A 348 -30.74 4.17 -8.55
N ARG A 349 -30.88 4.94 -7.49
CA ARG A 349 -32.21 5.29 -7.05
C ARG A 349 -32.90 6.23 -8.02
N GLU A 350 -32.13 6.95 -8.84
CA GLU A 350 -32.70 7.87 -9.83
C GLU A 350 -32.65 7.29 -11.23
N LEU A 351 -31.50 7.26 -11.80
CA LEU A 351 -31.41 6.83 -13.17
C LEU A 351 -31.69 5.40 -13.36
N GLY A 352 -32.72 4.78 -12.80
CA GLY A 352 -33.09 3.45 -13.17
C GLY A 352 -31.94 2.48 -13.28
N VAL A 353 -32.11 1.49 -14.14
CA VAL A 353 -31.08 0.50 -14.40
C VAL A 353 -30.24 0.96 -15.55
N VAL A 354 -28.97 0.57 -15.54
CA VAL A 354 -28.00 1.01 -16.53
C VAL A 354 -27.08 -0.17 -16.78
N HIS A 355 -27.11 -0.69 -17.98
CA HIS A 355 -26.36 -1.88 -18.30
C HIS A 355 -25.03 -1.52 -18.96
N ASN A 356 -23.99 -2.27 -18.65
CA ASN A 356 -22.73 -2.10 -19.33
C ASN A 356 -22.93 -2.28 -20.83
N GLN A 357 -21.85 -2.13 -21.57
CA GLN A 357 -21.94 -2.28 -23.01
C GLN A 357 -20.75 -3.01 -23.62
N ASP A 358 -19.73 -3.32 -22.85
CA ASP A 358 -18.58 -3.95 -23.45
C ASP A 358 -18.11 -5.14 -22.63
N VAL A 359 -19.03 -5.99 -22.21
CA VAL A 359 -18.73 -7.10 -21.31
C VAL A 359 -18.30 -8.29 -22.14
N ASN A 360 -17.15 -8.89 -21.80
CA ASN A 360 -16.60 -10.01 -22.55
C ASN A 360 -16.73 -11.28 -21.74
N LEU A 361 -17.62 -12.17 -22.14
CA LEU A 361 -17.93 -13.33 -21.31
C LEU A 361 -16.75 -14.26 -21.14
N HIS A 362 -15.68 -14.05 -21.87
CA HIS A 362 -14.47 -14.85 -21.73
C HIS A 362 -13.26 -13.98 -21.99
N SER A 363 -12.10 -14.53 -21.66
CA SER A 363 -10.82 -13.91 -21.97
C SER A 363 -9.72 -14.84 -21.52
N SER A 364 -8.71 -14.99 -22.38
CA SER A 364 -7.56 -15.80 -22.03
C SER A 364 -6.55 -14.97 -21.26
N ARG A 365 -6.52 -13.67 -21.52
CA ARG A 365 -5.59 -12.79 -20.83
C ARG A 365 -6.15 -11.38 -20.72
N LEU A 366 -6.06 -10.81 -19.54
CA LEU A 366 -6.39 -9.42 -19.28
C LEU A 366 -5.13 -8.57 -19.37
N SER A 367 -5.31 -7.34 -19.84
CA SER A 367 -4.17 -6.51 -20.16
C SER A 367 -3.70 -5.75 -18.93
N PHE A 368 -3.53 -4.44 -19.06
CA PHE A 368 -3.25 -3.59 -17.92
C PHE A 368 -4.46 -2.73 -17.59
N LYS A 369 -5.03 -2.03 -18.55
CA LYS A 369 -6.26 -1.31 -18.30
C LYS A 369 -7.29 -2.23 -17.63
N GLU A 370 -7.35 -3.47 -18.08
CA GLU A 370 -8.26 -4.42 -17.44
C GLU A 370 -7.90 -4.62 -15.99
N LEU A 371 -6.79 -5.31 -15.72
CA LEU A 371 -6.30 -5.47 -14.36
C LEU A 371 -6.68 -4.28 -13.50
N LEU A 372 -6.45 -3.08 -14.01
CA LEU A 372 -6.90 -1.92 -13.28
C LEU A 372 -8.39 -1.99 -13.00
N VAL A 373 -9.23 -1.81 -14.01
CA VAL A 373 -10.66 -1.66 -13.73
C VAL A 373 -11.28 -2.90 -13.12
N TYR A 374 -10.50 -3.94 -12.87
CA TYR A 374 -11.02 -5.03 -12.07
C TYR A 374 -10.52 -5.01 -10.64
N ALA A 375 -9.40 -4.35 -10.36
CA ALA A 375 -8.99 -4.25 -8.97
C ALA A 375 -9.43 -2.97 -8.30
N ALA A 376 -10.07 -2.08 -9.03
CA ALA A 376 -10.68 -0.91 -8.41
C ALA A 376 -12.17 -1.10 -8.18
N ASP A 377 -12.63 -2.32 -8.11
CA ASP A 377 -14.05 -2.57 -8.01
C ASP A 377 -14.43 -3.07 -6.64
N PRO A 378 -15.63 -2.74 -6.17
CA PRO A 378 -16.12 -3.33 -4.95
C PRO A 378 -16.38 -4.82 -5.07
N ALA A 379 -16.83 -5.28 -6.24
CA ALA A 379 -17.43 -6.60 -6.36
C ALA A 379 -16.51 -7.70 -5.85
N MET A 380 -15.27 -7.72 -6.27
CA MET A 380 -14.39 -8.78 -5.81
C MET A 380 -14.16 -8.71 -4.30
N HIS A 381 -13.84 -7.52 -3.80
CA HIS A 381 -13.55 -7.37 -2.37
C HIS A 381 -14.75 -7.75 -1.52
N ALA A 382 -15.88 -7.06 -1.72
CA ALA A 382 -17.11 -7.39 -1.02
C ALA A 382 -17.45 -8.86 -1.16
N ALA A 383 -17.80 -9.28 -2.38
CA ALA A 383 -18.21 -10.66 -2.61
C ALA A 383 -17.23 -11.67 -2.07
N SER A 384 -16.03 -11.25 -1.69
CA SER A 384 -15.17 -12.08 -0.87
C SER A 384 -14.79 -11.39 0.44
N GLY A 385 -15.70 -11.42 1.41
CA GLY A 385 -15.44 -10.90 2.74
C GLY A 385 -16.51 -11.30 3.73
N ASN A 386 -16.22 -11.27 5.02
CA ASN A 386 -17.13 -11.72 6.07
C ASN A 386 -18.25 -10.72 6.21
N LEU A 387 -19.45 -11.20 6.48
CA LEU A 387 -20.59 -10.31 6.63
C LEU A 387 -20.32 -9.33 7.74
N LEU A 388 -21.10 -8.28 7.84
CA LEU A 388 -20.92 -7.29 8.89
C LEU A 388 -22.25 -6.67 9.26
N LEU A 389 -22.48 -6.56 10.55
CA LEU A 389 -23.64 -5.86 11.09
C LEU A 389 -23.09 -4.79 12.00
N ASP A 390 -23.44 -3.54 11.73
CA ASP A 390 -22.85 -2.42 12.44
C ASP A 390 -23.95 -1.75 13.21
N LYS A 391 -23.90 -1.85 14.53
CA LYS A 391 -24.93 -1.28 15.38
C LYS A 391 -24.54 0.08 15.90
N ARG A 392 -23.47 0.66 15.39
CA ARG A 392 -23.09 2.00 15.77
C ARG A 392 -23.84 3.05 14.96
N THR A 393 -24.15 2.76 13.71
CA THR A 393 -24.73 3.73 12.80
C THR A 393 -26.14 3.34 12.42
N THR A 394 -26.69 4.11 11.50
CA THR A 394 -27.89 3.73 10.79
C THR A 394 -27.62 3.43 9.32
N CYS A 395 -26.44 3.80 8.82
CA CYS A 395 -26.16 3.63 7.40
C CYS A 395 -25.97 2.16 7.06
N PHE A 396 -26.56 1.78 5.94
CA PHE A 396 -26.63 0.36 5.60
C PHE A 396 -25.24 -0.19 5.36
N SER A 397 -24.65 -0.83 6.36
CA SER A 397 -23.36 -1.46 6.13
C SER A 397 -23.46 -2.52 5.04
N VAL A 398 -22.33 -3.12 4.69
CA VAL A 398 -22.32 -4.04 3.56
C VAL A 398 -21.44 -5.25 3.82
N ALA A 399 -20.14 -5.06 4.02
CA ALA A 399 -19.30 -6.21 4.16
C ALA A 399 -18.14 -5.85 5.07
N ALA A 400 -17.16 -6.71 5.13
CA ALA A 400 -15.99 -6.44 5.95
C ALA A 400 -14.81 -7.15 5.35
N LEU A 401 -13.61 -6.66 5.61
CA LEU A 401 -12.45 -7.20 4.95
C LEU A 401 -11.52 -7.88 5.95
N THR A 402 -11.13 -7.13 6.97
CA THR A 402 -10.24 -7.65 8.00
C THR A 402 -10.91 -8.69 8.87
N ASN A 403 -10.27 -9.00 9.98
CA ASN A 403 -10.89 -9.73 11.06
C ASN A 403 -10.96 -8.93 12.34
N ASN A 404 -10.10 -7.92 12.47
CA ASN A 404 -10.15 -7.00 13.58
C ASN A 404 -10.47 -5.62 13.01
N VAL A 405 -11.54 -5.01 13.49
CA VAL A 405 -11.80 -3.64 13.10
C VAL A 405 -10.69 -2.76 13.65
N ALA A 406 -10.52 -1.59 13.06
CA ALA A 406 -9.42 -0.71 13.43
C ALA A 406 -9.98 0.60 13.97
N PHE A 407 -9.44 1.04 15.08
CA PHE A 407 -9.88 2.26 15.73
C PHE A 407 -8.78 3.29 15.64
N GLN A 408 -9.07 4.41 14.99
CA GLN A 408 -8.05 5.39 14.67
C GLN A 408 -8.33 6.71 15.36
N THR A 409 -7.26 7.34 15.83
CA THR A 409 -7.31 8.48 16.72
C THR A 409 -6.49 9.62 16.13
N VAL A 410 -6.48 10.74 16.84
CA VAL A 410 -5.85 11.97 16.38
C VAL A 410 -5.06 12.54 17.55
N LYS A 411 -3.81 12.90 17.32
CA LYS A 411 -2.97 13.37 18.41
C LYS A 411 -3.13 14.88 18.62
N PRO A 412 -2.58 15.41 19.70
CA PRO A 412 -2.62 16.85 19.91
C PRO A 412 -1.47 17.55 19.21
N GLY A 413 -1.44 18.87 19.34
CA GLY A 413 -0.43 19.65 18.65
C GLY A 413 0.94 19.46 19.23
N ASN A 414 1.81 20.40 18.95
CA ASN A 414 3.08 20.51 19.67
C ASN A 414 3.27 21.93 20.14
N PHE A 415 3.75 22.08 21.37
CA PHE A 415 4.03 23.41 21.84
C PHE A 415 5.35 23.89 21.26
N ASN A 416 5.44 25.20 21.02
CA ASN A 416 6.60 25.84 20.46
C ASN A 416 7.09 26.89 21.45
N LYS A 417 7.78 26.44 22.50
CA LYS A 417 7.91 27.26 23.71
C LYS A 417 8.57 28.59 23.44
N ASP A 418 9.71 28.58 22.77
CA ASP A 418 10.51 29.80 22.65
C ASP A 418 9.70 30.93 22.07
N PHE A 419 8.85 30.64 21.08
CA PHE A 419 7.94 31.68 20.67
C PHE A 419 7.04 32.09 21.79
N TYR A 420 6.72 31.19 22.71
CA TYR A 420 5.80 31.59 23.76
C TYR A 420 6.45 32.55 24.74
N ASP A 421 7.61 32.20 25.28
CA ASP A 421 8.26 33.16 26.16
C ASP A 421 8.52 34.47 25.45
N PHE A 422 9.07 34.41 24.23
CA PHE A 422 9.25 35.65 23.52
C PHE A 422 7.94 36.38 23.31
N ALA A 423 6.80 35.69 23.30
CA ALA A 423 5.56 36.39 23.08
C ALA A 423 5.09 37.09 24.33
N VAL A 424 5.37 36.50 25.50
CA VAL A 424 4.92 37.15 26.72
C VAL A 424 5.84 38.30 27.09
N SER A 425 7.12 38.20 26.76
CA SER A 425 8.04 39.28 27.08
C SER A 425 7.52 40.61 26.56
N LYS A 426 7.04 40.65 25.31
CA LYS A 426 6.51 41.89 24.76
C LYS A 426 5.19 42.28 25.41
N GLY A 427 4.69 41.47 26.32
CA GLY A 427 3.50 41.86 27.06
C GLY A 427 2.22 41.39 26.44
N PHE A 428 2.25 40.24 25.82
CA PHE A 428 1.04 39.64 25.30
C PHE A 428 0.48 38.71 26.36
N PHE A 429 -0.80 38.33 26.18
CA PHE A 429 -1.46 37.39 27.08
C PHE A 429 -1.60 37.93 28.48
N LYS A 430 -1.75 39.25 28.58
CA LYS A 430 -2.13 39.84 29.84
C LYS A 430 -3.61 39.61 30.06
N GLU A 431 -3.91 39.04 31.22
CA GLU A 431 -5.27 38.59 31.48
C GLU A 431 -6.20 39.81 31.43
N GLY A 432 -7.04 39.85 30.41
CA GLY A 432 -7.84 41.01 30.10
C GLY A 432 -7.66 41.56 28.69
N SER A 433 -6.64 41.13 27.97
CA SER A 433 -6.33 41.66 26.64
C SER A 433 -7.48 41.38 25.67
N SER A 434 -7.30 41.80 24.42
CA SER A 434 -8.27 41.59 23.36
C SER A 434 -7.86 40.53 22.36
N VAL A 435 -6.59 40.12 22.39
CA VAL A 435 -6.13 38.95 21.66
C VAL A 435 -5.93 37.83 22.67
N GLU A 436 -6.38 36.64 22.32
CA GLU A 436 -6.40 35.54 23.26
C GLU A 436 -6.40 34.22 22.49
N LEU A 437 -5.51 33.32 22.89
CA LEU A 437 -5.45 32.00 22.26
C LEU A 437 -6.84 31.40 22.12
N LYS A 438 -7.08 30.81 20.96
CA LYS A 438 -8.37 30.20 20.69
C LYS A 438 -8.30 29.03 19.72
N HIS A 439 -7.42 29.05 18.74
CA HIS A 439 -7.31 28.00 17.76
C HIS A 439 -6.27 27.00 18.22
N PHE A 440 -6.71 25.83 18.65
CA PHE A 440 -5.82 24.79 19.14
C PHE A 440 -5.95 23.53 18.31
N PHE A 441 -5.02 22.63 18.53
CA PHE A 441 -5.05 21.32 17.89
C PHE A 441 -5.85 20.38 18.78
N PHE A 442 -7.11 20.16 18.47
CA PHE A 442 -7.94 19.32 19.32
C PHE A 442 -7.65 17.85 19.06
N ALA A 443 -7.81 17.03 20.08
CA ALA A 443 -7.59 15.60 19.98
C ALA A 443 -8.92 14.89 19.79
N GLN A 444 -8.88 13.64 19.36
CA GLN A 444 -10.05 12.79 19.29
C GLN A 444 -9.68 11.39 19.70
N ASP A 445 -10.66 10.69 20.26
CA ASP A 445 -10.39 9.40 20.86
C ASP A 445 -10.37 8.30 19.83
N GLY A 446 -10.94 7.15 20.17
CA GLY A 446 -10.94 6.04 19.26
C GLY A 446 -11.96 6.18 18.16
N ASN A 447 -13.16 5.67 18.41
CA ASN A 447 -14.21 5.74 17.42
C ASN A 447 -14.68 7.17 17.19
N ALA A 448 -13.81 8.01 16.62
CA ALA A 448 -14.27 9.26 16.07
C ALA A 448 -14.57 9.15 14.60
N ALA A 449 -13.76 8.39 13.87
CA ALA A 449 -13.96 8.26 12.42
C ALA A 449 -15.40 7.91 12.12
N ILE A 450 -15.93 6.91 12.80
CA ILE A 450 -17.25 6.42 12.44
C ILE A 450 -18.34 7.26 13.07
N SER A 451 -18.14 7.74 14.28
CA SER A 451 -19.14 8.66 14.78
C SER A 451 -19.14 9.96 14.05
N ASP A 452 -18.21 10.17 13.14
CA ASP A 452 -18.30 11.30 12.24
C ASP A 452 -18.85 10.93 10.89
N TYR A 453 -18.44 9.81 10.33
CA TYR A 453 -19.13 9.29 9.17
C TYR A 453 -20.61 9.29 9.37
N ASP A 454 -21.06 8.99 10.57
CA ASP A 454 -22.48 8.78 10.78
C ASP A 454 -23.33 9.94 10.35
N TYR A 455 -22.78 11.16 10.35
CA TYR A 455 -23.62 12.34 10.17
C TYR A 455 -24.42 12.34 8.91
N TYR A 456 -24.28 11.33 8.05
CA TYR A 456 -25.05 11.34 6.82
C TYR A 456 -26.52 11.24 7.15
N ARG A 457 -26.87 10.60 8.25
CA ARG A 457 -28.27 10.51 8.61
C ARG A 457 -28.95 11.85 8.70
N TYR A 458 -28.32 12.91 8.23
CA TYR A 458 -29.01 14.17 7.98
C TYR A 458 -29.37 14.32 6.53
N ASN A 459 -29.14 13.28 5.73
CA ASN A 459 -29.38 13.32 4.29
C ASN A 459 -30.56 12.40 3.98
N LEU A 460 -31.65 12.99 3.54
CA LEU A 460 -32.88 12.27 3.28
C LEU A 460 -33.14 12.20 1.78
N PRO A 461 -33.99 11.32 1.33
CA PRO A 461 -34.43 11.39 -0.05
C PRO A 461 -35.26 12.64 -0.20
N THR A 462 -35.01 13.45 -1.19
CA THR A 462 -35.82 14.64 -1.40
C THR A 462 -36.30 14.68 -2.84
N MET A 463 -37.59 14.91 -3.00
CA MET A 463 -38.18 15.32 -4.25
C MET A 463 -38.00 16.83 -4.30
N CYS A 464 -37.60 17.35 -5.46
CA CYS A 464 -37.55 18.78 -5.65
C CYS A 464 -38.69 19.18 -6.55
N ASP A 465 -39.26 20.35 -6.31
CA ASP A 465 -40.23 20.87 -7.23
C ASP A 465 -39.61 20.84 -8.61
N ILE A 466 -40.40 20.77 -9.66
CA ILE A 466 -39.82 20.55 -10.99
C ILE A 466 -40.17 21.67 -11.95
N ARG A 467 -41.40 22.11 -12.02
CA ARG A 467 -41.62 23.13 -13.03
C ARG A 467 -40.91 24.41 -12.70
N GLN A 468 -40.22 24.51 -11.58
CA GLN A 468 -39.33 25.64 -11.37
C GLN A 468 -37.87 25.24 -11.32
N LEU A 469 -37.55 23.99 -11.07
CA LEU A 469 -36.19 23.60 -11.33
C LEU A 469 -35.88 23.72 -12.81
N LEU A 470 -36.82 23.35 -13.67
CA LEU A 470 -36.61 23.54 -15.09
C LEU A 470 -36.80 25.01 -15.45
N PHE A 471 -36.18 25.90 -14.72
CA PHE A 471 -36.12 27.30 -15.10
C PHE A 471 -34.95 27.88 -14.36
N VAL A 472 -34.86 27.54 -13.08
CA VAL A 472 -33.67 27.89 -12.37
C VAL A 472 -32.46 27.27 -13.05
N VAL A 473 -32.65 26.20 -13.79
CA VAL A 473 -31.48 25.66 -14.46
C VAL A 473 -31.14 26.47 -15.71
N GLU A 474 -32.12 27.06 -16.38
CA GLU A 474 -31.76 28.00 -17.44
C GLU A 474 -30.93 29.12 -16.90
N VAL A 475 -31.42 29.78 -15.84
CA VAL A 475 -30.76 31.00 -15.39
C VAL A 475 -29.37 30.72 -14.84
N VAL A 476 -29.19 29.63 -14.12
CA VAL A 476 -27.83 29.31 -13.71
C VAL A 476 -26.96 29.09 -14.93
N ASP A 477 -27.48 28.38 -15.93
CA ASP A 477 -26.65 28.18 -17.10
C ASP A 477 -26.26 29.51 -17.71
N LYS A 478 -27.18 30.45 -17.73
CA LYS A 478 -26.87 31.76 -18.29
C LYS A 478 -25.72 32.40 -17.56
N TYR A 479 -25.69 32.27 -16.24
CA TYR A 479 -24.51 32.76 -15.52
C TYR A 479 -23.25 32.13 -16.06
N PHE A 480 -23.22 30.83 -16.24
CA PHE A 480 -21.99 30.16 -16.63
C PHE A 480 -21.75 30.23 -18.13
N ASP A 481 -22.05 31.35 -18.76
CA ASP A 481 -22.09 31.32 -20.22
C ASP A 481 -20.85 31.87 -20.89
N CYS A 482 -20.13 32.77 -20.26
CA CYS A 482 -19.00 33.40 -20.94
C CYS A 482 -17.81 32.44 -21.08
N TYR A 483 -17.90 31.26 -20.49
CA TYR A 483 -16.73 30.41 -20.36
C TYR A 483 -16.64 29.50 -21.58
N ASP A 484 -15.75 28.51 -21.51
CA ASP A 484 -15.69 27.52 -22.59
C ASP A 484 -14.92 26.30 -22.16
N GLY A 485 -15.20 25.17 -22.81
CA GLY A 485 -14.68 23.89 -22.36
C GLY A 485 -14.96 22.78 -23.34
N GLY A 486 -14.37 21.63 -23.05
CA GLY A 486 -14.48 20.49 -23.92
C GLY A 486 -13.57 19.38 -23.46
N CYS A 487 -13.69 18.24 -24.15
CA CYS A 487 -12.78 17.16 -23.86
C CYS A 487 -11.39 17.55 -24.30
N ILE A 488 -10.39 17.11 -23.54
CA ILE A 488 -9.00 17.30 -23.92
C ILE A 488 -8.37 15.93 -24.03
N ASN A 489 -7.12 15.90 -24.45
CA ASN A 489 -6.46 14.63 -24.69
C ASN A 489 -5.47 14.32 -23.59
N ALA A 490 -4.99 13.09 -23.58
CA ALA A 490 -4.19 12.66 -22.46
C ALA A 490 -2.80 13.23 -22.46
N ASN A 491 -2.50 14.24 -23.28
CA ASN A 491 -1.18 14.85 -23.24
C ASN A 491 -1.25 16.32 -22.87
N GLN A 492 -2.43 16.85 -22.61
CA GLN A 492 -2.56 18.24 -22.23
C GLN A 492 -3.08 18.42 -20.82
N VAL A 493 -3.34 17.34 -20.09
CA VAL A 493 -3.79 17.52 -18.71
C VAL A 493 -2.63 18.03 -17.87
N ILE A 494 -2.97 18.69 -16.77
CA ILE A 494 -2.01 19.30 -15.86
C ILE A 494 -2.34 18.85 -14.47
N VAL A 495 -1.35 18.35 -13.74
CA VAL A 495 -1.57 17.73 -12.46
C VAL A 495 -0.45 18.14 -11.52
N ASN A 496 -0.75 19.06 -10.61
CA ASN A 496 0.22 19.54 -9.66
C ASN A 496 0.33 18.58 -8.49
N ASN A 497 1.53 18.47 -7.95
CA ASN A 497 1.76 17.62 -6.79
C ASN A 497 1.42 16.18 -7.11
N LEU A 498 2.41 15.44 -7.56
CA LEU A 498 2.20 14.11 -8.09
C LEU A 498 2.56 13.03 -7.10
N ASP A 499 2.57 13.31 -5.82
CA ASP A 499 2.76 12.27 -4.83
C ASP A 499 1.67 12.30 -3.76
N LYS A 500 0.43 12.36 -4.20
CA LYS A 500 -0.72 12.29 -3.31
C LYS A 500 -1.48 10.99 -3.55
N SER A 501 -1.97 10.41 -2.46
CA SER A 501 -2.43 9.04 -2.40
C SER A 501 -3.44 8.71 -3.49
N ALA A 502 -3.59 7.42 -3.75
CA ALA A 502 -4.33 6.92 -4.90
C ALA A 502 -5.60 6.21 -4.42
N GLY A 503 -5.99 6.34 -3.17
CA GLY A 503 -7.26 5.74 -2.78
C GLY A 503 -7.19 4.27 -2.48
N PHE A 504 -8.30 3.65 -2.09
CA PHE A 504 -8.23 2.27 -1.61
C PHE A 504 -7.42 1.16 -2.21
N PRO A 505 -7.91 0.53 -3.26
CA PRO A 505 -7.16 -0.65 -3.64
C PRO A 505 -5.75 -0.43 -4.06
N PHE A 506 -5.36 0.78 -4.39
CA PHE A 506 -4.05 1.03 -4.93
C PHE A 506 -3.04 1.58 -3.98
N ASN A 507 -3.46 2.19 -2.88
CA ASN A 507 -2.47 2.85 -2.05
C ASN A 507 -1.61 1.88 -1.27
N LYS A 508 -1.61 0.60 -1.62
CA LYS A 508 -0.60 -0.25 -1.03
C LYS A 508 0.67 -0.29 -1.84
N TRP A 509 0.67 0.31 -3.02
CA TRP A 509 1.79 0.14 -3.92
C TRP A 509 2.51 1.44 -4.25
N GLY A 510 1.86 2.58 -4.18
CA GLY A 510 2.53 3.85 -4.39
C GLY A 510 1.62 5.00 -4.70
N LYS A 511 2.20 6.18 -4.86
CA LYS A 511 1.38 7.35 -5.02
C LYS A 511 1.07 7.60 -6.48
N ALA A 512 0.13 8.50 -6.72
CA ALA A 512 -0.41 8.76 -8.04
C ALA A 512 0.64 8.81 -9.12
N ARG A 513 1.87 9.14 -8.76
CA ARG A 513 2.95 9.10 -9.72
C ARG A 513 3.00 7.77 -10.43
N LEU A 514 3.19 6.69 -9.66
CA LEU A 514 3.45 5.39 -10.26
C LEU A 514 2.35 4.96 -11.22
N TYR A 515 1.10 5.35 -10.95
CA TYR A 515 0.03 5.00 -11.89
C TYR A 515 -0.15 6.05 -12.95
N TYR A 516 0.59 7.15 -12.86
CA TYR A 516 0.58 8.10 -13.94
C TYR A 516 1.74 7.89 -14.90
N ASP A 517 2.73 7.11 -14.51
CA ASP A 517 3.75 6.62 -15.42
C ASP A 517 3.32 5.39 -16.18
N SER A 518 3.34 4.23 -15.52
CA SER A 518 3.13 2.95 -16.14
C SER A 518 2.03 2.97 -17.19
N MET A 519 1.02 3.80 -17.02
CA MET A 519 0.00 3.97 -18.03
C MET A 519 0.44 5.03 -19.02
N SER A 520 0.65 4.61 -20.26
CA SER A 520 1.14 5.49 -21.31
C SER A 520 0.07 6.48 -21.73
N TYR A 521 0.21 7.09 -22.89
CA TYR A 521 -0.81 8.05 -23.30
C TYR A 521 -1.96 7.41 -24.04
N GLU A 522 -1.70 6.45 -24.91
CA GLU A 522 -2.81 5.78 -25.55
C GLU A 522 -3.53 4.87 -24.57
N ASP A 523 -2.86 4.42 -23.50
CA ASP A 523 -3.61 3.73 -22.46
C ASP A 523 -4.68 4.65 -21.89
N GLN A 524 -4.25 5.71 -21.21
CA GLN A 524 -5.20 6.63 -20.61
C GLN A 524 -6.25 7.06 -21.62
N ASP A 525 -5.93 7.08 -22.90
CA ASP A 525 -6.98 7.42 -23.84
C ASP A 525 -7.95 6.26 -24.08
N ALA A 526 -7.44 5.04 -24.15
CA ALA A 526 -8.33 3.88 -24.22
C ALA A 526 -9.27 3.86 -23.03
N LEU A 527 -8.71 4.01 -21.85
CA LEU A 527 -9.49 4.10 -20.64
C LEU A 527 -10.52 5.23 -20.68
N PHE A 528 -10.14 6.45 -20.98
CA PHE A 528 -11.12 7.51 -20.86
C PHE A 528 -12.17 7.43 -21.96
N ALA A 529 -11.85 6.85 -23.10
CA ALA A 529 -12.88 6.82 -24.11
C ALA A 529 -13.57 5.49 -24.02
N TYR A 530 -13.19 4.71 -23.04
CA TYR A 530 -13.85 3.47 -22.71
C TYR A 530 -14.98 3.69 -21.73
N THR A 531 -14.70 4.33 -20.61
CA THR A 531 -15.80 4.60 -19.69
C THR A 531 -16.73 5.66 -20.22
N LYS A 532 -16.99 5.67 -21.50
CA LYS A 532 -17.99 6.55 -22.03
C LYS A 532 -19.00 5.65 -22.71
N ARG A 533 -18.85 4.36 -22.44
CA ARG A 533 -19.82 3.35 -22.81
C ARG A 533 -19.78 2.23 -21.79
N ASN A 534 -19.64 2.58 -20.52
CA ASN A 534 -19.52 1.62 -19.44
C ASN A 534 -19.86 2.29 -18.13
N VAL A 535 -19.74 1.55 -17.03
CA VAL A 535 -19.88 2.09 -15.68
C VAL A 535 -18.88 1.39 -14.79
N ILE A 536 -18.17 2.14 -13.96
CA ILE A 536 -17.19 1.55 -13.06
C ILE A 536 -17.45 1.96 -11.63
N PRO A 537 -18.17 1.18 -10.85
CA PRO A 537 -18.26 1.46 -9.43
C PRO A 537 -16.90 1.54 -8.79
N THR A 538 -16.79 2.35 -7.74
CA THR A 538 -15.51 2.55 -7.05
C THR A 538 -15.64 2.65 -5.54
N ILE A 539 -14.53 2.45 -4.83
CA ILE A 539 -14.47 2.59 -3.38
C ILE A 539 -13.98 3.99 -3.07
N THR A 540 -13.44 4.20 -1.86
CA THR A 540 -13.15 5.54 -1.34
C THR A 540 -12.77 5.50 0.12
N GLN A 541 -11.58 5.87 0.49
CA GLN A 541 -11.26 5.85 1.89
C GLN A 541 -11.97 6.99 2.60
N MET A 542 -11.70 7.13 3.89
CA MET A 542 -12.16 8.28 4.64
C MET A 542 -11.10 8.63 5.67
N ASN A 543 -10.80 9.92 5.76
CA ASN A 543 -9.58 10.40 6.38
C ASN A 543 -9.89 11.48 7.39
N LEU A 544 -9.03 11.58 8.40
CA LEU A 544 -9.18 12.57 9.45
C LEU A 544 -8.18 13.69 9.26
N LYS A 545 -8.66 14.91 9.19
CA LYS A 545 -7.72 16.00 9.03
C LYS A 545 -7.03 16.23 10.36
N TYR A 546 -5.97 17.01 10.32
CA TYR A 546 -5.09 17.20 11.47
C TYR A 546 -4.59 18.63 11.39
N ALA A 547 -5.41 19.57 11.81
CA ALA A 547 -5.13 20.96 11.52
C ALA A 547 -5.81 21.85 12.54
N ILE A 548 -5.21 23.02 12.77
CA ILE A 548 -5.68 23.93 13.79
C ILE A 548 -7.14 24.25 13.55
N SER A 549 -7.84 24.60 14.61
CA SER A 549 -9.27 24.82 14.49
C SER A 549 -9.89 25.38 15.74
N ALA A 550 -11.13 25.85 15.64
CA ALA A 550 -11.78 26.48 16.78
C ALA A 550 -12.91 25.64 17.36
N LYS A 551 -13.08 24.40 16.88
CA LYS A 551 -14.13 23.52 17.35
C LYS A 551 -13.63 22.10 17.32
N ASN A 552 -14.23 21.23 18.13
CA ASN A 552 -13.63 19.92 18.38
C ASN A 552 -14.22 18.79 17.56
N ARG A 553 -15.36 18.98 16.93
CA ARG A 553 -15.87 17.96 16.03
C ARG A 553 -14.89 17.82 14.87
N ALA A 554 -14.22 16.67 14.80
CA ALA A 554 -13.17 16.44 13.82
C ALA A 554 -13.69 16.64 12.40
N ARG A 555 -12.74 16.82 11.47
CA ARG A 555 -13.06 17.01 10.08
C ARG A 555 -12.62 15.78 9.30
N THR A 556 -13.37 15.45 8.25
CA THR A 556 -13.10 14.22 7.54
C THR A 556 -13.26 14.46 6.04
N VAL A 557 -12.35 13.88 5.26
CA VAL A 557 -12.18 14.20 3.86
C VAL A 557 -11.89 12.94 3.07
N ALA A 558 -12.56 12.80 1.92
CA ALA A 558 -12.72 11.51 1.26
C ALA A 558 -11.74 11.36 0.12
N GLY A 559 -10.81 10.42 0.24
CA GLY A 559 -9.78 10.26 -0.76
C GLY A 559 -10.03 9.33 -1.94
N VAL A 560 -10.67 9.85 -2.99
CA VAL A 560 -11.14 9.05 -4.11
C VAL A 560 -9.99 8.31 -4.76
N SER A 561 -10.30 7.19 -5.42
CA SER A 561 -9.28 6.33 -5.99
C SER A 561 -8.94 6.75 -7.41
N ILE A 562 -7.74 6.38 -7.83
CA ILE A 562 -7.10 7.05 -8.96
C ILE A 562 -7.98 7.01 -10.21
N CYS A 563 -8.52 5.84 -10.57
CA CYS A 563 -9.21 5.77 -11.84
C CYS A 563 -10.54 6.49 -11.83
N SER A 564 -10.76 7.41 -10.88
CA SER A 564 -11.88 8.34 -11.02
C SER A 564 -11.37 9.71 -11.43
N THR A 565 -10.36 10.20 -10.72
CA THR A 565 -9.76 11.45 -11.13
C THR A 565 -9.15 11.28 -12.51
N MET A 566 -8.30 10.29 -12.67
CA MET A 566 -7.60 10.09 -13.93
C MET A 566 -8.55 10.05 -15.13
N THR A 567 -9.84 10.33 -14.96
CA THR A 567 -10.72 10.57 -16.10
C THR A 567 -11.59 11.81 -15.90
N ASN A 568 -11.97 12.14 -14.67
CA ASN A 568 -12.70 13.39 -14.50
C ASN A 568 -11.83 14.57 -14.86
N ARG A 569 -10.52 14.41 -14.72
CA ARG A 569 -9.60 15.40 -15.21
C ARG A 569 -9.84 15.58 -16.69
N GLN A 570 -9.42 14.60 -17.48
CA GLN A 570 -9.49 14.75 -18.93
C GLN A 570 -10.85 15.19 -19.38
N PHE A 571 -11.88 14.87 -18.65
CA PHE A 571 -13.16 15.38 -19.05
C PHE A 571 -13.31 16.87 -18.80
N HIS A 572 -13.13 17.35 -17.57
CA HIS A 572 -13.54 18.70 -17.20
C HIS A 572 -12.43 19.74 -17.25
N GLN A 573 -11.18 19.30 -17.38
CA GLN A 573 -10.04 20.18 -17.13
C GLN A 573 -10.18 21.52 -17.83
N LYS A 574 -10.68 21.54 -19.05
CA LYS A 574 -10.61 22.78 -19.79
C LYS A 574 -11.57 23.81 -19.23
N LEU A 575 -12.79 23.41 -18.93
CA LEU A 575 -13.70 24.37 -18.33
C LEU A 575 -13.18 24.78 -16.97
N LEU A 576 -12.67 23.82 -16.21
CA LEU A 576 -12.15 24.20 -14.91
C LEU A 576 -11.08 25.27 -15.03
N LYS A 577 -10.02 25.03 -15.80
CA LYS A 577 -8.96 26.00 -15.97
C LYS A 577 -9.34 27.16 -16.87
N SER A 578 -10.57 27.25 -17.30
CA SER A 578 -11.00 28.49 -17.90
C SER A 578 -11.95 29.26 -17.03
N ILE A 579 -12.31 28.73 -15.88
CA ILE A 579 -12.90 29.54 -14.82
C ILE A 579 -11.83 30.16 -13.94
N ALA A 580 -10.82 29.37 -13.61
CA ALA A 580 -9.72 29.84 -12.79
C ALA A 580 -8.76 30.67 -13.59
N ALA A 581 -9.28 31.50 -14.50
CA ALA A 581 -8.43 32.41 -15.26
C ALA A 581 -9.24 33.50 -15.93
N THR A 582 -10.37 33.88 -15.37
CA THR A 582 -11.17 34.99 -15.87
C THR A 582 -11.40 35.93 -14.70
N ARG A 583 -11.29 37.23 -14.94
CA ARG A 583 -11.45 38.22 -13.90
C ARG A 583 -12.68 39.05 -14.17
N GLY A 584 -13.45 39.32 -13.14
CA GLY A 584 -14.54 40.25 -13.25
C GLY A 584 -15.91 39.64 -13.45
N ALA A 585 -16.08 38.38 -13.06
CA ALA A 585 -17.34 37.69 -13.29
C ALA A 585 -18.06 37.54 -11.95
N THR A 586 -18.91 36.52 -11.86
CA THR A 586 -19.57 36.19 -10.61
C THR A 586 -18.74 35.26 -9.74
N VAL A 587 -18.42 34.07 -10.20
CA VAL A 587 -17.51 33.21 -9.46
C VAL A 587 -16.18 33.93 -9.36
N VAL A 588 -15.53 33.82 -8.21
CA VAL A 588 -14.20 34.35 -8.02
C VAL A 588 -13.21 33.28 -7.56
N ILE A 589 -13.23 32.11 -8.18
CA ILE A 589 -12.14 31.19 -7.91
C ILE A 589 -10.94 31.68 -8.70
N GLY A 590 -9.77 31.64 -8.12
CA GLY A 590 -8.58 31.96 -8.87
C GLY A 590 -8.25 33.42 -9.00
N THR A 591 -8.78 34.25 -8.12
CA THR A 591 -8.49 35.67 -8.12
C THR A 591 -7.78 36.04 -6.84
N SER A 592 -6.49 36.31 -6.94
CA SER A 592 -5.68 36.56 -5.76
C SER A 592 -6.16 37.80 -5.03
N LYS A 593 -5.86 37.90 -3.74
CA LYS A 593 -6.19 39.10 -3.02
C LYS A 593 -5.02 40.02 -2.84
N PHE A 594 -3.82 39.58 -3.16
CA PHE A 594 -2.62 40.37 -3.04
C PHE A 594 -2.62 41.44 -4.11
N TYR A 595 -1.58 42.25 -4.15
CA TYR A 595 -1.42 43.29 -5.15
C TYR A 595 -2.73 43.94 -5.53
N GLY A 596 -3.57 44.19 -4.55
CA GLY A 596 -4.80 44.92 -4.83
C GLY A 596 -5.73 44.12 -5.70
N GLY A 597 -5.94 42.86 -5.38
CA GLY A 597 -7.00 42.11 -6.00
C GLY A 597 -8.25 42.25 -5.17
N TRP A 598 -8.09 42.20 -3.85
CA TRP A 598 -9.25 42.26 -2.98
C TRP A 598 -10.04 43.52 -3.21
N HIS A 599 -9.36 44.63 -3.43
CA HIS A 599 -10.09 45.84 -3.70
C HIS A 599 -10.93 45.72 -4.95
N ASN A 600 -10.40 45.06 -5.97
CA ASN A 600 -11.11 44.99 -7.23
C ASN A 600 -12.29 44.06 -7.13
N MET A 601 -12.15 42.98 -6.39
CA MET A 601 -13.33 42.21 -6.07
C MET A 601 -14.40 43.10 -5.48
N LEU A 602 -14.14 43.63 -4.30
CA LEU A 602 -15.18 44.37 -3.62
C LEU A 602 -15.60 45.60 -4.35
N LYS A 603 -14.97 45.93 -5.45
CA LYS A 603 -15.49 47.04 -6.22
C LYS A 603 -16.22 46.60 -7.45
N THR A 604 -16.03 45.36 -7.89
CA THR A 604 -16.95 44.85 -8.87
C THR A 604 -18.29 44.56 -8.26
N VAL A 605 -18.30 43.95 -7.08
CA VAL A 605 -19.59 43.60 -6.47
C VAL A 605 -20.48 44.82 -6.37
N TYR A 606 -19.97 45.91 -5.83
CA TYR A 606 -20.81 47.07 -5.64
C TYR A 606 -21.15 47.71 -6.95
N SER A 607 -21.35 46.91 -8.00
CA SER A 607 -21.29 47.41 -9.36
C SER A 607 -21.97 48.74 -9.55
N ASP A 608 -23.25 48.81 -9.23
CA ASP A 608 -23.92 50.10 -9.23
C ASP A 608 -25.18 50.11 -8.39
N VAL A 609 -25.66 48.95 -7.94
CA VAL A 609 -26.96 48.79 -7.30
C VAL A 609 -27.31 49.98 -6.43
N GLU A 610 -28.53 50.47 -6.56
CA GLU A 610 -28.86 51.83 -6.15
C GLU A 610 -28.80 52.13 -4.64
N ASN A 611 -29.29 51.27 -3.77
CA ASN A 611 -29.16 51.58 -2.35
C ASN A 611 -28.63 50.40 -1.58
N PRO A 612 -27.38 50.05 -1.78
CA PRO A 612 -26.93 48.70 -1.44
C PRO A 612 -26.99 48.39 0.04
N HIS A 613 -26.69 47.15 0.36
CA HIS A 613 -26.33 46.67 1.66
C HIS A 613 -25.35 45.54 1.42
N LEU A 614 -25.26 44.63 2.35
CA LEU A 614 -24.57 43.39 2.06
C LEU A 614 -25.34 42.29 2.72
N MET A 615 -24.80 41.07 2.69
CA MET A 615 -25.63 39.97 3.12
C MET A 615 -24.97 38.61 3.02
N GLY A 616 -23.96 38.30 3.81
CA GLY A 616 -23.47 36.95 3.85
C GLY A 616 -24.53 35.98 4.29
N TRP A 617 -24.15 34.72 4.39
CA TRP A 617 -25.01 33.67 4.92
C TRP A 617 -24.21 32.38 4.95
N ASP A 618 -24.78 31.35 5.56
CA ASP A 618 -24.04 30.09 5.59
C ASP A 618 -24.97 28.91 5.72
N TYR A 619 -24.60 27.81 5.07
CA TYR A 619 -25.36 26.58 5.13
C TYR A 619 -24.80 25.69 6.24
N PRO A 620 -25.64 25.23 7.15
CA PRO A 620 -25.15 24.39 8.23
C PRO A 620 -25.09 22.94 7.78
N LYS A 621 -23.91 22.35 7.90
CA LYS A 621 -23.64 21.03 7.35
C LYS A 621 -23.98 21.02 5.85
N CYS A 622 -23.02 21.43 5.05
CA CYS A 622 -23.34 21.74 3.67
C CYS A 622 -23.12 20.53 2.78
N ASP A 623 -22.09 19.74 3.04
CA ASP A 623 -21.72 18.69 2.13
C ASP A 623 -22.34 17.35 2.48
N ARG A 624 -23.04 17.26 3.59
CA ARG A 624 -23.75 16.06 3.91
C ARG A 624 -25.24 16.22 3.80
N ALA A 625 -25.77 17.42 3.93
CA ALA A 625 -27.20 17.62 3.85
C ALA A 625 -27.66 17.92 2.44
N MET A 626 -26.76 17.96 1.47
CA MET A 626 -27.14 18.33 0.11
C MET A 626 -27.99 17.27 -0.55
N PRO A 627 -29.12 17.62 -1.13
CA PRO A 627 -29.95 16.62 -1.78
C PRO A 627 -29.20 16.04 -2.96
N ASN A 628 -29.81 15.09 -3.66
CA ASN A 628 -29.08 14.46 -4.76
C ASN A 628 -29.51 15.03 -6.09
N MET A 629 -30.75 15.47 -6.19
CA MET A 629 -31.17 16.18 -7.39
C MET A 629 -30.30 17.39 -7.66
N LEU A 630 -29.82 18.06 -6.61
CA LEU A 630 -29.04 19.26 -6.85
C LEU A 630 -27.61 18.91 -7.21
N ARG A 631 -27.09 17.80 -6.75
CA ARG A 631 -25.81 17.37 -7.27
C ARG A 631 -25.91 16.97 -8.73
N ILE A 632 -26.99 16.31 -9.13
CA ILE A 632 -27.14 16.01 -10.54
C ILE A 632 -27.18 17.29 -11.33
N MET A 633 -28.09 18.19 -10.99
CA MET A 633 -28.18 19.44 -11.72
C MET A 633 -26.83 20.13 -11.83
N ALA A 634 -26.02 20.06 -10.79
CA ALA A 634 -24.68 20.60 -10.91
C ALA A 634 -23.94 19.95 -12.05
N SER A 635 -23.95 18.63 -12.13
CA SER A 635 -23.16 18.04 -13.21
C SER A 635 -23.76 18.29 -14.58
N LEU A 636 -25.08 18.41 -14.67
CA LEU A 636 -25.71 18.70 -15.95
C LEU A 636 -25.49 20.13 -16.37
N VAL A 637 -24.98 20.97 -15.49
CA VAL A 637 -24.57 22.28 -15.98
C VAL A 637 -23.08 22.33 -16.25
N LEU A 638 -22.30 21.48 -15.59
CA LEU A 638 -20.88 21.43 -15.92
C LEU A 638 -20.59 20.60 -17.15
N ALA A 639 -21.57 19.90 -17.70
CA ALA A 639 -21.30 19.12 -18.90
C ALA A 639 -22.25 19.52 -20.01
N ARG A 640 -22.54 20.79 -20.08
CA ARG A 640 -23.40 21.32 -21.12
C ARG A 640 -22.60 21.96 -22.22
N LYS A 641 -21.28 21.92 -22.14
CA LYS A 641 -20.43 22.53 -23.14
C LYS A 641 -20.10 21.58 -24.28
N HIS A 642 -20.06 20.29 -24.03
CA HIS A 642 -19.74 19.34 -25.07
C HIS A 642 -20.83 19.20 -26.11
N THR A 643 -21.20 20.27 -26.79
CA THR A 643 -22.20 20.08 -27.83
C THR A 643 -21.59 19.39 -29.04
N THR A 644 -20.27 19.36 -29.12
CA THR A 644 -19.56 18.80 -30.26
C THR A 644 -18.56 17.73 -29.88
N CYS A 645 -17.83 17.91 -28.79
CA CYS A 645 -16.78 16.96 -28.47
C CYS A 645 -17.36 15.59 -28.21
N CYS A 646 -18.47 15.51 -27.48
CA CYS A 646 -19.12 14.25 -27.15
C CYS A 646 -20.52 14.21 -27.75
N SER A 647 -21.05 13.00 -27.92
CA SER A 647 -22.32 12.86 -28.61
C SER A 647 -23.50 13.04 -27.68
N LEU A 648 -24.14 11.92 -27.31
CA LEU A 648 -25.19 11.92 -26.31
C LEU A 648 -25.10 10.75 -25.36
N SER A 649 -25.32 9.53 -25.83
CA SER A 649 -25.11 8.41 -24.94
C SER A 649 -23.73 8.42 -24.34
N HIS A 650 -22.81 9.14 -24.96
CA HIS A 650 -21.53 9.41 -24.32
C HIS A 650 -21.70 10.31 -23.12
N ARG A 651 -22.49 11.35 -23.27
CA ARG A 651 -22.70 12.24 -22.14
C ARG A 651 -23.42 11.53 -21.02
N PHE A 652 -24.37 10.68 -21.37
CA PHE A 652 -25.04 9.97 -20.31
C PHE A 652 -24.14 8.99 -19.60
N TYR A 653 -23.40 8.15 -20.32
CA TYR A 653 -22.61 7.24 -19.52
C TYR A 653 -21.56 7.97 -18.72
N ARG A 654 -21.24 9.20 -19.11
CA ARG A 654 -20.33 9.96 -18.27
C ARG A 654 -21.00 10.44 -16.99
N LEU A 655 -22.16 11.06 -17.11
CA LEU A 655 -22.91 11.43 -15.92
C LEU A 655 -23.10 10.24 -14.99
N ALA A 656 -23.53 9.11 -15.52
CA ALA A 656 -23.76 7.95 -14.68
C ALA A 656 -22.47 7.46 -14.05
N ASN A 657 -21.34 7.67 -14.70
CA ASN A 657 -20.10 7.28 -14.05
C ASN A 657 -19.78 8.20 -12.90
N GLU A 658 -20.12 9.48 -13.03
CA GLU A 658 -19.95 10.37 -11.88
C GLU A 658 -20.84 9.94 -10.72
N CYS A 659 -22.13 9.82 -10.94
CA CYS A 659 -23.03 9.38 -9.87
C CYS A 659 -22.63 8.05 -9.27
N ALA A 660 -22.02 7.17 -10.02
CA ALA A 660 -21.59 5.92 -9.43
C ALA A 660 -20.31 6.07 -8.66
N GLN A 661 -19.59 7.16 -8.83
CA GLN A 661 -18.36 7.29 -8.08
C GLN A 661 -18.41 8.27 -6.92
N VAL A 662 -19.20 9.34 -6.99
CA VAL A 662 -19.16 10.36 -5.95
C VAL A 662 -20.54 10.89 -5.60
N LEU A 663 -21.50 10.00 -5.42
CA LEU A 663 -22.79 10.41 -4.89
C LEU A 663 -23.47 9.16 -4.38
N SER A 664 -22.81 8.03 -4.46
CA SER A 664 -23.41 6.82 -3.95
C SER A 664 -22.42 5.70 -3.78
N GLU A 665 -21.15 6.01 -3.67
CA GLU A 665 -20.14 4.97 -3.72
C GLU A 665 -20.12 4.14 -2.46
N MET A 666 -19.02 3.45 -2.19
CA MET A 666 -18.96 2.51 -1.08
C MET A 666 -17.85 2.93 -0.14
N VAL A 667 -18.09 4.00 0.60
CA VAL A 667 -17.15 4.52 1.59
C VAL A 667 -16.47 3.39 2.33
N MET A 668 -15.18 3.51 2.58
CA MET A 668 -14.48 2.45 3.28
C MET A 668 -14.01 2.88 4.64
N CYS A 669 -14.92 3.47 5.42
CA CYS A 669 -14.55 4.12 6.66
C CYS A 669 -14.14 3.10 7.72
N GLY A 670 -12.86 2.87 7.84
CA GLY A 670 -12.37 1.94 8.87
C GLY A 670 -11.58 0.79 8.23
N GLY A 671 -12.07 -0.42 8.41
CA GLY A 671 -11.60 -1.55 7.64
C GLY A 671 -12.79 -2.35 7.16
N SER A 672 -13.73 -1.68 6.49
CA SER A 672 -15.07 -2.20 6.43
C SER A 672 -15.98 -1.38 5.56
N LEU A 673 -16.29 -1.86 4.36
CA LEU A 673 -17.09 -1.09 3.43
C LEU A 673 -18.41 -0.70 4.03
N TYR A 674 -18.98 0.38 3.53
CA TYR A 674 -20.29 0.83 3.94
C TYR A 674 -21.06 1.19 2.71
N VAL A 675 -21.99 2.08 2.88
CA VAL A 675 -22.73 2.66 1.77
C VAL A 675 -23.00 4.11 2.12
N LYS A 676 -22.88 4.98 1.15
CA LYS A 676 -22.99 6.40 1.42
C LYS A 676 -24.25 6.87 0.73
N PRO A 677 -25.25 7.33 1.46
CA PRO A 677 -26.54 7.63 0.83
C PRO A 677 -26.47 8.67 -0.25
N GLY A 678 -25.94 9.85 0.02
CA GLY A 678 -25.89 10.88 -0.99
C GLY A 678 -24.99 12.01 -0.56
N GLY A 679 -25.25 13.19 -1.09
CA GLY A 679 -24.51 14.37 -0.71
C GLY A 679 -23.08 14.29 -1.16
N THR A 680 -22.53 15.46 -1.43
CA THR A 680 -21.21 15.60 -2.04
C THR A 680 -20.19 14.80 -1.26
N SER A 681 -19.22 14.24 -1.97
CA SER A 681 -17.99 13.80 -1.36
C SER A 681 -16.94 14.86 -1.62
N SER A 682 -16.37 15.42 -0.57
CA SER A 682 -15.56 16.61 -0.72
C SER A 682 -14.10 16.28 -0.97
N GLY A 683 -13.82 15.54 -2.02
CA GLY A 683 -12.45 15.22 -2.34
C GLY A 683 -12.36 14.68 -3.73
N ASP A 684 -13.37 14.96 -4.54
CA ASP A 684 -13.40 14.43 -5.89
C ASP A 684 -12.53 15.30 -6.77
N ALA A 685 -12.90 15.50 -8.02
CA ALA A 685 -12.13 16.37 -8.89
C ALA A 685 -12.95 17.49 -9.50
N THR A 686 -14.01 17.93 -8.82
CA THR A 686 -14.80 19.05 -9.29
C THR A 686 -15.67 19.62 -8.20
N THR A 687 -15.29 19.47 -6.94
CA THR A 687 -16.01 20.07 -5.84
C THR A 687 -16.15 21.57 -6.01
N ALA A 688 -15.04 22.28 -5.83
CA ALA A 688 -15.08 23.70 -5.57
C ALA A 688 -15.85 24.48 -6.62
N TYR A 689 -16.23 23.83 -7.71
CA TYR A 689 -17.12 24.42 -8.68
C TYR A 689 -18.51 23.85 -8.63
N ALA A 690 -18.65 22.56 -8.33
CA ALA A 690 -19.96 22.03 -8.08
C ALA A 690 -20.66 22.78 -6.96
N ASN A 691 -19.94 23.07 -5.89
CA ASN A 691 -20.55 23.82 -4.80
C ASN A 691 -20.95 25.19 -5.25
N SER A 692 -20.17 25.80 -6.13
CA SER A 692 -20.48 27.16 -6.54
C SER A 692 -21.74 27.18 -7.37
N VAL A 693 -21.93 26.20 -8.23
CA VAL A 693 -23.14 26.24 -9.05
C VAL A 693 -24.35 25.85 -8.23
N PHE A 694 -24.20 24.95 -7.27
CA PHE A 694 -25.30 24.70 -6.35
C PHE A 694 -25.67 25.96 -5.59
N ASN A 695 -24.66 26.74 -5.22
CA ASN A 695 -24.90 27.97 -4.47
C ASN A 695 -25.68 28.97 -5.29
N ILE A 696 -25.31 29.14 -6.55
CA ILE A 696 -26.09 30.03 -7.40
C ILE A 696 -27.49 29.49 -7.57
N CYS A 697 -27.65 28.18 -7.56
CA CYS A 697 -28.98 27.62 -7.62
C CYS A 697 -29.83 28.11 -6.47
N GLN A 698 -29.36 27.97 -5.25
CA GLN A 698 -30.14 28.43 -4.11
C GLN A 698 -30.45 29.92 -4.20
N ALA A 699 -29.49 30.73 -4.63
CA ALA A 699 -29.76 32.16 -4.70
C ALA A 699 -30.88 32.46 -5.70
N VAL A 700 -30.85 31.83 -6.87
CA VAL A 700 -31.93 32.14 -7.81
C VAL A 700 -33.26 31.67 -7.28
N THR A 701 -33.34 30.46 -6.73
CA THR A 701 -34.66 30.01 -6.40
C THR A 701 -35.22 30.80 -5.24
N ALA A 702 -34.37 31.32 -4.36
CA ALA A 702 -34.87 32.25 -3.36
C ALA A 702 -35.45 33.48 -4.02
N ASN A 703 -34.88 33.89 -5.15
CA ASN A 703 -35.46 35.04 -5.85
C ASN A 703 -36.81 34.73 -6.46
N VAL A 704 -36.99 33.53 -7.01
CA VAL A 704 -38.28 33.25 -7.66
C VAL A 704 -39.37 33.10 -6.61
N ASN A 705 -39.08 32.40 -5.52
CA ASN A 705 -40.04 32.41 -4.43
C ASN A 705 -40.35 33.82 -3.99
N ALA A 706 -39.33 34.64 -3.78
CA ALA A 706 -39.56 35.97 -3.25
C ALA A 706 -40.33 36.84 -4.21
N LEU A 707 -40.34 36.49 -5.48
CA LEU A 707 -41.00 37.34 -6.44
C LEU A 707 -42.40 36.89 -6.75
N LEU A 708 -42.66 35.59 -6.74
CA LEU A 708 -44.03 35.15 -6.92
C LEU A 708 -44.82 35.51 -5.70
N SER A 709 -44.37 35.01 -4.56
CA SER A 709 -45.15 35.07 -3.33
C SER A 709 -45.32 36.49 -2.87
N THR A 710 -45.97 37.32 -3.66
CA THR A 710 -46.17 38.72 -3.31
C THR A 710 -47.53 39.14 -3.80
N ASP A 711 -48.26 39.86 -2.97
CA ASP A 711 -49.59 40.30 -3.32
C ASP A 711 -49.52 41.29 -4.47
N GLY A 712 -49.49 40.80 -5.71
CA GLY A 712 -49.20 41.66 -6.84
C GLY A 712 -50.21 42.76 -7.09
N ASN A 713 -51.13 43.01 -6.17
CA ASN A 713 -52.05 44.11 -6.38
C ASN A 713 -51.55 45.38 -5.73
N LYS A 714 -50.60 45.25 -4.81
CA LYS A 714 -50.03 46.41 -4.14
C LYS A 714 -48.70 46.85 -4.73
N ILE A 715 -48.08 46.01 -5.56
CA ILE A 715 -46.83 46.39 -6.22
C ILE A 715 -47.06 47.67 -7.01
N ALA A 716 -46.10 48.58 -6.91
CA ALA A 716 -46.34 49.94 -7.38
C ALA A 716 -45.87 50.16 -8.81
N ASP A 717 -44.79 49.50 -9.21
CA ASP A 717 -44.22 49.79 -10.51
C ASP A 717 -45.13 49.29 -11.60
N LYS A 718 -44.58 49.24 -12.80
CA LYS A 718 -45.27 48.62 -13.91
C LYS A 718 -44.34 47.80 -14.75
N TYR A 719 -43.18 47.49 -14.22
CA TYR A 719 -42.30 46.61 -14.94
C TYR A 719 -42.05 45.34 -14.15
N VAL A 720 -42.03 45.42 -12.82
CA VAL A 720 -41.90 44.20 -12.05
C VAL A 720 -43.24 43.52 -11.89
N ARG A 721 -44.32 44.27 -12.05
CA ARG A 721 -45.63 43.66 -12.21
C ARG A 721 -45.65 42.70 -13.38
N ASN A 722 -45.28 43.16 -14.57
CA ASN A 722 -45.24 42.26 -15.72
C ASN A 722 -44.15 41.24 -15.60
N LEU A 723 -43.07 41.57 -14.91
CA LEU A 723 -42.08 40.54 -14.67
C LEU A 723 -42.68 39.38 -13.91
N GLN A 724 -43.50 39.65 -12.89
CA GLN A 724 -44.05 38.52 -12.14
C GLN A 724 -45.12 37.80 -12.95
N HIS A 725 -45.93 38.56 -13.70
CA HIS A 725 -46.90 37.91 -14.55
C HIS A 725 -46.25 36.90 -15.46
N ARG A 726 -45.32 37.34 -16.28
CA ARG A 726 -44.71 36.40 -17.19
C ARG A 726 -43.84 35.41 -16.47
N LEU A 727 -43.42 35.68 -15.25
CA LEU A 727 -42.67 34.68 -14.53
C LEU A 727 -43.56 33.50 -14.24
N TYR A 728 -44.80 33.76 -13.86
CA TYR A 728 -45.72 32.66 -13.63
C TYR A 728 -46.03 31.92 -14.92
N GLU A 729 -46.45 32.65 -15.95
CA GLU A 729 -46.67 32.01 -17.24
C GLU A 729 -45.52 31.08 -17.55
N CYS A 730 -44.37 31.64 -17.87
CA CYS A 730 -43.24 30.80 -18.25
C CYS A 730 -42.85 29.81 -17.19
N LEU A 731 -43.34 29.91 -15.97
CA LEU A 731 -42.89 28.95 -14.99
C LEU A 731 -43.75 27.70 -15.01
N TYR A 732 -45.06 27.86 -14.85
CA TYR A 732 -45.97 26.72 -14.74
C TYR A 732 -46.70 26.44 -16.04
N ARG A 733 -47.34 27.44 -16.64
CA ARG A 733 -48.05 27.25 -17.89
C ARG A 733 -47.13 27.06 -19.09
N ASN A 734 -45.96 26.44 -18.96
CA ASN A 734 -45.10 26.23 -20.12
C ASN A 734 -44.20 25.02 -19.94
N ARG A 735 -43.73 24.49 -21.05
CA ARG A 735 -43.08 23.19 -21.09
C ARG A 735 -41.70 23.27 -21.71
N ASP A 736 -41.47 24.30 -22.53
CA ASP A 736 -40.24 24.48 -23.28
C ASP A 736 -39.69 25.87 -23.04
N VAL A 737 -38.44 26.08 -23.47
CA VAL A 737 -37.68 27.24 -23.05
C VAL A 737 -38.30 28.53 -23.58
N ASP A 738 -37.65 29.66 -23.29
CA ASP A 738 -38.13 30.98 -23.69
C ASP A 738 -37.00 32.01 -23.62
N THR A 739 -35.86 31.72 -24.24
CA THR A 739 -34.62 32.39 -23.86
C THR A 739 -34.73 33.91 -23.93
N ASP A 740 -35.69 34.43 -24.68
CA ASP A 740 -36.07 35.84 -24.52
C ASP A 740 -36.24 36.18 -23.04
N PHE A 741 -37.14 35.50 -22.37
CA PHE A 741 -37.45 35.93 -21.04
C PHE A 741 -36.40 35.48 -20.05
N VAL A 742 -35.70 34.40 -20.31
CA VAL A 742 -34.59 34.11 -19.43
C VAL A 742 -33.62 35.28 -19.44
N ASN A 743 -33.39 35.88 -20.60
CA ASN A 743 -32.46 37.00 -20.63
C ASN A 743 -33.02 38.21 -19.91
N GLU A 744 -34.29 38.50 -20.12
CA GLU A 744 -34.88 39.64 -19.42
C GLU A 744 -34.75 39.49 -17.91
N PHE A 745 -35.00 38.28 -17.41
CA PHE A 745 -34.84 38.08 -15.98
C PHE A 745 -33.41 38.27 -15.58
N TYR A 746 -32.50 37.45 -16.09
CA TYR A 746 -31.10 37.55 -15.66
C TYR A 746 -30.57 38.97 -15.72
N ALA A 747 -31.08 39.80 -16.62
CA ALA A 747 -30.69 41.20 -16.59
C ALA A 747 -31.20 41.88 -15.35
N TYR A 748 -32.50 41.77 -15.07
CA TYR A 748 -33.01 42.34 -13.83
C TYR A 748 -32.23 41.83 -12.63
N LEU A 749 -32.04 40.54 -12.58
CA LEU A 749 -31.43 39.93 -11.42
C LEU A 749 -30.01 40.39 -11.21
N ARG A 750 -29.30 40.74 -12.27
CA ARG A 750 -27.97 41.27 -12.00
C ARG A 750 -27.94 42.77 -11.88
N LYS A 751 -29.04 43.44 -12.10
CA LYS A 751 -29.09 44.83 -11.74
C LYS A 751 -29.57 45.08 -10.32
N HIS A 752 -30.24 44.13 -9.69
CA HIS A 752 -30.64 44.32 -8.31
C HIS A 752 -30.24 43.17 -7.42
N PHE A 753 -29.03 42.67 -7.55
CA PHE A 753 -28.64 41.57 -6.69
C PHE A 753 -27.28 41.04 -7.06
N SER A 754 -26.31 41.91 -7.21
CA SER A 754 -24.99 41.44 -7.59
C SER A 754 -24.53 40.39 -6.60
N MET A 755 -23.66 39.50 -7.02
CA MET A 755 -23.21 38.46 -6.14
C MET A 755 -21.71 38.28 -6.28
N MET A 756 -21.19 37.28 -5.60
CA MET A 756 -19.78 36.97 -5.67
C MET A 756 -19.55 35.73 -4.84
N ILE A 757 -18.99 34.70 -5.44
CA ILE A 757 -19.21 33.36 -4.95
C ILE A 757 -17.92 32.58 -5.02
N LEU A 758 -17.31 32.34 -3.90
CA LEU A 758 -16.25 31.37 -3.90
C LEU A 758 -16.91 30.02 -3.81
N SER A 759 -16.27 29.08 -3.11
CA SER A 759 -16.77 27.71 -3.14
C SER A 759 -17.97 27.52 -2.23
N ASP A 760 -18.54 28.62 -1.75
CA ASP A 760 -19.85 28.72 -1.12
C ASP A 760 -19.91 29.86 -0.11
N ASP A 761 -18.80 30.57 0.12
CA ASP A 761 -18.84 31.71 1.00
C ASP A 761 -19.20 32.91 0.16
N ALA A 762 -20.45 33.31 0.20
CA ALA A 762 -21.00 34.28 -0.73
C ALA A 762 -21.09 35.65 -0.10
N VAL A 763 -21.37 36.63 -0.94
CA VAL A 763 -21.62 38.01 -0.56
C VAL A 763 -22.55 38.58 -1.59
N VAL A 764 -23.48 39.44 -1.20
CA VAL A 764 -24.61 39.72 -2.07
C VAL A 764 -25.09 41.14 -1.89
N CYS A 765 -24.55 42.03 -2.67
CA CYS A 765 -24.82 43.44 -2.45
C CYS A 765 -26.17 43.79 -3.06
N PHE A 766 -27.24 43.39 -2.39
CA PHE A 766 -28.57 43.59 -2.94
C PHE A 766 -28.99 45.04 -2.85
N ASN A 767 -29.65 45.53 -3.88
CA ASN A 767 -30.46 46.71 -3.68
C ASN A 767 -31.34 46.50 -2.48
N SER A 768 -31.80 47.56 -1.86
CA SER A 768 -32.51 47.44 -0.59
C SER A 768 -33.98 47.80 -0.67
N THR A 769 -34.30 49.03 -1.03
CA THR A 769 -35.70 49.45 -0.98
C THR A 769 -36.61 48.59 -1.84
N TYR A 770 -36.06 47.61 -2.54
CA TYR A 770 -36.86 46.51 -3.05
C TYR A 770 -36.98 45.46 -1.98
N ALA A 771 -35.87 44.81 -1.66
CA ALA A 771 -35.87 43.75 -0.67
C ALA A 771 -36.53 44.14 0.63
N SER A 772 -37.08 45.35 0.69
CA SER A 772 -37.90 45.72 1.82
C SER A 772 -39.38 45.74 1.45
N GLN A 773 -39.69 45.61 0.16
CA GLN A 773 -41.04 45.28 -0.25
C GLN A 773 -41.07 43.94 -0.94
N GLY A 774 -40.13 43.07 -0.63
CA GLY A 774 -40.13 41.71 -1.07
C GLY A 774 -40.14 41.53 -2.57
N LEU A 775 -39.41 42.36 -3.28
CA LEU A 775 -39.22 42.20 -4.71
C LEU A 775 -37.95 41.46 -5.06
N VAL A 776 -37.15 41.11 -4.08
CA VAL A 776 -35.98 40.27 -4.28
C VAL A 776 -35.80 39.49 -3.01
N ALA A 777 -34.71 38.76 -2.89
CA ALA A 777 -34.53 37.92 -1.72
C ALA A 777 -34.47 38.75 -0.46
N SER A 778 -34.27 38.08 0.66
CA SER A 778 -33.93 38.78 1.88
C SER A 778 -33.09 37.84 2.69
N ILE A 779 -33.59 37.37 3.83
CA ILE A 779 -32.88 36.25 4.42
C ILE A 779 -33.90 35.35 5.12
N LYS A 780 -35.08 35.88 5.38
CA LYS A 780 -36.15 34.96 5.68
C LYS A 780 -36.39 34.06 4.50
N ASN A 781 -36.04 34.50 3.28
CA ASN A 781 -36.28 33.68 2.11
C ASN A 781 -35.26 32.59 1.97
N PHE A 782 -34.01 32.88 2.25
CA PHE A 782 -33.08 31.77 2.29
C PHE A 782 -33.42 30.83 3.42
N LYS A 783 -34.03 31.33 4.49
CA LYS A 783 -34.47 30.42 5.54
C LYS A 783 -35.50 29.44 5.03
N SER A 784 -36.57 29.97 4.44
CA SER A 784 -37.59 29.13 3.85
C SER A 784 -37.00 28.08 2.94
N VAL A 785 -36.21 28.51 1.95
CA VAL A 785 -35.77 27.59 0.92
C VAL A 785 -34.88 26.52 1.50
N LEU A 786 -33.88 26.90 2.28
CA LEU A 786 -33.07 25.89 2.89
C LEU A 786 -33.92 24.89 3.63
N TYR A 787 -34.93 25.39 4.34
CA TYR A 787 -35.81 24.48 5.07
C TYR A 787 -36.39 23.42 4.18
N TYR A 788 -37.22 23.81 3.23
CA TYR A 788 -38.02 22.83 2.52
C TYR A 788 -37.30 22.15 1.39
N GLN A 789 -36.11 22.57 1.00
CA GLN A 789 -35.50 21.97 -0.17
C GLN A 789 -34.13 21.43 0.16
N ASN A 790 -33.68 21.61 1.38
CA ASN A 790 -32.37 21.08 1.74
C ASN A 790 -32.49 20.42 3.09
N ASN A 791 -33.59 20.67 3.79
CA ASN A 791 -33.86 20.09 5.10
C ASN A 791 -32.78 20.43 6.11
N VAL A 792 -32.57 21.71 6.37
CA VAL A 792 -31.83 22.13 7.54
C VAL A 792 -32.41 23.44 7.98
N PHE A 793 -32.16 23.84 9.21
CA PHE A 793 -32.67 25.12 9.69
C PHE A 793 -31.51 26.09 9.72
N MET A 794 -31.59 27.16 8.93
CA MET A 794 -30.53 28.16 8.88
C MET A 794 -30.76 29.17 9.99
N SER A 795 -30.08 28.94 11.10
CA SER A 795 -30.30 29.75 12.28
C SER A 795 -29.86 31.17 12.03
N GLU A 796 -30.81 32.11 12.11
CA GLU A 796 -30.52 33.48 11.78
C GLU A 796 -29.56 34.09 12.79
N ALA A 797 -28.44 33.44 13.01
CA ALA A 797 -27.41 33.98 13.89
C ALA A 797 -26.02 33.67 13.38
N LYS A 798 -25.88 33.36 12.10
CA LYS A 798 -24.60 33.31 11.41
C LYS A 798 -24.70 34.01 10.06
N CYS A 799 -25.68 34.91 9.92
CA CYS A 799 -25.97 35.58 8.67
C CYS A 799 -26.01 37.08 8.96
N TRP A 800 -25.01 37.81 8.50
CA TRP A 800 -24.89 39.20 8.89
C TRP A 800 -25.57 40.11 7.90
N THR A 801 -25.33 41.41 8.01
CA THR A 801 -25.89 42.40 7.10
C THR A 801 -25.29 43.76 7.37
N GLU A 802 -24.14 44.07 6.79
CA GLU A 802 -23.59 45.41 6.88
C GLU A 802 -24.60 46.34 6.25
N THR A 803 -25.00 47.35 6.98
CA THR A 803 -25.81 48.36 6.32
C THR A 803 -24.97 49.43 5.72
N ASP A 804 -23.66 49.31 5.84
CA ASP A 804 -22.73 50.32 5.40
C ASP A 804 -21.74 49.70 4.43
N LEU A 805 -21.10 50.56 3.66
CA LEU A 805 -20.24 50.08 2.61
C LEU A 805 -18.84 50.64 2.68
N THR A 806 -18.68 51.84 3.16
CA THR A 806 -17.35 52.30 3.44
C THR A 806 -16.57 51.33 4.28
N LYS A 807 -17.20 50.55 5.15
CA LYS A 807 -16.62 49.32 5.65
C LYS A 807 -17.13 48.20 4.77
N GLY A 808 -16.30 47.22 4.52
CA GLY A 808 -16.69 46.20 3.58
C GLY A 808 -17.52 45.12 4.22
N PRO A 809 -17.41 43.92 3.71
CA PRO A 809 -18.18 42.82 4.24
C PRO A 809 -17.61 42.31 5.54
N HIS A 810 -18.47 42.22 6.55
CA HIS A 810 -18.10 41.71 7.86
C HIS A 810 -17.22 40.47 7.79
N GLU A 811 -17.31 39.66 6.75
CA GLU A 811 -16.45 38.49 6.65
C GLU A 811 -16.71 37.69 5.39
N PHE A 812 -15.66 37.42 4.62
CA PHE A 812 -15.76 36.62 3.41
C PHE A 812 -14.45 35.88 3.32
N CYS A 813 -14.50 34.58 3.11
CA CYS A 813 -13.31 33.74 3.17
C CYS A 813 -12.61 33.88 4.51
N SER A 814 -13.37 34.28 5.52
CA SER A 814 -12.88 34.41 6.88
C SER A 814 -11.78 35.45 6.96
N GLN A 815 -12.14 36.70 6.73
CA GLN A 815 -11.20 37.82 6.72
C GLN A 815 -12.00 39.11 6.68
N HIS A 816 -11.87 39.92 7.70
CA HIS A 816 -12.60 41.16 7.71
C HIS A 816 -11.94 42.12 6.74
N THR A 817 -12.38 43.36 6.68
CA THR A 817 -11.96 44.22 5.61
C THR A 817 -11.94 45.67 6.03
N MET A 818 -10.77 46.28 5.98
CA MET A 818 -10.57 47.63 6.47
C MET A 818 -10.26 48.55 5.32
N LEU A 819 -10.89 49.70 5.30
CA LEU A 819 -10.69 50.67 4.22
C LEU A 819 -9.54 51.58 4.61
N VAL A 820 -8.32 51.10 4.47
CA VAL A 820 -7.19 51.92 4.86
C VAL A 820 -6.96 52.95 3.79
N LYS A 821 -6.09 53.90 4.08
CA LYS A 821 -5.81 55.02 3.19
C LYS A 821 -4.31 54.99 2.96
N GLN A 822 -3.91 54.33 1.90
CA GLN A 822 -2.50 54.15 1.63
C GLN A 822 -2.15 54.82 0.31
N GLY A 823 -0.87 55.16 0.17
CA GLY A 823 -0.43 56.03 -0.90
C GLY A 823 -1.02 57.40 -0.67
N ASP A 824 -2.09 57.71 -1.40
CA ASP A 824 -2.94 58.83 -1.07
C ASP A 824 -4.40 58.50 -1.28
N ASP A 825 -4.74 57.25 -1.51
CA ASP A 825 -6.04 56.80 -1.92
C ASP A 825 -6.48 55.65 -1.00
N TYR A 826 -7.67 55.11 -1.24
CA TYR A 826 -8.29 54.24 -0.28
C TYR A 826 -8.50 52.87 -0.87
N VAL A 827 -8.07 51.86 -0.14
CA VAL A 827 -8.09 50.50 -0.59
C VAL A 827 -8.76 49.67 0.48
N TYR A 828 -9.01 48.40 0.19
CA TYR A 828 -9.57 47.49 1.16
C TYR A 828 -8.62 46.36 1.45
N LEU A 829 -7.68 46.57 2.31
CA LEU A 829 -6.84 45.47 2.73
C LEU A 829 -7.69 44.48 3.48
N PRO A 830 -7.30 43.26 3.50
CA PRO A 830 -8.07 42.26 4.22
C PRO A 830 -7.31 41.62 5.36
N TYR A 831 -7.70 41.82 6.60
CA TYR A 831 -6.88 41.29 7.69
C TYR A 831 -7.52 40.02 8.23
N PRO A 832 -6.80 39.21 8.97
CA PRO A 832 -7.31 37.90 9.37
C PRO A 832 -8.01 37.93 10.72
N ASP A 833 -7.37 37.29 11.69
CA ASP A 833 -7.94 37.15 13.01
C ASP A 833 -6.80 36.99 14.00
N PRO A 834 -6.47 37.98 14.77
CA PRO A 834 -5.23 37.98 15.53
C PRO A 834 -4.96 36.68 16.25
N SER A 835 -6.01 36.12 16.85
CA SER A 835 -5.86 34.85 17.52
C SER A 835 -5.43 33.78 16.56
N ARG A 836 -5.91 33.85 15.32
CA ARG A 836 -5.53 32.83 14.36
C ARG A 836 -4.04 32.85 14.10
N ILE A 837 -3.51 34.03 13.83
CA ILE A 837 -2.10 34.15 13.50
C ILE A 837 -1.24 33.76 14.69
N LEU A 838 -1.58 34.26 15.87
CA LEU A 838 -0.84 33.87 17.06
C LEU A 838 -0.85 32.37 17.24
N GLY A 839 -2.05 31.78 17.26
CA GLY A 839 -2.18 30.37 17.42
C GLY A 839 -1.29 29.64 16.45
N ALA A 840 -1.37 29.97 15.17
CA ALA A 840 -0.52 29.27 14.23
C ALA A 840 0.94 29.49 14.51
N GLY A 841 1.29 30.55 15.20
CA GLY A 841 2.67 30.70 15.60
C GLY A 841 3.06 29.67 16.63
N CYS A 842 2.22 29.47 17.65
CA CYS A 842 2.62 28.71 18.83
C CYS A 842 2.50 27.20 18.71
N PHE A 843 1.60 26.66 17.88
CA PHE A 843 1.28 25.24 17.89
C PHE A 843 1.61 24.61 16.55
N VAL A 844 2.49 23.64 16.53
CA VAL A 844 2.90 23.09 15.27
C VAL A 844 2.66 21.62 15.25
N ASP A 845 2.78 20.98 14.11
CA ASP A 845 2.69 19.54 14.08
C ASP A 845 4.11 19.15 13.77
N ASP A 846 4.63 18.08 14.36
CA ASP A 846 6.01 17.62 14.19
C ASP A 846 7.06 18.39 14.97
N ILE A 847 8.06 17.67 15.47
CA ILE A 847 9.15 18.34 16.16
C ILE A 847 10.24 18.65 15.18
N VAL A 848 10.03 19.68 14.41
CA VAL A 848 10.99 20.10 13.45
C VAL A 848 10.28 21.38 13.09
N LYS A 849 8.95 21.40 13.22
CA LYS A 849 8.24 22.65 13.00
C LYS A 849 8.67 23.41 14.21
N THR A 850 8.25 23.04 15.46
CA THR A 850 9.01 23.61 16.59
C THR A 850 10.27 24.43 16.35
N ASP A 851 11.45 23.82 16.29
CA ASP A 851 12.71 24.59 16.17
C ASP A 851 12.55 25.60 15.10
N GLY A 852 12.87 26.85 15.40
CA GLY A 852 12.54 27.85 14.40
C GLY A 852 13.63 28.06 13.39
N THR A 853 14.87 28.15 13.87
CA THR A 853 16.02 28.43 13.00
C THR A 853 15.99 27.63 11.73
N LEU A 854 15.57 26.37 11.79
CA LEU A 854 15.53 25.53 10.61
C LEU A 854 14.49 26.05 9.62
N MET A 855 13.46 26.71 10.12
CA MET A 855 12.27 27.00 9.33
C MET A 855 11.94 28.48 9.39
N ILE A 856 12.94 29.32 9.15
CA ILE A 856 12.67 30.75 9.12
C ILE A 856 11.71 31.07 8.00
N GLU A 857 11.34 30.07 7.24
CA GLU A 857 10.50 30.31 6.07
C GLU A 857 9.03 30.30 6.42
N ARG A 858 8.68 29.89 7.63
CA ARG A 858 7.28 30.04 7.99
C ARG A 858 7.01 31.45 8.43
N PHE A 859 7.84 31.96 9.33
CA PHE A 859 7.56 33.25 9.93
C PHE A 859 7.49 34.34 8.89
N VAL A 860 8.18 34.16 7.77
CA VAL A 860 8.04 35.15 6.70
C VAL A 860 6.63 35.15 6.15
N SER A 861 6.09 33.97 5.84
CA SER A 861 4.75 33.94 5.30
C SER A 861 3.74 34.43 6.31
N LEU A 862 3.83 33.94 7.55
CA LEU A 862 2.90 34.37 8.56
C LEU A 862 2.95 35.88 8.71
N ALA A 863 4.12 36.48 8.57
CA ALA A 863 4.19 37.92 8.65
C ALA A 863 3.60 38.57 7.42
N ILE A 864 3.64 37.88 6.28
CA ILE A 864 3.04 38.43 5.07
C ILE A 864 1.53 38.49 5.21
N ASP A 865 0.96 37.53 5.93
CA ASP A 865 -0.48 37.50 6.20
C ASP A 865 -0.88 38.39 7.37
N ALA A 866 0.02 38.65 8.29
CA ALA A 866 -0.26 39.46 9.45
C ALA A 866 0.17 40.90 9.24
N TYR A 867 0.14 41.38 8.03
CA TYR A 867 0.56 42.75 7.86
C TYR A 867 -0.60 43.73 7.96
N PRO A 868 -1.68 43.56 7.30
CA PRO A 868 -2.66 44.63 7.28
C PRO A 868 -3.19 44.97 8.64
N LEU A 869 -2.77 44.24 9.66
CA LEU A 869 -3.09 44.56 11.04
C LEU A 869 -2.35 45.79 11.49
N THR A 870 -1.29 46.16 10.80
CA THR A 870 -0.53 47.30 11.24
C THR A 870 -1.30 48.59 11.07
N LYS A 871 -2.12 48.70 10.04
CA LYS A 871 -2.87 49.93 9.91
C LYS A 871 -4.08 49.98 10.81
N HIS A 872 -4.33 48.95 11.62
CA HIS A 872 -5.59 48.84 12.33
C HIS A 872 -5.69 49.92 13.41
N PRO A 873 -6.90 50.27 13.86
CA PRO A 873 -7.01 51.22 14.98
C PRO A 873 -6.67 50.62 16.32
N ASN A 874 -7.28 49.50 16.70
CA ASN A 874 -6.97 48.91 17.99
C ASN A 874 -5.49 48.67 18.13
N GLN A 875 -5.00 48.62 19.37
CA GLN A 875 -3.56 48.54 19.56
C GLN A 875 -3.02 47.13 19.36
N GLU A 876 -3.19 46.29 20.38
CA GLU A 876 -2.47 45.01 20.48
C GLU A 876 -2.39 44.28 19.15
N TYR A 877 -3.38 44.49 18.29
CA TYR A 877 -3.22 44.09 16.90
C TYR A 877 -1.86 44.47 16.35
N ALA A 878 -1.62 45.74 16.10
CA ALA A 878 -0.34 46.15 15.54
C ALA A 878 0.85 45.50 16.22
N ASP A 879 0.76 45.30 17.53
CA ASP A 879 1.87 44.66 18.18
C ASP A 879 2.04 43.23 17.71
N VAL A 880 1.00 42.59 17.19
CA VAL A 880 1.26 41.27 16.62
C VAL A 880 2.32 41.36 15.54
N PHE A 881 2.10 42.22 14.56
CA PHE A 881 3.06 42.38 13.48
C PHE A 881 4.44 42.62 14.05
N HIS A 882 4.60 43.69 14.82
CA HIS A 882 5.95 44.00 15.28
C HIS A 882 6.57 42.84 16.04
N LEU A 883 5.78 42.09 16.79
CA LEU A 883 6.33 40.89 17.39
C LEU A 883 6.90 40.00 16.33
N TYR A 884 6.20 39.83 15.22
CA TYR A 884 6.69 38.88 14.24
C TYR A 884 7.99 39.35 13.64
N LEU A 885 8.09 40.64 13.37
CA LEU A 885 9.33 41.15 12.79
C LEU A 885 10.49 40.98 13.75
N GLN A 886 10.34 41.41 14.99
CA GLN A 886 11.44 41.24 15.92
C GLN A 886 11.77 39.77 16.10
N TYR A 887 10.80 38.90 15.91
CA TYR A 887 11.10 37.50 16.10
C TYR A 887 11.94 36.96 14.97
N ILE A 888 11.67 37.38 13.74
CA ILE A 888 12.54 36.97 12.64
C ILE A 888 13.94 37.52 12.86
N ARG A 889 14.04 38.76 13.29
CA ARG A 889 15.37 39.30 13.51
C ARG A 889 16.12 38.46 14.52
N LYS A 890 15.48 38.14 15.63
CA LYS A 890 16.18 37.35 16.64
C LYS A 890 16.59 36.00 16.08
N LEU A 891 15.67 35.32 15.42
CA LEU A 891 15.99 34.03 14.83
C LEU A 891 17.25 34.10 13.99
N HIS A 892 17.29 35.04 13.05
CA HIS A 892 18.46 35.16 12.19
C HIS A 892 19.69 35.49 12.98
N ASP A 893 19.76 36.71 13.51
CA ASP A 893 21.03 37.14 14.05
C ASP A 893 21.51 36.26 15.18
N GLU A 894 20.68 35.34 15.65
CA GLU A 894 21.20 34.30 16.49
C GLU A 894 21.73 33.11 15.71
N LEU A 895 21.00 32.64 14.70
CA LEU A 895 21.49 31.53 13.89
C LEU A 895 22.84 31.85 13.30
N THR A 896 23.03 33.08 12.84
CA THR A 896 24.26 33.42 12.12
C THR A 896 25.48 33.25 13.00
N GLY A 897 25.52 33.96 14.13
CA GLY A 897 26.63 33.77 15.06
C GLY A 897 26.75 32.33 15.52
N HIS A 898 25.63 31.71 15.88
CA HIS A 898 25.63 30.31 16.27
C HIS A 898 26.36 29.46 15.24
N MET A 899 26.12 29.72 14.01
CA MET A 899 26.80 28.87 13.08
C MET A 899 28.10 29.35 12.80
N LEU A 900 28.42 30.57 13.22
CA LEU A 900 29.77 31.08 13.06
C LEU A 900 30.75 30.38 13.98
N ASP A 901 30.35 30.14 15.23
CA ASP A 901 31.29 29.57 16.18
C ASP A 901 31.72 28.17 15.73
N MET A 902 30.80 27.20 15.76
CA MET A 902 31.16 25.83 15.40
C MET A 902 31.84 25.78 14.04
N TYR A 903 31.50 26.70 13.14
CA TYR A 903 32.28 26.95 11.95
C TYR A 903 33.66 27.45 12.30
N SER A 904 34.12 28.35 11.46
CA SER A 904 34.91 29.47 11.88
C SER A 904 34.67 30.67 10.97
N VAL A 905 33.50 30.74 10.35
CA VAL A 905 32.99 31.93 9.67
C VAL A 905 31.48 31.78 9.63
N MET A 906 30.82 32.75 9.01
CA MET A 906 29.43 32.60 8.64
C MET A 906 29.05 33.77 7.74
N LEU A 907 27.78 34.19 7.83
CA LEU A 907 27.17 35.09 6.86
C LEU A 907 28.02 36.31 6.61
N THR A 908 28.25 36.58 5.32
CA THR A 908 29.03 37.73 4.87
C THR A 908 28.29 38.58 3.86
N ASN A 909 27.40 38.00 3.06
CA ASN A 909 26.62 38.75 2.09
C ASN A 909 25.14 38.64 2.42
N ASP A 910 24.52 39.79 2.67
CA ASP A 910 23.22 39.80 3.31
C ASP A 910 22.08 40.09 2.34
N ASN A 911 21.55 41.31 2.44
CA ASN A 911 20.17 41.63 2.05
C ASN A 911 19.22 40.50 2.38
N THR A 912 19.40 39.89 3.54
CA THR A 912 18.30 39.37 4.32
C THR A 912 17.67 40.46 5.15
N SER A 913 18.39 41.55 5.38
CA SER A 913 17.85 42.64 6.14
C SER A 913 16.55 43.17 5.58
N ARG A 914 16.10 42.66 4.45
CA ARG A 914 14.81 43.09 3.97
C ARG A 914 13.71 42.34 4.66
N TYR A 915 14.03 41.22 5.28
CA TYR A 915 13.00 40.40 5.91
C TYR A 915 12.49 41.04 7.17
N TRP A 916 13.31 41.80 7.85
CA TRP A 916 12.83 42.46 9.06
C TRP A 916 12.79 43.95 8.91
N GLU A 917 12.15 44.43 7.87
CA GLU A 917 11.63 45.79 7.88
C GLU A 917 10.41 45.81 6.98
N PRO A 918 9.44 46.66 7.25
CA PRO A 918 8.13 46.50 6.63
C PRO A 918 8.07 46.87 5.18
N GLU A 919 9.12 47.43 4.61
CA GLU A 919 8.98 47.91 3.24
C GLU A 919 9.06 46.76 2.26
N PHE A 920 9.54 45.61 2.71
CA PHE A 920 9.30 44.40 1.94
C PHE A 920 7.84 44.02 2.00
N TYR A 921 7.31 43.77 3.19
CA TYR A 921 5.96 43.22 3.31
C TYR A 921 4.94 44.18 2.75
N GLU A 922 5.31 45.43 2.51
CA GLU A 922 4.29 46.35 2.05
C GLU A 922 4.06 46.20 0.57
N ALA A 923 5.04 45.73 -0.17
CA ALA A 923 4.87 45.63 -1.61
C ALA A 923 3.65 44.83 -1.97
N MET A 924 3.32 43.83 -1.16
CA MET A 924 2.27 42.90 -1.53
C MET A 924 0.89 43.42 -1.24
N TYR A 925 0.66 44.71 -1.22
CA TYR A 925 -0.71 45.12 -1.07
C TYR A 925 -0.90 46.43 -1.81
N THR A 926 -0.01 46.72 -2.75
CA THR A 926 -0.12 47.86 -3.63
C THR A 926 -0.07 47.39 -5.06
N PRO A 927 -0.93 47.88 -5.88
CA PRO A 927 -1.17 47.24 -7.18
C PRO A 927 -0.04 47.42 -8.14
N HIS A 928 0.94 46.53 -8.16
CA HIS A 928 1.89 46.55 -9.25
C HIS A 928 2.74 45.30 -9.36
N THR A 929 2.15 44.23 -9.87
CA THR A 929 2.87 43.04 -10.32
C THR A 929 1.84 42.00 -10.73
N PHE B 6 38.58 18.33 -25.15
CA PHE B 6 38.96 19.57 -24.50
C PHE B 6 40.47 19.68 -24.37
N SER B 7 41.17 18.69 -24.90
CA SER B 7 42.63 18.69 -24.91
C SER B 7 43.16 17.67 -25.90
N SER B 8 42.34 17.30 -26.87
CA SER B 8 42.69 16.25 -27.82
C SER B 8 41.80 16.31 -29.05
N LEU B 9 41.52 17.52 -29.52
CA LEU B 9 40.64 17.69 -30.66
C LEU B 9 41.45 17.74 -31.95
N PRO B 10 40.80 17.69 -33.11
CA PRO B 10 41.56 17.71 -34.38
C PRO B 10 42.40 18.95 -34.61
N SER B 11 41.77 20.12 -34.71
CA SER B 11 42.49 21.34 -35.07
C SER B 11 43.49 21.77 -34.01
N TYR B 12 43.44 21.14 -32.83
CA TYR B 12 44.42 21.38 -31.80
C TYR B 12 45.84 21.29 -32.34
N ALA B 13 46.08 20.35 -33.26
CA ALA B 13 47.43 20.20 -33.80
C ALA B 13 47.83 21.41 -34.62
N ALA B 14 46.92 21.90 -35.48
CA ALA B 14 47.18 23.12 -36.24
C ALA B 14 47.53 24.26 -35.31
N PHE B 15 46.75 24.39 -34.24
CA PHE B 15 47.01 25.45 -33.27
C PHE B 15 48.38 25.28 -32.64
N ALA B 16 48.71 24.05 -32.27
CA ALA B 16 49.98 23.77 -31.62
C ALA B 16 51.15 24.14 -32.51
N THR B 17 51.14 23.67 -33.75
CA THR B 17 52.24 24.00 -34.65
C THR B 17 52.31 25.49 -34.93
N ALA B 18 51.17 26.11 -35.22
CA ALA B 18 51.20 27.52 -35.60
C ALA B 18 51.72 28.37 -34.47
N GLN B 19 51.31 28.10 -33.23
CA GLN B 19 51.74 28.99 -32.18
C GLN B 19 53.09 28.60 -31.59
N GLU B 20 53.48 27.33 -31.68
CA GLU B 20 54.88 27.00 -31.43
C GLU B 20 55.78 27.71 -32.43
N ALA B 21 55.31 27.85 -33.67
CA ALA B 21 56.05 28.59 -34.68
C ALA B 21 56.07 30.07 -34.36
N TYR B 22 54.95 30.60 -33.87
CA TYR B 22 54.91 31.99 -33.43
C TYR B 22 55.93 32.23 -32.33
N GLU B 23 56.07 31.28 -31.42
CA GLU B 23 57.06 31.45 -30.37
C GLU B 23 58.47 31.21 -30.89
N GLN B 24 58.64 30.38 -31.90
CA GLN B 24 59.94 30.27 -32.54
C GLN B 24 60.31 31.60 -33.20
N ALA B 25 59.32 32.29 -33.76
CA ALA B 25 59.55 33.59 -34.36
C ALA B 25 59.85 34.65 -33.30
N VAL B 26 59.25 34.53 -32.12
CA VAL B 26 59.61 35.39 -31.01
C VAL B 26 60.99 35.00 -30.48
N ALA B 27 61.39 33.76 -30.71
CA ALA B 27 62.73 33.32 -30.35
C ALA B 27 63.78 33.90 -31.28
N ASN B 28 63.47 33.98 -32.57
CA ASN B 28 64.33 34.73 -33.48
C ASN B 28 64.06 36.23 -33.38
N GLY B 29 62.80 36.63 -33.47
CA GLY B 29 62.46 38.04 -33.40
C GLY B 29 62.87 38.78 -34.65
N ASP B 30 62.23 38.47 -35.77
CA ASP B 30 62.63 39.05 -37.04
C ASP B 30 61.78 40.26 -37.41
N SER B 31 61.18 40.24 -38.60
CA SER B 31 60.57 41.43 -39.16
C SER B 31 59.28 41.79 -38.46
N GLU B 32 58.61 42.82 -39.00
CA GLU B 32 57.24 43.11 -38.61
C GLU B 32 56.26 42.27 -39.42
N VAL B 33 56.70 41.79 -40.59
CA VAL B 33 55.88 40.83 -41.32
C VAL B 33 55.87 39.51 -40.58
N VAL B 34 56.89 39.24 -39.76
CA VAL B 34 56.80 38.15 -38.80
C VAL B 34 55.60 38.36 -37.89
N LEU B 35 55.37 39.60 -37.48
CA LEU B 35 54.17 39.90 -36.70
C LEU B 35 52.91 39.70 -37.54
N LYS B 36 52.97 40.07 -38.83
CA LYS B 36 51.83 39.82 -39.70
C LYS B 36 51.48 38.34 -39.74
N LYS B 37 52.49 37.49 -39.93
CA LYS B 37 52.29 36.05 -39.81
C LYS B 37 51.70 35.69 -38.45
N LEU B 38 52.50 35.81 -37.39
CA LEU B 38 52.08 35.45 -36.05
C LEU B 38 50.70 35.98 -35.67
N LYS B 39 50.21 37.00 -36.36
CA LYS B 39 48.92 37.57 -35.99
C LYS B 39 47.79 37.19 -36.94
N LYS B 40 48.10 36.67 -38.13
CA LYS B 40 47.09 36.02 -38.95
C LYS B 40 47.00 34.52 -38.67
N SER B 41 48.14 33.90 -38.41
CA SER B 41 48.12 32.49 -37.98
C SER B 41 47.36 32.31 -36.68
N LEU B 42 47.77 33.00 -35.62
CA LEU B 42 47.12 32.88 -34.33
C LEU B 42 45.66 33.06 -34.46
N ASN B 43 45.25 34.19 -35.00
CA ASN B 43 43.82 34.47 -35.05
C ASN B 43 43.02 33.48 -35.86
N VAL B 44 43.60 32.97 -36.93
CA VAL B 44 42.92 31.92 -37.67
C VAL B 44 42.92 30.56 -36.98
N ALA B 45 44.01 30.24 -36.30
CA ALA B 45 44.06 28.99 -35.58
C ALA B 45 43.11 29.07 -34.38
N LYS B 46 43.01 30.20 -33.70
CA LYS B 46 41.98 30.36 -32.68
C LYS B 46 40.59 30.38 -33.27
N SER B 47 40.47 30.82 -34.52
CA SER B 47 39.17 30.80 -35.21
C SER B 47 38.81 29.36 -35.47
N GLU B 48 39.77 28.48 -35.35
CA GLU B 48 39.47 27.05 -35.38
C GLU B 48 38.68 26.64 -34.14
N PHE B 49 39.34 26.60 -32.98
CA PHE B 49 38.71 26.31 -31.70
C PHE B 49 37.48 27.15 -31.43
N ASP B 50 37.33 28.25 -32.14
CA ASP B 50 36.05 28.95 -32.25
C ASP B 50 34.95 27.93 -32.39
N ARG B 51 35.23 26.83 -33.06
CA ARG B 51 34.20 25.87 -33.40
C ARG B 51 34.40 24.50 -32.78
N ASP B 52 35.62 23.98 -32.73
CA ASP B 52 35.83 22.63 -32.27
C ASP B 52 35.39 22.50 -30.82
N ALA B 53 36.20 22.99 -29.89
CA ALA B 53 35.83 22.87 -28.49
C ALA B 53 34.72 23.82 -28.10
N ALA B 54 33.96 24.32 -29.07
CA ALA B 54 32.82 25.16 -28.79
C ALA B 54 31.53 24.51 -29.23
N MET B 55 31.61 23.53 -30.12
CA MET B 55 30.43 22.78 -30.53
C MET B 55 30.37 21.41 -29.88
N GLN B 56 31.46 20.65 -29.93
CA GLN B 56 31.45 19.36 -29.29
C GLN B 56 31.12 19.47 -27.80
N ARG B 57 31.38 20.61 -27.19
CA ARG B 57 30.97 20.81 -25.82
C ARG B 57 29.46 20.96 -25.68
N LYS B 58 28.75 21.34 -26.74
CA LYS B 58 27.30 21.27 -26.64
C LYS B 58 26.80 19.90 -27.05
N LEU B 59 27.57 19.22 -27.88
CA LEU B 59 27.24 17.85 -28.21
C LEU B 59 27.26 16.95 -26.99
N GLU B 60 28.24 17.13 -26.10
CA GLU B 60 28.28 16.29 -24.91
C GLU B 60 27.11 16.59 -23.99
N LYS B 61 26.74 17.86 -23.86
CA LYS B 61 25.51 18.20 -23.18
C LYS B 61 24.36 17.36 -23.72
N MET B 62 24.11 17.47 -25.03
CA MET B 62 22.97 16.76 -25.59
C MET B 62 23.07 15.26 -25.36
N ALA B 63 24.25 14.69 -25.58
CA ALA B 63 24.44 13.26 -25.40
C ALA B 63 24.03 12.85 -24.00
N ASP B 64 24.83 13.23 -23.00
CA ASP B 64 24.58 12.72 -21.66
C ASP B 64 23.17 13.07 -21.20
N GLN B 65 22.62 14.18 -21.67
CA GLN B 65 21.25 14.50 -21.30
C GLN B 65 20.29 13.42 -21.78
N ALA B 66 20.29 13.14 -23.08
CA ALA B 66 19.37 12.13 -23.60
C ALA B 66 19.62 10.79 -22.94
N MET B 67 20.88 10.45 -22.69
CA MET B 67 21.14 9.19 -22.02
C MET B 67 20.43 9.14 -20.68
N THR B 68 20.54 10.19 -19.88
CA THR B 68 19.91 10.10 -18.57
C THR B 68 18.40 10.04 -18.70
N GLN B 69 17.83 10.65 -19.72
CA GLN B 69 16.39 10.53 -19.88
C GLN B 69 16.02 9.08 -20.13
N MET B 70 16.76 8.41 -20.98
CA MET B 70 16.37 7.03 -21.23
C MET B 70 16.64 6.13 -20.05
N TYR B 71 17.59 6.49 -19.19
CA TYR B 71 17.73 5.77 -17.93
C TYR B 71 16.46 5.87 -17.09
N LYS B 72 15.99 7.08 -16.90
CA LYS B 72 14.75 7.27 -16.16
C LYS B 72 13.61 6.47 -16.77
N GLN B 73 13.57 6.39 -18.09
CA GLN B 73 12.49 5.65 -18.74
C GLN B 73 12.57 4.16 -18.44
N ALA B 74 13.78 3.59 -18.49
CA ALA B 74 13.89 2.18 -18.14
C ALA B 74 13.43 1.93 -16.71
N ARG B 75 13.69 2.88 -15.82
CA ARG B 75 13.18 2.71 -14.46
C ARG B 75 11.67 2.61 -14.44
N SER B 76 10.99 3.61 -15.01
CA SER B 76 9.54 3.57 -15.03
C SER B 76 9.02 2.26 -15.61
N GLU B 77 9.65 1.79 -16.67
CA GLU B 77 9.16 0.58 -17.28
C GLU B 77 9.40 -0.65 -16.44
N ASP B 78 10.38 -0.66 -15.56
CA ASP B 78 10.37 -1.80 -14.65
C ASP B 78 9.28 -1.68 -13.60
N LYS B 79 9.00 -0.46 -13.16
CA LYS B 79 7.95 -0.30 -12.16
C LYS B 79 6.61 -0.84 -12.66
N ARG B 80 6.30 -0.59 -13.93
CA ARG B 80 5.06 -1.13 -14.47
C ARG B 80 4.96 -2.64 -14.24
N ALA B 81 6.05 -3.34 -14.49
CA ALA B 81 6.02 -4.79 -14.33
C ALA B 81 5.80 -5.18 -12.88
N LYS B 82 6.44 -4.48 -11.96
CA LYS B 82 6.25 -4.83 -10.56
C LYS B 82 4.80 -4.68 -10.13
N VAL B 83 4.18 -3.56 -10.50
CA VAL B 83 2.81 -3.34 -10.06
C VAL B 83 1.88 -4.36 -10.69
N THR B 84 2.08 -4.68 -11.96
CA THR B 84 1.22 -5.68 -12.57
C THR B 84 1.32 -7.01 -11.85
N SER B 85 2.53 -7.48 -11.58
CA SER B 85 2.65 -8.76 -10.89
C SER B 85 1.92 -8.75 -9.57
N ALA B 86 2.05 -7.65 -8.82
CA ALA B 86 1.41 -7.63 -7.51
C ALA B 86 -0.10 -7.64 -7.63
N MET B 87 -0.67 -6.75 -8.45
CA MET B 87 -2.12 -6.74 -8.61
C MET B 87 -2.63 -8.11 -9.00
N GLN B 88 -1.93 -8.75 -9.92
CA GLN B 88 -2.38 -10.04 -10.41
C GLN B 88 -2.39 -11.08 -9.30
N THR B 89 -1.31 -11.17 -8.54
CA THR B 89 -1.31 -12.20 -7.51
C THR B 89 -2.33 -11.89 -6.43
N MET B 90 -2.62 -10.61 -6.20
CA MET B 90 -3.68 -10.32 -5.25
C MET B 90 -5.00 -10.87 -5.72
N LEU B 91 -5.36 -10.62 -6.97
CA LEU B 91 -6.61 -11.17 -7.50
C LEU B 91 -6.62 -12.69 -7.39
N PHE B 92 -5.55 -13.33 -7.83
CA PHE B 92 -5.57 -14.78 -7.86
C PHE B 92 -5.25 -15.39 -6.52
N THR B 93 -5.19 -14.60 -5.45
CA THR B 93 -5.26 -15.19 -4.14
C THR B 93 -6.54 -14.82 -3.40
N MET B 94 -7.18 -13.73 -3.80
CA MET B 94 -8.41 -13.32 -3.17
C MET B 94 -9.62 -13.97 -3.80
N LEU B 95 -9.46 -14.57 -4.98
CA LEU B 95 -10.59 -15.28 -5.55
C LEU B 95 -10.83 -16.60 -4.82
N ARG B 96 -9.76 -17.28 -4.41
CA ARG B 96 -9.87 -18.66 -3.96
C ARG B 96 -10.81 -18.83 -2.79
N LYS B 97 -11.11 -17.76 -2.07
CA LYS B 97 -12.05 -17.87 -0.95
C LYS B 97 -13.46 -17.49 -1.35
N LEU B 98 -13.79 -17.51 -2.64
CA LEU B 98 -15.09 -16.99 -3.06
C LEU B 98 -16.24 -17.85 -2.56
N ASP B 99 -15.94 -19.03 -2.01
CA ASP B 99 -16.93 -19.99 -1.54
C ASP B 99 -17.71 -20.51 -2.74
N ASN B 100 -17.08 -21.31 -3.56
CA ASN B 100 -17.76 -21.48 -4.83
C ASN B 100 -18.77 -22.54 -4.81
N ASP B 101 -19.76 -22.46 -3.93
CA ASP B 101 -20.84 -23.43 -3.93
C ASP B 101 -22.17 -22.71 -3.81
N ALA B 102 -22.51 -22.29 -2.59
CA ALA B 102 -23.77 -21.58 -2.39
C ALA B 102 -23.87 -20.42 -3.37
N LEU B 103 -22.76 -19.75 -3.62
CA LEU B 103 -22.70 -18.80 -4.71
C LEU B 103 -23.19 -19.45 -6.00
N ASN B 104 -22.49 -20.50 -6.43
CA ASN B 104 -22.85 -21.21 -7.66
C ASN B 104 -24.33 -21.42 -7.78
N ASN B 105 -24.99 -21.75 -6.68
CA ASN B 105 -26.43 -21.85 -6.71
C ASN B 105 -27.07 -20.50 -6.95
N ILE B 106 -26.80 -19.52 -6.08
CA ILE B 106 -27.61 -18.31 -6.12
C ILE B 106 -27.42 -17.54 -7.41
N ILE B 107 -26.34 -17.79 -8.16
CA ILE B 107 -26.26 -17.17 -9.47
C ILE B 107 -27.13 -17.92 -10.45
N ASN B 108 -26.90 -19.22 -10.58
CA ASN B 108 -27.51 -20.02 -11.63
C ASN B 108 -29.01 -20.10 -11.49
N ASN B 109 -29.59 -19.30 -10.61
CA ASN B 109 -31.05 -19.24 -10.50
C ASN B 109 -31.58 -17.89 -10.97
N ALA B 110 -30.72 -16.91 -11.16
CA ALA B 110 -31.21 -15.59 -11.45
C ALA B 110 -31.70 -15.51 -12.89
N ARG B 111 -32.45 -14.43 -13.17
CA ARG B 111 -33.00 -14.23 -14.51
C ARG B 111 -31.90 -14.27 -15.56
N ASP B 112 -30.77 -13.65 -15.27
CA ASP B 112 -29.57 -13.79 -16.07
C ASP B 112 -28.40 -13.20 -15.28
N GLY B 113 -27.72 -14.05 -14.53
CA GLY B 113 -26.46 -13.69 -13.91
C GLY B 113 -26.44 -12.44 -13.07
N CYS B 114 -27.41 -11.55 -13.22
CA CYS B 114 -27.33 -10.24 -12.58
C CYS B 114 -28.00 -10.29 -11.23
N VAL B 115 -27.21 -10.14 -10.17
CA VAL B 115 -27.73 -10.24 -8.81
C VAL B 115 -27.05 -9.23 -7.93
N PRO B 116 -27.80 -8.22 -7.50
CA PRO B 116 -27.17 -7.06 -6.86
C PRO B 116 -26.16 -7.47 -5.82
N LEU B 117 -25.11 -6.68 -5.71
CA LEU B 117 -23.99 -7.12 -4.90
C LEU B 117 -24.33 -7.20 -3.43
N ASN B 118 -25.14 -6.27 -2.94
CA ASN B 118 -25.37 -6.20 -1.49
C ASN B 118 -26.25 -7.33 -1.01
N ILE B 119 -26.21 -8.48 -1.67
CA ILE B 119 -26.79 -9.69 -1.14
C ILE B 119 -25.86 -10.88 -1.24
N ILE B 120 -24.83 -10.84 -2.07
CA ILE B 120 -23.89 -11.96 -2.11
C ILE B 120 -23.30 -12.27 -0.74
N PRO B 121 -22.79 -11.30 0.01
CA PRO B 121 -22.34 -11.64 1.35
C PRO B 121 -23.48 -11.96 2.27
N LEU B 122 -24.59 -11.27 2.15
CA LEU B 122 -25.73 -11.45 3.04
C LEU B 122 -26.41 -12.78 2.88
N THR B 123 -26.07 -13.56 1.86
CA THR B 123 -26.67 -14.88 1.79
C THR B 123 -25.65 -15.98 1.57
N THR B 124 -24.39 -15.64 1.35
CA THR B 124 -23.43 -16.70 1.09
C THR B 124 -22.24 -16.64 2.02
N ALA B 125 -22.03 -15.54 2.74
CA ALA B 125 -20.87 -15.40 3.58
C ALA B 125 -20.93 -16.43 4.69
N ALA B 126 -19.78 -16.89 5.13
CA ALA B 126 -19.73 -17.95 6.13
C ALA B 126 -19.20 -17.47 7.48
N LYS B 127 -19.37 -16.19 7.80
CA LYS B 127 -18.97 -15.68 9.10
C LYS B 127 -19.60 -14.31 9.29
N LEU B 128 -20.21 -14.09 10.44
CA LEU B 128 -20.71 -12.78 10.78
C LEU B 128 -19.71 -12.07 11.65
N MET B 129 -19.81 -10.75 11.70
CA MET B 129 -19.07 -9.93 12.64
C MET B 129 -19.94 -8.75 12.96
N VAL B 130 -20.37 -8.65 14.18
CA VAL B 130 -21.33 -7.66 14.60
C VAL B 130 -20.69 -6.80 15.66
N VAL B 131 -20.89 -5.50 15.57
CA VAL B 131 -20.27 -4.56 16.48
C VAL B 131 -21.33 -3.93 17.34
N ILE B 132 -21.10 -3.93 18.66
CA ILE B 132 -22.10 -3.45 19.61
C ILE B 132 -21.55 -2.26 20.37
N PRO B 133 -22.31 -1.25 20.58
CA PRO B 133 -21.83 -0.11 21.35
C PRO B 133 -21.84 -0.35 22.84
N ASP B 134 -22.96 -0.86 23.36
CA ASP B 134 -23.16 -0.93 24.81
C ASP B 134 -23.99 -2.15 25.14
N TYR B 135 -24.21 -2.37 26.44
CA TYR B 135 -24.88 -3.59 26.87
C TYR B 135 -26.34 -3.61 26.48
N ASN B 136 -27.03 -2.50 26.72
CA ASN B 136 -28.47 -2.49 26.56
C ASN B 136 -28.87 -2.86 25.14
N THR B 137 -28.05 -2.51 24.17
CA THR B 137 -28.24 -3.01 22.82
C THR B 137 -27.69 -4.41 22.63
N TYR B 138 -26.64 -4.77 23.37
CA TYR B 138 -26.14 -6.13 23.26
C TYR B 138 -27.23 -7.14 23.53
N LYS B 139 -28.08 -6.90 24.52
CA LYS B 139 -29.10 -7.89 24.81
C LYS B 139 -30.03 -8.09 23.63
N ASN B 140 -30.54 -7.00 23.07
CA ASN B 140 -31.55 -7.12 22.04
C ASN B 140 -30.95 -7.57 20.72
N THR B 141 -29.85 -8.32 20.76
CA THR B 141 -29.41 -9.04 19.57
C THR B 141 -28.59 -10.27 19.93
N CYS B 142 -27.29 -10.09 20.04
CA CYS B 142 -26.38 -11.22 20.10
C CYS B 142 -26.32 -11.89 21.46
N ASP B 143 -27.46 -12.02 22.12
CA ASP B 143 -27.49 -12.58 23.47
C ASP B 143 -27.21 -14.08 23.45
N GLY B 144 -26.82 -14.61 24.60
CA GLY B 144 -26.72 -16.04 24.67
C GLY B 144 -25.57 -16.58 23.85
N THR B 145 -25.78 -17.78 23.31
CA THR B 145 -24.81 -18.40 22.42
C THR B 145 -25.28 -18.48 20.98
N THR B 146 -26.54 -18.18 20.70
CA THR B 146 -27.01 -18.11 19.32
C THR B 146 -28.00 -16.97 19.15
N PHE B 147 -28.02 -16.41 17.97
CA PHE B 147 -29.00 -15.43 17.56
C PHE B 147 -29.39 -15.76 16.14
N THR B 148 -30.29 -14.98 15.58
CA THR B 148 -30.60 -15.13 14.18
C THR B 148 -30.70 -13.77 13.51
N TYR B 149 -30.11 -13.68 12.33
CA TYR B 149 -30.07 -12.44 11.58
C TYR B 149 -29.79 -12.77 10.14
N ALA B 150 -30.54 -12.16 9.23
CA ALA B 150 -30.65 -12.61 7.84
C ALA B 150 -31.28 -13.99 7.75
N SER B 151 -31.84 -14.44 8.87
CA SER B 151 -32.73 -15.60 8.94
C SER B 151 -31.96 -16.92 8.76
N ALA B 152 -30.65 -16.82 8.74
CA ALA B 152 -29.86 -18.03 8.95
C ALA B 152 -29.57 -18.12 10.42
N LEU B 153 -29.16 -19.27 10.91
CA LEU B 153 -29.00 -19.42 12.35
C LEU B 153 -27.52 -19.28 12.67
N TRP B 154 -27.21 -18.28 13.46
CA TRP B 154 -25.84 -17.95 13.79
C TRP B 154 -25.52 -18.46 15.17
N GLU B 155 -24.25 -18.77 15.41
CA GLU B 155 -23.89 -19.15 16.76
C GLU B 155 -22.60 -18.46 17.15
N ILE B 156 -22.67 -17.66 18.22
CA ILE B 156 -21.50 -16.97 18.75
C ILE B 156 -20.38 -17.97 18.98
N GLN B 157 -19.18 -17.50 18.93
CA GLN B 157 -18.10 -18.39 19.30
C GLN B 157 -16.90 -17.69 19.91
N GLN B 158 -16.91 -16.37 20.03
CA GLN B 158 -15.78 -15.62 20.58
C GLN B 158 -16.13 -14.16 20.59
N VAL B 159 -15.60 -13.43 21.57
CA VAL B 159 -15.91 -12.02 21.68
C VAL B 159 -14.62 -11.31 22.04
N VAL B 160 -14.40 -10.14 21.46
CA VAL B 160 -13.22 -9.35 21.76
C VAL B 160 -13.68 -8.03 22.32
N ASP B 161 -12.93 -6.96 22.14
CA ASP B 161 -13.38 -5.64 22.52
C ASP B 161 -12.44 -4.63 21.88
N ALA B 162 -12.43 -3.42 22.43
CA ALA B 162 -11.56 -2.40 21.87
C ALA B 162 -10.13 -2.88 21.80
N ASP B 163 -9.50 -3.09 22.96
CA ASP B 163 -8.09 -3.45 23.03
C ASP B 163 -7.77 -4.79 22.39
N SER B 164 -8.74 -5.46 21.79
CA SER B 164 -8.52 -6.75 21.16
C SER B 164 -8.00 -7.78 22.16
N LYS B 165 -8.89 -8.32 22.96
CA LYS B 165 -8.59 -9.39 23.89
C LYS B 165 -9.82 -10.27 23.96
N ILE B 166 -9.85 -11.19 24.91
CA ILE B 166 -10.97 -12.11 24.96
C ILE B 166 -11.71 -11.95 26.28
N VAL B 167 -13.03 -11.96 26.21
CA VAL B 167 -13.87 -12.02 27.40
C VAL B 167 -14.76 -13.24 27.25
N GLN B 168 -15.10 -13.88 28.37
CA GLN B 168 -16.06 -14.97 28.34
C GLN B 168 -17.46 -14.43 28.45
N LEU B 169 -18.38 -15.02 27.70
CA LEU B 169 -19.74 -14.53 27.69
C LEU B 169 -20.40 -14.62 29.05
N SER B 170 -19.68 -15.02 30.09
CA SER B 170 -20.21 -14.96 31.43
C SER B 170 -20.25 -13.54 31.98
N GLU B 171 -19.38 -12.67 31.47
CA GLU B 171 -19.05 -11.43 32.15
C GLU B 171 -19.91 -10.25 31.76
N ILE B 172 -20.72 -10.36 30.72
CA ILE B 172 -21.36 -9.19 30.17
C ILE B 172 -22.73 -9.04 30.80
N SER B 173 -22.75 -8.70 32.08
CA SER B 173 -24.00 -8.47 32.77
C SER B 173 -24.33 -6.99 32.76
N MET B 174 -25.02 -6.52 33.79
CA MET B 174 -25.15 -5.09 34.03
C MET B 174 -24.12 -4.57 35.02
N ASP B 175 -23.75 -5.39 35.99
CA ASP B 175 -22.80 -4.93 36.98
C ASP B 175 -21.38 -4.92 36.45
N ASN B 176 -20.96 -5.99 35.79
CA ASN B 176 -19.62 -6.04 35.25
C ASN B 176 -19.53 -5.29 33.93
N SER B 177 -20.57 -4.57 33.55
CA SER B 177 -20.53 -3.84 32.29
C SER B 177 -19.48 -2.74 32.29
N PRO B 178 -19.49 -1.77 33.20
CA PRO B 178 -18.66 -0.59 32.99
C PRO B 178 -17.18 -0.84 33.20
N ASN B 179 -16.73 -2.08 33.02
CA ASN B 179 -15.31 -2.37 33.00
C ASN B 179 -14.92 -2.97 31.67
N LEU B 180 -15.77 -2.82 30.67
CA LEU B 180 -15.56 -3.46 29.39
C LEU B 180 -15.26 -2.43 28.33
N ALA B 181 -14.05 -2.46 27.80
CA ALA B 181 -13.72 -1.59 26.70
C ALA B 181 -14.84 -1.65 25.69
N TRP B 182 -15.65 -0.62 25.63
CA TRP B 182 -16.95 -0.87 25.03
C TRP B 182 -17.07 -0.48 23.58
N PRO B 183 -16.64 -1.29 22.69
CA PRO B 183 -17.45 -1.60 21.53
C PRO B 183 -17.26 -3.07 21.21
N LEU B 184 -17.82 -3.95 22.01
CA LEU B 184 -17.54 -5.36 21.88
C LEU B 184 -17.88 -5.84 20.49
N ILE B 185 -17.02 -6.72 19.97
CA ILE B 185 -17.07 -7.13 18.58
C ILE B 185 -17.26 -8.64 18.45
N VAL B 186 -18.49 -9.06 18.21
CA VAL B 186 -18.83 -10.47 18.29
C VAL B 186 -18.60 -11.14 16.95
N THR B 187 -18.02 -12.33 16.98
CA THR B 187 -17.60 -13.01 15.76
C THR B 187 -18.25 -14.38 15.69
N ALA B 188 -19.38 -14.47 15.01
CA ALA B 188 -20.19 -15.67 15.01
C ALA B 188 -19.77 -16.57 13.86
N LEU B 189 -20.52 -17.63 13.64
CA LEU B 189 -20.39 -18.49 12.48
C LEU B 189 -21.77 -18.83 11.96
N ARG B 190 -21.80 -19.28 10.71
CA ARG B 190 -23.06 -19.72 10.13
C ARG B 190 -23.36 -21.14 10.52
N ALA B 191 -24.36 -21.31 11.36
CA ALA B 191 -24.83 -22.65 11.69
C ALA B 191 -26.01 -22.98 10.81
N ASN B 192 -26.09 -24.23 10.41
CA ASN B 192 -27.17 -24.70 9.58
C ASN B 192 -28.43 -24.90 10.40
N LYS C 2 -1.98 33.37 33.51
CA LYS C 2 -2.26 32.19 34.31
C LYS C 2 -3.12 31.21 33.55
N MET C 3 -4.18 31.74 32.95
CA MET C 3 -5.00 30.93 32.06
C MET C 3 -4.17 30.30 30.95
N SER C 4 -3.71 31.12 30.00
CA SER C 4 -3.05 30.59 28.82
C SER C 4 -1.87 29.71 29.18
N ASP C 5 -1.21 30.00 30.28
CA ASP C 5 -0.22 29.06 30.78
C ASP C 5 -0.84 27.71 31.04
N VAL C 6 -2.06 27.70 31.59
CA VAL C 6 -2.72 26.45 31.92
C VAL C 6 -3.07 25.67 30.67
N LYS C 7 -3.64 26.33 29.67
CA LYS C 7 -3.95 25.62 28.44
C LYS C 7 -2.70 25.01 27.83
N CYS C 8 -1.62 25.78 27.75
CA CYS C 8 -0.44 25.26 27.07
C CYS C 8 0.20 24.13 27.85
N THR C 9 0.20 24.21 29.17
CA THR C 9 0.78 23.09 29.89
C THR C 9 -0.07 21.84 29.77
N SER C 10 -1.38 22.00 29.63
CA SER C 10 -2.19 20.81 29.40
C SER C 10 -1.84 20.15 28.07
N VAL C 11 -1.61 20.96 27.04
CA VAL C 11 -1.24 20.39 25.74
C VAL C 11 0.03 19.56 25.86
N VAL C 12 1.11 20.17 26.35
CA VAL C 12 2.32 19.38 26.46
C VAL C 12 2.08 18.16 27.34
N LEU C 13 1.17 18.28 28.31
CA LEU C 13 0.89 17.15 29.19
C LEU C 13 0.29 15.99 28.43
N LEU C 14 -0.74 16.26 27.66
CA LEU C 14 -1.39 15.19 26.94
C LEU C 14 -0.42 14.54 25.98
N SER C 15 0.48 15.32 25.38
CA SER C 15 1.43 14.69 24.48
C SER C 15 2.38 13.77 25.22
N VAL C 16 2.90 14.23 26.37
CA VAL C 16 3.85 13.36 27.04
C VAL C 16 3.16 12.09 27.49
N LEU C 17 1.89 12.13 27.86
CA LEU C 17 1.19 10.87 28.09
C LEU C 17 1.23 10.02 26.86
N GLN C 18 0.67 10.53 25.77
CA GLN C 18 0.54 9.75 24.55
C GLN C 18 1.86 9.16 24.08
N GLN C 19 2.99 9.61 24.58
CA GLN C 19 4.22 8.91 24.23
C GLN C 19 4.44 7.65 25.04
N LEU C 20 3.70 7.46 26.12
CA LEU C 20 3.86 6.30 26.98
C LEU C 20 2.89 5.18 26.64
N ARG C 21 2.27 5.22 25.48
CA ARG C 21 1.24 4.26 25.09
C ARG C 21 0.10 4.27 26.08
N VAL C 22 -0.45 5.45 26.34
CA VAL C 22 -1.67 5.51 27.13
C VAL C 22 -2.80 5.65 26.12
N GLU C 23 -2.45 5.58 24.84
CA GLU C 23 -3.48 5.53 23.83
C GLU C 23 -3.88 4.11 23.51
N SER C 24 -3.30 3.13 24.20
CA SER C 24 -3.64 1.74 23.96
C SER C 24 -4.27 1.10 25.17
N SER C 25 -5.19 1.79 25.82
CA SER C 25 -5.99 1.21 26.89
C SER C 25 -7.41 1.74 26.72
N SER C 26 -7.74 2.12 25.48
CA SER C 26 -9.06 2.60 25.14
C SER C 26 -9.58 3.58 26.18
N LYS C 27 -10.49 3.11 27.04
CA LYS C 27 -11.22 4.04 27.91
C LYS C 27 -10.30 4.92 28.73
N LEU C 28 -9.07 4.48 28.99
CA LEU C 28 -8.09 5.40 29.53
C LEU C 28 -7.92 6.58 28.60
N TRP C 29 -7.55 6.30 27.35
CA TRP C 29 -7.31 7.37 26.41
C TRP C 29 -8.57 8.16 26.15
N ALA C 30 -9.73 7.57 26.37
CA ALA C 30 -10.95 8.33 26.17
C ALA C 30 -11.13 9.36 27.28
N GLN C 31 -10.88 8.96 28.52
CA GLN C 31 -10.97 9.96 29.58
C GLN C 31 -9.96 11.06 29.38
N CYS C 32 -8.73 10.71 29.06
CA CYS C 32 -7.72 11.74 28.84
C CYS C 32 -8.20 12.73 27.79
N VAL C 33 -8.37 12.28 26.56
CA VAL C 33 -8.86 13.17 25.52
C VAL C 33 -10.04 13.99 26.00
N GLN C 34 -10.88 13.41 26.84
CA GLN C 34 -12.01 14.18 27.30
C GLN C 34 -11.58 15.38 28.12
N LEU C 35 -10.75 15.14 29.13
CA LEU C 35 -10.29 16.26 29.93
C LEU C 35 -9.61 17.29 29.05
N HIS C 36 -8.59 16.86 28.34
CA HIS C 36 -7.78 17.80 27.58
C HIS C 36 -8.55 18.56 26.52
N ASN C 37 -9.74 18.17 26.12
CA ASN C 37 -10.53 19.16 25.40
C ASN C 37 -11.46 19.93 26.30
N ASP C 38 -11.68 19.48 27.52
CA ASP C 38 -12.52 20.30 28.37
C ASP C 38 -11.76 21.50 28.90
N ILE C 39 -10.45 21.36 29.08
CA ILE C 39 -9.64 22.51 29.49
C ILE C 39 -9.63 23.56 28.40
N LEU C 40 -9.10 23.21 27.24
CA LEU C 40 -8.85 24.13 26.15
C LEU C 40 -10.03 25.01 25.81
N LEU C 41 -11.22 24.63 26.25
CA LEU C 41 -12.39 25.46 26.03
C LEU C 41 -12.86 26.17 27.29
N ALA C 42 -12.17 26.03 28.41
CA ALA C 42 -12.69 26.54 29.65
C ALA C 42 -12.53 28.05 29.73
N LYS C 43 -13.61 28.72 30.09
CA LYS C 43 -13.61 30.18 30.18
C LYS C 43 -13.20 30.73 31.53
N ASP C 44 -13.55 30.07 32.64
CA ASP C 44 -13.05 30.48 33.95
C ASP C 44 -11.60 30.03 34.08
N THR C 45 -11.12 29.99 35.32
CA THR C 45 -9.79 29.48 35.59
C THR C 45 -9.68 28.77 36.93
N THR C 46 -10.71 28.09 37.33
CA THR C 46 -10.61 27.12 38.42
C THR C 46 -11.01 25.73 37.94
N GLU C 47 -12.06 25.65 37.14
CA GLU C 47 -12.31 24.45 36.37
C GLU C 47 -11.06 23.96 35.69
N ALA C 48 -10.29 24.86 35.10
CA ALA C 48 -9.06 24.44 34.46
C ALA C 48 -8.14 23.76 35.46
N PHE C 49 -8.03 24.29 36.66
CA PHE C 49 -7.03 23.71 37.55
C PHE C 49 -7.48 22.37 38.08
N GLU C 50 -8.78 22.21 38.33
CA GLU C 50 -9.21 20.90 38.80
C GLU C 50 -9.08 19.85 37.72
N LYS C 51 -9.53 20.13 36.50
CA LYS C 51 -9.34 19.16 35.45
C LYS C 51 -7.87 18.86 35.26
N MET C 52 -7.02 19.86 35.44
CA MET C 52 -5.60 19.62 35.28
C MET C 52 -5.09 18.63 36.29
N VAL C 53 -5.33 18.87 37.57
CA VAL C 53 -4.79 17.96 38.57
C VAL C 53 -5.33 16.57 38.36
N SER C 54 -6.60 16.47 37.94
CA SER C 54 -7.12 15.16 37.61
C SER C 54 -6.30 14.51 36.52
N LEU C 55 -6.03 15.23 35.44
CA LEU C 55 -5.28 14.69 34.32
C LEU C 55 -3.89 14.27 34.77
N LEU C 56 -3.29 15.05 35.63
CA LEU C 56 -1.92 14.77 36.03
C LEU C 56 -1.89 13.47 36.80
N SER C 57 -2.93 13.23 37.59
CA SER C 57 -3.00 11.98 38.33
C SER C 57 -2.88 10.79 37.41
N VAL C 58 -3.40 10.92 36.19
CA VAL C 58 -3.28 9.85 35.22
C VAL C 58 -1.81 9.55 34.95
N LEU C 59 -0.97 10.56 35.05
CA LEU C 59 0.44 10.38 34.71
C LEU C 59 1.21 9.84 35.89
N LEU C 60 1.00 10.42 37.06
CA LEU C 60 1.80 9.99 38.21
C LEU C 60 1.59 8.53 38.52
N SER C 61 0.40 8.00 38.30
CA SER C 61 0.09 6.67 38.77
C SER C 61 0.97 5.59 38.17
N MET C 62 1.78 5.88 37.17
CA MET C 62 2.67 4.89 36.61
C MET C 62 4.07 5.01 37.20
N GLN C 63 5.07 4.50 36.48
CA GLN C 63 6.44 4.38 36.97
C GLN C 63 7.43 4.91 35.95
N GLY C 64 6.93 5.39 34.82
CA GLY C 64 7.80 5.87 33.76
C GLY C 64 8.33 7.25 34.06
N ALA C 65 7.44 8.21 34.22
CA ALA C 65 7.82 9.61 34.44
C ALA C 65 8.47 9.71 35.80
N VAL C 66 9.69 9.16 35.92
CA VAL C 66 10.36 9.03 37.22
C VAL C 66 10.55 10.41 37.84
N ASP C 67 9.72 10.72 38.83
CA ASP C 67 9.65 12.10 39.30
C ASP C 67 10.91 12.49 40.05
N ILE C 68 11.26 11.73 41.08
CA ILE C 68 12.29 12.11 42.04
C ILE C 68 13.47 12.81 41.39
N ASN C 69 14.18 12.14 40.50
CA ASN C 69 15.26 12.75 39.75
C ASN C 69 14.76 13.90 38.88
N LYS C 70 13.72 13.63 38.12
CA LYS C 70 13.18 14.59 37.17
C LYS C 70 12.90 15.93 37.82
N LEU C 71 12.46 15.91 39.07
CA LEU C 71 12.50 17.12 39.87
C LEU C 71 13.83 17.19 40.60
N CYS C 72 14.89 17.51 39.86
CA CYS C 72 16.18 17.75 40.46
C CYS C 72 16.34 19.18 40.98
N GLU C 73 15.51 20.11 40.49
CA GLU C 73 15.64 21.53 40.84
C GLU C 73 17.05 22.05 40.57
N PHE D 6 40.84 39.99 -3.27
CA PHE D 6 41.55 38.74 -2.99
C PHE D 6 42.77 38.63 -3.88
N SER D 7 43.95 38.67 -3.28
CA SER D 7 45.18 38.73 -4.05
C SER D 7 46.02 37.47 -3.95
N SER D 8 45.41 36.29 -3.82
CA SER D 8 46.15 35.06 -3.69
C SER D 8 45.97 34.14 -4.88
N LEU D 9 45.70 34.71 -6.06
CA LEU D 9 45.53 33.95 -7.28
C LEU D 9 46.59 34.43 -8.25
N PRO D 10 47.15 33.54 -9.08
CA PRO D 10 48.17 33.98 -10.03
C PRO D 10 47.66 35.03 -11.01
N SER D 11 46.42 34.86 -11.45
CA SER D 11 45.78 35.88 -12.27
C SER D 11 45.94 37.26 -11.65
N TYR D 12 45.89 37.35 -10.33
CA TYR D 12 46.09 38.65 -9.74
C TYR D 12 47.52 39.13 -9.94
N ALA D 13 48.49 38.22 -9.88
CA ALA D 13 49.87 38.62 -10.13
C ALA D 13 50.03 39.23 -11.52
N ALA D 14 49.55 38.50 -12.54
CA ALA D 14 49.69 38.98 -13.91
C ALA D 14 49.00 40.33 -14.09
N PHE D 15 47.78 40.46 -13.58
CA PHE D 15 47.13 41.74 -13.72
C PHE D 15 47.85 42.82 -12.95
N ALA D 16 48.50 42.46 -11.85
CA ALA D 16 49.25 43.46 -11.10
C ALA D 16 50.39 44.01 -11.92
N THR D 17 51.17 43.12 -12.56
CA THR D 17 52.30 43.61 -13.34
C THR D 17 51.83 44.42 -14.54
N ALA D 18 50.71 44.02 -15.15
CA ALA D 18 50.22 44.78 -16.30
C ALA D 18 49.82 46.19 -15.88
N GLN D 19 48.92 46.28 -14.91
CA GLN D 19 48.58 47.58 -14.37
C GLN D 19 49.83 48.36 -14.03
N GLU D 20 50.81 47.70 -13.43
CA GLU D 20 52.00 48.39 -12.96
C GLU D 20 52.75 49.02 -14.13
N ALA D 21 53.07 48.22 -15.14
CA ALA D 21 53.90 48.73 -16.22
C ALA D 21 53.17 49.79 -17.00
N TYR D 22 51.87 49.61 -17.23
CA TYR D 22 51.15 50.62 -18.00
C TYR D 22 51.01 51.90 -17.21
N GLU D 23 50.89 51.80 -15.89
CA GLU D 23 50.89 52.99 -15.05
C GLU D 23 52.24 53.70 -15.14
N GLN D 24 53.32 52.93 -15.06
CA GLN D 24 54.65 53.51 -15.18
C GLN D 24 54.80 54.25 -16.50
N ALA D 25 54.27 53.66 -17.59
CA ALA D 25 54.46 54.25 -18.91
C ALA D 25 53.56 55.45 -19.14
N VAL D 26 52.32 55.41 -18.62
CA VAL D 26 51.47 56.58 -18.77
C VAL D 26 52.00 57.72 -17.93
N ALA D 27 52.63 57.41 -16.80
CA ALA D 27 53.30 58.44 -16.03
C ALA D 27 54.50 59.01 -16.75
N ASN D 28 55.53 58.20 -16.99
CA ASN D 28 56.75 58.65 -17.63
C ASN D 28 56.52 59.20 -19.03
N GLY D 29 55.47 58.75 -19.71
CA GLY D 29 55.17 59.27 -21.02
C GLY D 29 56.06 58.70 -22.09
N ASP D 30 55.48 58.34 -23.23
CA ASP D 30 56.23 57.77 -24.34
C ASP D 30 55.34 57.78 -25.57
N SER D 31 55.77 57.05 -26.59
CA SER D 31 55.05 56.99 -27.84
C SER D 31 53.72 56.26 -27.68
N GLU D 32 52.98 56.13 -28.77
CA GLU D 32 51.71 55.43 -28.74
C GLU D 32 51.93 53.91 -28.77
N VAL D 33 53.02 53.47 -29.39
CA VAL D 33 53.16 52.03 -29.60
C VAL D 33 53.28 51.31 -28.27
N VAL D 34 54.02 51.86 -27.30
CA VAL D 34 54.19 51.18 -26.03
C VAL D 34 52.84 50.96 -25.35
N LEU D 35 52.00 51.99 -25.34
CA LEU D 35 50.76 51.92 -24.59
C LEU D 35 49.64 51.26 -25.36
N LYS D 36 49.75 51.11 -26.68
CA LYS D 36 48.87 50.16 -27.35
C LYS D 36 49.31 48.75 -27.05
N LYS D 37 50.62 48.51 -27.03
CA LYS D 37 51.14 47.28 -26.44
C LYS D 37 50.80 47.27 -24.97
N LEU D 38 50.81 48.42 -24.31
CA LEU D 38 50.35 48.45 -22.93
C LEU D 38 48.85 48.68 -22.84
N LYS D 39 48.13 48.21 -23.80
CA LYS D 39 46.71 47.97 -23.62
C LYS D 39 46.34 46.57 -24.04
N LYS D 40 46.93 46.06 -25.11
CA LYS D 40 46.83 44.65 -25.40
C LYS D 40 47.76 43.83 -24.55
N SER D 41 48.45 44.44 -23.58
CA SER D 41 49.13 43.72 -22.53
C SER D 41 48.47 43.93 -21.18
N LEU D 42 47.43 44.75 -21.13
CA LEU D 42 46.64 44.92 -19.92
C LEU D 42 45.26 44.30 -20.06
N ASN D 43 44.47 44.77 -21.02
CA ASN D 43 43.08 44.36 -21.07
C ASN D 43 42.92 42.86 -21.14
N VAL D 44 43.88 42.16 -21.74
CA VAL D 44 43.81 40.70 -21.70
C VAL D 44 44.02 40.21 -20.29
N ALA D 45 44.92 40.85 -19.54
CA ALA D 45 45.15 40.40 -18.18
C ALA D 45 43.96 40.71 -17.30
N LYS D 46 43.45 41.93 -17.38
CA LYS D 46 42.22 42.27 -16.69
C LYS D 46 41.10 41.30 -17.02
N SER D 47 41.01 40.86 -18.27
CA SER D 47 40.04 39.82 -18.57
C SER D 47 40.31 38.55 -17.79
N GLU D 48 41.42 37.88 -18.06
CA GLU D 48 41.73 36.62 -17.41
C GLU D 48 41.72 36.73 -15.89
N PHE D 49 41.61 37.95 -15.37
CA PHE D 49 41.40 38.14 -13.94
C PHE D 49 39.92 38.23 -13.63
N ASP D 50 39.28 39.32 -14.01
CA ASP D 50 37.94 39.62 -13.51
C ASP D 50 36.93 38.69 -14.13
N ARG D 51 37.35 37.47 -14.40
CA ARG D 51 36.41 36.41 -14.71
C ARG D 51 36.50 35.37 -13.61
N ASP D 52 37.71 34.88 -13.38
CA ASP D 52 37.88 33.90 -12.32
C ASP D 52 37.69 34.55 -10.96
N ALA D 53 38.02 35.83 -10.82
CA ALA D 53 37.86 36.45 -9.52
C ALA D 53 36.42 36.84 -9.24
N ALA D 54 35.48 36.35 -10.05
CA ALA D 54 34.07 36.36 -9.70
C ALA D 54 33.51 34.95 -9.66
N MET D 55 34.03 34.08 -10.55
CA MET D 55 33.77 32.66 -10.44
C MET D 55 34.03 32.16 -9.02
N GLN D 56 35.15 32.59 -8.44
CA GLN D 56 35.52 32.09 -7.13
C GLN D 56 34.67 32.72 -6.04
N ARG D 57 34.29 33.98 -6.20
CA ARG D 57 33.40 34.58 -5.23
C ARG D 57 32.01 33.94 -5.28
N LYS D 58 31.64 33.36 -6.41
CA LYS D 58 30.42 32.53 -6.44
C LYS D 58 30.64 31.21 -5.73
N LEU D 59 31.73 30.52 -6.08
CA LEU D 59 32.02 29.23 -5.47
C LEU D 59 31.94 29.30 -3.96
N GLU D 60 32.71 30.19 -3.35
CA GLU D 60 32.79 30.17 -1.88
C GLU D 60 31.43 30.39 -1.24
N LYS D 61 30.59 31.25 -1.84
CA LYS D 61 29.25 31.44 -1.31
C LYS D 61 28.43 30.17 -1.42
N MET D 62 28.47 29.51 -2.57
CA MET D 62 27.81 28.23 -2.71
C MET D 62 28.24 27.29 -1.60
N ALA D 63 29.54 27.26 -1.31
CA ALA D 63 30.08 26.41 -0.25
C ALA D 63 29.39 26.72 1.07
N ASP D 64 29.38 27.99 1.44
CA ASP D 64 28.75 28.34 2.72
C ASP D 64 27.30 27.88 2.77
N GLN D 65 26.55 28.11 1.71
CA GLN D 65 25.16 27.68 1.77
C GLN D 65 25.01 26.17 1.89
N ALA D 66 25.78 25.40 1.13
CA ALA D 66 25.65 23.95 1.23
C ALA D 66 26.02 23.46 2.62
N MET D 67 26.98 24.11 3.25
CA MET D 67 27.32 23.68 4.61
C MET D 67 26.23 24.07 5.60
N THR D 68 25.58 25.21 5.41
CA THR D 68 24.48 25.53 6.31
C THR D 68 23.32 24.59 6.11
N GLN D 69 23.08 24.15 4.88
CA GLN D 69 21.99 23.22 4.64
C GLN D 69 22.26 21.90 5.32
N MET D 70 23.49 21.40 5.19
CA MET D 70 23.82 20.20 5.92
C MET D 70 23.68 20.40 7.41
N TYR D 71 23.94 21.60 7.92
CA TYR D 71 23.74 21.82 9.34
C TYR D 71 22.28 21.70 9.72
N LYS D 72 21.41 22.34 8.96
CA LYS D 72 19.98 22.20 9.22
C LYS D 72 19.60 20.73 9.30
N GLN D 73 20.09 19.93 8.36
CA GLN D 73 19.66 18.54 8.34
C GLN D 73 20.19 17.77 9.54
N ALA D 74 21.42 18.05 9.96
CA ALA D 74 21.93 17.36 11.14
C ALA D 74 21.17 17.76 12.39
N ARG D 75 20.92 19.05 12.55
CA ARG D 75 20.14 19.50 13.69
C ARG D 75 18.79 18.82 13.73
N SER D 76 18.08 18.78 12.60
CA SER D 76 16.80 18.10 12.59
C SER D 76 16.94 16.64 12.99
N GLU D 77 17.68 15.87 12.21
CA GLU D 77 17.75 14.45 12.52
C GLU D 77 18.33 14.15 13.88
N ASP D 78 18.71 15.16 14.65
CA ASP D 78 18.70 14.92 16.09
C ASP D 78 17.40 15.30 16.77
N LYS D 79 16.91 16.52 16.54
CA LYS D 79 15.80 17.04 17.33
C LYS D 79 14.56 16.17 17.18
N ARG D 80 14.44 15.44 16.09
CA ARG D 80 13.34 14.48 16.02
C ARG D 80 13.82 13.12 16.47
N ALA D 81 14.78 13.09 17.37
CA ALA D 81 15.18 11.83 17.98
C ALA D 81 15.42 11.96 19.48
N LYS D 82 15.02 13.08 20.10
CA LYS D 82 15.13 13.23 21.54
C LYS D 82 13.85 13.79 22.15
N VAL D 83 12.72 13.64 21.48
CA VAL D 83 11.47 14.13 22.06
C VAL D 83 11.24 13.50 23.41
N THR D 84 11.57 12.22 23.54
CA THR D 84 11.21 11.48 24.74
C THR D 84 11.70 12.15 26.01
N SER D 85 12.69 13.02 25.93
CA SER D 85 13.13 13.73 27.12
C SER D 85 12.91 15.22 27.00
N ALA D 86 12.94 15.76 25.79
CA ALA D 86 12.59 17.17 25.64
C ALA D 86 11.21 17.44 26.20
N MET D 87 10.23 16.63 25.81
CA MET D 87 8.87 16.81 26.28
C MET D 87 8.82 16.81 27.80
N GLN D 88 9.42 15.81 28.41
CA GLN D 88 9.29 15.64 29.84
C GLN D 88 9.89 16.82 30.60
N THR D 89 11.12 17.21 30.27
CA THR D 89 11.74 18.27 31.03
C THR D 89 11.02 19.60 30.78
N MET D 90 10.61 19.84 29.55
CA MET D 90 9.80 21.02 29.31
C MET D 90 8.59 21.00 30.23
N LEU D 91 8.01 19.83 30.43
CA LEU D 91 6.82 19.74 31.24
C LEU D 91 7.10 20.16 32.66
N PHE D 92 8.14 19.62 33.26
CA PHE D 92 8.28 19.87 34.69
C PHE D 92 8.74 21.27 34.97
N THR D 93 9.49 21.87 34.05
CA THR D 93 9.79 23.30 34.22
C THR D 93 8.52 24.11 34.12
N MET D 94 7.63 23.75 33.21
CA MET D 94 6.39 24.49 33.14
C MET D 94 5.55 24.34 34.40
N LEU D 95 5.57 23.14 35.01
CA LEU D 95 4.80 22.97 36.24
C LEU D 95 5.37 23.80 37.36
N ARG D 96 6.66 23.62 37.68
CA ARG D 96 7.28 24.46 38.69
C ARG D 96 6.98 25.93 38.47
N LYS D 97 7.05 26.43 37.25
CA LYS D 97 6.66 27.81 37.01
C LYS D 97 5.19 28.02 37.34
N LEU D 98 4.38 27.01 37.07
CA LEU D 98 2.93 27.18 37.19
C LEU D 98 2.54 27.34 38.64
N ASP D 99 2.88 26.35 39.47
CA ASP D 99 2.83 26.48 40.91
C ASP D 99 1.40 26.43 41.43
N ASN D 100 1.10 25.45 42.29
CA ASN D 100 -0.15 25.46 43.01
C ASN D 100 -0.10 24.47 44.15
N ASP D 101 -0.66 24.88 45.28
CA ASP D 101 -0.80 23.99 46.43
C ASP D 101 -1.40 22.66 46.01
N ALA D 102 -2.51 22.69 45.27
CA ALA D 102 -3.02 21.47 44.67
C ALA D 102 -1.89 20.68 44.04
N LEU D 103 -1.40 21.19 42.91
CA LEU D 103 -0.33 20.52 42.19
C LEU D 103 0.83 20.23 43.10
N ASN D 104 1.51 21.28 43.55
CA ASN D 104 2.73 21.10 44.34
C ASN D 104 2.55 20.05 45.42
N ASN D 105 1.38 20.01 46.04
CA ASN D 105 1.10 19.01 47.05
C ASN D 105 1.16 17.61 46.48
N ILE D 106 0.36 17.34 45.46
CA ILE D 106 0.38 15.96 44.99
C ILE D 106 1.74 15.62 44.42
N ILE D 107 2.47 16.59 43.90
CA ILE D 107 3.76 16.28 43.30
C ILE D 107 4.77 15.91 44.36
N ASN D 108 4.87 16.70 45.42
CA ASN D 108 5.71 16.27 46.52
C ASN D 108 5.35 14.87 46.93
N ASN D 109 4.07 14.64 47.23
CA ASN D 109 3.69 13.32 47.71
C ASN D 109 4.16 12.24 46.75
N ALA D 110 3.83 12.35 45.47
CA ALA D 110 4.25 11.33 44.52
C ALA D 110 5.76 11.20 44.44
N ARG D 111 6.49 12.24 44.82
CA ARG D 111 7.93 12.06 44.98
C ARG D 111 8.19 11.10 46.13
N ASP D 112 7.35 11.13 47.14
CA ASP D 112 7.47 10.18 48.25
C ASP D 112 6.82 8.83 47.96
N GLY D 113 5.57 8.65 48.38
CA GLY D 113 4.89 7.40 48.14
C GLY D 113 3.45 7.54 47.68
N CYS D 114 2.77 8.58 48.15
CA CYS D 114 1.32 8.62 48.05
C CYS D 114 0.84 8.76 46.60
N VAL D 115 1.09 7.72 45.81
CA VAL D 115 0.83 7.73 44.37
C VAL D 115 -0.49 7.02 44.08
N PRO D 116 -1.47 7.76 43.57
CA PRO D 116 -2.81 7.18 43.40
C PRO D 116 -2.80 5.96 42.51
N LEU D 117 -3.92 5.24 42.51
CA LEU D 117 -4.12 4.08 41.65
C LEU D 117 -5.17 4.34 40.60
N ASN D 118 -5.95 5.40 40.75
CA ASN D 118 -6.96 5.75 39.79
C ASN D 118 -7.09 7.26 39.78
N ILE D 119 -7.62 7.79 38.68
CA ILE D 119 -7.87 9.21 38.56
C ILE D 119 -8.39 9.77 39.87
N ILE D 120 -7.81 10.86 40.32
CA ILE D 120 -8.43 11.69 41.34
C ILE D 120 -9.77 12.13 40.80
N PRO D 121 -10.88 11.63 41.32
CA PRO D 121 -12.18 12.15 40.91
C PRO D 121 -12.33 13.59 41.37
N LEU D 122 -13.44 14.19 40.97
CA LEU D 122 -13.75 15.53 41.44
C LEU D 122 -15.15 15.67 42.00
N THR D 123 -16.02 14.68 41.84
CA THR D 123 -17.35 14.77 42.41
C THR D 123 -17.28 14.76 43.92
N THR D 124 -18.40 15.13 44.56
CA THR D 124 -18.48 15.06 46.01
C THR D 124 -19.11 13.72 46.38
N ALA D 125 -18.57 12.64 45.84
CA ALA D 125 -19.16 11.34 46.07
C ALA D 125 -18.18 10.21 45.79
N ALA D 126 -17.64 10.16 44.58
CA ALA D 126 -16.82 9.02 44.15
C ALA D 126 -15.54 8.91 44.96
N LYS D 127 -14.92 7.74 44.90
CA LYS D 127 -13.82 7.37 45.79
C LYS D 127 -12.47 7.63 45.16
N LEU D 128 -11.41 7.21 45.85
CA LEU D 128 -10.09 7.20 45.26
C LEU D 128 -9.22 6.23 46.05
N MET D 129 -8.02 6.02 45.55
CA MET D 129 -7.10 5.11 46.22
C MET D 129 -5.71 5.76 46.28
N VAL D 130 -4.84 5.18 47.09
CA VAL D 130 -3.59 5.79 47.48
C VAL D 130 -2.68 4.64 47.87
N VAL D 131 -1.39 4.86 47.89
CA VAL D 131 -0.52 3.73 48.19
C VAL D 131 0.52 4.09 49.23
N ILE D 132 0.10 4.47 50.42
CA ILE D 132 1.02 4.83 51.48
C ILE D 132 2.10 3.77 51.64
N PRO D 133 3.30 4.13 51.98
CA PRO D 133 4.26 3.12 52.39
C PRO D 133 4.47 3.08 53.89
N ASP D 134 5.29 3.97 54.41
CA ASP D 134 5.79 3.84 55.78
C ASP D 134 4.83 4.59 56.71
N TYR D 135 5.06 4.47 58.00
CA TYR D 135 4.25 5.16 58.98
C TYR D 135 4.35 6.68 58.87
N ASN D 136 5.43 7.23 58.34
CA ASN D 136 5.65 8.66 58.45
C ASN D 136 4.73 9.45 57.53
N THR D 137 5.11 9.56 56.26
CA THR D 137 4.26 10.19 55.26
C THR D 137 2.79 9.94 55.56
N TYR D 138 2.48 8.68 55.84
CA TYR D 138 1.22 8.33 56.47
C TYR D 138 0.85 9.35 57.54
N LYS D 139 1.56 9.34 58.66
CA LYS D 139 1.11 10.07 59.83
C LYS D 139 0.99 11.56 59.54
N ASN D 140 1.88 12.07 58.69
CA ASN D 140 1.78 13.47 58.29
C ASN D 140 0.44 13.74 57.63
N THR D 141 0.09 12.92 56.65
CA THR D 141 -1.22 13.09 56.04
C THR D 141 -2.27 12.41 56.87
N CYS D 142 -1.98 11.22 57.38
CA CYS D 142 -3.03 10.43 57.99
C CYS D 142 -3.34 10.89 59.40
N ASP D 143 -4.64 10.98 59.69
CA ASP D 143 -5.14 11.50 60.95
C ASP D 143 -6.59 11.09 61.14
N GLY D 144 -6.87 10.25 62.14
CA GLY D 144 -8.24 9.97 62.51
C GLY D 144 -9.05 9.34 61.40
N THR D 145 -9.99 10.11 60.85
CA THR D 145 -10.78 9.66 59.71
C THR D 145 -10.72 10.60 58.52
N THR D 146 -9.61 11.30 58.33
CA THR D 146 -9.47 12.18 57.18
C THR D 146 -8.08 12.03 56.57
N PHE D 147 -8.01 12.27 55.28
CA PHE D 147 -6.81 12.02 54.49
C PHE D 147 -6.75 13.20 53.55
N THR D 148 -6.09 14.28 53.97
CA THR D 148 -6.08 15.52 53.19
C THR D 148 -5.07 15.39 52.07
N TYR D 149 -5.47 15.83 50.88
CA TYR D 149 -4.78 15.44 49.67
C TYR D 149 -5.37 16.24 48.53
N ALA D 150 -4.53 16.53 47.55
CA ALA D 150 -4.92 17.39 46.43
C ALA D 150 -5.69 18.59 46.92
N SER D 151 -5.27 19.14 48.06
CA SER D 151 -5.97 20.24 48.70
C SER D 151 -7.43 19.88 48.97
N ALA D 152 -7.68 18.61 49.27
CA ALA D 152 -9.04 18.16 49.52
C ALA D 152 -9.05 17.24 50.73
N LEU D 153 -10.24 17.07 51.28
CA LEU D 153 -10.47 16.30 52.49
C LEU D 153 -11.12 14.98 52.14
N TRP D 154 -10.30 13.98 51.88
CA TRP D 154 -10.83 12.63 51.76
C TRP D 154 -10.98 12.05 53.15
N GLU D 155 -12.17 11.54 53.44
CA GLU D 155 -12.45 10.85 54.68
C GLU D 155 -12.41 9.35 54.43
N ILE D 156 -11.70 8.64 55.29
CA ILE D 156 -11.37 7.26 55.02
C ILE D 156 -12.62 6.40 55.04
N GLN D 157 -12.62 5.33 54.23
CA GLN D 157 -13.67 4.33 54.30
C GLN D 157 -13.15 2.91 54.15
N GLN D 158 -11.90 2.66 54.49
CA GLN D 158 -11.27 1.37 54.41
C GLN D 158 -9.81 1.58 54.70
N VAL D 159 -9.07 0.51 54.83
CA VAL D 159 -7.63 0.58 54.90
C VAL D 159 -7.18 -0.86 54.81
N VAL D 160 -6.08 -1.12 54.14
CA VAL D 160 -5.75 -2.49 53.85
C VAL D 160 -4.25 -2.67 53.99
N ASP D 161 -3.74 -3.68 53.32
CA ASP D 161 -2.30 -3.94 53.31
C ASP D 161 -1.91 -4.62 52.02
N ALA D 162 -0.71 -5.19 52.00
CA ALA D 162 -0.18 -5.75 50.76
C ALA D 162 -1.05 -6.84 50.20
N ASP D 163 -1.05 -8.04 50.80
CA ASP D 163 -1.90 -9.13 50.36
C ASP D 163 -3.31 -8.99 50.96
N SER D 164 -3.69 -7.76 51.27
CA SER D 164 -5.06 -7.39 51.59
C SER D 164 -5.62 -8.18 52.78
N LYS D 165 -5.03 -8.00 53.94
CA LYS D 165 -5.70 -8.35 55.20
C LYS D 165 -6.18 -7.05 55.83
N ILE D 166 -7.37 -6.59 55.45
CA ILE D 166 -7.83 -5.30 55.95
C ILE D 166 -7.66 -5.27 57.44
N VAL D 167 -6.70 -4.48 57.90
CA VAL D 167 -6.54 -4.24 59.31
C VAL D 167 -7.50 -3.11 59.66
N GLN D 168 -7.51 -2.69 60.91
CA GLN D 168 -8.28 -1.52 61.25
C GLN D 168 -7.48 -0.27 60.90
N LEU D 169 -7.71 0.77 61.67
CA LEU D 169 -6.81 1.92 61.64
C LEU D 169 -6.17 2.03 63.02
N SER D 170 -7.00 1.96 64.05
CA SER D 170 -6.59 2.29 65.40
C SER D 170 -5.34 1.56 65.84
N GLU D 171 -5.06 0.39 65.28
CA GLU D 171 -3.83 -0.33 65.58
C GLU D 171 -2.60 0.52 65.33
N ILE D 172 -2.62 1.33 64.28
CA ILE D 172 -1.40 1.92 63.73
C ILE D 172 -0.87 3.05 64.60
N SER D 173 0.34 2.87 65.13
CA SER D 173 1.11 3.97 65.67
C SER D 173 2.50 3.88 65.08
N MET D 174 3.54 4.08 65.87
CA MET D 174 4.91 4.07 65.37
C MET D 174 5.66 2.81 65.72
N ASP D 175 5.15 2.04 66.68
CA ASP D 175 5.81 0.86 67.20
C ASP D 175 5.03 -0.41 66.95
N ASN D 176 3.75 -0.41 67.30
CA ASN D 176 2.84 -1.47 66.91
C ASN D 176 2.75 -1.62 65.40
N SER D 177 2.84 -0.50 64.68
CA SER D 177 2.73 -0.56 63.22
C SER D 177 3.91 -1.26 62.55
N PRO D 178 5.13 -1.22 63.06
CA PRO D 178 6.18 -2.09 62.54
C PRO D 178 5.82 -3.57 62.49
N ASN D 179 4.56 -3.90 62.28
CA ASN D 179 4.09 -5.27 62.24
C ASN D 179 2.96 -5.44 61.24
N LEU D 180 2.93 -4.61 60.20
CA LEU D 180 1.89 -4.73 59.20
C LEU D 180 2.46 -4.57 57.80
N ALA D 181 1.99 -5.42 56.90
CA ALA D 181 2.27 -5.23 55.48
C ALA D 181 2.00 -3.78 55.12
N TRP D 182 3.06 -3.04 54.91
CA TRP D 182 2.87 -1.60 54.91
C TRP D 182 2.04 -1.10 53.73
N PRO D 183 2.41 -1.40 52.48
CA PRO D 183 1.76 -0.71 51.36
C PRO D 183 0.25 -0.73 51.43
N LEU D 184 -0.30 0.13 52.27
CA LEU D 184 -1.74 0.25 52.40
C LEU D 184 -2.37 0.60 51.06
N ILE D 185 -3.68 0.70 51.04
CA ILE D 185 -4.37 1.36 49.94
C ILE D 185 -5.51 2.15 50.55
N VAL D 186 -5.15 3.17 51.30
CA VAL D 186 -6.10 3.81 52.17
C VAL D 186 -7.16 4.52 51.36
N THR D 187 -8.21 3.81 51.00
CA THR D 187 -9.32 4.32 50.22
C THR D 187 -9.91 5.55 50.89
N ALA D 188 -10.86 6.22 50.25
CA ALA D 188 -11.62 7.30 50.87
C ALA D 188 -12.59 7.90 49.88
N LEU D 189 -13.33 8.89 50.36
CA LEU D 189 -14.34 9.57 49.58
C LEU D 189 -14.15 11.07 49.69
N ARG D 190 -14.75 11.79 48.76
CA ARG D 190 -14.68 13.24 48.77
C ARG D 190 -15.37 13.81 50.01
N ALA D 191 -14.78 14.85 50.57
CA ALA D 191 -15.43 15.66 51.58
C ALA D 191 -16.82 16.10 51.12
N VAL G 2 27.38 12.95 14.40
CA VAL G 2 27.43 14.31 14.90
C VAL G 2 28.15 14.35 16.24
N GLY G 3 29.27 13.64 16.30
CA GLY G 3 30.04 13.54 17.51
C GLY G 3 31.50 13.79 17.21
N ALA G 4 32.37 13.28 18.09
CA ALA G 4 33.77 13.63 17.97
C ALA G 4 34.60 12.48 17.44
N CYS G 5 35.65 12.83 16.69
CA CYS G 5 36.66 11.86 16.35
C CYS G 5 37.39 11.49 17.62
N VAL G 6 38.13 10.39 17.54
CA VAL G 6 38.62 9.79 18.76
C VAL G 6 39.94 10.41 19.23
N LEU G 7 40.58 11.23 18.40
CA LEU G 7 41.84 11.86 18.76
C LEU G 7 41.89 13.34 18.44
N CYS G 8 40.75 14.02 18.44
CA CYS G 8 40.81 15.46 18.24
C CYS G 8 39.86 16.27 19.12
N ASN G 9 39.11 15.64 20.03
CA ASN G 9 38.05 16.28 20.82
C ASN G 9 37.24 17.24 19.96
N SER G 10 37.09 16.90 18.70
CA SER G 10 36.41 17.75 17.74
C SER G 10 35.15 17.04 17.30
N GLN G 11 34.02 17.66 17.58
CA GLN G 11 32.81 17.25 16.90
C GLN G 11 33.09 17.23 15.40
N THR G 12 32.67 16.15 14.75
CA THR G 12 32.78 16.05 13.30
C THR G 12 31.46 15.53 12.77
N SER G 13 31.49 14.94 11.59
CA SER G 13 30.28 14.34 11.07
C SER G 13 30.59 13.37 9.94
N LEU G 14 31.84 13.03 9.75
CA LEU G 14 32.21 12.10 8.71
C LEU G 14 32.29 10.71 9.31
N ARG G 15 32.38 9.71 8.45
CA ARG G 15 32.39 8.31 8.84
C ARG G 15 33.21 7.55 7.81
N CYS G 16 34.31 6.94 8.25
CA CYS G 16 35.23 6.30 7.31
C CYS G 16 34.51 5.21 6.50
N GLY G 17 35.03 4.88 5.32
CA GLY G 17 34.32 3.93 4.49
C GLY G 17 34.56 2.50 4.90
N ALA G 18 35.70 1.96 4.55
CA ALA G 18 36.02 0.58 4.86
C ALA G 18 36.58 0.40 6.27
N CYS G 19 35.72 0.25 7.27
CA CYS G 19 36.20 -0.05 8.62
C CYS G 19 35.33 -1.12 9.26
N ILE G 20 35.22 -1.07 10.59
CA ILE G 20 34.37 -1.98 11.33
C ILE G 20 33.00 -1.35 11.48
N ARG G 21 32.84 -0.51 12.50
CA ARG G 21 31.64 0.25 12.71
C ARG G 21 31.57 1.46 11.82
N ARG G 22 32.62 1.73 11.07
CA ARG G 22 32.77 2.99 10.35
C ARG G 22 32.79 4.11 11.38
N PRO G 23 33.97 4.46 11.89
CA PRO G 23 34.05 5.35 13.05
C PRO G 23 33.93 6.81 12.65
N PHE G 24 33.67 7.64 13.65
CA PHE G 24 33.66 9.07 13.45
C PHE G 24 35.07 9.55 13.19
N LEU G 25 35.23 10.38 12.17
CA LEU G 25 36.51 10.96 11.81
C LEU G 25 36.31 12.44 11.59
N CYS G 26 37.39 13.19 11.62
CA CYS G 26 37.27 14.62 11.48
C CYS G 26 38.04 15.11 10.25
N CYS G 27 37.34 15.92 9.44
CA CYS G 27 37.89 16.54 8.23
C CYS G 27 39.35 16.21 8.00
N LYS G 28 40.25 17.06 8.48
CA LYS G 28 41.67 16.81 8.32
C LYS G 28 42.09 15.51 9.01
N CYS G 29 41.69 15.33 10.27
CA CYS G 29 41.98 14.08 10.95
C CYS G 29 41.44 12.91 10.14
N CYS G 30 40.24 13.07 9.56
CA CYS G 30 39.75 12.03 8.66
C CYS G 30 40.74 11.76 7.57
N TYR G 31 41.28 12.81 6.98
CA TYR G 31 42.27 12.63 5.94
C TYR G 31 43.43 11.81 6.46
N ASP G 32 43.90 12.13 7.67
CA ASP G 32 45.09 11.46 8.18
C ASP G 32 44.81 10.01 8.51
N HIS G 33 43.53 9.67 8.70
CA HIS G 33 43.14 8.26 8.75
C HIS G 33 43.14 7.63 7.36
N VAL G 34 42.38 8.19 6.43
CA VAL G 34 42.19 7.51 5.16
C VAL G 34 43.46 7.50 4.32
N ILE G 35 44.03 8.67 4.04
CA ILE G 35 45.19 8.77 3.16
C ILE G 35 46.40 7.98 3.62
N SER G 36 46.33 7.33 4.78
CA SER G 36 47.41 6.51 5.30
C SER G 36 46.95 5.07 5.49
N THR G 37 45.88 4.68 4.79
CA THR G 37 45.52 3.27 4.68
C THR G 37 44.60 3.09 3.47
N SER G 38 43.79 2.03 3.49
CA SER G 38 43.04 1.59 2.32
C SER G 38 41.59 2.06 2.32
N HIS G 39 41.28 3.10 3.09
CA HIS G 39 39.94 3.65 3.16
C HIS G 39 39.67 4.47 1.90
N LYS G 40 38.56 4.21 1.20
CA LYS G 40 38.35 4.79 -0.11
C LYS G 40 36.96 5.39 -0.31
N LEU G 41 36.23 5.64 0.77
CA LEU G 41 34.93 6.29 0.71
C LEU G 41 34.62 6.85 2.09
N VAL G 42 33.73 7.83 2.18
CA VAL G 42 33.38 8.45 3.45
C VAL G 42 31.90 8.80 3.47
N LEU G 43 31.30 8.61 4.63
CA LEU G 43 29.87 8.77 4.84
C LEU G 43 29.63 9.89 5.84
N SER G 44 28.58 10.64 5.60
CA SER G 44 28.34 11.82 6.42
C SER G 44 26.92 11.86 6.93
N VAL G 45 26.28 13.01 6.76
CA VAL G 45 24.83 13.09 6.93
C VAL G 45 24.17 12.30 5.82
N ASN G 46 24.70 12.40 4.63
CA ASN G 46 24.40 11.44 3.58
C ASN G 46 25.74 10.89 3.16
N PRO G 47 25.78 9.80 2.41
CA PRO G 47 27.07 9.28 1.96
C PRO G 47 27.51 10.01 0.70
N TYR G 48 28.81 9.98 0.47
CA TYR G 48 29.43 10.80 -0.57
C TYR G 48 29.52 9.97 -1.84
N VAL G 49 28.56 10.19 -2.73
CA VAL G 49 28.47 9.47 -4.00
C VAL G 49 27.69 10.30 -4.99
N CYS G 50 28.17 10.32 -6.23
CA CYS G 50 27.60 11.19 -7.25
C CYS G 50 26.17 10.81 -7.51
N ASN G 51 25.25 11.74 -7.25
CA ASN G 51 23.84 11.49 -7.50
C ASN G 51 23.41 11.98 -8.87
N ALA G 52 24.23 11.73 -9.87
CA ALA G 52 23.72 11.72 -11.23
C ALA G 52 23.09 10.35 -11.52
N PRO G 53 21.79 10.30 -11.86
CA PRO G 53 21.08 9.02 -11.91
C PRO G 53 21.86 7.89 -12.56
N GLY G 54 21.87 6.73 -11.90
CA GLY G 54 22.54 5.57 -12.43
C GLY G 54 24.04 5.65 -12.43
N CYS G 55 24.62 6.74 -11.92
CA CYS G 55 26.06 6.84 -11.90
C CYS G 55 26.68 5.80 -10.98
N ASP G 56 27.99 5.59 -11.08
CA ASP G 56 28.70 4.64 -10.24
C ASP G 56 30.07 5.17 -9.85
N VAL G 57 30.19 5.71 -8.65
CA VAL G 57 31.42 6.34 -8.20
C VAL G 57 31.68 5.98 -6.74
N THR G 58 32.92 5.60 -6.46
CA THR G 58 33.27 5.00 -5.18
C THR G 58 34.29 5.77 -4.37
N ASP G 59 35.33 6.33 -4.98
CA ASP G 59 36.33 7.08 -4.23
C ASP G 59 35.85 8.51 -4.06
N VAL G 60 35.93 9.00 -2.82
CA VAL G 60 35.55 10.38 -2.57
C VAL G 60 36.32 11.33 -3.47
N THR G 61 37.65 11.16 -3.50
CA THR G 61 38.54 12.02 -4.26
C THR G 61 37.99 12.38 -5.62
N GLN G 62 37.55 11.39 -6.36
CA GLN G 62 37.03 11.58 -7.69
C GLN G 62 35.79 12.47 -7.73
N LEU G 63 35.11 12.67 -6.64
CA LEU G 63 33.92 13.49 -6.73
C LEU G 63 34.22 14.96 -6.61
N TYR G 64 33.17 15.73 -6.77
CA TYR G 64 33.18 17.17 -6.75
C TYR G 64 31.81 17.54 -6.26
N LEU G 65 31.71 18.68 -5.60
CA LEU G 65 30.43 19.11 -5.10
C LEU G 65 29.70 19.76 -6.25
N GLY G 66 28.94 20.79 -5.97
CA GLY G 66 28.27 21.50 -7.02
C GLY G 66 26.96 22.05 -6.54
N GLY G 67 25.90 21.85 -7.31
CA GLY G 67 24.58 22.21 -6.85
C GLY G 67 24.21 21.40 -5.63
N MET G 68 22.98 21.54 -5.14
CA MET G 68 22.68 21.01 -3.82
C MET G 68 22.75 19.49 -3.84
N SER G 69 23.95 18.98 -4.08
CA SER G 69 24.16 17.57 -4.31
C SER G 69 25.64 17.33 -4.48
N TYR G 70 25.98 16.14 -4.92
CA TYR G 70 27.35 15.79 -5.26
C TYR G 70 27.33 15.28 -6.69
N TYR G 71 28.49 15.26 -7.34
CA TYR G 71 28.60 14.78 -8.70
C TYR G 71 29.91 14.05 -8.93
N CYS G 72 30.31 13.91 -10.18
CA CYS G 72 31.51 13.14 -10.49
C CYS G 72 32.05 13.52 -11.86
N LYS G 73 33.36 13.27 -12.04
CA LYS G 73 34.01 13.69 -13.27
C LYS G 73 33.25 13.23 -14.49
N SER G 74 33.01 11.92 -14.60
CA SER G 74 32.31 11.39 -15.76
C SER G 74 30.82 11.73 -15.78
N HIS G 75 30.32 12.52 -14.81
CA HIS G 75 28.90 12.89 -14.81
C HIS G 75 28.64 14.32 -14.38
N LYS G 76 29.63 15.04 -13.85
CA LYS G 76 29.36 16.25 -13.07
C LYS G 76 28.83 17.37 -13.94
N PRO G 77 28.40 18.48 -13.36
CA PRO G 77 28.54 19.74 -14.03
C PRO G 77 29.95 20.25 -13.83
N PRO G 78 30.46 21.03 -14.77
CA PRO G 78 31.84 21.53 -14.63
C PRO G 78 32.05 22.42 -13.43
N ILE G 79 31.02 23.12 -12.96
CA ILE G 79 31.18 24.10 -11.90
C ILE G 79 31.41 23.33 -10.58
N SER G 80 32.53 22.65 -10.51
CA SER G 80 32.84 21.71 -9.46
C SER G 80 33.35 22.47 -8.24
N PHE G 81 34.28 21.85 -7.51
CA PHE G 81 34.60 22.22 -6.14
C PHE G 81 35.24 21.04 -5.44
N PRO G 82 36.24 20.39 -6.03
CA PRO G 82 36.59 19.01 -5.67
C PRO G 82 36.64 18.81 -4.17
N LEU G 83 36.06 17.71 -3.70
CA LEU G 83 36.01 17.50 -2.26
C LEU G 83 37.39 17.26 -1.70
N CYS G 84 37.91 16.06 -1.86
CA CYS G 84 39.22 15.73 -1.35
C CYS G 84 40.24 16.75 -1.81
N ALA G 85 40.20 17.94 -1.24
CA ALA G 85 41.08 19.01 -1.69
C ALA G 85 41.70 19.67 -0.47
N ASN G 86 42.85 20.32 -0.71
CA ASN G 86 43.53 21.14 0.26
C ASN G 86 44.05 20.33 1.43
N GLY G 87 44.12 19.01 1.30
CA GLY G 87 44.46 18.17 2.42
C GLY G 87 43.39 18.05 3.48
N GLN G 88 42.15 18.34 3.14
CA GLN G 88 41.08 18.38 4.13
C GLN G 88 39.77 18.16 3.40
N VAL G 89 39.13 17.01 3.62
CA VAL G 89 37.94 16.70 2.86
C VAL G 89 36.76 17.44 3.45
N PHE G 90 36.05 18.14 2.60
CA PHE G 90 35.06 19.10 3.05
C PHE G 90 33.92 18.41 3.77
N GLY G 91 33.58 18.93 4.95
CA GLY G 91 32.44 18.46 5.71
C GLY G 91 32.29 19.36 6.93
N LEU G 92 31.14 19.27 7.57
CA LEU G 92 30.82 20.09 8.73
C LEU G 92 31.98 20.16 9.72
N TYR G 93 32.09 21.28 10.43
CA TYR G 93 33.27 21.57 11.27
C TYR G 93 34.51 21.70 10.40
N LYS G 94 34.35 22.34 9.23
CA LYS G 94 35.38 22.37 8.21
C LYS G 94 36.64 23.06 8.69
N ASN G 95 36.51 23.91 9.69
CA ASN G 95 37.64 24.68 10.19
C ASN G 95 38.19 24.08 11.47
N THR G 96 37.45 24.12 12.56
CA THR G 96 37.94 23.68 13.87
C THR G 96 38.19 22.18 13.82
N CYS G 97 39.39 21.83 13.38
CA CYS G 97 39.86 20.46 13.48
C CYS G 97 41.37 20.53 13.63
N VAL G 98 41.92 19.60 14.38
CA VAL G 98 43.33 19.61 14.72
C VAL G 98 44.09 18.55 13.95
N GLY G 99 43.44 17.44 13.63
CA GLY G 99 44.12 16.34 12.98
C GLY G 99 45.26 15.83 13.83
N SER G 100 46.10 14.96 13.28
CA SER G 100 47.24 14.45 14.02
C SER G 100 48.14 13.68 13.08
N ASP G 101 49.42 13.59 13.45
CA ASP G 101 50.34 12.73 12.72
C ASP G 101 50.40 11.34 13.31
N ASN G 102 50.12 11.20 14.59
CA ASN G 102 50.05 9.89 15.23
C ASN G 102 48.75 9.24 14.81
N VAL G 103 48.69 8.76 13.57
CA VAL G 103 47.46 8.19 13.06
C VAL G 103 47.71 6.77 12.58
N THR G 104 48.86 6.54 11.94
CA THR G 104 49.17 5.17 11.53
C THR G 104 49.24 4.26 12.75
N ASP G 105 49.38 4.82 13.95
CA ASP G 105 49.10 4.06 15.16
C ASP G 105 47.61 4.03 15.46
N PHE G 106 46.96 5.21 15.44
CA PHE G 106 45.50 5.27 15.42
C PHE G 106 44.95 4.29 14.37
N ASN G 107 45.40 4.43 13.11
CA ASN G 107 44.99 3.50 12.08
C ASN G 107 45.35 2.08 12.45
N ALA G 108 46.61 1.83 12.77
CA ALA G 108 47.04 0.50 13.21
C ALA G 108 46.02 -0.10 14.16
N ILE G 109 45.54 0.72 15.10
CA ILE G 109 44.52 0.25 16.03
C ILE G 109 43.26 -0.11 15.28
N ALA G 110 42.88 0.71 14.29
CA ALA G 110 41.73 0.35 13.47
C ALA G 110 42.14 -0.53 12.30
N THR G 111 43.38 -0.35 11.81
CA THR G 111 43.87 -1.12 10.67
C THR G 111 44.77 -2.25 11.17
N CYS G 112 44.35 -2.91 12.24
CA CYS G 112 44.87 -4.21 12.61
C CYS G 112 43.78 -5.26 12.37
N ASP G 113 44.02 -6.18 11.44
CA ASP G 113 42.99 -7.15 11.10
C ASP G 113 42.64 -8.07 12.25
N TRP G 114 43.17 -7.81 13.45
CA TRP G 114 42.85 -8.58 14.64
C TRP G 114 43.18 -10.06 14.43
N THR G 115 44.22 -10.29 13.62
CA THR G 115 44.79 -11.62 13.43
C THR G 115 46.03 -11.85 14.25
N ASN G 116 46.71 -10.79 14.67
CA ASN G 116 48.01 -10.87 15.29
C ASN G 116 47.91 -10.63 16.79
N ALA G 117 48.71 -11.38 17.54
CA ALA G 117 49.06 -10.92 18.87
C ALA G 117 49.81 -9.59 18.79
N GLY G 118 50.47 -9.33 17.67
CA GLY G 118 50.98 -8.01 17.40
C GLY G 118 49.87 -6.97 17.34
N ASP G 119 48.71 -7.33 16.80
CA ASP G 119 47.56 -6.44 16.87
C ASP G 119 47.18 -6.15 18.31
N TYR G 120 47.35 -7.14 19.20
CA TYR G 120 47.08 -6.90 20.61
C TYR G 120 48.12 -5.95 21.19
N ILE G 121 49.38 -6.12 20.81
CA ILE G 121 50.40 -5.16 21.21
C ILE G 121 50.02 -3.76 20.73
N LEU G 122 49.41 -3.67 19.54
CA LEU G 122 49.06 -2.37 19.00
C LEU G 122 47.86 -1.79 19.73
N ALA G 123 46.95 -2.65 20.20
CA ALA G 123 45.88 -2.19 21.08
C ALA G 123 46.44 -1.77 22.43
N ASN G 124 47.56 -2.34 22.81
CA ASN G 124 48.35 -1.92 23.95
C ASN G 124 49.13 -0.70 23.66
N THR G 125 49.05 -0.29 22.39
CA THR G 125 49.74 0.89 21.87
C THR G 125 48.69 1.96 21.52
N CYS G 126 48.12 2.59 22.55
CA CYS G 126 47.20 3.70 22.41
C CYS G 126 46.68 4.23 23.75
N THR G 127 45.63 5.05 23.71
CA THR G 127 45.06 5.70 24.89
C THR G 127 43.56 5.48 24.96
N GLU G 128 42.94 6.19 25.91
CA GLU G 128 41.61 5.82 26.43
C GLU G 128 40.54 5.78 25.35
N ARG G 129 40.31 6.89 24.65
CA ARG G 129 39.37 6.85 23.53
C ARG G 129 39.78 5.77 22.55
N LEU G 130 41.04 5.80 22.13
CA LEU G 130 41.55 4.84 21.19
C LEU G 130 41.56 3.42 21.74
N LYS G 131 41.70 3.24 23.06
CA LYS G 131 41.76 1.87 23.59
C LYS G 131 40.38 1.26 23.71
N LEU G 132 39.40 2.02 24.20
CA LEU G 132 38.02 1.54 24.14
C LEU G 132 37.66 1.24 22.69
N PHE G 133 38.14 2.08 21.77
CA PHE G 133 37.93 1.81 20.36
C PHE G 133 38.55 0.48 19.95
N ALA G 134 39.82 0.27 20.31
CA ALA G 134 40.49 -0.98 19.95
C ALA G 134 39.74 -2.16 20.52
N ALA G 135 39.21 -2.00 21.73
CA ALA G 135 38.48 -3.09 22.38
C ALA G 135 37.20 -3.44 21.64
N GLU G 136 36.47 -2.42 21.22
CA GLU G 136 35.22 -2.68 20.50
C GLU G 136 35.50 -3.27 19.13
N THR G 137 36.55 -2.78 18.47
CA THR G 137 37.01 -3.42 17.25
C THR G 137 37.38 -4.87 17.48
N LEU G 138 38.04 -5.15 18.59
CA LEU G 138 38.36 -6.53 18.97
C LEU G 138 37.08 -7.35 19.05
N LYS G 139 36.11 -6.88 19.83
CA LYS G 139 34.86 -7.61 20.01
C LYS G 139 34.19 -7.85 18.67
N ALA G 140 34.17 -6.83 17.81
CA ALA G 140 33.46 -6.93 16.55
C ALA G 140 34.13 -7.95 15.63
N THR G 141 35.45 -7.92 15.56
CA THR G 141 36.13 -8.93 14.75
C THR G 141 35.89 -10.33 15.30
N GLU G 142 35.96 -10.48 16.63
CA GLU G 142 35.58 -11.77 17.22
C GLU G 142 34.24 -12.21 16.70
N GLU G 143 33.23 -11.35 16.83
CA GLU G 143 31.86 -11.76 16.58
C GLU G 143 31.62 -12.04 15.09
N THR G 144 32.29 -11.29 14.21
CA THR G 144 32.17 -11.57 12.79
C THR G 144 32.95 -12.80 12.38
N PHE G 145 33.81 -13.32 13.27
CA PHE G 145 34.39 -14.64 13.01
C PHE G 145 33.55 -15.76 13.61
N LYS G 146 33.02 -15.54 14.82
CA LYS G 146 32.23 -16.57 15.49
C LYS G 146 30.96 -16.92 14.75
N LEU G 147 30.49 -16.04 13.85
CA LEU G 147 29.38 -16.34 12.96
C LEU G 147 29.86 -16.79 11.59
N SER G 148 30.97 -17.53 11.52
CA SER G 148 31.48 -18.06 10.27
C SER G 148 31.23 -19.56 10.15
N TYR G 149 30.46 -20.12 11.08
CA TYR G 149 30.12 -21.54 11.07
C TYR G 149 28.67 -21.70 10.59
N GLY G 150 28.19 -22.94 10.63
CA GLY G 150 26.87 -23.24 10.10
C GLY G 150 25.77 -23.13 11.13
N ILE G 151 24.63 -23.71 10.77
CA ILE G 151 23.44 -23.75 11.61
C ILE G 151 23.12 -25.22 11.86
N ALA G 152 23.39 -25.70 13.06
CA ALA G 152 23.39 -27.15 13.30
C ALA G 152 22.00 -27.76 13.12
N THR G 153 21.66 -28.15 11.91
CA THR G 153 20.34 -28.69 11.60
C THR G 153 20.31 -30.19 11.86
N VAL G 154 19.42 -30.61 12.76
CA VAL G 154 19.15 -32.03 12.98
C VAL G 154 17.92 -32.41 12.18
N ARG G 155 18.10 -33.30 11.21
CA ARG G 155 16.98 -33.79 10.41
C ARG G 155 16.37 -35.05 10.99
N GLU G 156 17.19 -36.05 11.30
CA GLU G 156 16.69 -37.30 11.90
C GLU G 156 17.02 -37.29 13.39
N VAL G 157 15.97 -37.41 14.19
CA VAL G 157 16.10 -37.50 15.64
C VAL G 157 16.52 -38.91 15.99
N LEU G 158 17.47 -39.03 16.93
CA LEU G 158 17.75 -40.32 17.55
C LEU G 158 17.54 -40.12 19.04
N SER G 159 18.28 -40.82 19.89
CA SER G 159 18.11 -40.74 21.33
C SER G 159 18.52 -39.37 21.86
N ASP G 160 18.22 -39.12 23.13
CA ASP G 160 18.75 -37.94 23.77
C ASP G 160 20.28 -38.02 23.79
N ARG G 161 20.90 -36.96 23.29
CA ARG G 161 22.35 -36.85 23.14
C ARG G 161 22.89 -37.79 22.05
N GLU G 162 22.07 -38.10 21.05
CA GLU G 162 22.50 -38.82 19.85
C GLU G 162 21.53 -38.49 18.73
N LEU G 163 22.01 -37.94 17.63
CA LEU G 163 21.14 -37.66 16.49
C LEU G 163 21.92 -37.76 15.20
N HIS G 164 21.20 -37.69 14.09
CA HIS G 164 21.76 -37.62 12.74
C HIS G 164 21.80 -36.16 12.33
N LEU G 165 22.94 -35.51 12.58
CA LEU G 165 23.11 -34.07 12.39
C LEU G 165 23.88 -33.79 11.12
N SER G 166 23.48 -32.75 10.41
CA SER G 166 24.27 -32.24 9.29
C SER G 166 24.57 -30.76 9.50
N TRP G 167 24.11 -29.93 8.57
CA TRP G 167 24.40 -28.51 8.57
C TRP G 167 23.64 -27.84 7.43
N GLU G 168 24.10 -26.65 7.03
CA GLU G 168 23.60 -26.00 5.82
C GLU G 168 24.46 -26.51 4.66
N VAL G 169 25.28 -25.67 4.06
CA VAL G 169 26.09 -26.04 2.90
C VAL G 169 27.53 -25.56 3.12
N GLY G 170 28.46 -26.51 3.20
CA GLY G 170 29.89 -26.21 3.17
C GLY G 170 30.45 -25.44 4.35
N LYS G 171 29.68 -24.48 4.91
CA LYS G 171 30.15 -23.54 5.93
C LYS G 171 30.83 -24.31 7.07
N PRO G 172 31.99 -23.85 7.53
CA PRO G 172 32.83 -24.70 8.39
C PRO G 172 32.20 -25.04 9.73
N ARG G 173 32.80 -26.03 10.40
CA ARG G 173 32.60 -26.83 11.60
C ARG G 173 33.22 -26.14 12.82
N PRO G 174 32.48 -26.11 13.93
CA PRO G 174 32.89 -25.28 15.06
C PRO G 174 33.77 -26.04 16.04
N PRO G 175 34.67 -25.35 16.74
CA PRO G 175 35.30 -25.94 17.92
C PRO G 175 34.24 -26.29 18.95
N LEU G 176 33.83 -27.56 18.93
CA LEU G 176 32.55 -27.97 19.48
C LEU G 176 32.56 -28.10 21.00
N ASN G 177 33.58 -27.56 21.67
CA ASN G 177 33.68 -27.68 23.11
C ASN G 177 32.70 -26.74 23.81
N ARG G 178 33.02 -26.40 25.06
CA ARG G 178 32.15 -25.61 25.92
C ARG G 178 32.09 -24.14 25.49
N ASN G 179 32.77 -23.80 24.40
CA ASN G 179 32.77 -22.40 23.96
C ASN G 179 31.42 -22.01 23.37
N TYR G 180 30.77 -22.92 22.65
CA TYR G 180 29.56 -22.61 21.90
C TYR G 180 28.35 -23.26 22.56
N VAL G 181 27.43 -22.42 23.03
CA VAL G 181 26.12 -22.86 23.49
C VAL G 181 25.21 -22.88 22.27
N PHE G 182 25.25 -23.98 21.51
CA PHE G 182 24.54 -24.01 20.25
C PHE G 182 23.05 -24.16 20.48
N THR G 183 22.34 -23.02 20.44
CA THR G 183 20.93 -22.98 20.80
C THR G 183 20.12 -23.18 19.52
N GLY G 184 18.97 -23.82 19.66
CA GLY G 184 18.17 -24.20 18.52
C GLY G 184 17.00 -23.27 18.25
N TYR G 185 16.72 -23.12 16.96
CA TYR G 185 15.54 -22.41 16.51
C TYR G 185 14.76 -23.32 15.58
N ARG G 186 13.63 -23.83 16.06
CA ARG G 186 12.82 -24.74 15.29
C ARG G 186 12.03 -23.98 14.24
N VAL G 187 11.53 -24.72 13.25
CA VAL G 187 10.65 -24.18 12.24
C VAL G 187 9.34 -24.94 12.27
N THR G 188 8.24 -24.19 12.27
CA THR G 188 6.89 -24.76 12.31
C THR G 188 6.15 -24.55 11.01
N LYS G 189 6.04 -23.29 10.57
CA LYS G 189 5.34 -22.95 9.34
C LYS G 189 6.15 -21.94 8.53
N ASN G 190 6.44 -20.78 9.13
CA ASN G 190 7.17 -19.71 8.46
C ASN G 190 8.40 -19.26 9.22
N SER G 191 8.32 -19.20 10.55
CA SER G 191 9.32 -18.50 11.35
C SER G 191 10.29 -19.48 12.01
N LYS G 192 11.50 -18.98 12.23
CA LYS G 192 12.57 -19.69 12.92
C LYS G 192 12.39 -19.44 14.42
N VAL G 193 11.90 -20.45 15.15
CA VAL G 193 11.54 -20.23 16.55
C VAL G 193 11.81 -21.48 17.38
N GLN G 194 12.89 -21.44 18.16
CA GLN G 194 13.03 -22.23 19.38
C GLN G 194 13.10 -23.74 19.21
N ILE G 195 14.30 -24.28 19.18
CA ILE G 195 14.48 -25.66 19.63
C ILE G 195 14.92 -25.53 21.07
N GLY G 196 15.55 -24.40 21.37
CA GLY G 196 15.98 -24.06 22.70
C GLY G 196 17.49 -23.91 22.76
N GLU G 197 17.98 -23.64 23.98
CA GLU G 197 19.40 -23.46 24.23
C GLU G 197 20.04 -24.79 24.56
N TYR G 198 21.06 -25.15 23.80
CA TYR G 198 21.71 -26.45 23.90
C TYR G 198 23.21 -26.26 24.08
N THR G 199 23.92 -27.37 24.06
CA THR G 199 25.37 -27.37 24.00
C THR G 199 25.80 -28.67 23.35
N PHE G 200 26.40 -28.57 22.18
CA PHE G 200 26.67 -29.74 21.36
C PHE G 200 28.08 -30.28 21.59
N GLU G 201 28.18 -31.60 21.69
CA GLU G 201 29.48 -32.28 21.72
C GLU G 201 29.42 -33.48 20.79
N LYS G 202 30.51 -34.24 20.75
CA LYS G 202 30.60 -35.39 19.87
C LYS G 202 29.69 -36.50 20.37
N GLY G 203 28.99 -37.15 19.44
CA GLY G 203 28.17 -38.28 19.78
C GLY G 203 28.94 -39.56 20.01
N ALA G 208 24.11 -39.93 15.89
CA ALA G 208 24.77 -39.94 17.19
C ALA G 208 25.59 -38.67 17.41
N VAL G 209 24.95 -37.65 17.98
CA VAL G 209 25.61 -36.39 18.34
C VAL G 209 25.11 -36.03 19.74
N VAL G 210 26.03 -35.98 20.70
CA VAL G 210 25.65 -35.66 22.08
C VAL G 210 25.45 -34.15 22.18
N TYR G 211 24.26 -33.73 22.61
CA TYR G 211 24.01 -32.36 23.01
C TYR G 211 23.79 -32.30 24.52
N ARG G 212 23.61 -31.09 25.02
CA ARG G 212 23.32 -30.85 26.43
C ARG G 212 22.16 -29.87 26.51
N GLY G 213 20.95 -30.41 26.67
CA GLY G 213 19.77 -29.59 26.77
C GLY G 213 19.75 -28.74 28.01
N THR G 214 19.81 -27.41 27.83
CA THR G 214 19.81 -26.49 28.96
C THR G 214 18.50 -26.62 29.73
N THR G 215 17.40 -26.10 29.18
CA THR G 215 16.12 -26.52 29.71
C THR G 215 15.68 -27.78 28.99
N THR G 216 14.82 -28.55 29.66
CA THR G 216 14.36 -29.81 29.10
C THR G 216 13.73 -29.58 27.74
N TYR G 217 14.26 -30.27 26.72
CA TYR G 217 13.87 -29.99 25.35
C TYR G 217 13.84 -31.27 24.55
N LYS G 218 13.04 -31.23 23.48
CA LYS G 218 12.96 -32.33 22.53
C LYS G 218 13.41 -31.83 21.16
N LEU G 219 13.68 -32.76 20.27
CA LEU G 219 14.22 -32.45 18.96
C LEU G 219 13.21 -32.79 17.88
N ASN G 220 13.32 -32.07 16.76
CA ASN G 220 12.34 -32.18 15.69
C ASN G 220 13.01 -32.61 14.38
N VAL G 221 12.60 -32.01 13.26
CA VAL G 221 13.08 -32.40 11.94
C VAL G 221 13.40 -31.16 11.14
N GLY G 222 14.60 -31.10 10.57
CA GLY G 222 15.04 -29.94 9.83
C GLY G 222 15.22 -28.69 10.66
N ASP G 223 15.20 -28.82 11.98
CA ASP G 223 15.33 -27.68 12.87
C ASP G 223 16.75 -27.63 13.43
N TYR G 224 17.27 -26.40 13.58
CA TYR G 224 18.70 -26.19 13.64
C TYR G 224 19.12 -25.26 14.77
N PHE G 225 20.45 -25.12 14.90
CA PHE G 225 21.12 -24.61 16.10
C PHE G 225 22.23 -23.62 15.74
N VAL G 226 22.24 -22.47 16.40
CA VAL G 226 23.33 -21.49 16.31
C VAL G 226 23.63 -20.82 17.64
N LEU G 227 24.33 -19.69 17.58
CA LEU G 227 24.55 -18.76 18.70
C LEU G 227 24.36 -17.35 18.12
N THR G 228 23.10 -16.97 17.91
CA THR G 228 22.82 -15.72 17.20
C THR G 228 23.40 -14.53 17.96
N SER G 229 24.06 -13.64 17.22
CA SER G 229 24.81 -12.54 17.79
C SER G 229 23.93 -11.31 17.98
N HIS G 230 24.46 -10.34 18.71
CA HIS G 230 23.77 -9.08 18.96
C HIS G 230 24.76 -7.94 18.67
N THR G 231 24.66 -6.88 19.46
CA THR G 231 25.30 -5.60 19.15
C THR G 231 26.13 -5.13 20.33
N VAL G 232 27.43 -5.43 20.31
CA VAL G 232 28.34 -4.79 21.24
C VAL G 232 28.42 -3.31 20.92
N MET G 233 28.25 -2.47 21.94
CA MET G 233 28.10 -1.04 21.79
C MET G 233 29.24 -0.26 22.44
N PRO G 234 29.50 0.97 22.00
CA PRO G 234 30.58 1.77 22.58
C PRO G 234 30.29 2.18 24.02
N LEU G 235 31.37 2.43 24.75
CA LEU G 235 31.35 2.67 26.19
C LEU G 235 31.66 4.14 26.47
N SER G 236 32.12 4.41 27.70
CA SER G 236 32.35 5.78 28.13
C SER G 236 33.44 5.89 29.20
N ALA G 237 33.09 5.69 30.47
CA ALA G 237 33.98 5.92 31.59
C ALA G 237 35.21 5.00 31.51
N PRO G 238 36.27 5.30 32.27
CA PRO G 238 37.52 4.53 32.13
C PRO G 238 37.39 3.13 32.72
N THR G 239 37.97 2.17 31.98
CA THR G 239 38.10 0.80 32.45
C THR G 239 38.81 0.73 33.79
N LEU G 240 39.96 1.40 33.93
CA LEU G 240 40.58 1.63 35.22
C LEU G 240 40.10 2.99 35.73
N VAL G 241 39.54 3.00 36.92
CA VAL G 241 38.92 4.21 37.49
C VAL G 241 39.96 5.31 37.65
N PRO G 242 39.55 6.55 37.85
CA PRO G 242 40.52 7.58 38.27
C PRO G 242 41.16 7.22 39.61
N GLN G 243 42.30 6.54 39.54
CA GLN G 243 42.96 6.06 40.75
C GLN G 243 43.26 7.21 41.70
N GLU G 244 42.67 7.14 42.90
CA GLU G 244 42.94 8.10 43.95
C GLU G 244 42.70 7.43 45.29
N HIS G 245 43.77 7.00 45.93
CA HIS G 245 43.73 6.53 47.31
C HIS G 245 43.39 7.74 48.16
N TYR G 246 42.15 7.80 48.64
CA TYR G 246 41.69 8.93 49.45
C TYR G 246 42.65 9.24 50.59
N VAL G 247 42.68 10.52 50.97
CA VAL G 247 43.49 10.93 52.12
C VAL G 247 43.09 10.17 53.36
N ARG G 248 41.85 9.67 53.40
CA ARG G 248 41.37 8.90 54.53
C ARG G 248 40.12 8.12 54.12
N ILE G 249 39.77 7.15 54.94
CA ILE G 249 38.62 6.29 54.70
C ILE G 249 37.40 6.93 55.38
N THR G 250 37.08 8.16 54.97
CA THR G 250 36.04 8.96 55.62
C THR G 250 34.71 8.82 54.92
N GLY G 251 33.63 9.04 55.67
CA GLY G 251 32.30 8.98 55.11
C GLY G 251 31.70 7.59 55.03
N LEU G 252 32.22 6.63 55.78
CA LEU G 252 31.69 5.29 55.81
C LEU G 252 31.42 4.91 57.26
N TYR G 253 31.02 3.67 57.50
CA TYR G 253 30.65 3.17 58.82
C TYR G 253 31.65 2.10 59.23
N PRO G 254 32.80 2.50 59.76
CA PRO G 254 33.84 1.52 60.11
C PRO G 254 33.53 0.76 61.38
N THR G 255 32.74 -0.31 61.27
CA THR G 255 32.37 -1.08 62.43
C THR G 255 33.59 -1.74 63.06
N LEU G 256 33.49 -1.95 64.38
CA LEU G 256 34.59 -2.51 65.17
C LEU G 256 34.69 -4.03 65.06
N ASN G 257 33.57 -4.74 64.94
CA ASN G 257 33.53 -6.18 65.13
C ASN G 257 33.70 -6.92 63.80
N ILE G 258 34.88 -7.51 63.63
CA ILE G 258 35.24 -8.20 62.41
C ILE G 258 35.31 -9.70 62.68
N SER G 259 34.73 -10.47 61.77
CA SER G 259 34.87 -11.93 61.78
C SER G 259 36.33 -12.21 61.45
N ASP G 260 37.06 -12.73 62.44
CA ASP G 260 38.50 -12.85 62.29
C ASP G 260 38.96 -14.18 61.72
N GLU G 261 38.04 -14.99 61.18
CA GLU G 261 38.42 -16.25 60.53
C GLU G 261 39.39 -15.98 59.39
N PHE G 262 39.33 -14.78 58.83
CA PHE G 262 40.15 -14.39 57.70
C PHE G 262 41.14 -13.33 58.18
N SER G 263 42.28 -13.76 58.72
CA SER G 263 43.25 -12.86 59.33
C SER G 263 44.20 -12.22 58.31
N SER G 264 43.90 -12.35 57.01
CA SER G 264 44.58 -11.59 55.96
C SER G 264 43.64 -10.60 55.31
N ASN G 265 42.36 -10.62 55.70
CA ASN G 265 41.32 -9.82 55.08
C ASN G 265 41.39 -8.35 55.41
N VAL G 266 41.26 -7.95 56.67
CA VAL G 266 41.37 -6.53 57.01
C VAL G 266 42.78 -6.02 56.71
N ALA G 267 43.78 -6.91 56.79
CA ALA G 267 45.15 -6.60 56.38
C ALA G 267 45.23 -6.02 54.98
N ASN G 268 44.14 -6.09 54.23
CA ASN G 268 44.01 -5.41 52.96
C ASN G 268 42.77 -4.53 52.90
N TYR G 269 41.73 -4.85 53.68
CA TYR G 269 40.54 -4.00 53.78
C TYR G 269 40.93 -2.58 54.13
N GLN G 270 41.89 -2.41 55.05
CA GLN G 270 42.27 -1.06 55.42
C GLN G 270 42.95 -0.32 54.28
N LYS G 271 43.71 -1.04 53.46
CA LYS G 271 44.34 -0.46 52.29
C LYS G 271 43.36 -0.25 51.13
N VAL G 272 42.26 -0.99 51.11
CA VAL G 272 41.26 -0.85 50.05
C VAL G 272 40.26 0.25 50.37
N GLY G 273 39.84 0.34 51.63
CA GLY G 273 39.04 1.45 52.08
C GLY G 273 39.71 2.79 51.95
N MET G 274 41.03 2.79 51.77
CA MET G 274 41.77 3.97 51.34
C MET G 274 42.37 3.78 49.96
N GLN G 275 41.58 3.36 48.97
CA GLN G 275 42.02 3.16 47.60
C GLN G 275 40.83 2.87 46.71
N LYS G 276 40.75 3.59 45.59
CA LYS G 276 39.67 3.38 44.64
C LYS G 276 39.67 1.95 44.15
N TYR G 277 40.63 1.63 43.29
CA TYR G 277 40.66 0.38 42.59
C TYR G 277 41.66 -0.58 43.23
N SER G 278 41.15 -1.71 43.70
CA SER G 278 41.97 -2.79 44.23
C SER G 278 41.90 -3.92 43.23
N THR G 279 42.89 -3.96 42.35
CA THR G 279 43.05 -5.01 41.36
C THR G 279 44.26 -5.83 41.81
N LEU G 280 44.01 -6.94 42.48
CA LEU G 280 45.04 -7.60 43.27
C LEU G 280 45.48 -8.92 42.64
N GLN G 281 46.69 -9.34 43.01
CA GLN G 281 47.21 -10.67 42.70
C GLN G 281 46.96 -11.59 43.89
N GLY G 282 46.03 -12.52 43.72
CA GLY G 282 45.76 -13.49 44.76
C GLY G 282 45.50 -14.87 44.16
N PRO G 283 46.20 -15.88 44.64
CA PRO G 283 46.08 -17.22 44.05
C PRO G 283 44.72 -17.83 44.37
N PRO G 284 44.36 -18.94 43.73
CA PRO G 284 43.00 -19.47 43.91
C PRO G 284 42.75 -19.92 45.34
N GLY G 285 41.54 -19.65 45.81
CA GLY G 285 41.12 -20.02 47.15
C GLY G 285 42.01 -19.50 48.26
N THR G 286 42.61 -18.30 48.06
CA THR G 286 43.51 -17.70 49.05
C THR G 286 42.88 -16.48 49.70
N GLY G 287 41.89 -16.73 50.56
CA GLY G 287 41.29 -15.67 51.34
C GLY G 287 40.74 -14.56 50.48
N LYS G 288 40.39 -14.87 49.23
CA LYS G 288 39.76 -13.88 48.35
C LYS G 288 38.26 -14.08 48.31
N SER G 289 37.82 -15.29 47.98
CA SER G 289 36.40 -15.62 48.15
C SER G 289 35.97 -15.36 49.59
N HIS G 290 36.88 -15.51 50.54
CA HIS G 290 36.63 -15.11 51.92
C HIS G 290 36.81 -13.62 52.12
N PHE G 291 37.56 -12.96 51.24
CA PHE G 291 37.94 -11.56 51.42
C PHE G 291 36.73 -10.64 51.41
N ALA G 292 36.04 -10.58 50.28
CA ALA G 292 34.92 -9.65 50.17
C ALA G 292 33.80 -9.98 51.14
N ILE G 293 33.63 -11.26 51.47
CA ILE G 293 32.53 -11.58 52.37
C ILE G 293 32.92 -11.31 53.83
N GLY G 294 34.22 -11.27 54.14
CA GLY G 294 34.63 -10.74 55.43
C GLY G 294 34.62 -9.24 55.46
N LEU G 295 34.80 -8.61 54.29
CA LEU G 295 34.55 -7.18 54.17
C LEU G 295 33.08 -6.89 54.43
N ALA G 296 32.21 -7.81 54.03
CA ALA G 296 30.78 -7.68 54.33
C ALA G 296 30.53 -7.50 55.82
N LEU G 297 31.47 -7.94 56.67
CA LEU G 297 31.41 -7.63 58.09
C LEU G 297 32.30 -6.46 58.48
N TYR G 298 33.46 -6.31 57.85
CA TYR G 298 34.26 -5.10 58.04
C TYR G 298 33.50 -3.88 57.54
N TYR G 299 32.59 -4.08 56.58
CA TYR G 299 31.69 -3.04 56.11
C TYR G 299 30.34 -3.65 55.77
N PRO G 300 29.46 -3.81 56.76
CA PRO G 300 28.06 -4.15 56.48
C PRO G 300 27.22 -2.97 56.02
N SER G 301 27.76 -1.75 56.09
CA SER G 301 27.05 -0.55 55.69
C SER G 301 27.51 -0.02 54.34
N ALA G 302 28.42 -0.72 53.67
CA ALA G 302 28.79 -0.39 52.29
C ALA G 302 27.89 -1.16 51.34
N ARG G 303 27.05 -0.46 50.60
CA ARG G 303 26.12 -1.10 49.66
C ARG G 303 26.91 -1.45 48.41
N ILE G 304 27.28 -2.73 48.28
CA ILE G 304 28.31 -3.16 47.33
C ILE G 304 27.76 -4.24 46.41
N VAL G 305 28.33 -4.34 45.22
CA VAL G 305 27.92 -5.31 44.22
C VAL G 305 29.04 -6.32 44.03
N TYR G 306 28.67 -7.59 43.94
CA TYR G 306 29.56 -8.67 43.54
C TYR G 306 29.21 -9.02 42.10
N THR G 307 30.22 -9.31 41.28
CA THR G 307 29.93 -9.69 39.90
C THR G 307 31.11 -10.45 39.31
N ALA G 308 30.80 -11.47 38.51
CA ALA G 308 31.80 -12.16 37.70
C ALA G 308 31.26 -12.34 36.29
N CYS G 309 32.13 -12.79 35.40
CA CYS G 309 31.82 -12.83 33.97
C CYS G 309 30.64 -13.71 33.62
N SER G 310 30.34 -14.71 34.44
CA SER G 310 29.27 -15.65 34.16
C SER G 310 28.70 -16.15 35.48
N HIS G 311 27.54 -16.79 35.39
CA HIS G 311 26.84 -17.23 36.60
C HIS G 311 27.64 -18.27 37.37
N ALA G 312 28.25 -19.23 36.66
CA ALA G 312 29.09 -20.22 37.33
C ALA G 312 30.34 -19.58 37.94
N ALA G 313 30.77 -18.45 37.39
CA ALA G 313 31.94 -17.77 37.94
C ALA G 313 31.59 -17.04 39.23
N VAL G 314 30.57 -16.17 39.18
CA VAL G 314 30.10 -15.52 40.39
C VAL G 314 29.58 -16.52 41.41
N ASP G 315 29.26 -17.73 40.98
CA ASP G 315 28.76 -18.78 41.88
C ASP G 315 29.68 -18.95 43.08
N ALA G 316 30.98 -18.74 42.89
CA ALA G 316 31.92 -18.79 44.01
C ALA G 316 31.53 -17.83 45.11
N LEU G 317 31.39 -16.54 44.77
CA LEU G 317 30.98 -15.54 45.76
C LEU G 317 29.58 -15.83 46.26
N CYS G 318 28.69 -16.25 45.35
CA CYS G 318 27.28 -16.42 45.65
C CYS G 318 27.01 -17.54 46.65
N GLU G 319 27.76 -18.63 46.62
CA GLU G 319 27.51 -19.70 47.58
C GLU G 319 27.72 -19.20 49.00
N LYS G 320 28.95 -18.86 49.34
CA LYS G 320 29.25 -18.36 50.68
C LYS G 320 28.63 -17.00 50.97
N ALA G 321 27.98 -16.37 49.98
CA ALA G 321 27.27 -15.13 50.24
C ALA G 321 26.17 -15.31 51.27
N LEU G 322 25.07 -15.96 50.88
CA LEU G 322 23.94 -16.06 51.79
C LEU G 322 24.30 -16.85 53.04
N LYS G 323 25.37 -17.63 52.99
CA LYS G 323 25.87 -18.26 54.21
C LYS G 323 26.50 -17.26 55.16
N TYR G 324 27.37 -16.38 54.66
CA TYR G 324 28.07 -15.41 55.50
C TYR G 324 27.29 -14.12 55.69
N LEU G 325 26.24 -13.91 54.90
CA LEU G 325 25.38 -12.73 54.99
C LEU G 325 23.98 -13.14 55.42
N PRO G 326 23.16 -12.17 55.81
CA PRO G 326 21.71 -12.41 55.82
C PRO G 326 21.22 -12.74 54.43
N ILE G 327 19.98 -13.22 54.35
CA ILE G 327 19.38 -13.49 53.06
C ILE G 327 18.79 -12.21 52.46
N ASP G 328 18.50 -11.21 53.29
CA ASP G 328 17.81 -10.00 52.83
C ASP G 328 18.69 -9.19 51.88
N LYS G 329 19.67 -8.47 52.43
CA LYS G 329 20.39 -7.46 51.67
C LYS G 329 21.37 -8.05 50.65
N CYS G 330 21.16 -9.27 50.18
CA CYS G 330 21.95 -9.86 49.11
C CYS G 330 21.04 -10.26 47.97
N SER G 331 21.55 -10.18 46.74
CA SER G 331 20.65 -10.32 45.60
C SER G 331 21.43 -10.75 44.36
N ARG G 332 20.67 -11.25 43.38
CA ARG G 332 21.22 -11.74 42.12
C ARG G 332 20.15 -11.72 41.06
N ILE G 333 20.42 -11.02 39.96
CA ILE G 333 19.53 -11.02 38.80
C ILE G 333 20.10 -12.06 37.84
N ILE G 334 19.23 -12.94 37.35
CA ILE G 334 19.61 -14.07 36.52
C ILE G 334 18.84 -13.99 35.21
N PRO G 335 19.51 -13.75 34.08
CA PRO G 335 18.79 -13.67 32.80
C PRO G 335 18.28 -15.03 32.36
N ALA G 336 17.12 -15.00 31.71
CA ALA G 336 16.46 -16.20 31.22
C ALA G 336 15.32 -15.82 30.28
N VAL G 340 19.33 -19.61 28.55
CA VAL G 340 20.22 -19.34 29.67
C VAL G 340 19.54 -19.74 30.97
N GLU G 341 20.34 -20.13 31.97
CA GLU G 341 19.83 -20.63 33.24
C GLU G 341 20.96 -20.67 34.26
N CYS G 342 20.62 -20.43 35.53
CA CYS G 342 21.49 -20.72 36.66
C CYS G 342 20.79 -20.53 38.01
N PHE G 343 21.58 -20.36 39.07
CA PHE G 343 21.08 -20.24 40.43
C PHE G 343 20.17 -19.04 40.61
N ASP G 344 19.24 -19.14 41.55
CA ASP G 344 18.36 -18.02 41.86
C ASP G 344 18.13 -17.88 43.36
N LYS G 345 19.02 -18.41 44.20
CA LYS G 345 18.78 -18.41 45.64
C LYS G 345 18.90 -17.03 46.26
N PHE G 346 19.32 -16.03 45.50
CA PHE G 346 19.40 -14.67 46.00
C PHE G 346 18.06 -13.96 45.86
N LYS G 347 18.11 -12.72 45.41
CA LYS G 347 16.91 -11.95 45.09
C LYS G 347 17.07 -11.29 43.73
N VAL G 348 15.98 -11.26 42.95
CA VAL G 348 15.98 -10.70 41.61
C VAL G 348 15.04 -9.50 41.63
N ASN G 349 15.24 -8.59 40.68
CA ASN G 349 14.30 -7.48 40.41
C ASN G 349 14.15 -6.53 41.60
N SER G 350 15.26 -6.24 42.26
CA SER G 350 15.27 -5.17 43.25
C SER G 350 16.70 -4.72 43.51
N THR G 351 17.18 -3.79 42.69
CA THR G 351 18.53 -3.26 42.81
C THR G 351 18.75 -2.52 44.12
N LEU G 352 17.67 -2.06 44.76
CA LEU G 352 17.77 -1.37 46.03
C LEU G 352 18.38 -2.27 47.09
N GLU G 353 18.50 -3.56 46.78
CA GLU G 353 19.12 -4.52 47.67
C GLU G 353 20.63 -4.34 47.63
N GLN G 354 21.26 -4.46 48.79
CA GLN G 354 22.67 -4.09 48.91
C GLN G 354 23.57 -5.05 48.15
N TYR G 355 23.86 -6.21 48.75
CA TYR G 355 24.94 -7.07 48.27
C TYR G 355 24.41 -7.87 47.08
N VAL G 356 24.18 -7.19 45.96
CA VAL G 356 23.77 -7.89 44.75
C VAL G 356 24.99 -8.56 44.13
N PHE G 357 24.94 -9.87 44.01
CA PHE G 357 25.93 -10.59 43.24
C PHE G 357 25.32 -10.81 41.87
N CYS G 358 26.15 -10.98 40.85
CA CYS G 358 25.57 -11.05 39.51
C CYS G 358 26.53 -11.49 38.42
N THR G 359 26.05 -11.41 37.18
CA THR G 359 26.81 -11.75 35.99
C THR G 359 26.88 -10.54 35.07
N VAL G 360 28.09 -10.25 34.59
CA VAL G 360 28.34 -9.00 33.88
C VAL G 360 27.48 -8.85 32.64
N ASN G 361 26.83 -9.93 32.19
CA ASN G 361 26.12 -9.87 30.92
C ASN G 361 25.00 -8.84 30.92
N ALA G 362 24.45 -8.50 32.09
CA ALA G 362 23.40 -7.50 32.17
C ALA G 362 23.27 -6.95 33.58
N LEU G 363 24.38 -6.88 34.30
CA LEU G 363 24.34 -6.26 35.61
C LEU G 363 23.85 -4.83 35.46
N PRO G 364 23.04 -4.32 36.38
CA PRO G 364 22.30 -3.08 36.10
C PRO G 364 23.21 -1.87 35.99
N GLU G 365 22.58 -0.75 35.61
CA GLU G 365 23.30 0.49 35.37
C GLU G 365 22.94 1.50 36.45
N THR G 366 23.20 1.15 37.70
CA THR G 366 22.69 1.91 38.84
C THR G 366 23.86 2.46 39.64
N THR G 367 23.71 2.51 40.96
CA THR G 367 24.67 3.15 41.85
C THR G 367 24.76 2.33 43.13
N ALA G 368 25.94 2.33 43.75
CA ALA G 368 26.21 1.53 44.94
C ALA G 368 27.17 2.32 45.85
N ASP G 369 28.20 1.70 46.41
CA ASP G 369 29.08 2.38 47.35
C ASP G 369 30.53 1.93 47.12
N ILE G 370 30.88 0.72 47.56
CA ILE G 370 32.16 0.13 47.15
C ILE G 370 31.83 -0.89 46.07
N VAL G 371 32.85 -1.44 45.46
CA VAL G 371 32.69 -2.48 44.46
C VAL G 371 33.70 -3.58 44.73
N VAL G 372 33.22 -4.83 44.83
CA VAL G 372 34.05 -6.00 44.66
C VAL G 372 33.70 -6.61 43.32
N PHE G 373 34.67 -6.72 42.43
CA PHE G 373 34.38 -7.12 41.07
C PHE G 373 35.22 -8.34 40.69
N ASP G 374 34.55 -9.48 40.59
CA ASP G 374 35.23 -10.75 40.41
C ASP G 374 35.70 -10.90 38.96
N GLU G 375 36.79 -11.64 38.80
CA GLU G 375 37.30 -12.07 37.50
C GLU G 375 37.72 -10.90 36.62
N ILE G 376 38.77 -10.19 37.03
CA ILE G 376 39.44 -9.27 36.11
C ILE G 376 40.57 -9.96 35.36
N SER G 377 40.27 -10.75 34.33
CA SER G 377 41.29 -11.62 33.74
C SER G 377 40.94 -12.06 32.33
N MET G 378 39.90 -12.88 32.17
CA MET G 378 39.59 -13.48 30.88
C MET G 378 38.85 -12.55 29.91
N ALA G 379 39.05 -11.24 30.03
CA ALA G 379 38.29 -10.29 29.22
C ALA G 379 39.17 -9.13 28.75
N THR G 380 38.54 -8.18 28.08
CA THR G 380 39.22 -6.97 27.65
C THR G 380 38.78 -5.79 28.51
N ASN G 381 39.36 -4.63 28.21
CA ASN G 381 39.00 -3.39 28.88
C ASN G 381 37.52 -3.07 28.76
N TYR G 382 36.87 -3.61 27.74
CA TYR G 382 35.43 -3.42 27.56
C TYR G 382 34.69 -3.69 28.85
N ASP G 383 34.65 -4.95 29.27
CA ASP G 383 33.90 -5.34 30.46
C ASP G 383 34.36 -4.60 31.70
N LEU G 384 35.66 -4.38 31.85
CA LEU G 384 36.14 -3.62 33.01
C LEU G 384 35.53 -2.24 33.02
N SER G 385 35.29 -1.67 31.85
CA SER G 385 34.70 -0.35 31.73
C SER G 385 33.18 -0.37 31.80
N VAL G 386 32.55 -1.50 31.47
CA VAL G 386 31.10 -1.48 31.36
C VAL G 386 30.49 -1.08 32.69
N VAL G 387 31.04 -1.57 33.80
CA VAL G 387 30.42 -1.29 35.10
C VAL G 387 30.79 0.09 35.61
N ASN G 388 32.03 0.52 35.37
CA ASN G 388 32.39 1.91 35.67
C ASN G 388 31.44 2.86 34.97
N ALA G 389 30.97 2.47 33.79
CA ALA G 389 29.89 3.20 33.14
C ALA G 389 28.56 2.99 33.85
N ARG G 390 28.18 1.73 34.09
CA ARG G 390 26.90 1.44 34.72
C ARG G 390 26.86 1.96 36.15
N LEU G 391 27.88 1.62 36.94
CA LEU G 391 27.80 1.87 38.37
C LEU G 391 28.57 3.13 38.71
N ARG G 392 28.00 3.92 39.61
CA ARG G 392 28.68 5.05 40.22
C ARG G 392 28.80 4.80 41.70
N ALA G 393 29.93 4.21 42.10
CA ALA G 393 30.13 3.83 43.50
C ALA G 393 31.16 4.78 44.10
N LYS G 394 32.01 4.26 45.00
CA LYS G 394 33.09 5.05 45.57
C LYS G 394 34.43 4.34 45.35
N HIS G 395 34.74 3.36 46.18
CA HIS G 395 35.93 2.54 46.00
C HIS G 395 35.56 1.27 45.25
N TYR G 396 36.58 0.48 44.94
CA TYR G 396 36.43 -0.65 44.04
C TYR G 396 37.35 -1.78 44.46
N VAL G 397 36.90 -3.01 44.18
CA VAL G 397 37.73 -4.20 44.30
C VAL G 397 37.56 -5.02 43.04
N TYR G 398 38.68 -5.46 42.49
CA TYR G 398 38.70 -6.16 41.22
C TYR G 398 39.27 -7.54 41.43
N ILE G 399 38.42 -8.46 41.85
CA ILE G 399 38.78 -9.86 41.94
C ILE G 399 39.00 -10.35 40.52
N GLY G 400 39.88 -11.34 40.37
CA GLY G 400 40.43 -11.69 39.09
C GLY G 400 41.87 -11.19 38.98
N ASP G 401 42.56 -11.63 37.94
CA ASP G 401 44.00 -11.47 37.99
C ASP G 401 44.65 -11.95 36.71
N PRO G 402 45.70 -11.26 36.22
CA PRO G 402 46.44 -11.77 35.07
C PRO G 402 46.83 -13.22 35.25
N ALA G 403 47.20 -13.54 36.49
CA ALA G 403 47.59 -14.89 36.87
C ALA G 403 46.40 -15.82 36.96
N GLN G 404 45.44 -15.69 36.05
CA GLN G 404 44.32 -16.60 35.98
C GLN G 404 43.99 -17.01 34.56
N LEU G 405 43.13 -16.22 33.89
CA LEU G 405 42.65 -16.64 32.61
C LEU G 405 42.91 -15.55 31.59
N PRO G 406 43.53 -15.86 30.46
CA PRO G 406 43.45 -14.97 29.30
C PRO G 406 42.06 -15.07 28.67
N ALA G 407 41.76 -14.09 27.93
CA ALA G 407 40.59 -14.47 27.17
C ALA G 407 40.99 -15.44 26.06
N PRO G 408 40.23 -16.52 25.84
CA PRO G 408 40.53 -17.40 24.70
C PRO G 408 40.38 -16.63 23.39
N ARG G 409 41.52 -16.43 22.70
CA ARG G 409 41.55 -15.60 21.51
C ARG G 409 41.33 -16.48 20.27
N THR G 410 40.14 -16.38 19.69
CA THR G 410 39.76 -17.27 18.60
C THR G 410 40.55 -17.01 17.33
N LEU G 411 41.05 -15.78 17.13
CA LEU G 411 41.59 -15.39 15.84
C LEU G 411 43.09 -15.24 15.80
N LEU G 412 43.76 -15.11 16.95
CA LEU G 412 45.21 -15.03 16.95
C LEU G 412 45.81 -16.35 16.50
N THR G 413 46.67 -16.30 15.49
CA THR G 413 47.26 -17.49 14.91
C THR G 413 48.69 -17.73 15.31
N LYS G 414 49.33 -16.78 15.99
CA LYS G 414 50.74 -16.90 16.36
C LYS G 414 50.96 -16.44 17.79
N GLY G 415 51.88 -17.13 18.47
CA GLY G 415 52.42 -16.66 19.73
C GLY G 415 51.40 -16.44 20.82
N THR G 416 51.80 -15.71 21.85
CA THR G 416 50.95 -15.48 23.01
C THR G 416 51.14 -14.06 23.53
N LEU G 417 50.13 -13.56 24.24
CA LEU G 417 50.22 -12.28 24.91
C LEU G 417 50.98 -12.41 26.23
N GLU G 418 51.40 -11.26 26.75
CA GLU G 418 52.07 -11.22 28.03
C GLU G 418 51.02 -11.01 29.13
N PRO G 419 51.21 -11.64 30.32
CA PRO G 419 50.15 -11.63 31.35
C PRO G 419 49.61 -10.24 31.63
N GLU G 420 50.52 -9.32 31.93
CA GLU G 420 50.14 -7.94 32.14
C GLU G 420 49.41 -7.34 30.95
N TYR G 421 49.54 -7.93 29.77
CA TYR G 421 49.02 -7.32 28.57
C TYR G 421 47.57 -7.68 28.27
N PHE G 422 46.87 -8.33 29.22
CA PHE G 422 45.46 -8.65 28.99
C PHE G 422 44.66 -7.39 28.70
N ASN G 423 44.79 -6.37 29.54
CA ASN G 423 43.93 -5.20 29.52
C ASN G 423 44.71 -4.04 30.12
N SER G 424 43.98 -3.00 30.55
CA SER G 424 44.61 -1.80 31.07
C SER G 424 45.26 -2.00 32.43
N VAL G 425 44.63 -2.75 33.33
CA VAL G 425 45.13 -2.83 34.70
C VAL G 425 45.97 -4.09 34.92
N CYS G 426 45.97 -5.04 33.99
CA CYS G 426 46.90 -6.16 34.09
C CYS G 426 48.33 -5.68 33.92
N ARG G 427 48.56 -4.77 32.97
CA ARG G 427 49.86 -4.12 32.86
C ARG G 427 50.16 -3.25 34.08
N LEU G 428 49.17 -2.48 34.55
CA LEU G 428 49.38 -1.70 35.76
C LEU G 428 49.75 -2.60 36.94
N MET G 429 49.30 -3.86 36.93
CA MET G 429 49.53 -4.77 38.03
C MET G 429 50.84 -5.53 37.91
N LYS G 430 51.61 -5.28 36.85
CA LYS G 430 52.99 -5.74 36.77
C LYS G 430 53.95 -4.60 36.40
N THR G 431 53.47 -3.35 36.40
CA THR G 431 54.32 -2.16 36.43
C THR G 431 54.15 -1.37 37.71
N ILE G 432 53.00 -0.72 37.93
CA ILE G 432 52.67 -0.21 39.26
C ILE G 432 52.58 -1.33 40.28
N GLY G 433 52.22 -2.53 39.84
CA GLY G 433 52.21 -3.68 40.72
C GLY G 433 50.80 -4.10 41.06
N PRO G 434 50.65 -5.36 41.49
CA PRO G 434 49.32 -5.83 41.89
C PRO G 434 48.80 -5.00 43.05
N ASP G 435 47.57 -4.56 42.93
CA ASP G 435 47.10 -3.67 43.97
C ASP G 435 46.93 -4.34 45.35
N MET G 436 47.39 -5.56 45.65
CA MET G 436 47.35 -6.05 47.03
C MET G 436 48.09 -7.39 47.10
N PHE G 437 48.20 -7.90 48.33
CA PHE G 437 48.66 -9.26 48.62
C PHE G 437 47.51 -10.02 49.28
N LEU G 438 47.52 -11.34 49.14
CA LEU G 438 46.55 -12.17 49.85
C LEU G 438 46.94 -13.63 49.75
N GLY G 439 48.14 -13.95 50.26
CA GLY G 439 48.64 -15.30 50.20
C GLY G 439 48.10 -16.25 51.23
N THR G 440 46.79 -16.54 51.17
CA THR G 440 46.15 -17.37 52.17
C THR G 440 45.63 -18.68 51.57
N CYS G 441 46.52 -19.55 51.10
CA CYS G 441 46.08 -20.68 50.29
C CYS G 441 45.26 -21.69 51.08
N ARG G 442 44.08 -21.27 51.54
CA ARG G 442 43.16 -22.14 52.27
C ARG G 442 42.48 -23.15 51.36
N ARG G 443 43.24 -23.88 50.55
CA ARG G 443 42.74 -25.08 49.88
C ARG G 443 43.88 -26.09 49.72
N CYS G 444 44.48 -26.18 48.53
CA CYS G 444 45.58 -27.11 48.31
C CYS G 444 46.78 -26.69 49.16
N PRO G 445 47.56 -27.65 49.67
CA PRO G 445 48.73 -27.29 50.48
C PRO G 445 49.87 -26.70 49.66
N ALA G 446 51.06 -26.61 50.25
CA ALA G 446 52.16 -25.83 49.69
C ALA G 446 53.06 -26.65 48.76
N GLU G 447 52.51 -27.65 48.08
CA GLU G 447 53.30 -28.41 47.12
C GLU G 447 53.17 -27.90 45.70
N ILE G 448 51.95 -27.68 45.22
CA ILE G 448 51.74 -27.26 43.84
C ILE G 448 51.61 -25.76 43.70
N VAL G 449 50.97 -25.08 44.64
CA VAL G 449 50.71 -23.66 44.49
C VAL G 449 52.00 -22.85 44.62
N ASP G 450 52.98 -23.38 45.37
CA ASP G 450 54.32 -22.80 45.39
C ASP G 450 54.97 -22.80 44.00
N THR G 451 54.94 -23.94 43.31
CA THR G 451 55.56 -24.04 42.00
C THR G 451 54.79 -23.21 40.96
N VAL G 452 53.47 -23.12 41.09
CA VAL G 452 52.70 -22.23 40.22
C VAL G 452 53.00 -20.76 40.49
N SER G 453 53.26 -20.39 41.74
CA SER G 453 53.55 -19.00 42.07
C SER G 453 54.94 -18.60 41.60
N ALA G 454 55.90 -19.50 41.76
CA ALA G 454 57.22 -19.27 41.18
C ALA G 454 57.17 -19.16 39.67
N LEU G 455 56.04 -19.55 39.06
CA LEU G 455 55.90 -19.46 37.61
C LEU G 455 55.13 -18.22 37.18
N VAL G 456 54.21 -17.73 38.02
CA VAL G 456 53.56 -16.45 37.72
C VAL G 456 53.43 -15.58 38.97
N TYR G 457 53.12 -16.17 40.12
CA TYR G 457 52.70 -15.34 41.24
C TYR G 457 53.87 -14.90 42.15
N ASP G 458 55.11 -15.26 41.85
CA ASP G 458 56.30 -14.73 42.55
C ASP G 458 56.33 -15.13 44.02
N ASN G 459 56.39 -16.43 44.31
CA ASN G 459 56.77 -16.97 45.61
C ASN G 459 56.02 -16.34 46.79
N LYS G 460 54.94 -15.61 46.51
CA LYS G 460 54.29 -14.81 47.55
C LYS G 460 53.46 -15.65 48.50
N LEU G 461 53.55 -16.96 48.42
CA LEU G 461 52.65 -17.83 49.16
C LEU G 461 53.37 -18.43 50.38
N LYS G 462 52.64 -18.47 51.49
CA LYS G 462 53.16 -19.07 52.71
C LYS G 462 53.05 -20.58 52.65
N ALA G 463 52.89 -21.20 53.82
CA ALA G 463 52.59 -22.62 53.91
C ALA G 463 51.22 -22.80 54.55
N HIS G 464 50.24 -23.23 53.76
CA HIS G 464 48.93 -23.57 54.31
C HIS G 464 49.05 -24.76 55.26
N LYS G 465 49.55 -25.89 54.76
CA LYS G 465 49.68 -27.11 55.55
C LYS G 465 50.80 -28.00 55.02
N ASP G 466 50.57 -29.32 55.09
CA ASP G 466 51.63 -30.32 55.03
C ASP G 466 51.94 -30.82 53.63
N LYS G 467 52.77 -31.87 53.55
CA LYS G 467 53.13 -32.56 52.31
C LYS G 467 52.40 -33.90 52.32
N SER G 468 51.26 -33.96 51.63
CA SER G 468 50.29 -35.04 51.77
C SER G 468 50.62 -36.27 50.93
N ALA G 469 51.78 -36.31 50.27
CA ALA G 469 52.20 -37.46 49.46
C ALA G 469 51.17 -37.79 48.38
N GLN G 470 50.65 -36.74 47.74
CA GLN G 470 49.56 -36.88 46.79
C GLN G 470 49.80 -36.13 45.48
N CYS G 471 50.24 -34.88 45.54
CA CYS G 471 50.58 -34.13 44.35
C CYS G 471 51.73 -34.85 43.66
N PHE G 472 51.42 -35.52 42.55
CA PHE G 472 52.35 -36.42 41.89
C PHE G 472 52.52 -36.01 40.44
N LYS G 473 53.67 -36.41 39.87
CA LYS G 473 53.95 -36.30 38.45
C LYS G 473 54.34 -37.69 37.94
N MET G 474 54.67 -37.77 36.65
N MET G 474 54.67 -37.75 36.65
CA MET G 474 55.07 -39.02 36.03
CA MET G 474 55.07 -39.02 36.03
C MET G 474 56.15 -38.76 34.99
C MET G 474 56.15 -38.76 34.99
N PHE G 475 56.67 -39.84 34.41
CA PHE G 475 57.64 -39.74 33.32
C PHE G 475 57.01 -40.35 32.07
N TYR G 476 56.66 -39.51 31.10
CA TYR G 476 55.99 -40.01 29.91
C TYR G 476 56.06 -38.98 28.79
N LYS G 477 55.53 -39.36 27.62
CA LYS G 477 55.53 -38.51 26.43
C LYS G 477 54.16 -38.57 25.75
N GLY G 478 54.04 -39.32 24.66
CA GLY G 478 52.77 -39.51 23.98
C GLY G 478 52.73 -38.92 22.58
N VAL G 479 52.04 -39.65 21.69
CA VAL G 479 51.93 -39.31 20.26
C VAL G 479 50.46 -39.07 19.96
N ILE G 480 50.19 -38.02 19.15
CA ILE G 480 48.85 -37.46 18.98
C ILE G 480 48.20 -37.98 17.70
N THR G 481 46.87 -38.10 17.72
CA THR G 481 46.04 -38.32 16.54
C THR G 481 44.85 -37.37 16.59
N HIS G 482 44.41 -36.90 15.43
CA HIS G 482 43.61 -35.68 15.35
C HIS G 482 42.20 -35.93 14.80
N ASP G 483 41.32 -34.96 15.06
CA ASP G 483 40.02 -34.83 14.41
C ASP G 483 39.94 -33.46 13.74
N VAL G 484 38.75 -32.86 13.69
CA VAL G 484 38.57 -31.56 13.04
C VAL G 484 38.82 -30.44 14.04
N SER G 485 37.79 -30.08 14.79
CA SER G 485 37.87 -29.07 15.83
C SER G 485 38.19 -29.68 17.19
N SER G 486 38.83 -30.85 17.16
CA SER G 486 39.16 -31.58 18.38
C SER G 486 40.25 -32.60 18.03
N ALA G 487 40.72 -33.31 19.05
CA ALA G 487 41.76 -34.31 18.88
C ALA G 487 41.70 -35.26 20.06
N ILE G 488 42.15 -36.48 19.84
CA ILE G 488 42.08 -37.54 20.83
C ILE G 488 43.49 -38.07 21.06
N ASN G 489 43.71 -38.71 22.21
CA ASN G 489 44.99 -39.32 22.53
C ASN G 489 44.73 -40.60 23.30
N ARG G 490 45.32 -41.70 22.84
CA ARG G 490 45.05 -42.99 23.48
C ARG G 490 46.21 -43.50 24.33
N PRO G 491 47.48 -43.31 23.92
CA PRO G 491 48.57 -43.67 24.85
C PRO G 491 48.51 -42.96 26.19
N GLN G 492 47.90 -41.78 26.27
CA GLN G 492 47.80 -41.08 27.55
C GLN G 492 46.56 -41.49 28.34
N ILE G 493 45.43 -41.69 27.68
CA ILE G 493 44.29 -42.28 28.36
C ILE G 493 44.67 -43.66 28.91
N GLY G 494 45.52 -44.39 28.19
CA GLY G 494 46.07 -45.62 28.71
C GLY G 494 46.85 -45.44 29.99
N VAL G 495 47.73 -44.44 30.03
CA VAL G 495 48.41 -44.08 31.28
C VAL G 495 47.42 -43.84 32.40
N VAL G 496 46.38 -43.05 32.12
CA VAL G 496 45.39 -42.72 33.15
C VAL G 496 44.76 -43.99 33.71
N ARG G 497 44.25 -44.85 32.82
CA ARG G 497 43.55 -46.03 33.31
C ARG G 497 44.51 -46.96 34.06
N GLU G 498 45.68 -47.22 33.47
CA GLU G 498 46.61 -48.16 34.09
C GLU G 498 47.15 -47.64 35.42
N PHE G 499 47.17 -46.32 35.62
CA PHE G 499 47.52 -45.80 36.94
C PHE G 499 46.36 -45.91 37.91
N LEU G 500 45.15 -45.56 37.48
CA LEU G 500 44.04 -45.66 38.42
C LEU G 500 43.64 -47.11 38.72
N THR G 501 44.21 -48.10 38.02
CA THR G 501 43.99 -49.50 38.37
C THR G 501 45.18 -50.13 39.07
N ARG G 502 46.33 -49.46 39.09
CA ARG G 502 47.45 -49.92 39.91
C ARG G 502 47.24 -49.64 41.39
N ASN G 503 46.63 -48.52 41.74
CA ASN G 503 46.17 -48.25 43.10
C ASN G 503 44.75 -47.72 42.96
N PRO G 504 43.76 -48.44 43.49
CA PRO G 504 42.36 -48.05 43.27
C PRO G 504 41.93 -46.79 44.00
N ALA G 505 42.86 -45.92 44.39
CA ALA G 505 42.55 -44.78 45.24
C ALA G 505 42.36 -43.47 44.47
N TRP G 506 42.42 -43.48 43.14
CA TRP G 506 42.36 -42.23 42.40
C TRP G 506 41.02 -42.01 41.71
N ARG G 507 40.08 -42.96 41.84
CA ARG G 507 38.82 -42.92 41.07
C ARG G 507 37.72 -42.17 41.82
N LYS G 508 38.02 -40.93 42.19
CA LYS G 508 37.04 -39.98 42.68
C LYS G 508 37.26 -38.63 42.01
N ALA G 509 37.71 -38.68 40.76
CA ALA G 509 38.27 -37.52 40.06
C ALA G 509 37.50 -37.22 38.79
N VAL G 510 37.78 -36.05 38.22
CA VAL G 510 37.29 -35.67 36.90
C VAL G 510 38.50 -35.60 35.97
N PHE G 511 38.38 -36.21 34.79
CA PHE G 511 39.45 -36.17 33.82
C PHE G 511 39.51 -34.81 33.12
N ILE G 512 40.43 -33.97 33.54
CA ILE G 512 40.59 -32.64 32.97
C ILE G 512 41.63 -32.70 31.87
N SER G 513 41.17 -32.48 30.63
CA SER G 513 42.02 -32.44 29.47
C SER G 513 41.42 -31.36 28.58
N PRO G 514 42.24 -30.47 28.02
CA PRO G 514 41.69 -29.29 27.33
C PRO G 514 40.81 -29.62 26.13
N TYR G 515 40.82 -30.87 25.65
CA TYR G 515 39.95 -31.28 24.55
C TYR G 515 38.69 -31.90 25.13
N ASN G 516 37.54 -31.25 24.90
CA ASN G 516 36.28 -31.83 25.36
C ASN G 516 36.01 -33.15 24.67
N SER G 517 36.65 -33.39 23.53
CA SER G 517 36.54 -34.69 22.88
C SER G 517 37.14 -35.79 23.74
N GLN G 518 38.23 -35.50 24.46
CA GLN G 518 38.85 -36.50 25.31
C GLN G 518 37.90 -36.92 26.43
N ASN G 519 37.18 -35.96 27.01
CA ASN G 519 36.17 -36.30 28.01
C ASN G 519 34.94 -36.96 27.39
N ALA G 520 34.54 -36.56 26.19
CA ALA G 520 33.40 -37.22 25.54
C ALA G 520 33.71 -38.67 25.23
N VAL G 521 34.98 -39.00 25.00
CA VAL G 521 35.33 -40.40 24.75
C VAL G 521 35.72 -41.13 26.04
N ALA G 522 36.13 -40.42 27.09
CA ALA G 522 36.42 -41.07 28.36
C ALA G 522 35.21 -41.21 29.27
N SER G 523 34.09 -40.55 28.94
CA SER G 523 32.90 -40.65 29.77
C SER G 523 32.39 -42.08 29.86
N LYS G 524 32.28 -42.75 28.71
CA LYS G 524 31.68 -44.08 28.68
C LYS G 524 32.64 -45.19 29.10
N ILE G 525 33.92 -44.88 29.32
CA ILE G 525 34.88 -45.92 29.65
C ILE G 525 35.53 -45.69 31.01
N LEU G 526 36.13 -44.52 31.23
CA LEU G 526 36.73 -44.17 32.51
C LEU G 526 35.72 -43.63 33.51
N GLY G 527 34.52 -43.27 33.05
CA GLY G 527 33.49 -42.76 33.92
C GLY G 527 33.75 -41.39 34.50
N LEU G 528 34.89 -40.79 34.19
CA LEU G 528 35.24 -39.49 34.76
C LEU G 528 34.38 -38.40 34.13
N PRO G 529 33.78 -37.49 34.91
CA PRO G 529 32.77 -36.59 34.36
C PRO G 529 33.35 -35.48 33.49
N THR G 530 32.56 -34.42 33.27
CA THR G 530 32.95 -33.31 32.41
C THR G 530 33.26 -32.07 33.23
N GLN G 531 34.40 -31.44 32.93
CA GLN G 531 34.81 -30.18 33.51
C GLN G 531 35.60 -29.41 32.46
N THR G 532 35.12 -28.22 32.11
CA THR G 532 35.71 -27.46 31.02
C THR G 532 36.98 -26.73 31.46
N VAL G 533 37.69 -26.19 30.47
CA VAL G 533 38.84 -25.34 30.72
C VAL G 533 38.47 -23.86 30.62
N ASP G 534 37.19 -23.52 30.76
CA ASP G 534 36.73 -22.14 30.66
C ASP G 534 36.13 -21.64 31.97
N SER G 535 34.83 -21.35 31.98
CA SER G 535 34.15 -20.76 33.14
C SER G 535 33.66 -21.84 34.10
N SER G 536 34.57 -22.76 34.41
CA SER G 536 34.34 -23.77 35.44
C SER G 536 35.00 -23.41 36.77
N GLN G 537 35.79 -22.34 36.80
CA GLN G 537 36.42 -21.93 38.05
C GLN G 537 35.34 -21.63 39.09
N GLY G 538 35.45 -22.29 40.25
CA GLY G 538 34.47 -22.21 41.30
C GLY G 538 34.09 -23.56 41.87
N SER G 539 33.80 -24.53 40.99
CA SER G 539 33.44 -25.88 41.40
C SER G 539 34.58 -26.81 40.99
N GLU G 540 35.39 -27.21 41.97
CA GLU G 540 36.57 -28.02 41.73
C GLU G 540 36.47 -29.28 42.57
N TYR G 541 37.54 -30.08 42.56
CA TYR G 541 37.53 -31.34 43.29
C TYR G 541 38.87 -31.53 44.00
N ASP G 542 38.94 -32.59 44.81
CA ASP G 542 40.12 -32.91 45.60
C ASP G 542 41.06 -33.85 44.85
N TYR G 543 40.79 -35.15 44.94
CA TYR G 543 41.49 -36.13 44.11
C TYR G 543 41.22 -35.81 42.65
N VAL G 544 42.25 -35.40 41.92
CA VAL G 544 42.06 -34.98 40.54
C VAL G 544 43.12 -35.64 39.68
N ILE G 545 42.70 -36.13 38.51
CA ILE G 545 43.63 -36.62 37.50
C ILE G 545 43.69 -35.56 36.40
N PHE G 546 44.90 -35.17 36.04
CA PHE G 546 45.13 -34.19 34.99
C PHE G 546 45.96 -34.82 33.88
N THR G 547 45.52 -34.61 32.64
CA THR G 547 46.32 -34.96 31.47
C THR G 547 46.28 -33.78 30.51
N GLN G 548 47.45 -33.23 30.22
CA GLN G 548 47.60 -32.17 29.22
C GLN G 548 47.49 -32.67 27.80
N THR G 549 47.48 -34.00 27.61
CA THR G 549 47.27 -34.67 26.33
C THR G 549 48.44 -34.45 25.38
N THR G 550 48.52 -33.27 24.78
CA THR G 550 49.58 -32.92 23.86
C THR G 550 50.64 -32.13 24.63
N GLU G 551 51.70 -31.72 23.94
CA GLU G 551 52.80 -30.98 24.54
C GLU G 551 52.91 -29.56 23.97
N THR G 552 51.82 -29.03 23.43
CA THR G 552 51.83 -27.73 22.78
C THR G 552 51.38 -26.63 23.74
N ALA G 553 51.19 -25.44 23.20
CA ALA G 553 50.77 -24.30 24.01
C ALA G 553 49.35 -24.47 24.53
N HIS G 554 48.40 -24.80 23.67
CA HIS G 554 47.03 -25.07 24.09
C HIS G 554 46.91 -26.28 24.99
N SER G 555 48.03 -26.96 25.27
CA SER G 555 48.03 -28.20 26.03
C SER G 555 48.76 -28.05 27.36
N CYS G 556 50.00 -27.57 27.31
CA CYS G 556 50.91 -27.55 28.45
C CYS G 556 51.56 -26.19 28.67
N ASN G 557 50.80 -25.10 28.52
CA ASN G 557 51.41 -23.78 28.55
C ASN G 557 51.67 -23.29 29.96
N VAL G 558 52.10 -22.04 30.09
CA VAL G 558 52.50 -21.51 31.40
C VAL G 558 51.27 -21.12 32.20
N ASN G 559 50.27 -20.53 31.54
CA ASN G 559 49.03 -20.11 32.22
C ASN G 559 47.84 -20.50 31.35
N ARG G 560 47.77 -21.76 30.94
CA ARG G 560 46.59 -22.27 30.25
C ARG G 560 46.03 -23.48 30.97
N PHE G 561 46.91 -24.36 31.47
CA PHE G 561 46.43 -25.40 32.38
C PHE G 561 46.72 -24.99 33.81
N ASN G 562 47.24 -23.76 33.98
CA ASN G 562 47.42 -23.19 35.31
C ASN G 562 46.11 -23.09 36.06
N VAL G 563 44.99 -23.05 35.34
CA VAL G 563 43.66 -23.21 35.95
C VAL G 563 43.36 -24.66 36.30
N ALA G 564 43.72 -25.61 35.45
CA ALA G 564 43.40 -27.00 35.68
C ALA G 564 44.19 -27.63 36.81
N ILE G 565 45.36 -27.07 37.14
CA ILE G 565 46.17 -27.68 38.19
C ILE G 565 45.78 -27.15 39.56
N THR G 566 45.27 -25.92 39.64
CA THR G 566 44.90 -25.31 40.91
C THR G 566 43.51 -25.70 41.40
N ARG G 567 42.96 -26.83 40.96
CA ARG G 567 41.65 -27.26 41.40
C ARG G 567 41.67 -28.02 42.73
N ALA G 568 42.81 -28.52 43.16
CA ALA G 568 42.86 -29.49 44.24
C ALA G 568 42.76 -28.82 45.61
N LYS G 569 42.40 -29.62 46.60
CA LYS G 569 42.43 -29.18 48.00
C LYS G 569 43.53 -29.87 48.79
N VAL G 570 44.00 -31.02 48.33
CA VAL G 570 45.05 -31.77 49.02
C VAL G 570 46.15 -32.12 48.03
N GLY G 571 45.77 -32.53 46.83
CA GLY G 571 46.72 -32.97 45.84
C GLY G 571 46.10 -33.33 44.51
N ILE G 572 46.94 -33.49 43.48
CA ILE G 572 46.48 -33.82 42.15
C ILE G 572 47.55 -34.64 41.43
N LEU G 573 47.12 -35.77 40.86
CA LEU G 573 47.99 -36.42 39.90
C LEU G 573 48.06 -35.55 38.65
N CYS G 574 49.28 -35.24 38.24
CA CYS G 574 49.49 -34.39 37.07
C CYS G 574 50.39 -35.15 36.11
N ILE G 575 49.85 -35.53 34.95
CA ILE G 575 50.70 -36.11 33.91
C ILE G 575 51.38 -34.97 33.18
N MET G 576 52.55 -34.57 33.68
CA MET G 576 53.39 -33.56 33.04
C MET G 576 54.25 -34.23 31.97
N SER G 577 53.62 -34.49 30.83
CA SER G 577 54.37 -35.00 29.68
C SER G 577 55.38 -33.99 29.17
N ASP G 578 55.11 -32.71 29.36
CA ASP G 578 56.00 -31.67 28.89
C ASP G 578 57.25 -31.60 29.77
N ARG G 579 58.08 -30.59 29.49
CA ARG G 579 59.28 -30.29 30.27
C ARG G 579 59.33 -28.85 30.76
N ASP G 580 58.25 -28.08 30.59
CA ASP G 580 58.24 -26.69 31.05
C ASP G 580 58.35 -26.63 32.57
N LEU G 581 57.44 -27.32 33.25
CA LEU G 581 57.38 -27.29 34.71
C LEU G 581 57.66 -28.66 35.32
N TYR G 582 57.58 -29.74 34.53
CA TYR G 582 58.11 -31.05 34.89
C TYR G 582 59.41 -30.96 35.68
N ASP G 583 60.36 -30.17 35.17
CA ASP G 583 61.66 -30.04 35.84
C ASP G 583 61.52 -29.32 37.18
N LYS G 584 60.74 -28.24 37.24
CA LYS G 584 60.55 -27.48 38.46
C LYS G 584 59.52 -28.09 39.41
N LEU G 585 58.62 -28.92 38.89
CA LEU G 585 57.60 -29.54 39.71
C LEU G 585 58.21 -30.56 40.65
N GLN G 586 58.14 -30.28 41.94
CA GLN G 586 58.69 -31.15 42.97
C GLN G 586 57.70 -32.25 43.37
N PHE G 587 57.19 -32.99 42.39
CA PHE G 587 56.36 -34.16 42.66
C PHE G 587 57.11 -35.43 42.27
N THR G 588 56.69 -36.55 42.83
CA THR G 588 57.34 -37.83 42.64
C THR G 588 56.74 -38.55 41.45
N SER G 589 57.55 -39.32 40.75
CA SER G 589 57.09 -40.08 39.59
C SER G 589 56.87 -41.54 39.96
N LEU G 590 56.01 -42.21 39.20
CA LEU G 590 55.67 -43.61 39.44
C LEU G 590 55.76 -44.42 38.16
N GLU G 591 56.20 -45.67 38.30
CA GLU G 591 56.40 -46.52 37.14
C GLU G 591 55.07 -46.73 36.42
N ILE G 592 55.12 -46.67 35.10
CA ILE G 592 53.94 -46.77 34.25
C ILE G 592 53.59 -48.24 34.06
N PRO G 593 52.49 -48.72 34.65
CA PRO G 593 52.10 -50.14 34.66
C PRO G 593 52.13 -50.78 33.27
N ALA H 1 13.55 -3.60 -18.66
CA ALA H 1 13.97 -3.89 -20.02
C ALA H 1 15.50 -3.96 -20.10
N VAL H 2 16.12 -4.12 -18.95
CA VAL H 2 17.58 -4.13 -18.83
C VAL H 2 18.01 -5.57 -18.64
N GLY H 3 19.30 -5.84 -18.79
CA GLY H 3 19.82 -7.16 -18.45
C GLY H 3 21.21 -7.45 -18.98
N ALA H 4 21.76 -8.60 -18.62
CA ALA H 4 23.12 -8.98 -18.99
C ALA H 4 23.19 -9.19 -20.49
N CYS H 5 24.38 -9.05 -21.05
CA CYS H 5 24.48 -9.34 -22.46
C CYS H 5 24.86 -10.79 -22.66
N VAL H 6 24.38 -11.34 -23.77
CA VAL H 6 24.48 -12.77 -24.00
C VAL H 6 25.91 -13.18 -24.28
N LEU H 7 26.83 -12.21 -24.33
CA LEU H 7 28.23 -12.54 -24.61
C LEU H 7 29.18 -12.06 -23.54
N CYS H 8 29.00 -10.84 -23.03
CA CYS H 8 29.95 -10.24 -22.12
C CYS H 8 29.53 -10.28 -20.67
N ASN H 9 28.30 -10.72 -20.37
CA ASN H 9 27.71 -10.61 -19.04
C ASN H 9 27.68 -9.17 -18.56
N SER H 10 28.00 -8.25 -19.45
CA SER H 10 28.06 -6.84 -19.14
C SER H 10 26.67 -6.23 -19.20
N GLN H 11 26.26 -5.65 -18.09
CA GLN H 11 24.92 -5.12 -17.93
C GLN H 11 24.64 -4.10 -19.02
N THR H 12 23.60 -4.34 -19.83
CA THR H 12 23.34 -3.49 -20.99
C THR H 12 21.87 -3.26 -21.28
N SER H 13 21.56 -2.89 -22.52
CA SER H 13 20.18 -2.71 -22.94
C SER H 13 20.02 -2.66 -24.44
N LEU H 14 20.76 -3.48 -25.17
CA LEU H 14 20.62 -3.49 -26.61
C LEU H 14 20.18 -4.86 -27.09
N ARG H 15 19.28 -4.84 -28.08
CA ARG H 15 18.55 -6.03 -28.50
C ARG H 15 18.67 -6.18 -30.02
N CYS H 16 19.47 -7.14 -30.47
CA CYS H 16 19.79 -7.29 -31.89
C CYS H 16 18.56 -7.75 -32.64
N GLY H 17 17.55 -6.88 -32.72
CA GLY H 17 16.27 -7.24 -33.30
C GLY H 17 16.33 -7.85 -34.69
N ALA H 18 17.50 -7.88 -35.32
CA ALA H 18 17.64 -8.54 -36.60
C ALA H 18 17.61 -10.05 -36.47
N CYS H 19 17.92 -10.60 -35.31
CA CYS H 19 17.74 -12.01 -35.04
C CYS H 19 16.26 -12.27 -34.79
N ILE H 20 15.92 -13.51 -34.47
CA ILE H 20 14.51 -13.84 -34.27
C ILE H 20 14.12 -13.74 -32.81
N ARG H 21 15.06 -14.00 -31.91
CA ARG H 21 14.80 -14.05 -30.48
C ARG H 21 15.18 -12.77 -29.76
N ARG H 22 15.95 -11.90 -30.39
CA ARG H 22 16.34 -10.63 -29.81
C ARG H 22 17.12 -10.86 -28.53
N PRO H 23 18.37 -11.19 -28.63
CA PRO H 23 19.19 -11.33 -27.42
C PRO H 23 19.71 -10.00 -26.93
N PHE H 24 20.11 -9.95 -25.66
CA PHE H 24 20.64 -8.73 -25.10
C PHE H 24 22.10 -8.58 -25.48
N LEU H 25 22.45 -7.43 -26.04
CA LEU H 25 23.79 -7.22 -26.55
C LEU H 25 24.48 -6.06 -25.85
N CYS H 26 25.63 -6.37 -25.26
CA CYS H 26 26.56 -5.37 -24.78
C CYS H 26 26.87 -4.38 -25.89
N CYS H 27 27.18 -3.14 -25.50
CA CYS H 27 27.52 -2.11 -26.47
C CYS H 27 28.61 -2.54 -27.45
N LYS H 28 29.81 -2.81 -26.93
CA LYS H 28 30.94 -3.17 -27.78
C LYS H 28 30.63 -4.39 -28.63
N CYS H 29 30.16 -5.48 -28.01
CA CYS H 29 29.81 -6.63 -28.82
C CYS H 29 28.61 -6.33 -29.73
N CYS H 30 27.79 -5.34 -29.40
CA CYS H 30 26.74 -4.97 -30.35
C CYS H 30 27.36 -4.39 -31.59
N TYR H 31 28.38 -3.56 -31.43
CA TYR H 31 29.20 -3.21 -32.58
C TYR H 31 29.63 -4.45 -33.32
N ASP H 32 30.44 -5.28 -32.66
CA ASP H 32 31.05 -6.44 -33.30
C ASP H 32 30.05 -7.24 -34.14
N HIS H 33 28.83 -7.43 -33.65
CA HIS H 33 27.87 -8.17 -34.44
C HIS H 33 27.19 -7.33 -35.50
N VAL H 34 27.04 -6.02 -35.30
CA VAL H 34 26.45 -5.23 -36.37
C VAL H 34 27.43 -5.05 -37.51
N ILE H 35 28.73 -5.17 -37.26
CA ILE H 35 29.69 -4.92 -38.32
C ILE H 35 29.66 -6.03 -39.36
N SER H 36 30.18 -7.20 -39.02
CA SER H 36 30.44 -8.24 -40.01
C SER H 36 29.22 -9.10 -40.30
N THR H 37 28.03 -8.52 -40.35
CA THR H 37 26.81 -9.27 -40.64
C THR H 37 25.77 -8.31 -41.18
N SER H 38 24.61 -8.84 -41.57
CA SER H 38 23.47 -8.02 -41.94
C SER H 38 22.54 -7.74 -40.78
N HIS H 39 23.02 -7.80 -39.56
CA HIS H 39 22.21 -7.38 -38.43
C HIS H 39 22.17 -5.86 -38.40
N LYS H 40 21.17 -5.27 -39.03
CA LYS H 40 21.09 -3.82 -39.16
C LYS H 40 19.86 -3.25 -38.51
N LEU H 41 19.38 -3.88 -37.44
CA LEU H 41 18.48 -3.25 -36.49
C LEU H 41 18.86 -3.66 -35.08
N VAL H 42 18.99 -2.66 -34.20
CA VAL H 42 19.22 -2.87 -32.79
C VAL H 42 18.23 -2.02 -32.02
N LEU H 43 17.48 -2.66 -31.15
CA LEU H 43 16.50 -1.94 -30.34
C LEU H 43 17.05 -1.76 -28.95
N SER H 44 16.83 -0.58 -28.39
CA SER H 44 17.03 -0.34 -26.98
C SER H 44 15.65 -0.15 -26.36
N VAL H 45 15.54 0.77 -25.40
CA VAL H 45 14.21 1.10 -24.91
C VAL H 45 13.37 1.75 -25.99
N ASN H 46 13.88 1.80 -27.20
CA ASN H 46 13.12 2.16 -28.39
C ASN H 46 13.68 1.36 -29.54
N PRO H 47 13.08 1.49 -30.70
CA PRO H 47 13.73 0.96 -31.89
C PRO H 47 14.61 2.02 -32.53
N TYR H 48 15.79 1.63 -32.97
CA TYR H 48 16.67 2.57 -33.64
C TYR H 48 16.25 2.72 -35.09
N VAL H 49 15.50 3.79 -35.38
CA VAL H 49 15.00 4.07 -36.70
C VAL H 49 14.75 5.57 -36.84
N CYS H 50 15.10 6.11 -38.00
CA CYS H 50 14.90 7.55 -38.20
C CYS H 50 13.41 7.85 -38.20
N ASN H 51 12.86 8.03 -37.01
CA ASN H 51 11.45 8.31 -36.88
C ASN H 51 11.12 9.71 -37.36
N ALA H 52 11.72 10.12 -38.47
CA ALA H 52 11.23 11.28 -39.19
C ALA H 52 9.81 11.00 -39.67
N PRO H 53 9.01 12.05 -39.92
CA PRO H 53 7.65 11.82 -40.40
C PRO H 53 7.63 11.14 -41.76
N GLY H 54 7.60 9.81 -41.76
CA GLY H 54 7.53 9.07 -43.00
C GLY H 54 8.85 8.54 -43.53
N CYS H 55 9.92 8.61 -42.76
CA CYS H 55 11.15 7.93 -43.12
C CYS H 55 10.99 6.44 -42.88
N ASP H 56 12.11 5.73 -42.94
CA ASP H 56 12.07 4.29 -42.80
C ASP H 56 13.41 3.71 -42.41
N VAL H 57 14.48 4.43 -42.74
CA VAL H 57 15.81 3.84 -42.75
C VAL H 57 16.09 3.11 -41.45
N THR H 58 16.70 1.95 -41.57
CA THR H 58 16.99 1.14 -40.40
C THR H 58 18.44 0.71 -40.42
N ASP H 59 19.33 1.60 -40.02
CA ASP H 59 20.69 1.17 -39.79
C ASP H 59 21.34 1.96 -38.67
N VAL H 60 21.71 1.25 -37.61
CA VAL H 60 22.44 1.82 -36.48
C VAL H 60 23.64 2.63 -36.95
N THR H 61 24.51 2.03 -37.75
CA THR H 61 25.68 2.76 -38.23
C THR H 61 25.25 4.01 -38.99
N GLN H 62 24.17 3.91 -39.74
CA GLN H 62 23.78 4.94 -40.68
C GLN H 62 22.96 6.02 -39.99
N LEU H 63 22.56 5.79 -38.75
CA LEU H 63 21.64 6.69 -38.06
C LEU H 63 22.39 7.74 -37.26
N TYR H 64 21.78 8.92 -37.18
CA TYR H 64 22.35 10.05 -36.48
C TYR H 64 21.38 10.56 -35.44
N LEU H 65 21.87 10.72 -34.21
CA LEU H 65 21.03 11.23 -33.15
C LEU H 65 20.72 12.68 -33.41
N GLY H 66 19.45 13.05 -33.32
CA GLY H 66 19.09 14.42 -33.63
C GLY H 66 18.16 15.03 -32.61
N GLY H 67 18.72 15.83 -31.71
CA GLY H 67 17.80 16.30 -30.72
C GLY H 67 17.38 15.12 -29.84
N MET H 68 16.09 14.81 -29.91
CA MET H 68 15.55 13.72 -29.12
C MET H 68 15.00 12.58 -29.96
N SER H 69 14.71 12.75 -31.24
CA SER H 69 14.26 11.62 -32.05
C SER H 69 15.47 10.82 -32.49
N TYR H 70 15.40 10.27 -33.69
CA TYR H 70 16.58 9.76 -34.36
C TYR H 70 16.49 10.12 -35.83
N TYR H 71 17.63 10.19 -36.48
CA TYR H 71 17.66 10.61 -37.87
C TYR H 71 18.80 9.92 -38.58
N CYS H 72 18.67 9.79 -39.89
CA CYS H 72 19.79 9.40 -40.72
C CYS H 72 20.47 10.63 -41.30
N LYS H 73 20.70 10.65 -42.61
CA LYS H 73 21.39 11.79 -43.18
C LYS H 73 20.45 12.92 -43.56
N SER H 74 19.35 12.61 -44.25
CA SER H 74 18.54 13.66 -44.86
C SER H 74 17.53 14.25 -43.89
N HIS H 75 17.70 14.02 -42.60
CA HIS H 75 16.69 14.37 -41.63
C HIS H 75 17.24 15.19 -40.48
N LYS H 76 18.46 14.89 -40.05
CA LYS H 76 19.05 15.51 -38.88
C LYS H 76 18.94 17.04 -38.96
N PRO H 77 18.59 17.67 -37.86
CA PRO H 77 18.75 19.10 -37.75
C PRO H 77 20.23 19.43 -37.57
N PRO H 78 20.60 20.71 -37.52
CA PRO H 78 22.04 21.04 -37.50
C PRO H 78 22.80 20.39 -36.36
N ILE H 79 22.12 20.03 -35.28
CA ILE H 79 22.79 19.48 -34.10
C ILE H 79 22.55 17.99 -34.14
N SER H 80 23.61 17.22 -34.35
CA SER H 80 23.45 15.79 -34.58
C SER H 80 24.63 15.06 -33.97
N PHE H 81 24.73 13.78 -34.29
CA PHE H 81 25.49 12.87 -33.46
C PHE H 81 25.61 11.51 -34.11
N PRO H 82 26.82 11.01 -34.32
CA PRO H 82 26.98 9.65 -34.84
C PRO H 82 26.64 8.59 -33.79
N LEU H 83 25.48 7.96 -33.95
CA LEU H 83 25.14 6.83 -33.10
C LEU H 83 26.25 5.80 -33.12
N CYS H 84 26.55 5.27 -34.29
CA CYS H 84 27.74 4.44 -34.48
C CYS H 84 28.95 5.32 -34.24
N ALA H 85 29.89 4.84 -33.43
CA ALA H 85 31.14 5.54 -33.17
C ALA H 85 31.99 4.72 -32.22
N ASN H 86 33.30 4.94 -32.29
CA ASN H 86 34.26 4.43 -31.30
C ASN H 86 34.26 2.91 -31.20
N GLY H 87 33.54 2.23 -32.09
CA GLY H 87 33.33 0.81 -31.87
C GLY H 87 32.45 0.57 -30.66
N GLN H 88 31.51 1.46 -30.40
CA GLN H 88 30.67 1.35 -29.23
C GLN H 88 29.34 2.05 -29.47
N VAL H 89 28.34 1.30 -29.92
CA VAL H 89 27.04 1.90 -30.17
C VAL H 89 26.50 2.51 -28.87
N PHE H 90 25.65 3.50 -29.03
CA PHE H 90 25.23 4.37 -27.93
C PHE H 90 24.10 3.70 -27.16
N GLY H 91 24.44 3.01 -26.08
CA GLY H 91 23.46 2.43 -25.20
C GLY H 91 23.88 2.54 -23.76
N LEU H 92 22.95 2.39 -22.83
CA LEU H 92 23.24 2.57 -21.41
C LEU H 92 24.49 1.80 -21.00
N TYR H 93 25.14 2.31 -19.95
CA TYR H 93 26.31 1.69 -19.34
C TYR H 93 27.46 1.61 -20.34
N LYS H 94 27.61 2.68 -21.11
CA LYS H 94 28.63 2.78 -22.15
C LYS H 94 29.99 2.70 -21.60
N ASN H 95 30.07 2.92 -20.29
CA ASN H 95 31.33 2.91 -19.57
C ASN H 95 31.56 1.63 -18.81
N THR H 96 30.69 0.64 -18.93
CA THR H 96 30.85 -0.65 -18.27
C THR H 96 30.50 -1.72 -19.28
N CYS H 97 31.53 -2.39 -19.77
CA CYS H 97 31.39 -3.48 -20.72
C CYS H 97 32.76 -4.07 -20.91
N VAL H 98 32.85 -5.39 -20.99
CA VAL H 98 34.14 -6.05 -21.06
C VAL H 98 34.54 -6.43 -22.48
N GLY H 99 33.64 -6.31 -23.45
CA GLY H 99 33.92 -6.83 -24.77
C GLY H 99 34.21 -8.31 -24.70
N SER H 100 34.54 -8.88 -25.86
CA SER H 100 34.93 -10.27 -25.94
C SER H 100 35.52 -10.54 -27.32
N ASP H 101 36.70 -11.15 -27.33
CA ASP H 101 37.24 -11.65 -28.59
C ASP H 101 36.28 -12.67 -29.20
N ASN H 102 35.64 -13.48 -28.35
CA ASN H 102 34.65 -14.45 -28.79
C ASN H 102 33.49 -13.69 -29.39
N VAL H 103 33.50 -13.52 -30.71
CA VAL H 103 32.38 -12.96 -31.44
C VAL H 103 32.00 -13.77 -32.68
N THR H 104 32.97 -14.40 -33.35
CA THR H 104 32.68 -15.16 -34.56
C THR H 104 31.66 -16.27 -34.30
N ASP H 105 31.67 -16.83 -33.10
CA ASP H 105 30.65 -17.82 -32.76
C ASP H 105 29.26 -17.21 -32.79
N PHE H 106 29.09 -16.02 -32.21
CA PHE H 106 27.80 -15.35 -32.24
C PHE H 106 27.42 -15.01 -33.67
N ASN H 107 28.33 -14.37 -34.40
CA ASN H 107 28.08 -14.08 -35.80
C ASN H 107 27.62 -15.33 -36.52
N ALA H 108 28.26 -16.46 -36.23
CA ALA H 108 27.87 -17.73 -36.81
C ALA H 108 26.41 -18.02 -36.49
N ILE H 109 26.11 -18.21 -35.21
CA ILE H 109 24.80 -18.72 -34.83
C ILE H 109 23.70 -17.78 -35.31
N ALA H 110 24.00 -16.48 -35.36
CA ALA H 110 23.07 -15.54 -35.98
C ALA H 110 22.98 -15.80 -37.47
N THR H 111 24.11 -16.13 -38.09
CA THR H 111 24.11 -16.37 -39.53
C THR H 111 23.71 -17.80 -39.87
N CYS H 112 24.22 -18.77 -39.11
CA CYS H 112 23.90 -20.18 -39.37
C CYS H 112 22.42 -20.41 -39.08
N ASP H 113 21.70 -20.90 -40.09
CA ASP H 113 20.25 -21.02 -39.99
C ASP H 113 19.79 -22.47 -39.81
N TRP H 114 20.65 -23.33 -39.27
CA TRP H 114 20.26 -24.68 -38.95
C TRP H 114 19.80 -25.44 -40.18
N THR H 115 20.72 -25.96 -40.98
CA THR H 115 20.38 -26.70 -42.18
C THR H 115 21.24 -27.94 -42.39
N ASN H 116 22.50 -27.92 -41.97
CA ASN H 116 23.36 -29.08 -42.10
C ASN H 116 23.76 -29.59 -40.73
N ALA H 117 24.57 -30.65 -40.69
CA ALA H 117 25.05 -31.14 -39.41
C ALA H 117 26.11 -30.21 -38.84
N GLY H 118 26.92 -29.60 -39.70
CA GLY H 118 27.87 -28.61 -39.23
C GLY H 118 27.25 -27.61 -38.29
N ASP H 119 26.00 -27.23 -38.56
CA ASP H 119 25.21 -26.41 -37.65
C ASP H 119 25.21 -27.04 -36.26
N TYR H 120 25.08 -28.36 -36.18
CA TYR H 120 24.98 -28.98 -34.88
C TYR H 120 26.34 -29.20 -34.25
N ILE H 121 27.37 -29.33 -35.08
CA ILE H 121 28.74 -29.24 -34.60
C ILE H 121 28.91 -27.92 -33.88
N LEU H 122 28.37 -26.85 -34.48
CA LEU H 122 28.36 -25.56 -33.80
C LEU H 122 27.65 -25.67 -32.46
N ALA H 123 26.36 -26.02 -32.51
CA ALA H 123 25.54 -26.06 -31.30
C ALA H 123 26.22 -26.77 -30.15
N ASN H 124 26.82 -27.92 -30.41
CA ASN H 124 27.53 -28.59 -29.33
C ASN H 124 28.87 -27.92 -29.04
N THR H 125 29.39 -27.16 -29.99
CA THR H 125 30.77 -26.67 -29.88
C THR H 125 30.78 -25.16 -29.76
N CYS H 126 30.63 -24.70 -28.52
CA CYS H 126 30.74 -23.28 -28.15
C CYS H 126 30.71 -23.21 -26.63
N THR H 127 30.21 -22.09 -26.11
CA THR H 127 30.07 -21.90 -24.67
C THR H 127 28.69 -22.31 -24.19
N GLU H 128 28.64 -22.83 -22.97
CA GLU H 128 27.37 -23.16 -22.33
C GLU H 128 26.33 -22.08 -22.57
N ARG H 129 26.70 -20.84 -22.27
CA ARG H 129 25.83 -19.71 -22.55
C ARG H 129 25.43 -19.69 -24.02
N LEU H 130 26.40 -19.90 -24.90
CA LEU H 130 26.13 -19.68 -26.31
C LEU H 130 25.41 -20.87 -26.93
N LYS H 131 25.72 -22.09 -26.48
CA LYS H 131 24.94 -23.22 -26.97
C LYS H 131 23.54 -23.19 -26.40
N LEU H 132 23.37 -22.61 -25.22
CA LEU H 132 22.05 -22.42 -24.66
C LEU H 132 21.22 -21.48 -25.52
N PHE H 133 21.72 -20.27 -25.72
CA PHE H 133 21.08 -19.35 -26.65
C PHE H 133 20.86 -20.00 -28.01
N ALA H 134 21.86 -20.76 -28.49
CA ALA H 134 21.71 -21.51 -29.72
C ALA H 134 20.45 -22.35 -29.67
N ALA H 135 20.45 -23.37 -28.82
CA ALA H 135 19.31 -24.28 -28.72
C ALA H 135 18.00 -23.52 -28.71
N GLU H 136 17.99 -22.37 -28.06
CA GLU H 136 16.75 -21.60 -28.10
C GLU H 136 16.43 -21.16 -29.52
N THR H 137 17.40 -20.59 -30.22
CA THR H 137 17.16 -20.15 -31.60
C THR H 137 16.88 -21.34 -32.51
N LEU H 138 17.53 -22.45 -32.21
CA LEU H 138 17.20 -23.72 -32.85
C LEU H 138 15.70 -23.95 -32.81
N LYS H 139 15.12 -23.94 -31.62
CA LYS H 139 13.69 -24.17 -31.49
C LYS H 139 12.89 -23.11 -32.24
N ALA H 140 13.40 -21.89 -32.30
CA ALA H 140 12.73 -20.87 -33.13
C ALA H 140 12.71 -21.28 -34.60
N THR H 141 13.86 -21.74 -35.10
CA THR H 141 13.91 -22.26 -36.46
C THR H 141 12.96 -23.43 -36.64
N GLU H 142 12.75 -24.19 -35.58
CA GLU H 142 11.87 -25.34 -35.75
C GLU H 142 10.42 -24.93 -35.77
N GLU H 143 10.05 -23.93 -34.99
CA GLU H 143 8.67 -23.49 -35.02
C GLU H 143 8.36 -22.74 -36.30
N THR H 144 9.36 -22.13 -36.94
CA THR H 144 9.09 -21.61 -38.28
C THR H 144 9.15 -22.68 -39.35
N PHE H 145 9.84 -23.79 -39.08
CA PHE H 145 9.88 -24.87 -40.06
C PHE H 145 8.60 -25.68 -40.07
N LYS H 146 8.09 -26.02 -38.90
CA LYS H 146 7.06 -27.05 -38.86
C LYS H 146 5.66 -26.44 -38.96
N LEU H 147 5.46 -25.24 -38.42
CA LEU H 147 4.17 -24.61 -38.62
C LEU H 147 4.09 -24.05 -40.03
N SER H 148 5.19 -24.15 -40.77
CA SER H 148 5.15 -23.95 -42.21
C SER H 148 4.56 -25.17 -42.93
N TYR H 149 3.72 -25.94 -42.23
CA TYR H 149 3.02 -27.08 -42.79
C TYR H 149 1.54 -26.77 -42.83
N GLY H 150 0.83 -27.47 -43.70
CA GLY H 150 -0.59 -27.23 -43.89
C GLY H 150 -1.40 -27.49 -42.64
N ILE H 151 -2.69 -27.19 -42.69
CA ILE H 151 -3.58 -27.36 -41.55
C ILE H 151 -4.49 -28.53 -41.89
N ALA H 152 -4.30 -29.65 -41.21
CA ALA H 152 -4.99 -30.88 -41.56
C ALA H 152 -6.48 -30.72 -41.34
N THR H 153 -7.18 -30.26 -42.36
CA THR H 153 -8.60 -29.98 -42.21
C THR H 153 -9.41 -31.11 -42.85
N VAL H 154 -9.86 -32.06 -42.05
CA VAL H 154 -10.82 -33.05 -42.51
C VAL H 154 -12.13 -32.31 -42.80
N ARG H 155 -12.51 -32.28 -44.06
CA ARG H 155 -13.81 -31.74 -44.43
C ARG H 155 -14.90 -32.78 -44.32
N GLU H 156 -14.56 -34.06 -44.44
CA GLU H 156 -15.56 -35.13 -44.42
C GLU H 156 -15.04 -36.30 -43.61
N VAL H 157 -15.97 -36.94 -42.91
CA VAL H 157 -15.68 -38.06 -42.02
C VAL H 157 -16.26 -39.31 -42.64
N LEU H 158 -15.39 -40.24 -43.06
CA LEU H 158 -15.85 -41.48 -43.68
C LEU H 158 -16.25 -42.50 -42.62
N SER H 159 -15.30 -42.95 -41.80
CA SER H 159 -15.58 -43.97 -40.80
C SER H 159 -14.62 -43.86 -39.63
N ASP H 160 -14.11 -45.00 -39.18
CA ASP H 160 -13.00 -45.05 -38.25
C ASP H 160 -11.76 -45.49 -39.04
N ARG H 161 -10.65 -44.82 -38.77
CA ARG H 161 -9.38 -45.03 -39.47
C ARG H 161 -9.52 -44.87 -40.98
N GLU H 162 -10.21 -43.82 -41.43
CA GLU H 162 -10.27 -43.37 -42.83
C GLU H 162 -11.10 -42.09 -42.92
N LEU H 163 -10.47 -40.97 -43.26
CA LEU H 163 -11.15 -39.69 -43.27
C LEU H 163 -10.75 -38.93 -44.52
N HIS H 164 -11.60 -38.00 -44.93
CA HIS H 164 -11.26 -37.11 -46.05
C HIS H 164 -10.59 -35.86 -45.49
N LEU H 165 -9.27 -35.81 -45.58
CA LEU H 165 -8.48 -34.81 -44.90
C LEU H 165 -7.89 -33.83 -45.91
N SER H 166 -8.05 -32.53 -45.63
CA SER H 166 -7.60 -31.48 -46.51
C SER H 166 -6.70 -30.54 -45.72
N TRP H 167 -6.12 -29.56 -46.42
CA TRP H 167 -5.18 -28.62 -45.81
C TRP H 167 -5.41 -27.22 -46.34
N GLU H 168 -4.55 -26.28 -45.96
CA GLU H 168 -4.53 -24.97 -46.61
C GLU H 168 -3.82 -25.11 -47.96
N VAL H 169 -3.84 -24.05 -48.74
CA VAL H 169 -3.27 -24.06 -50.07
C VAL H 169 -1.75 -24.02 -49.98
N GLY H 170 -1.08 -24.83 -50.79
CA GLY H 170 0.36 -24.75 -50.94
C GLY H 170 1.19 -25.12 -49.73
N LYS H 171 0.76 -24.72 -48.55
CA LYS H 171 1.53 -24.98 -47.34
C LYS H 171 1.66 -26.49 -47.14
N PRO H 172 2.88 -27.04 -47.15
CA PRO H 172 3.06 -28.48 -47.37
C PRO H 172 2.39 -29.33 -46.31
N ARG H 173 2.11 -30.56 -46.70
CA ARG H 173 1.59 -31.63 -45.85
C ARG H 173 2.73 -32.33 -45.14
N PRO H 174 2.61 -32.59 -43.85
CA PRO H 174 3.67 -33.30 -43.12
C PRO H 174 3.81 -34.73 -43.62
N PRO H 175 4.92 -35.38 -43.27
CA PRO H 175 5.07 -36.81 -43.55
C PRO H 175 4.05 -37.70 -42.84
N LEU H 176 4.48 -38.40 -41.79
CA LEU H 176 3.69 -39.50 -41.25
C LEU H 176 3.17 -39.24 -39.83
N ASN H 177 3.78 -39.89 -38.83
CA ASN H 177 3.11 -40.12 -37.56
C ASN H 177 3.82 -39.51 -36.35
N ARG H 178 4.79 -40.24 -35.79
CA ARG H 178 5.29 -40.01 -34.44
C ARG H 178 5.91 -38.63 -34.23
N ASN H 179 6.77 -38.15 -35.13
CA ASN H 179 7.31 -36.80 -35.00
C ASN H 179 6.25 -35.73 -35.12
N TYR H 180 4.99 -36.13 -35.26
CA TYR H 180 3.89 -35.25 -35.63
C TYR H 180 2.67 -35.46 -34.74
N VAL H 181 2.87 -35.41 -33.43
CA VAL H 181 1.77 -35.66 -32.50
C VAL H 181 0.72 -34.56 -32.67
N PHE H 182 -0.26 -34.82 -33.53
CA PHE H 182 -1.24 -33.82 -33.93
C PHE H 182 -2.22 -33.52 -32.82
N THR H 183 -2.89 -32.37 -32.94
CA THR H 183 -3.96 -32.01 -32.03
C THR H 183 -4.97 -31.11 -32.76
N GLY H 184 -6.08 -31.69 -33.18
CA GLY H 184 -7.00 -30.96 -34.03
C GLY H 184 -8.02 -30.17 -33.25
N TYR H 185 -8.63 -29.23 -33.95
CA TYR H 185 -9.70 -28.39 -33.44
C TYR H 185 -10.78 -28.23 -34.51
N ARG H 186 -12.00 -27.96 -34.07
CA ARG H 186 -13.12 -27.76 -34.99
C ARG H 186 -13.63 -26.33 -34.87
N VAL H 187 -14.14 -25.80 -35.98
CA VAL H 187 -14.71 -24.46 -35.96
C VAL H 187 -16.02 -24.50 -35.19
N THR H 188 -16.52 -23.32 -34.83
CA THR H 188 -17.88 -23.18 -34.34
C THR H 188 -18.56 -22.11 -35.20
N LYS H 189 -18.09 -20.88 -35.06
CA LYS H 189 -18.44 -19.78 -35.94
C LYS H 189 -17.39 -18.68 -35.78
N ASN H 190 -17.40 -18.03 -34.62
CA ASN H 190 -16.42 -17.02 -34.23
C ASN H 190 -15.17 -17.61 -33.59
N SER H 191 -15.24 -18.84 -33.11
CA SER H 191 -14.11 -19.40 -32.37
C SER H 191 -13.90 -20.88 -32.67
N LYS H 192 -13.04 -21.52 -31.90
CA LYS H 192 -12.61 -22.89 -32.15
C LYS H 192 -13.06 -23.77 -30.98
N VAL H 193 -13.09 -25.08 -31.21
CA VAL H 193 -13.37 -26.02 -30.13
C VAL H 193 -12.38 -27.18 -30.19
N GLN H 194 -12.37 -27.99 -29.15
CA GLN H 194 -11.48 -29.14 -29.07
C GLN H 194 -11.88 -30.18 -30.12
N ILE H 195 -10.91 -31.02 -30.49
CA ILE H 195 -11.21 -32.19 -31.29
C ILE H 195 -10.50 -33.40 -30.69
N GLY H 196 -9.18 -33.33 -30.58
CA GLY H 196 -8.41 -34.41 -30.00
C GLY H 196 -7.00 -34.40 -30.50
N GLU H 197 -6.15 -35.14 -29.80
CA GLU H 197 -4.75 -35.32 -30.16
C GLU H 197 -4.57 -36.64 -30.89
N TYR H 198 -3.94 -36.59 -32.06
CA TYR H 198 -3.90 -37.73 -32.96
C TYR H 198 -2.46 -38.07 -33.32
N THR H 199 -2.32 -39.14 -34.09
CA THR H 199 -1.13 -39.46 -34.86
C THR H 199 -1.62 -39.77 -36.27
N PHE H 200 -1.01 -39.15 -37.27
CA PHE H 200 -1.62 -39.07 -38.60
C PHE H 200 -1.02 -40.07 -39.58
N GLU H 201 -1.90 -40.74 -40.32
CA GLU H 201 -1.54 -41.62 -41.42
C GLU H 201 -2.42 -41.31 -42.63
N LYS H 202 -2.00 -41.81 -43.79
CA LYS H 202 -2.76 -41.64 -45.03
C LYS H 202 -3.95 -42.60 -45.08
N GLY H 203 -4.49 -42.79 -46.27
CA GLY H 203 -5.59 -43.71 -46.46
C GLY H 203 -5.19 -45.08 -46.98
N ALA H 208 -9.85 -40.47 -47.90
CA ALA H 208 -9.45 -41.59 -47.06
C ALA H 208 -8.12 -41.31 -46.38
N VAL H 209 -8.16 -41.11 -45.07
CA VAL H 209 -6.92 -41.07 -44.29
C VAL H 209 -7.08 -41.99 -43.07
N VAL H 210 -6.51 -43.19 -43.17
CA VAL H 210 -6.46 -44.09 -42.04
C VAL H 210 -5.72 -43.41 -40.90
N TYR H 211 -6.14 -43.68 -39.66
CA TYR H 211 -5.47 -43.11 -38.50
C TYR H 211 -5.34 -44.13 -37.38
N ARG H 212 -4.36 -43.89 -36.50
CA ARG H 212 -4.24 -44.58 -35.21
C ARG H 212 -3.79 -43.58 -34.16
N GLY H 213 -4.78 -43.00 -33.47
CA GLY H 213 -4.55 -41.75 -32.75
C GLY H 213 -4.36 -41.96 -31.26
N THR H 214 -4.04 -40.87 -30.55
CA THR H 214 -3.92 -40.91 -29.11
C THR H 214 -5.23 -40.56 -28.41
N THR H 215 -6.11 -39.83 -29.08
CA THR H 215 -7.42 -39.48 -28.53
C THR H 215 -8.49 -39.68 -29.59
N THR H 216 -9.74 -39.48 -29.19
CA THR H 216 -10.89 -39.63 -30.07
C THR H 216 -11.81 -38.43 -29.97
N TYR H 217 -12.98 -38.58 -30.59
CA TYR H 217 -13.98 -37.52 -30.71
C TYR H 217 -15.17 -38.07 -31.46
N LYS H 218 -16.11 -37.19 -31.78
CA LYS H 218 -17.05 -37.38 -32.87
C LYS H 218 -16.62 -36.41 -33.97
N LEU H 219 -15.87 -36.93 -34.94
CA LEU H 219 -15.29 -36.07 -35.96
C LEU H 219 -16.36 -35.63 -36.96
N ASN H 220 -16.34 -34.33 -37.29
CA ASN H 220 -17.37 -33.75 -38.16
C ASN H 220 -16.76 -33.06 -39.37
N VAL H 221 -17.36 -31.93 -39.76
CA VAL H 221 -17.03 -31.22 -41.00
C VAL H 221 -16.02 -30.13 -40.72
N GLY H 222 -15.19 -29.83 -41.72
CA GLY H 222 -14.15 -28.82 -41.59
C GLY H 222 -13.15 -29.10 -40.50
N ASP H 223 -13.06 -30.34 -40.03
CA ASP H 223 -12.28 -30.65 -38.85
C ASP H 223 -10.80 -30.47 -39.15
N TYR H 224 -10.23 -29.38 -38.65
CA TYR H 224 -8.86 -29.02 -38.96
C TYR H 224 -7.94 -29.46 -37.83
N PHE H 225 -6.76 -29.94 -38.21
CA PHE H 225 -5.82 -30.49 -37.25
C PHE H 225 -4.44 -29.90 -37.51
N VAL H 226 -3.73 -29.58 -36.44
CA VAL H 226 -2.48 -28.84 -36.54
C VAL H 226 -1.45 -29.52 -35.66
N LEU H 227 -0.19 -29.29 -35.98
CA LEU H 227 0.94 -29.54 -35.10
C LEU H 227 1.20 -28.22 -34.37
N THR H 228 0.42 -27.97 -33.32
CA THR H 228 0.34 -26.64 -32.73
C THR H 228 1.71 -26.14 -32.29
N SER H 229 2.02 -24.90 -32.66
CA SER H 229 3.23 -24.25 -32.20
C SER H 229 3.16 -24.00 -30.69
N HIS H 230 4.26 -23.53 -30.15
CA HIS H 230 4.27 -23.00 -28.80
C HIS H 230 5.17 -21.78 -28.76
N THR H 231 5.74 -21.51 -27.60
CA THR H 231 6.75 -20.48 -27.44
C THR H 231 7.89 -21.12 -26.66
N VAL H 232 8.97 -21.42 -27.36
CA VAL H 232 10.21 -21.81 -26.68
C VAL H 232 10.56 -20.67 -25.74
N MET H 233 10.71 -20.98 -24.46
CA MET H 233 10.93 -19.94 -23.48
C MET H 233 12.39 -19.97 -23.03
N PRO H 234 12.89 -18.86 -22.47
CA PRO H 234 14.32 -18.78 -22.18
C PRO H 234 14.80 -19.93 -21.32
N LEU H 235 16.07 -20.23 -21.47
CA LEU H 235 16.68 -21.39 -20.87
C LEU H 235 17.60 -20.92 -19.76
N SER H 236 17.03 -20.31 -18.73
CA SER H 236 17.80 -19.69 -17.67
C SER H 236 18.84 -20.65 -17.11
N ALA H 237 18.39 -21.79 -16.64
CA ALA H 237 19.32 -22.76 -16.08
C ALA H 237 20.15 -23.38 -17.19
N PRO H 238 21.29 -23.99 -16.86
CA PRO H 238 22.06 -24.68 -17.91
C PRO H 238 21.32 -25.91 -18.40
N THR H 239 22.07 -26.75 -19.11
CA THR H 239 21.55 -28.05 -19.49
C THR H 239 21.99 -29.10 -18.47
N LEU H 240 23.28 -29.09 -18.14
CA LEU H 240 23.84 -29.97 -17.11
C LEU H 240 24.58 -29.12 -16.10
N VAL H 241 24.74 -29.67 -14.89
CA VAL H 241 25.50 -28.99 -13.84
C VAL H 241 26.90 -29.59 -13.82
N PRO H 242 27.94 -28.82 -13.52
CA PRO H 242 29.27 -29.41 -13.30
C PRO H 242 29.28 -30.22 -12.00
N GLN H 243 29.75 -31.45 -12.10
CA GLN H 243 29.65 -32.38 -10.99
C GLN H 243 30.83 -32.25 -10.04
N GLU H 244 30.83 -33.14 -9.05
CA GLU H 244 32.03 -33.56 -8.34
C GLU H 244 31.70 -34.87 -7.64
N HIS H 245 32.69 -35.75 -7.50
CA HIS H 245 32.53 -36.88 -6.59
C HIS H 245 32.77 -36.40 -5.17
N TYR H 246 31.88 -36.81 -4.26
CA TYR H 246 31.92 -36.31 -2.91
C TYR H 246 32.83 -37.18 -2.05
N VAL H 247 33.39 -36.58 -1.00
CA VAL H 247 34.22 -37.32 -0.06
C VAL H 247 33.40 -38.40 0.63
N ARG H 248 32.08 -38.23 0.64
CA ARG H 248 31.17 -39.14 1.31
C ARG H 248 29.91 -39.25 0.47
N ILE H 249 29.00 -40.13 0.88
CA ILE H 249 27.75 -40.31 0.16
C ILE H 249 26.72 -39.34 0.72
N THR H 250 27.21 -38.18 1.18
CA THR H 250 26.39 -37.19 1.86
C THR H 250 25.19 -36.78 1.02
N GLY H 251 24.20 -36.22 1.69
CA GLY H 251 22.94 -35.87 1.04
C GLY H 251 22.07 -37.09 0.87
N LEU H 252 22.69 -38.26 0.93
CA LEU H 252 21.99 -39.53 0.87
C LEU H 252 22.36 -40.36 2.10
N TYR H 253 21.50 -41.33 2.40
CA TYR H 253 21.62 -42.08 3.63
C TYR H 253 21.99 -43.53 3.34
N PRO H 254 23.16 -43.99 3.77
CA PRO H 254 23.59 -45.35 3.45
C PRO H 254 22.64 -46.41 3.97
N THR H 255 22.39 -47.43 3.15
CA THR H 255 21.70 -48.62 3.60
C THR H 255 22.71 -49.73 3.84
N LEU H 256 22.33 -50.67 4.69
CA LEU H 256 23.17 -51.84 4.95
C LEU H 256 22.60 -53.09 4.30
N ASN H 257 21.34 -53.39 4.58
CA ASN H 257 20.62 -54.46 3.90
C ASN H 257 20.13 -53.96 2.56
N ILE H 258 20.07 -54.87 1.57
CA ILE H 258 19.59 -54.52 0.25
C ILE H 258 19.30 -55.81 -0.53
N SER H 259 18.23 -55.78 -1.31
CA SER H 259 17.83 -56.88 -2.17
C SER H 259 18.79 -57.01 -3.33
N ASP H 260 19.45 -58.16 -3.43
CA ASP H 260 20.46 -58.31 -4.47
C ASP H 260 19.90 -59.03 -5.69
N GLU H 261 18.57 -58.97 -5.87
CA GLU H 261 17.99 -59.18 -7.20
C GLU H 261 18.71 -58.33 -8.24
N PHE H 262 19.18 -57.17 -7.85
CA PHE H 262 20.04 -56.31 -8.66
C PHE H 262 21.44 -56.38 -8.07
N SER H 263 22.34 -57.07 -8.76
CA SER H 263 23.71 -57.21 -8.27
C SER H 263 24.51 -55.96 -8.57
N SER H 264 24.99 -55.82 -9.80
CA SER H 264 25.80 -54.68 -10.18
C SER H 264 24.99 -53.41 -10.33
N ASN H 265 23.87 -53.30 -9.62
CA ASN H 265 23.16 -52.04 -9.54
C ASN H 265 23.42 -51.28 -8.26
N VAL H 266 23.60 -51.97 -7.13
CA VAL H 266 24.03 -51.26 -5.93
C VAL H 266 25.43 -50.71 -6.11
N ALA H 267 26.28 -51.44 -6.84
CA ALA H 267 27.65 -50.98 -7.06
C ALA H 267 27.66 -49.65 -7.80
N ASN H 268 26.57 -49.30 -8.46
CA ASN H 268 26.50 -48.04 -9.17
C ASN H 268 25.63 -47.03 -8.43
N TYR H 269 24.64 -47.51 -7.67
CA TYR H 269 23.98 -46.61 -6.75
C TYR H 269 25.00 -45.97 -5.81
N GLN H 270 26.01 -46.74 -5.42
CA GLN H 270 27.04 -46.23 -4.52
C GLN H 270 27.85 -45.13 -5.18
N LYS H 271 28.25 -45.32 -6.44
CA LYS H 271 29.04 -44.28 -7.08
C LYS H 271 28.21 -43.07 -7.45
N VAL H 272 26.90 -43.23 -7.66
CA VAL H 272 26.10 -42.04 -7.93
C VAL H 272 25.75 -41.33 -6.62
N GLY H 273 25.74 -42.07 -5.52
CA GLY H 273 25.50 -41.44 -4.23
C GLY H 273 26.59 -40.45 -3.86
N MET H 274 27.72 -40.51 -4.56
CA MET H 274 28.85 -39.65 -4.29
C MET H 274 29.17 -38.70 -5.44
N GLN H 275 28.56 -38.89 -6.61
CA GLN H 275 28.80 -38.06 -7.79
C GLN H 275 27.49 -37.44 -8.23
N LYS H 276 27.53 -36.22 -8.77
CA LYS H 276 26.29 -35.56 -9.15
C LYS H 276 25.75 -36.12 -10.46
N TYR H 277 26.20 -35.59 -11.58
CA TYR H 277 25.66 -36.04 -12.85
C TYR H 277 26.29 -37.39 -13.21
N SER H 278 25.47 -38.31 -13.70
CA SER H 278 25.93 -39.66 -13.98
C SER H 278 25.00 -40.30 -14.98
N THR H 279 25.44 -41.39 -15.59
CA THR H 279 24.67 -42.13 -16.58
C THR H 279 25.30 -43.49 -16.84
N LEU H 280 24.45 -44.48 -17.08
CA LEU H 280 24.88 -45.84 -17.34
C LEU H 280 25.07 -46.05 -18.83
N GLN H 281 26.10 -46.82 -19.20
CA GLN H 281 26.26 -47.35 -20.54
C GLN H 281 25.62 -48.74 -20.58
N GLY H 282 24.30 -48.79 -20.66
CA GLY H 282 23.56 -50.04 -20.66
C GLY H 282 22.73 -50.19 -21.90
N PRO H 283 22.89 -51.32 -22.59
CA PRO H 283 22.27 -51.50 -23.92
C PRO H 283 20.76 -51.36 -23.85
N PRO H 284 20.08 -51.31 -25.00
CA PRO H 284 18.60 -51.23 -25.00
C PRO H 284 17.94 -52.44 -24.37
N GLY H 285 17.12 -52.20 -23.35
CA GLY H 285 16.52 -53.29 -22.61
C GLY H 285 17.55 -54.09 -21.85
N THR H 286 17.99 -53.60 -20.70
CA THR H 286 18.92 -54.34 -19.85
C THR H 286 18.63 -54.14 -18.36
N GLY H 287 17.37 -53.86 -18.02
CA GLY H 287 17.05 -53.75 -16.61
C GLY H 287 17.38 -52.41 -15.99
N LYS H 288 17.59 -51.38 -16.81
CA LYS H 288 17.53 -50.02 -16.29
C LYS H 288 16.18 -49.78 -15.63
N SER H 289 15.10 -50.25 -16.26
CA SER H 289 13.78 -50.33 -15.67
C SER H 289 13.74 -51.25 -14.46
N HIS H 290 14.87 -51.81 -14.09
CA HIS H 290 15.07 -52.42 -12.78
C HIS H 290 16.14 -51.69 -11.99
N PHE H 291 17.04 -50.97 -12.65
CA PHE H 291 18.15 -50.28 -12.00
C PHE H 291 17.66 -49.24 -10.98
N ALA H 292 17.15 -48.12 -11.47
CA ALA H 292 16.68 -47.07 -10.57
C ALA H 292 15.50 -47.54 -9.75
N ILE H 293 14.72 -48.47 -10.27
CA ILE H 293 13.65 -49.07 -9.49
C ILE H 293 14.18 -49.72 -8.23
N GLY H 294 15.27 -50.48 -8.34
CA GLY H 294 15.91 -51.02 -7.15
C GLY H 294 16.60 -49.94 -6.33
N LEU H 295 17.08 -48.89 -6.99
CA LEU H 295 17.66 -47.77 -6.26
C LEU H 295 16.65 -47.12 -5.33
N ALA H 296 15.41 -46.99 -5.78
CA ALA H 296 14.37 -46.37 -4.97
C ALA H 296 14.26 -47.03 -3.61
N LEU H 297 14.40 -48.36 -3.58
CA LEU H 297 14.49 -49.10 -2.34
C LEU H 297 15.89 -49.09 -1.75
N TYR H 298 16.90 -48.77 -2.56
CA TYR H 298 18.28 -48.86 -2.09
C TYR H 298 18.56 -47.86 -0.97
N TYR H 299 18.21 -46.60 -1.18
CA TYR H 299 18.31 -45.58 -0.13
C TYR H 299 16.90 -45.22 0.27
N PRO H 300 16.33 -45.95 1.23
CA PRO H 300 14.91 -45.82 1.58
C PRO H 300 14.59 -44.48 2.23
N SER H 301 15.19 -43.42 1.69
CA SER H 301 15.00 -42.09 2.26
C SER H 301 15.50 -40.99 1.32
N ALA H 302 15.21 -41.08 0.02
CA ALA H 302 15.76 -40.15 -0.96
C ALA H 302 14.68 -39.74 -1.95
N ARG H 303 14.78 -38.51 -2.47
CA ARG H 303 13.81 -37.99 -3.42
C ARG H 303 14.26 -38.25 -4.85
N ILE H 304 13.54 -39.11 -5.55
CA ILE H 304 13.86 -39.47 -6.92
C ILE H 304 12.84 -38.88 -7.87
N VAL H 305 13.29 -38.36 -9.00
CA VAL H 305 12.41 -37.84 -10.03
C VAL H 305 12.54 -38.70 -11.28
N TYR H 306 11.42 -39.27 -11.70
CA TYR H 306 11.40 -40.17 -12.84
C TYR H 306 10.92 -39.44 -14.09
N THR H 307 11.76 -39.43 -15.12
CA THR H 307 11.38 -38.74 -16.35
C THR H 307 11.99 -39.29 -17.62
N ALA H 308 11.39 -38.90 -18.75
CA ALA H 308 11.92 -39.11 -20.08
C ALA H 308 11.36 -38.00 -20.95
N CYS H 309 11.76 -37.99 -22.22
CA CYS H 309 11.30 -36.95 -23.12
C CYS H 309 9.86 -37.16 -23.58
N SER H 310 9.35 -38.39 -23.52
CA SER H 310 8.00 -38.68 -23.97
C SER H 310 7.20 -39.34 -22.87
N HIS H 311 5.92 -38.94 -22.77
CA HIS H 311 5.03 -39.54 -21.78
C HIS H 311 4.72 -40.99 -22.09
N ALA H 312 4.81 -41.40 -23.35
CA ALA H 312 4.62 -42.80 -23.70
C ALA H 312 5.92 -43.56 -23.67
N ALA H 313 7.03 -42.90 -23.33
CA ALA H 313 8.27 -43.61 -23.09
C ALA H 313 8.43 -44.03 -21.64
N VAL H 314 7.68 -43.42 -20.73
CA VAL H 314 7.82 -43.71 -19.30
C VAL H 314 6.94 -44.92 -18.97
N ASP H 315 6.56 -45.66 -20.00
CA ASP H 315 5.80 -46.90 -19.88
C ASP H 315 6.37 -47.88 -18.86
N ALA H 316 7.54 -48.44 -19.17
CA ALA H 316 8.14 -49.46 -18.32
C ALA H 316 8.42 -48.91 -16.93
N LEU H 317 9.01 -47.72 -16.88
CA LEU H 317 9.25 -47.06 -15.60
C LEU H 317 7.98 -46.93 -14.79
N CYS H 318 6.82 -46.82 -15.45
CA CYS H 318 5.56 -46.67 -14.76
C CYS H 318 4.91 -48.00 -14.40
N GLU H 319 5.23 -49.06 -15.12
CA GLU H 319 4.66 -50.37 -14.82
C GLU H 319 5.16 -50.91 -13.50
N LYS H 320 6.43 -51.34 -13.48
CA LYS H 320 7.02 -51.99 -12.32
C LYS H 320 7.15 -51.07 -11.11
N ALA H 321 6.86 -49.78 -11.26
CA ALA H 321 6.83 -48.91 -10.09
C ALA H 321 5.89 -49.45 -9.02
N LEU H 322 4.59 -49.47 -9.31
CA LEU H 322 3.59 -50.00 -8.40
C LEU H 322 3.72 -51.51 -8.22
N LYS H 323 4.82 -52.10 -8.66
CA LYS H 323 5.10 -53.51 -8.39
C LYS H 323 6.24 -53.66 -7.40
N TYR H 324 7.48 -53.41 -7.84
CA TYR H 324 8.61 -53.33 -6.93
C TYR H 324 8.40 -52.31 -5.83
N LEU H 325 8.33 -51.03 -6.19
CA LEU H 325 8.22 -49.95 -5.23
C LEU H 325 6.94 -50.07 -4.41
N PRO H 326 6.93 -49.50 -3.22
CA PRO H 326 5.67 -49.34 -2.49
C PRO H 326 4.67 -48.49 -3.25
N ILE H 327 3.38 -48.61 -2.92
CA ILE H 327 2.34 -47.96 -3.70
C ILE H 327 2.03 -46.55 -3.21
N ASP H 328 2.40 -46.21 -1.98
CA ASP H 328 1.98 -44.95 -1.39
C ASP H 328 2.75 -43.76 -1.96
N LYS H 329 4.02 -43.60 -1.57
CA LYS H 329 4.76 -42.37 -1.79
C LYS H 329 5.19 -42.16 -3.25
N CYS H 330 4.51 -42.78 -4.22
CA CYS H 330 4.85 -42.60 -5.63
C CYS H 330 3.86 -41.63 -6.26
N SER H 331 4.36 -40.85 -7.22
CA SER H 331 3.55 -39.78 -7.78
C SER H 331 4.00 -39.46 -9.21
N ARG H 332 3.02 -39.20 -10.06
CA ARG H 332 3.28 -38.64 -11.38
C ARG H 332 2.08 -37.83 -11.84
N ILE H 333 2.35 -36.62 -12.28
CA ILE H 333 1.32 -35.70 -12.76
C ILE H 333 1.00 -36.04 -14.20
N ILE H 334 -0.29 -36.00 -14.55
CA ILE H 334 -0.75 -36.19 -15.91
C ILE H 334 -1.47 -34.93 -16.34
N PRO H 335 -1.02 -34.23 -17.37
CA PRO H 335 -1.73 -33.04 -17.85
C PRO H 335 -3.07 -33.43 -18.46
N ALA H 336 -4.04 -32.54 -18.29
CA ALA H 336 -5.37 -32.74 -18.84
C ALA H 336 -5.32 -32.70 -20.37
N VAL H 340 -2.20 -35.35 -23.99
CA VAL H 340 -2.29 -36.81 -23.93
C VAL H 340 -2.56 -37.28 -22.50
N GLU H 341 -3.42 -38.29 -22.40
CA GLU H 341 -3.69 -38.98 -21.15
C GLU H 341 -2.56 -39.98 -20.90
N CYS H 342 -1.97 -39.94 -19.72
CA CYS H 342 -0.77 -40.72 -19.43
C CYS H 342 -1.03 -41.58 -18.20
N PHE H 343 0.03 -42.25 -17.73
CA PHE H 343 -0.10 -43.21 -16.65
C PHE H 343 -0.29 -42.49 -15.31
N ASP H 344 -1.52 -42.58 -14.78
CA ASP H 344 -1.84 -42.00 -13.49
C ASP H 344 -1.91 -43.05 -12.38
N LYS H 345 -1.35 -44.24 -12.61
CA LYS H 345 -1.29 -45.25 -11.55
C LYS H 345 -0.54 -44.75 -10.33
N PHE H 346 0.06 -43.56 -10.42
CA PHE H 346 0.58 -42.85 -9.28
C PHE H 346 -0.49 -41.91 -8.73
N LYS H 347 -0.25 -40.61 -8.70
CA LYS H 347 -1.28 -39.68 -8.25
C LYS H 347 -1.08 -38.28 -8.80
N VAL H 348 -2.17 -37.52 -8.84
CA VAL H 348 -2.19 -36.17 -9.38
C VAL H 348 -1.89 -35.17 -8.28
N ASN H 349 -1.00 -34.23 -8.58
CA ASN H 349 -0.70 -33.09 -7.71
C ASN H 349 -0.29 -33.56 -6.32
N SER H 350 0.99 -33.89 -6.17
CA SER H 350 1.55 -34.38 -4.92
C SER H 350 3.06 -34.36 -5.10
N THR H 351 3.64 -33.16 -5.02
CA THR H 351 5.07 -32.99 -5.17
C THR H 351 5.82 -33.67 -4.02
N LEU H 352 5.35 -33.47 -2.80
CA LEU H 352 6.13 -33.87 -1.63
C LEU H 352 5.82 -35.33 -1.31
N GLU H 353 6.20 -36.22 -2.23
CA GLU H 353 6.08 -37.65 -2.03
C GLU H 353 7.42 -38.27 -2.40
N GLN H 354 7.89 -39.16 -1.52
CA GLN H 354 9.28 -39.60 -1.60
C GLN H 354 9.65 -40.10 -2.99
N TYR H 355 8.67 -40.61 -3.74
CA TYR H 355 8.89 -41.12 -5.09
C TYR H 355 8.01 -40.29 -6.02
N VAL H 356 8.58 -39.79 -7.12
CA VAL H 356 7.83 -38.95 -8.05
C VAL H 356 8.28 -39.22 -9.48
N PHE H 357 7.34 -39.09 -10.43
CA PHE H 357 7.54 -39.38 -11.85
C PHE H 357 6.91 -38.26 -12.66
N CYS H 358 7.27 -38.19 -13.95
CA CYS H 358 6.59 -37.48 -15.06
C CYS H 358 7.63 -36.96 -16.04
N THR H 359 7.14 -36.35 -17.12
CA THR H 359 7.97 -35.78 -18.16
C THR H 359 7.79 -34.25 -18.18
N VAL H 360 8.87 -33.56 -18.58
CA VAL H 360 8.97 -32.11 -18.45
C VAL H 360 7.81 -31.38 -19.09
N ASN H 361 7.11 -32.03 -20.03
CA ASN H 361 6.03 -31.35 -20.73
C ASN H 361 5.02 -30.76 -19.77
N ALA H 362 4.94 -31.29 -18.55
CA ALA H 362 4.05 -30.74 -17.54
C ALA H 362 4.48 -31.20 -16.15
N LEU H 363 5.16 -30.32 -15.41
CA LEU H 363 5.49 -30.57 -14.02
C LEU H 363 5.97 -29.27 -13.39
N PRO H 364 5.65 -29.01 -12.12
CA PRO H 364 6.00 -27.73 -11.52
C PRO H 364 7.46 -27.65 -11.11
N GLU H 365 7.86 -26.44 -10.72
CA GLU H 365 9.21 -26.19 -10.22
C GLU H 365 9.43 -26.96 -8.92
N THR H 366 10.60 -27.59 -8.78
CA THR H 366 10.85 -28.41 -7.61
C THR H 366 12.33 -28.53 -7.27
N THR H 367 12.66 -29.55 -6.47
CA THR H 367 14.02 -29.79 -6.01
C THR H 367 14.05 -31.19 -5.41
N ALA H 368 15.12 -31.93 -5.72
CA ALA H 368 15.20 -33.31 -5.25
C ALA H 368 16.61 -33.66 -4.79
N ASP H 369 17.02 -34.90 -5.01
CA ASP H 369 18.35 -35.36 -4.63
C ASP H 369 18.95 -36.21 -5.73
N ILE H 370 18.18 -37.16 -6.24
CA ILE H 370 18.62 -38.04 -7.32
C ILE H 370 17.68 -37.84 -8.50
N VAL H 371 18.22 -37.96 -9.71
CA VAL H 371 17.50 -37.66 -10.94
C VAL H 371 17.65 -38.82 -11.90
N VAL H 372 16.53 -39.32 -12.42
CA VAL H 372 16.55 -40.29 -13.51
C VAL H 372 15.88 -39.65 -14.72
N PHE H 373 16.45 -39.90 -15.89
CA PHE H 373 15.97 -39.35 -17.15
C PHE H 373 16.21 -40.36 -18.24
N ASP H 374 15.14 -40.93 -18.75
CA ASP H 374 15.27 -41.85 -19.89
C ASP H 374 15.15 -41.05 -21.17
N GLU H 375 15.37 -41.75 -22.28
CA GLU H 375 15.09 -41.23 -23.62
C GLU H 375 16.08 -40.10 -23.91
N ILE H 376 17.36 -40.45 -23.88
CA ILE H 376 18.44 -39.48 -23.99
C ILE H 376 19.02 -39.39 -25.38
N SER H 377 19.07 -40.49 -26.12
CA SER H 377 19.64 -40.45 -27.47
C SER H 377 18.84 -39.53 -28.37
N MET H 378 17.54 -39.42 -28.13
CA MET H 378 16.70 -38.47 -28.86
C MET H 378 16.37 -37.24 -28.04
N ALA H 379 17.30 -36.75 -27.23
CA ALA H 379 17.08 -35.56 -26.42
C ALA H 379 17.67 -34.35 -27.11
N THR H 380 17.18 -33.17 -26.74
CA THR H 380 17.73 -31.91 -27.21
C THR H 380 18.29 -31.17 -26.02
N ASN H 381 19.37 -30.40 -26.27
CA ASN H 381 19.94 -29.60 -25.19
C ASN H 381 18.90 -28.64 -24.63
N TYR H 382 17.90 -28.28 -25.42
CA TYR H 382 16.80 -27.46 -24.93
C TYR H 382 16.06 -28.17 -23.80
N ASP H 383 15.80 -29.46 -23.96
CA ASP H 383 15.12 -30.21 -22.92
C ASP H 383 15.97 -30.29 -21.67
N LEU H 384 17.20 -30.83 -21.77
CA LEU H 384 18.09 -30.89 -20.63
C LEU H 384 18.09 -29.57 -19.88
N SER H 385 18.13 -28.47 -20.63
CA SER H 385 18.00 -27.16 -20.03
C SER H 385 16.73 -27.06 -19.22
N VAL H 386 15.60 -27.44 -19.82
CA VAL H 386 14.36 -27.42 -19.06
C VAL H 386 14.53 -28.20 -17.76
N VAL H 387 15.07 -29.42 -17.85
CA VAL H 387 15.22 -30.26 -16.67
C VAL H 387 15.99 -29.52 -15.58
N ASN H 388 17.18 -29.05 -15.93
CA ASN H 388 18.00 -28.34 -14.96
C ASN H 388 17.31 -27.09 -14.45
N ALA H 389 16.30 -26.61 -15.17
CA ALA H 389 15.54 -25.45 -14.71
C ALA H 389 14.38 -25.83 -13.81
N ARG H 390 13.85 -27.04 -13.94
CA ARG H 390 12.62 -27.37 -13.22
C ARG H 390 12.93 -27.86 -11.82
N LEU H 391 14.09 -28.46 -11.61
CA LEU H 391 14.42 -29.06 -10.32
C LEU H 391 15.87 -28.82 -9.96
N ARG H 392 16.21 -29.14 -8.72
CA ARG H 392 17.59 -29.16 -8.21
C ARG H 392 17.76 -30.42 -7.38
N ALA H 393 18.90 -31.07 -7.51
CA ALA H 393 19.15 -32.31 -6.79
C ALA H 393 20.63 -32.37 -6.42
N LYS H 394 21.05 -33.49 -5.85
CA LYS H 394 22.44 -33.71 -5.50
C LYS H 394 23.17 -34.62 -6.46
N HIS H 395 22.47 -35.55 -7.09
CA HIS H 395 23.06 -36.46 -8.06
C HIS H 395 22.06 -36.70 -9.17
N TYR H 396 22.56 -37.09 -10.34
CA TYR H 396 21.74 -37.07 -11.53
C TYR H 396 22.09 -38.24 -12.43
N VAL H 397 21.05 -38.90 -12.94
CA VAL H 397 21.22 -40.10 -13.76
C VAL H 397 20.36 -39.96 -14.99
N TYR H 398 20.98 -40.10 -16.16
CA TYR H 398 20.28 -40.04 -17.43
C TYR H 398 20.33 -41.43 -18.05
N ILE H 399 19.17 -41.91 -18.47
CA ILE H 399 18.95 -43.34 -18.70
C ILE H 399 18.88 -43.62 -20.18
N GLY H 400 19.51 -44.69 -20.59
CA GLY H 400 19.59 -45.08 -21.96
C GLY H 400 21.06 -45.21 -22.34
N ASP H 401 21.33 -45.05 -23.62
CA ASP H 401 22.68 -45.02 -24.16
C ASP H 401 22.67 -44.05 -25.33
N PRO H 402 23.79 -43.41 -25.63
CA PRO H 402 23.82 -42.47 -26.75
C PRO H 402 23.69 -43.17 -28.10
N ALA H 403 24.25 -44.37 -28.21
CA ALA H 403 24.39 -45.04 -29.49
C ALA H 403 23.09 -45.61 -30.02
N GLN H 404 21.99 -44.88 -29.88
CA GLN H 404 20.70 -45.27 -30.44
C GLN H 404 20.24 -44.21 -31.45
N LEU H 405 18.94 -44.14 -31.64
CA LEU H 405 18.33 -43.21 -32.59
C LEU H 405 18.27 -41.80 -32.01
N PRO H 406 18.58 -40.76 -32.81
CA PRO H 406 18.29 -39.39 -32.36
C PRO H 406 16.94 -38.89 -32.83
N ALA H 407 16.45 -37.83 -32.21
CA ALA H 407 15.16 -37.24 -32.58
C ALA H 407 15.19 -36.77 -34.03
N PRO H 408 14.03 -36.48 -34.62
CA PRO H 408 14.02 -35.98 -36.00
C PRO H 408 14.72 -34.64 -36.14
N ARG H 409 16.04 -34.67 -36.33
CA ARG H 409 16.81 -33.46 -36.59
C ARG H 409 16.46 -32.94 -37.98
N THR H 410 15.19 -32.58 -38.18
CA THR H 410 14.63 -32.47 -39.52
C THR H 410 15.32 -31.40 -40.36
N LEU H 411 15.77 -30.31 -39.75
CA LEU H 411 16.40 -29.29 -40.57
C LEU H 411 17.76 -29.72 -41.09
N LEU H 412 18.34 -30.76 -40.52
CA LEU H 412 19.44 -31.45 -41.18
C LEU H 412 18.96 -31.96 -42.53
N THR H 413 19.56 -31.45 -43.60
CA THR H 413 19.21 -31.92 -44.94
C THR H 413 20.45 -32.43 -45.66
N LYS H 414 21.58 -32.50 -44.95
CA LYS H 414 22.82 -32.97 -45.52
C LYS H 414 23.56 -33.93 -44.59
N GLY H 415 24.79 -33.58 -44.22
CA GLY H 415 25.63 -34.43 -43.40
C GLY H 415 24.95 -34.90 -42.13
N THR H 416 25.28 -36.10 -41.66
CA THR H 416 24.60 -36.67 -40.53
C THR H 416 25.14 -36.12 -39.22
N LEU H 417 24.32 -36.20 -38.17
CA LEU H 417 24.73 -35.76 -36.85
C LEU H 417 25.30 -36.93 -36.06
N GLU H 418 26.48 -36.73 -35.51
CA GLU H 418 27.04 -37.90 -34.87
C GLU H 418 26.46 -38.11 -33.49
N PRO H 419 26.47 -39.35 -33.01
CA PRO H 419 25.87 -39.65 -31.71
C PRO H 419 26.38 -38.76 -30.59
N GLU H 420 27.70 -38.74 -30.38
CA GLU H 420 28.31 -37.94 -29.31
C GLU H 420 27.98 -36.46 -29.50
N TYR H 421 27.49 -36.11 -30.67
CA TYR H 421 27.11 -34.75 -30.96
C TYR H 421 25.62 -34.50 -30.81
N PHE H 422 24.87 -35.43 -30.22
CA PHE H 422 23.45 -35.18 -30.03
C PHE H 422 23.23 -34.14 -28.94
N ASN H 423 23.38 -34.54 -27.68
CA ASN H 423 23.39 -33.53 -26.63
C ASN H 423 24.68 -33.64 -25.83
N SER H 424 24.75 -32.95 -24.69
CA SER H 424 25.98 -32.90 -23.93
C SER H 424 26.46 -34.29 -23.52
N VAL H 425 25.67 -35.02 -22.73
CA VAL H 425 26.08 -36.33 -22.24
C VAL H 425 26.65 -37.19 -23.36
N CYS H 426 26.21 -36.94 -24.59
CA CYS H 426 26.68 -37.71 -25.73
C CYS H 426 28.17 -37.58 -25.91
N ARG H 427 28.68 -36.35 -26.04
CA ARG H 427 30.12 -36.16 -26.10
C ARG H 427 30.79 -36.48 -24.78
N LEU H 428 30.04 -36.51 -23.70
CA LEU H 428 30.60 -36.74 -22.37
C LEU H 428 30.86 -38.22 -22.09
N MET H 429 30.14 -39.14 -22.72
CA MET H 429 30.24 -40.55 -22.40
C MET H 429 31.31 -41.29 -23.18
N LYS H 430 31.97 -40.63 -24.13
CA LYS H 430 33.09 -41.27 -24.82
C LYS H 430 34.42 -40.61 -24.53
N THR H 431 34.44 -39.31 -24.27
CA THR H 431 35.68 -38.61 -23.96
C THR H 431 35.92 -38.46 -22.48
N ILE H 432 34.92 -38.08 -21.69
CA ILE H 432 34.98 -38.35 -20.25
C ILE H 432 34.67 -39.81 -19.95
N GLY H 433 33.94 -40.49 -20.83
CA GLY H 433 33.68 -41.90 -20.67
C GLY H 433 32.34 -42.14 -19.98
N PRO H 434 31.96 -43.41 -19.87
CA PRO H 434 30.71 -43.74 -19.16
C PRO H 434 30.86 -43.56 -17.67
N ASP H 435 30.09 -42.64 -17.09
CA ASP H 435 29.98 -42.60 -15.65
C ASP H 435 29.61 -43.97 -15.12
N MET H 436 28.60 -44.62 -15.70
CA MET H 436 28.16 -45.93 -15.27
C MET H 436 27.94 -46.80 -16.49
N PHE H 437 27.57 -48.06 -16.25
CA PHE H 437 27.16 -48.94 -17.33
C PHE H 437 26.46 -50.16 -16.75
N LEU H 438 25.48 -50.66 -17.50
CA LEU H 438 24.80 -51.90 -17.19
C LEU H 438 25.33 -53.00 -18.10
N GLY H 439 25.68 -54.13 -17.50
CA GLY H 439 26.13 -55.28 -18.27
C GLY H 439 25.21 -56.46 -18.08
N THR H 440 24.44 -56.43 -17.00
CA THR H 440 23.43 -57.46 -16.75
C THR H 440 22.36 -57.31 -17.81
N CYS H 441 22.71 -57.73 -19.03
CA CYS H 441 21.96 -57.44 -20.23
C CYS H 441 20.89 -58.51 -20.43
N ARG H 442 19.98 -58.60 -19.46
CA ARG H 442 18.87 -59.55 -19.55
C ARG H 442 17.88 -59.16 -20.63
N ARG H 443 18.21 -59.49 -21.88
CA ARG H 443 17.31 -59.25 -23.00
C ARG H 443 17.61 -60.10 -24.23
N CYS H 444 18.84 -60.03 -24.70
CA CYS H 444 19.19 -60.47 -26.05
C CYS H 444 19.97 -61.78 -25.99
N PRO H 445 20.05 -62.51 -27.12
CA PRO H 445 20.72 -63.83 -27.09
C PRO H 445 22.24 -63.76 -27.08
N ALA H 446 22.87 -64.55 -27.95
CA ALA H 446 24.32 -64.52 -28.11
C ALA H 446 24.77 -63.74 -29.34
N GLU H 447 23.92 -63.64 -30.36
CA GLU H 447 24.26 -62.96 -31.60
C GLU H 447 24.55 -61.49 -31.34
N ILE H 448 23.49 -60.75 -31.02
CA ILE H 448 23.59 -59.29 -31.00
C ILE H 448 24.31 -58.76 -29.77
N VAL H 449 24.52 -59.56 -28.73
CA VAL H 449 25.31 -59.06 -27.62
C VAL H 449 26.76 -58.81 -28.06
N ASP H 450 27.41 -59.85 -28.59
CA ASP H 450 28.74 -59.66 -29.14
C ASP H 450 28.72 -58.75 -30.35
N THR H 451 27.61 -58.75 -31.10
CA THR H 451 27.51 -57.85 -32.24
C THR H 451 27.59 -56.39 -31.79
N VAL H 452 26.78 -55.97 -30.80
CA VAL H 452 26.87 -54.60 -30.31
C VAL H 452 28.26 -54.34 -29.74
N SER H 453 28.78 -55.28 -28.94
CA SER H 453 30.05 -55.10 -28.25
C SER H 453 31.19 -54.80 -29.23
N ALA H 454 31.34 -55.63 -30.25
CA ALA H 454 32.41 -55.41 -31.22
C ALA H 454 31.94 -54.59 -32.42
N LEU H 455 30.72 -54.06 -32.36
CA LEU H 455 30.19 -53.27 -33.47
C LEU H 455 30.33 -51.79 -33.20
N VAL H 456 29.72 -51.30 -32.12
CA VAL H 456 29.97 -49.93 -31.66
C VAL H 456 30.01 -49.94 -30.14
N TYR H 457 29.24 -50.84 -29.54
CA TYR H 457 28.99 -50.74 -28.12
C TYR H 457 30.18 -51.23 -27.30
N ASP H 458 31.35 -50.67 -27.61
CA ASP H 458 32.60 -50.74 -26.87
C ASP H 458 32.78 -52.00 -26.02
N ASN H 459 32.65 -53.17 -26.65
CA ASN H 459 33.05 -54.47 -26.13
C ASN H 459 32.96 -54.57 -24.60
N LYS H 460 31.81 -54.20 -24.04
CA LYS H 460 31.57 -54.42 -22.62
C LYS H 460 30.49 -55.47 -22.36
N LEU H 461 29.67 -55.78 -23.36
CA LEU H 461 28.63 -56.78 -23.21
C LEU H 461 29.11 -58.11 -23.76
N LYS H 462 28.99 -59.15 -22.94
CA LYS H 462 29.41 -60.50 -23.25
C LYS H 462 28.24 -61.28 -23.86
N ALA H 463 28.52 -62.53 -24.21
CA ALA H 463 27.47 -63.41 -24.71
C ALA H 463 26.40 -63.60 -23.64
N HIS H 464 25.18 -63.15 -23.92
CA HIS H 464 24.13 -63.19 -22.91
C HIS H 464 23.52 -64.58 -22.81
N LYS H 465 22.59 -64.93 -23.71
CA LYS H 465 22.00 -66.26 -23.71
C LYS H 465 22.13 -66.91 -25.08
N ASP H 466 21.32 -67.94 -25.31
CA ASP H 466 21.55 -68.91 -26.38
C ASP H 466 21.09 -68.42 -27.74
N LYS H 467 21.77 -68.89 -28.79
CA LYS H 467 21.38 -68.74 -30.19
C LYS H 467 20.24 -69.71 -30.50
N SER H 468 19.00 -69.25 -30.43
CA SER H 468 17.87 -70.16 -30.59
C SER H 468 17.35 -70.22 -32.02
N ALA H 469 18.02 -69.53 -32.94
CA ALA H 469 17.78 -69.68 -34.38
C ALA H 469 16.40 -69.18 -34.80
N GLN H 470 16.34 -67.94 -35.31
CA GLN H 470 15.17 -67.44 -36.01
C GLN H 470 15.49 -66.27 -36.92
N CYS H 471 16.46 -65.41 -36.59
CA CYS H 471 16.85 -64.32 -37.47
C CYS H 471 17.66 -64.86 -38.64
N PHE H 472 17.14 -64.66 -39.85
CA PHE H 472 17.77 -65.12 -41.08
C PHE H 472 18.06 -63.91 -41.97
N LYS H 473 19.03 -64.04 -42.87
CA LYS H 473 19.43 -62.91 -43.73
C LYS H 473 19.87 -63.42 -45.09
N MET H 474 19.69 -62.57 -46.12
N MET H 474 19.66 -62.58 -46.12
CA MET H 474 20.02 -62.91 -47.51
CA MET H 474 19.94 -62.88 -47.53
C MET H 474 21.00 -61.88 -48.06
C MET H 474 21.00 -61.91 -48.06
N PHE H 475 21.18 -61.92 -49.38
CA PHE H 475 22.08 -61.01 -50.11
C PHE H 475 21.25 -60.43 -51.26
N TYR H 476 20.13 -59.79 -50.93
CA TYR H 476 19.16 -59.43 -51.96
C TYR H 476 19.42 -58.00 -52.44
N LYS H 477 18.47 -57.47 -53.20
CA LYS H 477 18.63 -56.17 -53.84
C LYS H 477 17.43 -55.31 -53.50
N GLY H 478 16.31 -55.46 -54.20
CA GLY H 478 15.10 -54.71 -53.92
C GLY H 478 15.06 -53.33 -54.53
N VAL H 479 14.05 -53.06 -55.36
CA VAL H 479 13.95 -51.80 -56.09
C VAL H 479 13.05 -50.84 -55.30
N ILE H 480 13.45 -49.57 -55.30
CA ILE H 480 12.85 -48.55 -54.45
C ILE H 480 11.86 -47.73 -55.27
N THR H 481 10.88 -47.16 -54.58
CA THR H 481 9.98 -46.16 -55.15
C THR H 481 9.51 -45.25 -54.02
N HIS H 482 9.13 -44.02 -54.39
CA HIS H 482 8.85 -42.96 -53.41
C HIS H 482 7.43 -42.43 -53.61
N ASP H 483 7.08 -41.42 -52.82
CA ASP H 483 5.88 -40.63 -53.07
C ASP H 483 6.09 -39.18 -52.58
N VAL H 484 5.27 -38.73 -51.63
CA VAL H 484 5.34 -37.37 -51.11
C VAL H 484 6.51 -37.20 -50.15
N SER H 485 6.58 -37.99 -49.09
CA SER H 485 7.69 -37.97 -48.15
C SER H 485 7.82 -39.31 -47.43
N SER H 486 7.42 -40.40 -48.10
CA SER H 486 7.47 -41.75 -47.57
C SER H 486 7.85 -42.72 -48.67
N ALA H 487 8.04 -43.99 -48.33
CA ALA H 487 8.46 -45.00 -49.29
C ALA H 487 7.75 -46.32 -49.08
N ILE H 488 7.04 -46.75 -50.12
CA ILE H 488 6.53 -48.11 -50.27
C ILE H 488 7.58 -48.84 -51.10
N ASN H 489 7.58 -50.17 -51.05
CA ASN H 489 8.60 -50.95 -51.76
C ASN H 489 7.97 -52.26 -52.21
N ARG H 490 7.43 -52.29 -53.43
CA ARG H 490 6.84 -53.51 -53.95
C ARG H 490 7.90 -54.60 -54.08
N PRO H 491 9.13 -54.30 -54.54
CA PRO H 491 10.19 -55.33 -54.47
C PRO H 491 10.61 -55.64 -53.05
N GLN H 492 9.82 -55.19 -52.07
CA GLN H 492 9.90 -55.70 -50.71
C GLN H 492 8.55 -56.15 -50.16
N ILE H 493 7.44 -55.54 -50.59
CA ILE H 493 6.14 -56.03 -50.17
C ILE H 493 5.83 -57.40 -50.79
N GLY H 494 6.39 -57.70 -51.95
CA GLY H 494 6.33 -59.06 -52.46
C GLY H 494 7.22 -59.98 -51.64
N VAL H 495 8.46 -59.53 -51.39
CA VAL H 495 9.40 -60.30 -50.56
C VAL H 495 8.85 -60.62 -49.19
N VAL H 496 7.87 -59.86 -48.69
CA VAL H 496 7.19 -60.21 -47.44
C VAL H 496 6.74 -61.66 -47.48
N ARG H 497 5.76 -61.96 -48.33
CA ARG H 497 5.27 -63.33 -48.45
C ARG H 497 6.36 -64.23 -49.02
N GLU H 498 7.20 -63.70 -49.91
CA GLU H 498 8.25 -64.49 -50.53
C GLU H 498 9.19 -65.10 -49.48
N PHE H 499 9.34 -64.46 -48.32
CA PHE H 499 10.11 -65.05 -47.23
C PHE H 499 9.20 -65.72 -46.21
N LEU H 500 7.98 -65.22 -46.06
CA LEU H 500 7.03 -65.74 -45.09
C LEU H 500 6.60 -67.15 -45.48
N THR H 501 7.01 -67.58 -46.67
CA THR H 501 6.76 -68.94 -47.15
C THR H 501 7.10 -70.03 -46.13
N ARG H 502 8.39 -70.20 -45.84
CA ARG H 502 8.90 -71.50 -45.42
C ARG H 502 8.62 -71.84 -43.96
N ASN H 503 8.35 -70.87 -43.09
CA ASN H 503 8.07 -71.23 -41.70
C ASN H 503 7.04 -70.30 -41.07
N PRO H 504 6.11 -70.85 -40.29
CA PRO H 504 5.05 -70.01 -39.70
C PRO H 504 5.54 -69.13 -38.57
N ALA H 505 6.71 -69.41 -38.01
CA ALA H 505 7.27 -68.61 -36.93
C ALA H 505 7.58 -67.18 -37.38
N TRP H 506 7.16 -66.81 -38.58
CA TRP H 506 7.29 -65.46 -39.10
C TRP H 506 5.95 -64.75 -39.09
N ARG H 507 4.89 -65.46 -39.48
CA ARG H 507 3.61 -64.85 -39.79
C ARG H 507 2.95 -64.18 -38.59
N LYS H 508 3.17 -64.69 -37.38
CA LYS H 508 2.52 -64.12 -36.20
C LYS H 508 3.41 -63.08 -35.54
N ALA H 509 3.83 -62.05 -36.27
CA ALA H 509 4.82 -61.10 -35.80
C ALA H 509 4.33 -59.68 -36.09
N VAL H 510 5.26 -58.73 -36.10
CA VAL H 510 5.00 -57.35 -36.48
C VAL H 510 5.90 -57.01 -37.65
N PHE H 511 5.46 -56.02 -38.45
CA PHE H 511 6.13 -55.61 -39.67
C PHE H 511 6.75 -54.23 -39.47
N ILE H 512 7.99 -54.21 -39.02
CA ILE H 512 8.73 -52.97 -38.84
C ILE H 512 8.89 -52.32 -40.20
N SER H 513 8.96 -50.99 -40.22
CA SER H 513 9.01 -50.26 -41.47
C SER H 513 9.69 -48.92 -41.26
N PRO H 514 10.44 -48.43 -42.26
CA PRO H 514 10.98 -47.07 -42.15
C PRO H 514 9.89 -46.01 -42.20
N TYR H 515 8.98 -46.12 -43.17
CA TYR H 515 7.92 -45.15 -43.40
C TYR H 515 6.61 -45.91 -43.51
N ASN H 516 5.79 -45.84 -42.46
CA ASN H 516 4.72 -46.81 -42.21
C ASN H 516 3.57 -46.72 -43.22
N SER H 517 3.76 -45.97 -44.30
CA SER H 517 2.89 -46.15 -45.45
C SER H 517 2.99 -47.58 -45.96
N GLN H 518 4.22 -48.11 -46.06
CA GLN H 518 4.42 -49.47 -46.53
C GLN H 518 3.69 -50.48 -45.67
N ASN H 519 3.69 -50.28 -44.35
CA ASN H 519 3.00 -51.19 -43.46
C ASN H 519 1.49 -50.99 -43.50
N ALA H 520 1.04 -49.73 -43.51
CA ALA H 520 -0.40 -49.48 -43.58
C ALA H 520 -1.00 -50.01 -44.87
N VAL H 521 -0.16 -50.20 -45.91
CA VAL H 521 -0.66 -50.77 -47.16
C VAL H 521 -0.52 -52.29 -47.16
N ALA H 522 0.64 -52.83 -46.75
CA ALA H 522 0.87 -54.27 -46.79
C ALA H 522 0.10 -55.03 -45.70
N SER H 523 -0.41 -54.33 -44.69
CA SER H 523 -1.30 -54.97 -43.73
C SER H 523 -2.64 -55.30 -44.37
N LYS H 524 -3.03 -54.55 -45.41
CA LYS H 524 -4.18 -54.95 -46.22
C LYS H 524 -3.96 -56.29 -46.90
N ILE H 525 -2.73 -56.61 -47.31
CA ILE H 525 -2.43 -57.94 -47.81
C ILE H 525 -2.46 -58.92 -46.63
N LEU H 526 -1.45 -58.85 -45.77
CA LEU H 526 -1.42 -59.72 -44.61
C LEU H 526 -2.15 -59.11 -43.42
N GLY H 527 -1.44 -58.30 -42.63
CA GLY H 527 -2.01 -57.72 -41.44
C GLY H 527 -1.06 -57.59 -40.27
N LEU H 528 0.21 -57.36 -40.51
CA LEU H 528 1.13 -57.14 -39.41
C LEU H 528 1.13 -55.65 -39.01
N PRO H 529 1.35 -55.36 -37.73
CA PRO H 529 1.08 -54.02 -37.22
C PRO H 529 1.97 -52.95 -37.85
N THR H 530 1.42 -51.75 -37.95
CA THR H 530 2.17 -50.56 -38.32
C THR H 530 2.99 -50.10 -37.12
N GLN H 531 4.30 -50.02 -37.30
CA GLN H 531 5.21 -49.61 -36.24
C GLN H 531 6.19 -48.58 -36.78
N THR H 532 6.28 -47.44 -36.10
CA THR H 532 7.30 -46.45 -36.40
C THR H 532 8.61 -46.81 -35.72
N VAL H 533 9.68 -46.78 -36.50
CA VAL H 533 10.99 -47.12 -35.95
C VAL H 533 11.49 -46.11 -34.92
N ASP H 534 10.82 -44.97 -34.77
CA ASP H 534 11.34 -43.88 -33.96
C ASP H 534 11.41 -44.21 -32.48
N SER H 535 10.28 -44.15 -31.78
CA SER H 535 10.26 -44.36 -30.33
C SER H 535 9.29 -45.49 -30.00
N SER H 536 9.73 -46.71 -30.32
CA SER H 536 9.06 -47.92 -29.88
C SER H 536 9.96 -48.83 -29.06
N GLN H 537 11.18 -48.39 -28.73
CA GLN H 537 12.05 -49.16 -27.85
C GLN H 537 11.38 -49.33 -26.50
N GLY H 538 11.33 -50.57 -26.00
CA GLY H 538 10.56 -50.92 -24.84
C GLY H 538 9.13 -51.29 -25.14
N SER H 539 8.60 -50.86 -26.29
CA SER H 539 7.29 -51.24 -26.79
C SER H 539 7.51 -52.02 -28.09
N GLU H 540 8.34 -53.05 -28.02
CA GLU H 540 8.67 -53.89 -29.16
C GLU H 540 8.38 -55.33 -28.76
N TYR H 541 8.24 -56.18 -29.76
CA TYR H 541 7.95 -57.58 -29.51
C TYR H 541 9.24 -58.39 -29.52
N ASP H 542 9.19 -59.52 -28.81
CA ASP H 542 10.32 -60.41 -28.75
C ASP H 542 10.51 -61.15 -30.08
N TYR H 543 9.52 -61.08 -30.96
CA TYR H 543 9.57 -61.74 -32.26
C TYR H 543 8.85 -60.85 -33.27
N VAL H 544 9.60 -60.32 -34.24
CA VAL H 544 9.09 -59.31 -35.17
C VAL H 544 9.53 -59.70 -36.58
N ILE H 545 9.15 -58.87 -37.55
CA ILE H 545 9.72 -58.89 -38.90
C ILE H 545 10.10 -57.46 -39.29
N PHE H 546 11.25 -57.33 -39.95
CA PHE H 546 11.74 -56.04 -40.46
C PHE H 546 11.97 -56.20 -41.96
N THR H 547 11.69 -55.14 -42.71
CA THR H 547 12.06 -55.07 -44.11
C THR H 547 12.71 -53.72 -44.36
N GLN H 548 13.75 -53.71 -45.20
CA GLN H 548 14.51 -52.48 -45.41
C GLN H 548 13.68 -51.40 -46.10
N THR H 549 12.86 -51.78 -47.10
CA THR H 549 11.98 -50.88 -47.84
C THR H 549 12.72 -49.74 -48.54
N THR H 550 13.75 -49.20 -47.92
CA THR H 550 14.50 -48.07 -48.46
C THR H 550 15.99 -48.27 -48.23
N GLU H 551 16.79 -47.88 -49.22
CA GLU H 551 18.24 -48.00 -49.17
C GLU H 551 18.93 -46.68 -48.83
N THR H 552 18.26 -45.79 -48.11
CA THR H 552 18.83 -44.49 -47.82
C THR H 552 19.52 -44.50 -46.46
N ALA H 553 20.17 -43.37 -46.14
CA ALA H 553 20.83 -43.21 -44.85
C ALA H 553 19.86 -43.36 -43.69
N HIS H 554 18.60 -42.94 -43.87
CA HIS H 554 17.59 -43.19 -42.85
C HIS H 554 17.52 -44.66 -42.50
N SER H 555 17.91 -45.53 -43.43
CA SER H 555 18.15 -46.94 -43.15
C SER H 555 19.64 -47.27 -43.09
N CYS H 556 20.44 -46.69 -43.98
CA CYS H 556 21.87 -47.00 -44.06
C CYS H 556 22.69 -46.04 -43.21
N ASN H 557 22.78 -46.35 -41.92
CA ASN H 557 23.78 -45.76 -41.05
C ASN H 557 24.54 -46.87 -40.35
N VAL H 558 24.70 -46.78 -39.03
CA VAL H 558 25.39 -47.81 -38.26
C VAL H 558 24.59 -47.99 -36.96
N ASN H 559 23.72 -47.02 -36.68
CA ASN H 559 22.97 -47.04 -35.42
C ASN H 559 21.48 -47.22 -35.61
N ARG H 560 20.99 -47.38 -36.84
CA ARG H 560 19.57 -47.63 -37.02
C ARG H 560 19.25 -49.11 -36.83
N PHE H 561 20.22 -49.97 -37.09
CA PHE H 561 19.95 -51.39 -37.04
C PHE H 561 20.25 -51.97 -35.67
N ASN H 562 20.95 -51.24 -34.81
CA ASN H 562 21.23 -51.66 -33.45
C ASN H 562 20.03 -51.31 -32.57
N VAL H 563 19.16 -50.43 -33.06
CA VAL H 563 17.85 -50.28 -32.46
C VAL H 563 16.80 -51.05 -33.23
N ALA H 564 17.22 -51.93 -34.16
CA ALA H 564 16.26 -52.73 -34.92
C ALA H 564 16.43 -54.24 -34.69
N ILE H 565 17.64 -54.70 -34.38
CA ILE H 565 17.86 -56.12 -34.12
C ILE H 565 17.93 -56.39 -32.62
N THR H 566 17.99 -55.35 -31.78
CA THR H 566 17.85 -55.49 -30.34
C THR H 566 16.44 -55.79 -29.92
N ARG H 567 15.45 -55.42 -30.74
CA ARG H 567 14.05 -55.43 -30.35
C ARG H 567 13.54 -56.83 -30.06
N ALA H 568 13.79 -57.76 -30.99
CA ALA H 568 13.28 -59.12 -30.85
C ALA H 568 14.00 -59.86 -29.74
N LYS H 569 13.48 -61.04 -29.42
CA LYS H 569 14.20 -61.94 -28.50
C LYS H 569 15.31 -62.68 -29.24
N VAL H 570 14.94 -63.56 -30.16
CA VAL H 570 15.94 -64.27 -30.95
C VAL H 570 15.41 -64.34 -32.38
N GLY H 571 14.41 -63.51 -32.69
CA GLY H 571 13.80 -63.67 -34.00
C GLY H 571 13.17 -62.48 -34.69
N ILE H 572 13.74 -62.13 -35.85
CA ILE H 572 13.19 -61.11 -36.73
C ILE H 572 13.87 -61.23 -38.09
N LEU H 573 13.12 -61.03 -39.16
CA LEU H 573 13.65 -61.11 -40.52
C LEU H 573 14.55 -59.92 -40.77
N CYS H 574 15.85 -60.18 -40.83
CA CYS H 574 16.80 -59.11 -41.12
C CYS H 574 17.10 -59.09 -42.61
N ILE H 575 16.24 -58.47 -43.41
CA ILE H 575 16.62 -58.20 -44.79
C ILE H 575 17.40 -56.89 -44.83
N MET H 576 18.71 -57.00 -44.73
CA MET H 576 19.64 -55.87 -44.73
C MET H 576 20.29 -55.80 -46.11
N SER H 577 19.46 -55.98 -47.14
CA SER H 577 19.87 -55.76 -48.52
C SER H 577 20.48 -54.39 -48.75
N ASP H 578 20.20 -53.41 -47.89
CA ASP H 578 20.81 -52.09 -48.04
C ASP H 578 22.33 -52.23 -48.06
N ARG H 579 22.97 -51.22 -48.64
CA ARG H 579 24.38 -51.32 -49.03
C ARG H 579 25.25 -50.53 -48.04
N ASP H 580 25.22 -50.96 -46.78
CA ASP H 580 26.18 -50.57 -45.75
C ASP H 580 26.61 -51.79 -44.94
N LEU H 581 25.82 -52.14 -43.92
CA LEU H 581 26.15 -53.22 -42.99
C LEU H 581 25.66 -54.57 -43.50
N TYR H 582 26.52 -55.35 -44.15
CA TYR H 582 26.12 -56.70 -44.54
C TYR H 582 27.18 -57.72 -44.21
N ASP H 583 28.34 -57.64 -44.87
CA ASP H 583 29.40 -58.64 -44.67
C ASP H 583 30.28 -58.18 -43.51
N LYS H 584 29.61 -57.94 -42.40
CA LYS H 584 30.25 -57.66 -41.11
C LYS H 584 29.60 -58.51 -40.02
N LEU H 585 28.27 -58.66 -40.07
CA LEU H 585 27.60 -59.64 -39.24
C LEU H 585 27.28 -60.90 -40.06
N GLN H 586 27.14 -62.02 -39.35
CA GLN H 586 27.13 -63.33 -39.96
C GLN H 586 25.82 -64.05 -39.62
N PHE H 587 25.11 -64.48 -40.65
CA PHE H 587 24.01 -65.42 -40.46
C PHE H 587 23.99 -66.46 -41.57
N THR H 588 22.99 -67.33 -41.54
CA THR H 588 22.76 -68.29 -42.59
C THR H 588 21.94 -67.63 -43.69
N SER H 589 22.25 -67.99 -44.94
CA SER H 589 21.69 -67.29 -46.09
C SER H 589 20.79 -68.24 -46.86
N LEU H 590 19.50 -68.24 -46.54
CA LEU H 590 18.52 -69.07 -47.20
C LEU H 590 18.07 -68.39 -48.49
N GLU H 591 18.23 -69.09 -49.62
CA GLU H 591 17.92 -68.50 -50.90
C GLU H 591 16.43 -68.21 -51.00
N ILE H 592 16.09 -67.37 -51.97
CA ILE H 592 14.70 -67.19 -52.38
C ILE H 592 14.11 -68.57 -52.59
N PRO H 593 12.93 -68.86 -52.04
CA PRO H 593 12.33 -70.16 -52.37
C PRO H 593 10.94 -70.01 -52.99
N ASN I 1 -58.41 32.68 -8.48
CA ASN I 1 -59.20 32.66 -9.69
C ASN I 1 -58.42 32.05 -10.82
N ASN I 2 -57.52 31.13 -10.50
CA ASN I 2 -56.61 30.56 -11.48
C ASN I 2 -57.37 30.32 -12.77
N GLU I 3 -57.09 31.13 -13.78
CA GLU I 3 -57.97 31.23 -14.93
C GLU I 3 -57.43 30.43 -16.10
N LEU I 4 -58.36 30.01 -16.95
CA LEU I 4 -58.10 29.03 -18.01
C LEU I 4 -57.17 29.59 -19.06
N SER I 5 -57.70 30.42 -19.93
CA SER I 5 -56.80 31.25 -20.73
C SER I 5 -57.52 32.49 -21.21
N PRO I 6 -57.00 33.64 -20.90
CA PRO I 6 -57.56 34.87 -21.45
C PRO I 6 -56.91 35.23 -22.79
N VAL I 7 -57.75 35.44 -23.81
CA VAL I 7 -57.42 35.85 -25.18
C VAL I 7 -56.59 34.80 -25.92
N ALA I 8 -56.82 34.68 -27.24
CA ALA I 8 -55.99 33.87 -28.12
C ALA I 8 -56.29 34.23 -29.58
N LEU I 9 -55.26 34.21 -30.42
CA LEU I 9 -55.41 34.43 -31.86
C LEU I 9 -56.01 33.19 -32.48
N ARG I 10 -56.84 33.35 -33.52
CA ARG I 10 -57.72 32.26 -33.89
C ARG I 10 -57.24 31.59 -35.16
N GLN I 11 -58.04 31.59 -36.22
CA GLN I 11 -58.07 30.48 -37.17
C GLN I 11 -57.55 30.91 -38.54
N MET I 12 -57.10 29.94 -39.31
CA MET I 12 -56.73 30.14 -40.70
C MET I 12 -57.28 28.98 -41.53
N SER I 13 -56.57 28.65 -42.61
CA SER I 13 -56.96 27.60 -43.52
C SER I 13 -55.77 27.23 -44.36
N CYS I 14 -55.44 25.95 -44.42
CA CYS I 14 -54.24 25.51 -45.10
C CYS I 14 -54.39 24.06 -45.54
N ALA I 15 -53.27 23.48 -45.97
CA ALA I 15 -53.26 22.15 -46.52
C ALA I 15 -53.28 21.10 -45.42
N ALA I 16 -54.02 20.03 -45.70
CA ALA I 16 -53.99 18.84 -44.87
C ALA I 16 -54.33 17.63 -45.75
N GLY I 17 -54.25 16.46 -45.16
CA GLY I 17 -54.52 15.26 -45.90
C GLY I 17 -54.62 14.06 -44.99
N THR I 18 -54.77 12.89 -45.61
CA THR I 18 -55.01 11.65 -44.92
C THR I 18 -53.90 10.63 -45.10
N THR I 19 -52.99 10.84 -46.05
CA THR I 19 -51.82 9.98 -46.19
C THR I 19 -50.79 10.71 -47.04
N GLN I 20 -49.69 11.11 -46.40
CA GLN I 20 -48.56 11.76 -47.06
C GLN I 20 -49.01 12.95 -47.89
N THR I 21 -49.04 12.79 -49.21
CA THR I 21 -49.34 13.92 -50.09
C THR I 21 -50.83 14.02 -50.38
N ALA I 22 -51.64 13.73 -49.37
CA ALA I 22 -53.05 14.05 -49.53
C ALA I 22 -53.33 15.48 -49.20
N CYS I 23 -52.24 16.25 -49.13
CA CYS I 23 -52.30 17.68 -48.93
C CYS I 23 -52.91 18.34 -50.16
N THR I 24 -54.23 18.20 -50.31
CA THR I 24 -54.94 18.74 -51.46
C THR I 24 -54.83 20.26 -51.47
N ASP I 25 -55.57 20.95 -50.62
CA ASP I 25 -55.40 22.39 -50.48
C ASP I 25 -55.96 22.94 -49.18
N ASP I 26 -57.28 22.87 -48.99
CA ASP I 26 -57.88 23.43 -47.79
C ASP I 26 -58.89 22.45 -47.22
N ASN I 27 -58.51 21.19 -47.08
CA ASN I 27 -59.38 20.18 -46.49
C ASN I 27 -59.18 20.25 -44.97
N ALA I 28 -58.99 21.47 -44.47
CA ALA I 28 -58.71 21.69 -43.05
C ALA I 28 -59.14 23.05 -42.55
N LEU I 29 -59.92 23.09 -41.47
CA LEU I 29 -60.17 24.30 -40.70
C LEU I 29 -59.16 24.26 -39.56
N ALA I 30 -57.90 24.53 -39.89
CA ALA I 30 -56.87 24.62 -38.88
C ALA I 30 -56.91 26.00 -38.22
N TYR I 31 -56.68 26.02 -36.92
CA TYR I 31 -56.85 27.23 -36.13
C TYR I 31 -55.50 27.55 -35.48
N TYR I 32 -55.02 28.77 -35.67
CA TYR I 32 -53.63 29.08 -35.37
C TYR I 32 -53.49 29.81 -34.02
N ASN I 33 -52.24 30.05 -33.66
CA ASN I 33 -51.86 31.01 -32.62
C ASN I 33 -50.46 31.48 -32.96
N THR I 34 -50.35 32.70 -33.44
CA THR I 34 -49.06 33.24 -33.86
C THR I 34 -48.12 33.40 -32.69
N THR I 35 -47.36 32.36 -32.36
CA THR I 35 -46.34 32.50 -31.34
C THR I 35 -45.15 33.26 -31.90
N LYS I 36 -44.27 33.67 -31.00
CA LYS I 36 -43.06 34.37 -31.41
C LYS I 36 -41.92 33.44 -31.78
N GLY I 37 -41.99 32.17 -31.36
CA GLY I 37 -41.05 31.18 -31.85
C GLY I 37 -41.50 30.63 -33.19
N GLY I 38 -42.40 31.36 -33.84
CA GLY I 38 -43.02 30.94 -35.07
C GLY I 38 -44.53 30.86 -34.95
N ARG I 39 -45.20 31.38 -35.97
CA ARG I 39 -46.66 31.33 -36.04
C ARG I 39 -47.11 29.89 -35.86
N PHE I 40 -47.93 29.65 -34.84
CA PHE I 40 -48.21 28.28 -34.41
C PHE I 40 -49.69 27.96 -34.55
N VAL I 41 -49.98 26.86 -35.24
CA VAL I 41 -51.35 26.48 -35.49
C VAL I 41 -51.73 25.35 -34.54
N LEU I 42 -53.04 25.25 -34.25
CA LEU I 42 -53.48 24.27 -33.27
C LEU I 42 -54.68 23.46 -33.74
N ALA I 43 -55.81 24.13 -33.93
CA ALA I 43 -57.09 23.45 -33.95
C ALA I 43 -57.57 23.21 -35.36
N LEU I 44 -57.80 21.94 -35.67
CA LEU I 44 -58.24 21.56 -37.00
C LEU I 44 -59.68 21.07 -36.96
N LEU I 45 -60.59 21.90 -37.46
CA LEU I 45 -62.02 21.64 -37.35
C LEU I 45 -62.51 21.20 -38.73
N SER I 46 -62.04 20.04 -39.16
CA SER I 46 -62.32 19.55 -40.49
C SER I 46 -63.82 19.32 -40.69
N ASP I 47 -64.29 19.63 -41.90
CA ASP I 47 -65.57 19.14 -42.36
C ASP I 47 -65.51 17.67 -42.75
N LEU I 48 -64.39 17.23 -43.33
CA LEU I 48 -64.16 15.81 -43.53
C LEU I 48 -64.14 15.11 -42.19
N GLN I 49 -64.47 13.82 -42.20
CA GLN I 49 -64.53 13.07 -40.95
C GLN I 49 -63.20 12.42 -40.63
N ASP I 50 -62.26 12.42 -41.58
CA ASP I 50 -60.98 11.78 -41.38
C ASP I 50 -59.90 12.46 -42.21
N LEU I 51 -58.73 12.65 -41.61
CA LEU I 51 -57.54 13.15 -42.28
C LEU I 51 -56.34 12.43 -41.68
N LYS I 52 -55.14 12.96 -41.92
CA LYS I 52 -53.96 12.45 -41.23
C LYS I 52 -52.71 13.30 -41.47
N TRP I 53 -52.68 14.11 -42.53
CA TRP I 53 -51.43 14.73 -42.93
C TRP I 53 -51.63 16.12 -43.51
N ALA I 54 -51.32 17.12 -42.70
CA ALA I 54 -51.19 18.48 -43.18
C ALA I 54 -49.76 18.67 -43.65
N ARG I 55 -49.51 19.82 -44.26
CA ARG I 55 -48.18 20.14 -44.74
C ARG I 55 -48.09 21.66 -44.80
N PHE I 56 -48.36 22.29 -43.67
CA PHE I 56 -48.45 23.74 -43.60
C PHE I 56 -47.10 24.31 -43.99
N PRO I 57 -47.03 25.16 -45.00
CA PRO I 57 -45.75 25.77 -45.37
C PRO I 57 -45.35 26.84 -44.37
N LYS I 58 -44.04 26.94 -44.17
CA LYS I 58 -43.42 27.94 -43.31
C LYS I 58 -43.12 29.19 -44.12
N SER I 59 -42.98 30.34 -43.45
CA SER I 59 -42.72 31.63 -44.10
C SER I 59 -41.51 31.61 -45.02
N ASP I 60 -40.62 30.63 -44.89
CA ASP I 60 -39.56 30.44 -45.89
C ASP I 60 -40.14 30.03 -47.24
N GLY I 61 -41.42 29.70 -47.28
CA GLY I 61 -42.08 29.27 -48.50
C GLY I 61 -41.74 27.85 -48.89
N THR I 62 -40.45 27.59 -49.08
CA THR I 62 -39.99 26.24 -49.42
C THR I 62 -40.28 25.24 -48.31
N GLY I 63 -40.22 25.69 -47.06
CA GLY I 63 -40.50 24.80 -45.95
C GLY I 63 -41.98 24.54 -45.78
N THR I 64 -42.48 23.47 -46.41
CA THR I 64 -43.85 23.01 -46.20
C THR I 64 -43.76 21.69 -45.45
N ILE I 65 -44.25 21.70 -44.22
CA ILE I 65 -43.87 20.69 -43.23
C ILE I 65 -45.05 19.78 -42.97
N TYR I 66 -44.82 18.48 -43.07
CA TYR I 66 -45.86 17.51 -42.74
C TYR I 66 -46.10 17.48 -41.23
N THR I 67 -47.33 17.79 -40.83
CA THR I 67 -47.74 17.81 -39.43
C THR I 67 -48.81 16.77 -39.18
N GLU I 68 -48.45 15.73 -38.45
CA GLU I 68 -49.31 14.57 -38.25
C GLU I 68 -50.52 14.93 -37.42
N LEU I 69 -51.69 14.53 -37.88
CA LEU I 69 -52.96 14.93 -37.28
C LEU I 69 -53.41 13.91 -36.24
N GLU I 70 -54.69 14.00 -35.88
CA GLU I 70 -55.22 13.29 -34.72
C GLU I 70 -56.46 12.49 -35.11
N PRO I 71 -57.04 11.73 -34.18
CA PRO I 71 -58.31 11.05 -34.45
C PRO I 71 -59.45 12.04 -34.63
N PRO I 72 -60.67 11.56 -34.76
CA PRO I 72 -61.82 12.47 -34.76
C PRO I 72 -62.19 12.91 -33.35
N CYS I 73 -62.49 14.20 -33.23
CA CYS I 73 -63.20 14.74 -32.07
C CYS I 73 -64.53 15.26 -32.63
N ARG I 74 -65.53 14.40 -32.65
CA ARG I 74 -66.75 14.62 -33.41
C ARG I 74 -67.72 15.51 -32.65
N PHE I 75 -68.02 16.67 -33.24
CA PHE I 75 -69.09 17.50 -32.69
C PHE I 75 -69.56 18.60 -33.62
N VAL I 76 -70.87 18.79 -33.67
CA VAL I 76 -71.53 19.71 -34.58
C VAL I 76 -71.52 21.09 -33.94
N THR I 77 -71.62 22.12 -34.78
CA THR I 77 -71.88 23.47 -34.33
C THR I 77 -73.27 23.87 -34.79
N ASP I 78 -73.86 24.81 -34.08
CA ASP I 78 -75.12 25.42 -34.49
C ASP I 78 -74.92 26.94 -34.55
N THR I 79 -74.58 27.43 -35.73
CA THR I 79 -74.48 28.85 -35.97
C THR I 79 -75.62 29.19 -36.94
N PRO I 80 -75.68 30.40 -37.50
CA PRO I 80 -76.55 30.59 -38.67
C PRO I 80 -76.41 29.49 -39.72
N LYS I 81 -75.24 28.87 -39.83
CA LYS I 81 -75.05 27.71 -40.69
C LYS I 81 -75.86 26.50 -40.22
N GLY I 82 -76.51 26.61 -39.07
CA GLY I 82 -77.18 25.48 -38.47
C GLY I 82 -76.24 24.34 -38.19
N PRO I 83 -76.74 23.12 -38.25
CA PRO I 83 -75.90 21.95 -37.95
C PRO I 83 -74.83 21.76 -39.03
N LYS I 84 -73.58 21.64 -38.57
CA LYS I 84 -72.44 21.35 -39.45
C LYS I 84 -71.52 20.41 -38.68
N VAL I 85 -71.39 19.17 -39.18
CA VAL I 85 -70.67 18.12 -38.47
C VAL I 85 -69.18 18.37 -38.72
N LYS I 86 -68.56 19.11 -37.83
CA LYS I 86 -67.14 19.36 -37.94
C LYS I 86 -66.40 18.51 -36.91
N TYR I 87 -65.08 18.44 -37.04
CA TYR I 87 -64.27 17.61 -36.16
C TYR I 87 -63.04 18.40 -35.79
N LEU I 88 -62.92 18.80 -34.54
CA LEU I 88 -61.73 19.52 -34.08
C LEU I 88 -60.55 18.55 -33.99
N TYR I 89 -59.41 18.96 -34.54
CA TYR I 89 -58.24 18.10 -34.59
C TYR I 89 -57.01 18.83 -34.11
N PHE I 90 -56.27 18.15 -33.25
CA PHE I 90 -55.11 18.69 -32.56
C PHE I 90 -53.88 17.90 -32.97
N ILE I 91 -52.88 18.61 -33.48
CA ILE I 91 -51.58 18.05 -33.84
C ILE I 91 -51.07 17.11 -32.77
N LYS I 92 -51.22 15.81 -32.96
CA LYS I 92 -50.87 14.86 -31.90
C LYS I 92 -49.48 15.13 -31.38
N GLY I 93 -49.36 15.15 -30.06
CA GLY I 93 -48.26 15.76 -29.36
C GLY I 93 -48.60 17.06 -28.66
N LEU I 94 -49.79 17.59 -28.88
CA LEU I 94 -50.28 18.77 -28.19
C LEU I 94 -50.53 18.41 -26.73
N ASN I 95 -49.94 19.18 -25.83
CA ASN I 95 -50.12 18.92 -24.41
C ASN I 95 -51.54 19.23 -23.99
N ASN I 96 -51.76 19.29 -22.68
CA ASN I 96 -53.11 19.54 -22.20
C ASN I 96 -53.49 20.98 -22.34
N LEU I 97 -52.79 21.84 -21.61
CA LEU I 97 -53.23 23.22 -21.47
C LEU I 97 -53.50 23.85 -22.83
N ASN I 98 -52.83 23.39 -23.87
CA ASN I 98 -53.14 23.88 -25.20
C ASN I 98 -54.53 23.45 -25.62
N ARG I 99 -54.88 22.18 -25.39
CA ARG I 99 -56.25 21.78 -25.66
C ARG I 99 -57.19 22.63 -24.85
N GLY I 100 -56.75 23.03 -23.68
CA GLY I 100 -57.53 23.93 -22.87
C GLY I 100 -57.83 25.17 -23.65
N MET I 101 -56.79 25.99 -23.83
CA MET I 101 -56.97 27.31 -24.43
C MET I 101 -57.78 27.22 -25.72
N VAL I 102 -57.49 26.22 -26.54
CA VAL I 102 -58.26 26.06 -27.77
C VAL I 102 -59.74 25.94 -27.44
N LEU I 103 -60.14 24.81 -26.84
CA LEU I 103 -61.55 24.57 -26.58
C LEU I 103 -62.21 25.74 -25.86
N GLY I 104 -61.47 26.38 -24.97
CA GLY I 104 -61.93 27.60 -24.36
C GLY I 104 -62.37 28.60 -25.41
N SER I 105 -61.42 29.10 -26.20
CA SER I 105 -61.75 30.21 -27.09
C SER I 105 -62.71 29.80 -28.20
N LEU I 106 -62.50 28.63 -28.79
CA LEU I 106 -63.45 28.12 -29.77
C LEU I 106 -64.86 28.11 -29.20
N ALA I 107 -65.14 27.21 -28.26
CA ALA I 107 -66.50 27.08 -27.77
C ALA I 107 -67.00 28.36 -27.11
N ALA I 108 -66.12 29.32 -26.85
CA ALA I 108 -66.55 30.59 -26.30
C ALA I 108 -67.11 31.52 -27.37
N THR I 109 -66.33 31.83 -28.41
CA THR I 109 -66.80 32.79 -29.41
C THR I 109 -67.51 32.09 -30.55
N VAL I 110 -67.81 30.80 -30.39
CA VAL I 110 -68.46 30.00 -31.42
C VAL I 110 -69.39 29.02 -30.73
N ARG I 111 -70.44 28.63 -31.44
CA ARG I 111 -71.48 27.76 -30.91
C ARG I 111 -71.22 26.30 -31.27
N LEU I 112 -71.87 25.41 -30.53
CA LEU I 112 -71.75 23.97 -30.72
C LEU I 112 -73.11 23.35 -30.42
N GLN I 113 -73.09 22.06 -30.14
CA GLN I 113 -74.30 21.37 -29.69
C GLN I 113 -73.96 20.01 -29.05
#